data_2LCJ
#
_entry.id   2LCJ
#
_entity_poly.entity_id   1
_entity_poly.type   'polypeptide(L)'
_entity_poly.pdbx_seq_one_letter_code
;CFPGDTRILVQIDGVPQKITLRELYELFEDERYENMVYVRKKPKREIKVYSIDLETGKVVLTDIEDVIKAPATDHLIRFE
LEDGRSFETTVDHPVLVYENGRFIEKRAFEVKEGDKVLVSELELVEQSSSSQDNPKNENLGSPEHDQLLEIKNIKYVRAN
DDFVFSLNAKKYHNVIINENIVTHQ
;
_entity_poly.pdbx_strand_id   A
#
# COMPACT_ATOMS: atom_id res chain seq x y z
N CYS A 1 -1.53 -9.23 -4.37
CA CYS A 1 -0.27 -8.88 -3.67
C CYS A 1 0.57 -7.89 -4.47
N PHE A 2 1.54 -7.29 -3.80
CA PHE A 2 2.43 -6.32 -4.40
C PHE A 2 3.86 -6.77 -4.13
N PRO A 3 4.87 -6.27 -4.86
CA PRO A 3 6.24 -6.63 -4.60
C PRO A 3 6.66 -6.07 -3.25
N GLY A 4 7.72 -6.59 -2.68
CA GLY A 4 8.20 -6.02 -1.45
C GLY A 4 8.58 -4.56 -1.65
N ASP A 5 8.95 -4.21 -2.90
CA ASP A 5 9.30 -2.83 -3.30
C ASP A 5 8.18 -1.84 -2.98
N THR A 6 6.97 -2.33 -2.93
CA THR A 6 5.83 -1.48 -2.70
C THR A 6 5.87 -0.85 -1.31
N ARG A 7 5.81 0.47 -1.27
CA ARG A 7 5.87 1.23 -0.05
C ARG A 7 4.52 1.25 0.60
N ILE A 8 4.45 0.90 1.85
CA ILE A 8 3.17 0.90 2.55
C ILE A 8 3.17 1.98 3.62
N LEU A 9 2.12 2.80 3.63
CA LEU A 9 2.01 3.80 4.62
C LEU A 9 1.36 3.22 5.89
N VAL A 10 2.06 3.36 6.97
CA VAL A 10 1.63 2.84 8.27
C VAL A 10 1.86 3.87 9.36
N GLN A 11 1.51 3.51 10.58
CA GLN A 11 1.74 4.36 11.73
C GLN A 11 2.42 3.58 12.80
N ILE A 12 3.58 4.01 13.17
CA ILE A 12 4.34 3.36 14.15
C ILE A 12 4.60 4.27 15.29
N ASP A 13 4.19 3.83 16.44
CA ASP A 13 4.36 4.59 17.67
C ASP A 13 3.74 5.95 17.51
N GLY A 14 2.62 5.99 16.83
CA GLY A 14 1.94 7.22 16.55
C GLY A 14 2.66 8.08 15.54
N VAL A 15 3.50 7.46 14.75
CA VAL A 15 4.25 8.14 13.72
C VAL A 15 4.06 7.46 12.40
N PRO A 16 3.54 8.19 11.45
CA PRO A 16 3.28 7.67 10.14
C PRO A 16 4.57 7.47 9.36
N GLN A 17 4.76 6.28 8.87
CA GLN A 17 5.94 5.95 8.14
C GLN A 17 5.56 5.30 6.85
N LYS A 18 6.28 5.63 5.83
CA LYS A 18 6.05 5.08 4.52
C LYS A 18 7.18 4.16 4.18
N ILE A 19 6.96 2.88 4.32
CA ILE A 19 8.01 1.95 4.05
C ILE A 19 7.52 0.74 3.35
N THR A 20 8.27 0.35 2.40
CA THR A 20 8.04 -0.87 1.64
C THR A 20 7.58 -2.00 2.47
N LEU A 21 6.80 -2.82 1.87
CA LEU A 21 6.22 -3.94 2.51
C LEU A 21 7.27 -4.88 3.04
N ARG A 22 8.44 -4.86 2.44
CA ARG A 22 9.51 -5.70 2.89
C ARG A 22 10.11 -5.09 4.14
N GLU A 23 10.01 -3.77 4.22
CA GLU A 23 10.51 -3.00 5.33
C GLU A 23 9.47 -2.95 6.44
N LEU A 24 8.23 -2.63 6.07
CA LEU A 24 7.10 -2.66 7.01
C LEU A 24 7.06 -4.00 7.75
N TYR A 25 7.09 -5.04 6.96
CA TYR A 25 7.08 -6.41 7.42
C TYR A 25 8.03 -6.68 8.57
N GLU A 26 9.12 -6.00 8.58
CA GLU A 26 10.16 -6.20 9.57
C GLU A 26 9.74 -5.72 10.94
N LEU A 27 8.73 -4.89 10.99
CA LEU A 27 8.23 -4.36 12.22
C LEU A 27 7.38 -5.41 12.92
N PHE A 28 7.31 -6.57 12.30
CA PHE A 28 6.54 -7.65 12.77
C PHE A 28 7.42 -8.83 13.05
N GLU A 29 6.93 -9.72 13.84
CA GLU A 29 7.62 -10.95 14.13
C GLU A 29 6.61 -12.06 14.25
N ASP A 30 7.05 -13.23 14.68
CA ASP A 30 6.19 -14.40 14.80
C ASP A 30 5.67 -14.82 13.44
N GLU A 31 6.49 -15.55 12.73
CA GLU A 31 6.16 -16.00 11.40
C GLU A 31 5.66 -17.42 11.44
N ARG A 32 4.56 -17.62 10.84
CA ARG A 32 3.94 -18.90 10.76
C ARG A 32 3.82 -19.33 9.32
N TYR A 33 3.82 -20.62 9.10
CA TYR A 33 3.71 -21.18 7.78
C TYR A 33 2.31 -21.69 7.60
N GLU A 34 1.67 -21.23 6.60
CA GLU A 34 0.27 -21.55 6.36
C GLU A 34 -0.13 -21.13 4.98
N ASN A 35 -1.04 -21.89 4.37
CA ASN A 35 -1.55 -21.58 3.03
C ASN A 35 -0.45 -21.61 2.02
N MET A 36 0.64 -22.27 2.40
CA MET A 36 1.80 -22.43 1.53
C MET A 36 2.52 -21.10 1.38
N VAL A 37 2.20 -20.18 2.28
CA VAL A 37 2.82 -18.89 2.34
C VAL A 37 3.25 -18.64 3.77
N TYR A 38 3.71 -17.46 4.05
CA TYR A 38 4.15 -17.15 5.38
C TYR A 38 3.34 -16.05 5.91
N VAL A 39 3.02 -16.15 7.15
CA VAL A 39 2.22 -15.18 7.78
C VAL A 39 2.91 -14.72 9.03
N ARG A 40 3.13 -13.44 9.12
CA ARG A 40 3.77 -12.87 10.27
C ARG A 40 2.77 -12.06 11.03
N LYS A 41 2.64 -12.33 12.28
CA LYS A 41 1.63 -11.67 13.08
C LYS A 41 2.20 -11.15 14.36
N LYS A 42 1.66 -10.03 14.82
CA LYS A 42 2.06 -9.38 16.06
C LYS A 42 3.26 -8.49 15.83
N PRO A 43 3.05 -7.19 15.90
CA PRO A 43 4.11 -6.23 15.74
C PRO A 43 4.95 -6.12 17.00
N LYS A 44 6.22 -5.81 16.84
CA LYS A 44 7.14 -5.74 17.96
C LYS A 44 7.11 -4.37 18.61
N ARG A 45 6.31 -3.50 18.04
CA ARG A 45 6.12 -2.16 18.51
C ARG A 45 4.70 -1.81 18.27
N GLU A 46 4.38 -0.57 18.36
CA GLU A 46 3.06 -0.15 18.04
C GLU A 46 2.99 0.13 16.56
N ILE A 47 2.39 -0.78 15.84
CA ILE A 47 2.29 -0.67 14.46
C ILE A 47 0.85 -0.63 14.05
N LYS A 48 0.49 0.42 13.40
CA LYS A 48 -0.83 0.55 12.82
C LYS A 48 -0.70 0.68 11.33
N VAL A 49 -1.80 0.59 10.65
CA VAL A 49 -1.78 0.67 9.21
C VAL A 49 -2.78 1.71 8.71
N TYR A 50 -2.34 2.54 7.79
CA TYR A 50 -3.23 3.52 7.18
C TYR A 50 -4.01 2.89 6.05
N SER A 51 -5.31 2.96 6.14
CA SER A 51 -6.18 2.40 5.13
C SER A 51 -7.18 3.47 4.68
N ILE A 52 -7.98 3.17 3.67
CA ILE A 52 -8.96 4.14 3.19
C ILE A 52 -10.35 3.56 3.19
N ASP A 53 -11.29 4.40 3.53
CA ASP A 53 -12.68 4.04 3.53
C ASP A 53 -13.24 4.38 2.18
N LEU A 54 -13.67 3.38 1.45
CA LEU A 54 -14.11 3.53 0.08
C LEU A 54 -15.36 4.32 -0.01
N GLU A 55 -16.17 4.15 0.97
CA GLU A 55 -17.48 4.74 1.00
C GLU A 55 -17.42 6.20 1.24
N THR A 56 -16.44 6.62 1.98
CA THR A 56 -16.35 8.00 2.31
C THR A 56 -15.13 8.64 1.66
N GLY A 57 -14.19 7.80 1.32
CA GLY A 57 -13.00 8.22 0.63
C GLY A 57 -11.96 8.80 1.58
N LYS A 58 -12.10 8.50 2.85
CA LYS A 58 -11.23 9.04 3.88
C LYS A 58 -10.13 8.08 4.27
N VAL A 59 -9.07 8.64 4.82
CA VAL A 59 -7.95 7.88 5.28
C VAL A 59 -8.10 7.57 6.76
N VAL A 60 -8.30 6.33 7.03
CA VAL A 60 -8.46 5.84 8.37
C VAL A 60 -7.25 5.00 8.80
N LEU A 61 -7.13 4.75 10.09
CA LEU A 61 -6.06 3.97 10.60
C LEU A 61 -6.64 2.77 11.32
N THR A 62 -6.01 1.65 11.16
CA THR A 62 -6.47 0.43 11.78
C THR A 62 -5.30 -0.44 12.24
N ASP A 63 -5.63 -1.49 12.97
CA ASP A 63 -4.64 -2.45 13.44
C ASP A 63 -4.40 -3.49 12.40
N ILE A 64 -3.29 -4.16 12.54
CA ILE A 64 -2.87 -5.15 11.58
C ILE A 64 -3.25 -6.55 12.05
N GLU A 65 -3.63 -7.39 11.10
CA GLU A 65 -3.99 -8.75 11.38
C GLU A 65 -2.77 -9.62 11.25
N ASP A 66 -1.95 -9.30 10.26
CA ASP A 66 -0.75 -10.07 9.94
C ASP A 66 -0.06 -9.51 8.72
N VAL A 67 1.08 -10.08 8.41
CA VAL A 67 1.83 -9.71 7.25
C VAL A 67 1.68 -10.77 6.20
N ILE A 68 1.35 -10.36 5.01
CA ILE A 68 1.14 -11.27 3.92
C ILE A 68 2.44 -11.50 3.19
N LYS A 69 3.01 -12.68 3.38
CA LYS A 69 4.27 -13.02 2.77
C LYS A 69 4.10 -14.26 1.91
N ALA A 70 4.18 -14.09 0.61
CA ALA A 70 3.98 -15.19 -0.29
C ALA A 70 5.10 -15.26 -1.30
N PRO A 71 5.56 -16.46 -1.61
CA PRO A 71 6.61 -16.67 -2.60
C PRO A 71 6.27 -16.02 -3.94
N ALA A 72 7.18 -15.16 -4.41
CA ALA A 72 7.00 -14.49 -5.67
C ALA A 72 7.00 -15.50 -6.81
N THR A 73 5.81 -15.90 -7.23
CA THR A 73 5.65 -16.90 -8.26
C THR A 73 5.23 -16.27 -9.58
N ASP A 74 4.11 -15.57 -9.57
CA ASP A 74 3.61 -14.91 -10.76
C ASP A 74 4.34 -13.61 -10.99
N HIS A 75 4.04 -12.96 -12.09
CA HIS A 75 4.66 -11.69 -12.40
C HIS A 75 3.70 -10.58 -12.07
N LEU A 76 4.16 -9.37 -12.13
CA LEU A 76 3.35 -8.25 -11.69
C LEU A 76 3.25 -7.18 -12.77
N ILE A 77 2.09 -6.60 -12.86
CA ILE A 77 1.86 -5.48 -13.74
C ILE A 77 2.28 -4.21 -13.01
N ARG A 78 2.85 -3.27 -13.73
CA ARG A 78 3.28 -2.06 -13.13
C ARG A 78 2.50 -0.91 -13.71
N PHE A 79 2.12 -0.03 -12.85
CA PHE A 79 1.36 1.13 -13.22
C PHE A 79 2.16 2.37 -12.95
N GLU A 80 2.38 3.17 -13.95
CA GLU A 80 3.11 4.38 -13.78
C GLU A 80 2.19 5.51 -13.92
N LEU A 81 2.16 6.33 -12.95
CA LEU A 81 1.30 7.45 -12.91
C LEU A 81 1.97 8.64 -13.56
N GLU A 82 1.15 9.62 -13.95
CA GLU A 82 1.63 10.85 -14.58
C GLU A 82 2.57 11.61 -13.64
N ASP A 83 2.47 11.27 -12.37
CA ASP A 83 3.23 11.93 -11.31
C ASP A 83 4.53 11.17 -11.08
N GLY A 84 4.60 9.99 -11.66
CA GLY A 84 5.77 9.16 -11.51
C GLY A 84 5.64 8.15 -10.40
N ARG A 85 4.43 7.96 -9.93
CA ARG A 85 4.16 6.97 -8.93
C ARG A 85 3.98 5.66 -9.63
N SER A 86 4.51 4.62 -9.09
CA SER A 86 4.28 3.34 -9.70
C SER A 86 4.10 2.24 -8.68
N PHE A 87 3.15 1.39 -8.95
CA PHE A 87 2.86 0.27 -8.09
C PHE A 87 2.64 -0.98 -8.91
N GLU A 88 2.88 -2.12 -8.28
CA GLU A 88 2.75 -3.39 -8.94
C GLU A 88 1.83 -4.32 -8.20
N THR A 89 1.21 -5.19 -8.94
CA THR A 89 0.31 -6.19 -8.38
C THR A 89 0.45 -7.50 -9.13
N THR A 90 0.05 -8.62 -8.48
CA THR A 90 0.16 -9.97 -9.06
C THR A 90 -0.81 -10.18 -10.21
N VAL A 91 -1.34 -9.09 -10.71
CA VAL A 91 -2.27 -9.04 -11.83
C VAL A 91 -3.64 -9.61 -11.47
N ASP A 92 -3.66 -10.64 -10.65
CA ASP A 92 -4.90 -11.22 -10.16
C ASP A 92 -5.46 -10.35 -9.03
N HIS A 93 -4.61 -9.52 -8.46
CA HIS A 93 -5.01 -8.63 -7.39
C HIS A 93 -5.78 -7.44 -7.95
N PRO A 94 -7.00 -7.20 -7.45
CA PRO A 94 -7.84 -6.07 -7.88
C PRO A 94 -7.24 -4.70 -7.51
N VAL A 95 -7.42 -3.76 -8.40
CA VAL A 95 -6.97 -2.40 -8.23
C VAL A 95 -8.20 -1.50 -8.09
N LEU A 96 -8.10 -0.46 -7.29
CA LEU A 96 -9.23 0.42 -7.06
C LEU A 96 -9.07 1.70 -7.87
N VAL A 97 -9.90 1.84 -8.89
CA VAL A 97 -9.86 3.01 -9.74
C VAL A 97 -11.11 3.83 -9.57
N TYR A 98 -10.96 5.11 -9.76
CA TYR A 98 -12.05 6.03 -9.66
C TYR A 98 -12.48 6.50 -11.05
N GLU A 99 -13.45 5.81 -11.61
CA GLU A 99 -13.99 6.15 -12.90
C GLU A 99 -15.49 5.97 -12.83
N ASN A 100 -16.21 6.62 -13.74
CA ASN A 100 -17.67 6.53 -13.76
C ASN A 100 -18.25 7.14 -12.49
N GLY A 101 -17.47 8.00 -11.86
CA GLY A 101 -17.88 8.62 -10.62
C GLY A 101 -17.97 7.64 -9.49
N ARG A 102 -17.40 6.46 -9.65
CA ARG A 102 -17.44 5.49 -8.62
C ARG A 102 -16.10 4.82 -8.50
N PHE A 103 -15.97 4.05 -7.49
CA PHE A 103 -14.76 3.30 -7.27
C PHE A 103 -14.99 1.89 -7.72
N ILE A 104 -14.18 1.42 -8.63
CA ILE A 104 -14.32 0.07 -9.10
C ILE A 104 -13.06 -0.73 -8.87
N GLU A 105 -13.24 -2.01 -8.61
CA GLU A 105 -12.12 -2.90 -8.39
C GLU A 105 -11.89 -3.76 -9.62
N LYS A 106 -10.79 -3.54 -10.28
CA LYS A 106 -10.41 -4.29 -11.46
C LYS A 106 -9.04 -4.91 -11.26
N ARG A 107 -8.87 -6.14 -11.70
CA ARG A 107 -7.59 -6.85 -11.52
C ARG A 107 -6.49 -6.09 -12.24
N ALA A 108 -5.22 -6.29 -11.87
CA ALA A 108 -4.16 -5.54 -12.52
C ALA A 108 -4.17 -5.82 -14.00
N PHE A 109 -4.37 -7.09 -14.34
CA PHE A 109 -4.44 -7.51 -15.73
C PHE A 109 -5.76 -7.06 -16.38
N GLU A 110 -6.61 -6.40 -15.59
CA GLU A 110 -7.91 -5.94 -16.05
C GLU A 110 -7.91 -4.41 -16.12
N VAL A 111 -6.92 -3.82 -15.52
CA VAL A 111 -6.70 -2.40 -15.53
C VAL A 111 -6.06 -2.03 -16.86
N LYS A 112 -6.34 -0.85 -17.33
CA LYS A 112 -5.81 -0.41 -18.61
C LYS A 112 -5.03 0.87 -18.47
N GLU A 113 -4.27 1.21 -19.48
CA GLU A 113 -3.46 2.40 -19.42
C GLU A 113 -4.36 3.62 -19.46
N GLY A 114 -4.01 4.60 -18.66
CA GLY A 114 -4.86 5.76 -18.52
C GLY A 114 -5.87 5.60 -17.40
N ASP A 115 -5.77 4.48 -16.68
CA ASP A 115 -6.66 4.20 -15.56
C ASP A 115 -6.24 5.07 -14.38
N LYS A 116 -7.07 5.14 -13.36
CA LYS A 116 -6.72 5.95 -12.19
C LYS A 116 -6.66 5.10 -10.97
N VAL A 117 -6.09 5.64 -9.96
CA VAL A 117 -6.13 5.06 -8.66
C VAL A 117 -6.48 6.12 -7.68
N LEU A 118 -6.95 5.72 -6.55
CA LEU A 118 -7.23 6.67 -5.56
C LEU A 118 -6.00 6.87 -4.74
N VAL A 119 -5.67 8.08 -4.54
CA VAL A 119 -4.61 8.40 -3.68
C VAL A 119 -5.14 9.23 -2.57
N SER A 120 -4.77 8.87 -1.38
CA SER A 120 -5.23 9.58 -0.21
C SER A 120 -4.73 11.01 -0.23
N GLU A 121 -3.69 11.19 -1.02
CA GLU A 121 -2.94 12.45 -1.18
C GLU A 121 -2.59 13.13 0.14
N LEU A 122 -2.74 12.41 1.22
CA LEU A 122 -2.46 12.94 2.53
C LEU A 122 -1.10 12.48 2.99
N GLU A 123 -0.16 13.40 3.05
CA GLU A 123 1.18 13.07 3.48
C GLU A 123 1.36 13.26 4.97
N LEU A 124 2.53 12.93 5.44
CA LEU A 124 2.85 12.97 6.87
C LEU A 124 3.76 14.13 7.14
N VAL A 125 3.84 14.99 6.14
CA VAL A 125 4.67 16.21 6.15
C VAL A 125 6.16 15.88 6.06
N GLU A 126 6.69 15.23 7.09
CA GLU A 126 8.08 14.83 7.13
C GLU A 126 8.35 13.73 6.10
N GLN A 127 8.87 14.13 4.96
CA GLN A 127 9.20 13.18 3.90
C GLN A 127 10.72 12.98 3.84
N SER A 128 11.37 13.23 4.97
CA SER A 128 12.81 13.10 5.08
C SER A 128 13.27 11.69 4.70
N SER A 129 14.43 11.61 4.06
CA SER A 129 14.98 10.34 3.63
C SER A 129 15.46 9.52 4.82
N SER A 130 15.10 8.23 4.82
CA SER A 130 15.49 7.30 5.87
C SER A 130 14.75 7.60 7.18
N SER A 131 14.93 6.76 8.16
CA SER A 131 14.28 6.93 9.43
C SER A 131 15.17 7.71 10.40
N GLN A 132 15.38 8.98 10.07
CA GLN A 132 16.20 9.85 10.91
C GLN A 132 15.37 10.44 12.03
N ASP A 133 14.18 10.90 11.68
CA ASP A 133 13.29 11.49 12.65
C ASP A 133 12.15 10.53 12.96
N ASN A 134 11.32 10.88 13.93
CA ASN A 134 10.18 10.03 14.30
C ASN A 134 9.22 10.75 15.27
N PRO A 135 9.69 11.18 16.46
CA PRO A 135 8.85 11.84 17.46
C PRO A 135 8.51 13.29 17.08
N LYS A 136 7.81 13.46 15.98
CA LYS A 136 7.45 14.76 15.52
C LYS A 136 6.08 14.74 14.89
N ASN A 137 5.18 15.44 15.50
CA ASN A 137 3.83 15.54 15.03
C ASN A 137 3.42 17.01 15.08
N GLU A 138 4.43 17.86 14.96
CA GLU A 138 4.26 19.31 14.98
C GLU A 138 3.93 19.81 13.58
N ASN A 139 4.25 21.09 13.32
CA ASN A 139 3.99 21.72 12.01
C ASN A 139 2.50 21.69 11.72
N LEU A 140 1.70 21.91 12.77
CA LEU A 140 0.23 21.88 12.69
C LEU A 140 -0.28 20.47 12.54
N GLY A 141 0.03 19.87 11.43
CA GLY A 141 -0.39 18.51 11.18
C GLY A 141 -1.66 18.44 10.37
N SER A 142 -1.87 19.43 9.51
CA SER A 142 -3.03 19.46 8.67
C SER A 142 -2.63 19.66 7.21
N PRO A 143 -2.91 18.67 6.35
CA PRO A 143 -2.62 18.74 4.94
C PRO A 143 -3.84 19.21 4.13
N GLU A 144 -3.78 18.99 2.83
CA GLU A 144 -4.86 19.36 1.90
C GLU A 144 -4.50 18.94 0.49
N HIS A 145 -5.31 18.06 -0.08
CA HIS A 145 -5.09 17.59 -1.45
C HIS A 145 -6.29 16.80 -1.92
N ASP A 146 -6.81 17.15 -3.07
CA ASP A 146 -7.95 16.46 -3.64
C ASP A 146 -7.74 16.25 -5.12
N GLN A 147 -7.09 15.16 -5.44
CA GLN A 147 -6.79 14.86 -6.82
C GLN A 147 -6.42 13.40 -6.98
N LEU A 148 -6.87 12.79 -8.07
CA LEU A 148 -6.51 11.44 -8.34
C LEU A 148 -5.63 11.39 -9.55
N LEU A 149 -4.85 10.35 -9.60
CA LEU A 149 -3.83 10.25 -10.61
C LEU A 149 -4.09 9.12 -11.61
N GLU A 150 -3.84 9.42 -12.89
CA GLU A 150 -3.95 8.48 -13.98
C GLU A 150 -2.63 7.80 -14.28
N ILE A 151 -2.78 6.59 -14.69
CA ILE A 151 -1.71 5.75 -15.08
C ILE A 151 -1.26 6.10 -16.47
N LYS A 152 -0.10 6.61 -16.53
CA LYS A 152 0.54 6.94 -17.76
C LYS A 152 0.96 5.69 -18.49
N ASN A 153 1.47 4.73 -17.74
CA ASN A 153 2.00 3.53 -18.38
C ASN A 153 1.88 2.30 -17.57
N ILE A 154 1.43 1.28 -18.23
CA ILE A 154 1.35 -0.03 -17.67
C ILE A 154 2.25 -1.00 -18.43
N LYS A 155 2.83 -1.92 -17.69
CA LYS A 155 3.72 -2.89 -18.25
C LYS A 155 3.70 -4.14 -17.41
N TYR A 156 4.21 -5.21 -17.96
CA TYR A 156 4.35 -6.43 -17.27
C TYR A 156 5.79 -6.58 -16.84
N VAL A 157 5.98 -6.61 -15.59
CA VAL A 157 7.28 -6.72 -15.01
C VAL A 157 7.32 -7.90 -14.04
N ARG A 158 8.48 -8.20 -13.54
CA ARG A 158 8.63 -9.29 -12.64
C ARG A 158 8.83 -8.83 -11.22
N ALA A 159 8.43 -9.68 -10.29
CA ALA A 159 8.55 -9.39 -8.87
C ALA A 159 10.00 -9.17 -8.47
N ASN A 160 10.24 -8.06 -7.79
CA ASN A 160 11.58 -7.71 -7.33
C ASN A 160 12.07 -8.69 -6.27
N ASP A 161 11.21 -8.96 -5.32
CA ASP A 161 11.55 -9.81 -4.20
C ASP A 161 11.14 -11.24 -4.48
N ASP A 162 11.56 -12.15 -3.61
CA ASP A 162 11.20 -13.55 -3.73
C ASP A 162 9.92 -13.81 -2.96
N PHE A 163 9.41 -12.77 -2.36
CA PHE A 163 8.17 -12.80 -1.64
C PHE A 163 7.43 -11.52 -1.92
N VAL A 164 6.14 -11.60 -1.93
CA VAL A 164 5.31 -10.45 -2.15
C VAL A 164 4.47 -10.22 -0.92
N PHE A 165 4.05 -8.99 -0.72
CA PHE A 165 3.32 -8.63 0.47
C PHE A 165 2.08 -7.81 0.14
N SER A 166 1.27 -7.55 1.16
CA SER A 166 0.08 -6.71 1.01
C SER A 166 -0.32 -6.16 2.35
N LEU A 167 0.10 -6.87 3.38
CA LEU A 167 -0.17 -6.53 4.75
C LEU A 167 -1.65 -6.67 5.05
N ASN A 168 -1.96 -7.70 5.79
CA ASN A 168 -3.33 -8.00 6.12
C ASN A 168 -3.73 -7.28 7.40
N ALA A 169 -4.69 -6.39 7.27
CA ALA A 169 -5.20 -5.66 8.42
C ALA A 169 -6.72 -5.69 8.41
N LYS A 170 -7.35 -4.86 9.24
CA LYS A 170 -8.80 -4.81 9.32
C LYS A 170 -9.40 -4.39 7.99
N LYS A 171 -10.56 -4.96 7.67
CA LYS A 171 -11.28 -4.72 6.40
C LYS A 171 -10.74 -5.64 5.29
N TYR A 172 -9.47 -6.04 5.45
CA TYR A 172 -8.78 -6.98 4.54
C TYR A 172 -8.57 -6.41 3.14
N HIS A 173 -7.39 -6.71 2.58
CA HIS A 173 -7.01 -6.26 1.23
C HIS A 173 -7.39 -4.80 0.97
N ASN A 174 -6.96 -3.92 1.85
CA ASN A 174 -7.18 -2.49 1.71
C ASN A 174 -6.05 -1.77 2.37
N VAL A 175 -5.17 -1.21 1.58
CA VAL A 175 -4.02 -0.55 2.12
C VAL A 175 -3.59 0.60 1.25
N ILE A 176 -2.78 1.45 1.84
CA ILE A 176 -2.25 2.59 1.17
C ILE A 176 -0.77 2.38 0.91
N ILE A 177 -0.41 2.34 -0.34
CA ILE A 177 0.93 2.06 -0.73
C ILE A 177 1.49 3.15 -1.63
N ASN A 178 2.76 3.03 -1.90
CA ASN A 178 3.51 3.98 -2.73
C ASN A 178 3.21 5.40 -2.26
N GLU A 179 2.88 6.27 -3.19
CA GLU A 179 2.50 7.62 -2.84
C GLU A 179 1.01 7.68 -2.58
N ASN A 180 0.61 6.82 -1.65
CA ASN A 180 -0.74 6.72 -1.17
C ASN A 180 -1.71 6.20 -2.19
N ILE A 181 -1.34 5.15 -2.84
CA ILE A 181 -2.17 4.54 -3.83
C ILE A 181 -3.08 3.54 -3.14
N VAL A 182 -4.34 3.79 -3.24
CA VAL A 182 -5.34 3.03 -2.57
C VAL A 182 -5.82 1.87 -3.44
N THR A 183 -5.94 0.71 -2.82
CA THR A 183 -6.42 -0.48 -3.49
C THR A 183 -7.23 -1.33 -2.52
N HIS A 184 -8.24 -2.04 -3.05
CA HIS A 184 -9.09 -2.88 -2.24
C HIS A 184 -9.71 -3.97 -3.09
N GLN A 185 -9.96 -5.11 -2.47
CA GLN A 185 -10.57 -6.25 -3.14
C GLN A 185 -12.00 -5.92 -3.57
N CYS A 1 0.84 -9.55 -3.04
CA CYS A 1 0.21 -8.68 -4.06
C CYS A 1 1.18 -7.57 -4.49
N PHE A 2 2.15 -7.30 -3.64
CA PHE A 2 3.13 -6.26 -3.89
C PHE A 2 4.53 -6.84 -3.68
N PRO A 3 5.55 -6.34 -4.40
CA PRO A 3 6.92 -6.89 -4.35
C PRO A 3 7.49 -6.87 -2.95
N GLY A 4 7.06 -5.92 -2.17
CA GLY A 4 7.56 -5.74 -0.85
C GLY A 4 8.09 -4.35 -0.70
N ASP A 5 8.71 -3.85 -1.78
CA ASP A 5 9.25 -2.49 -1.85
C ASP A 5 8.14 -1.47 -1.91
N THR A 6 6.95 -1.95 -1.97
CA THR A 6 5.80 -1.12 -1.98
C THR A 6 5.67 -0.46 -0.62
N ARG A 7 5.54 0.84 -0.61
CA ARG A 7 5.43 1.57 0.60
C ARG A 7 4.03 1.49 1.11
N ILE A 8 3.87 1.17 2.34
CA ILE A 8 2.59 1.10 2.95
C ILE A 8 2.51 2.10 4.08
N LEU A 9 1.45 2.87 4.10
CA LEU A 9 1.29 3.83 5.13
C LEU A 9 0.60 3.20 6.32
N VAL A 10 1.25 3.29 7.44
CA VAL A 10 0.76 2.72 8.68
C VAL A 10 0.94 3.70 9.82
N GLN A 11 0.56 3.28 10.99
CA GLN A 11 0.73 4.08 12.17
C GLN A 11 1.39 3.25 13.22
N ILE A 12 2.50 3.71 13.67
CA ILE A 12 3.25 3.02 14.65
C ILE A 12 3.39 3.86 15.84
N ASP A 13 2.92 3.33 16.91
CA ASP A 13 2.98 3.98 18.21
C ASP A 13 2.36 5.36 18.13
N GLY A 14 1.30 5.43 17.38
CA GLY A 14 0.61 6.67 17.14
C GLY A 14 1.33 7.61 16.20
N VAL A 15 2.26 7.07 15.43
CA VAL A 15 3.00 7.85 14.48
C VAL A 15 2.87 7.24 13.10
N PRO A 16 2.38 8.02 12.16
CA PRO A 16 2.18 7.56 10.82
C PRO A 16 3.49 7.45 10.08
N GLN A 17 3.77 6.26 9.63
CA GLN A 17 5.00 5.97 8.97
C GLN A 17 4.74 5.38 7.63
N LYS A 18 5.55 5.75 6.69
CA LYS A 18 5.44 5.18 5.38
C LYS A 18 6.62 4.30 5.16
N ILE A 19 6.43 3.05 5.29
CA ILE A 19 7.48 2.11 5.08
C ILE A 19 7.09 1.17 4.02
N THR A 20 7.87 0.17 3.78
CA THR A 20 7.48 -0.78 2.78
C THR A 20 6.73 -1.89 3.41
N LEU A 21 6.19 -2.75 2.61
CA LEU A 21 5.48 -3.88 3.10
C LEU A 21 6.43 -4.90 3.66
N ARG A 22 7.67 -4.84 3.23
CA ARG A 22 8.65 -5.75 3.71
C ARG A 22 9.24 -5.20 4.99
N GLU A 23 9.15 -3.89 5.13
CA GLU A 23 9.61 -3.20 6.30
C GLU A 23 8.55 -3.23 7.38
N LEU A 24 7.30 -3.01 6.98
CA LEU A 24 6.17 -3.07 7.89
C LEU A 24 6.15 -4.42 8.56
N TYR A 25 6.38 -5.42 7.74
CA TYR A 25 6.43 -6.80 8.11
C TYR A 25 7.37 -7.05 9.27
N GLU A 26 8.42 -6.30 9.32
CA GLU A 26 9.43 -6.47 10.34
C GLU A 26 8.99 -5.99 11.70
N LEU A 27 7.94 -5.20 11.72
CA LEU A 27 7.41 -4.68 12.95
C LEU A 27 6.54 -5.74 13.62
N PHE A 28 6.51 -6.91 13.00
CA PHE A 28 5.72 -7.99 13.45
C PHE A 28 6.59 -9.16 13.82
N GLU A 29 6.04 -10.05 14.58
CA GLU A 29 6.72 -11.27 14.97
C GLU A 29 5.75 -12.43 14.90
N ASP A 30 6.18 -13.60 15.36
CA ASP A 30 5.34 -14.80 15.42
C ASP A 30 4.86 -15.20 14.03
N GLU A 31 5.67 -15.96 13.34
CA GLU A 31 5.37 -16.35 12.01
C GLU A 31 4.97 -17.80 11.92
N ARG A 32 3.90 -18.00 11.24
CA ARG A 32 3.32 -19.30 11.03
C ARG A 32 3.34 -19.61 9.54
N TYR A 33 3.36 -20.86 9.22
CA TYR A 33 3.33 -21.31 7.85
C TYR A 33 1.93 -21.76 7.55
N GLU A 34 1.40 -21.29 6.47
CA GLU A 34 0.02 -21.55 6.13
C GLU A 34 -0.25 -21.18 4.72
N ASN A 35 -1.10 -21.97 4.06
CA ASN A 35 -1.49 -21.71 2.67
C ASN A 35 -0.29 -21.73 1.77
N MET A 36 0.77 -22.38 2.24
CA MET A 36 2.00 -22.52 1.47
C MET A 36 2.74 -21.19 1.40
N VAL A 37 2.40 -20.31 2.32
CA VAL A 37 3.01 -19.02 2.43
C VAL A 37 3.32 -18.75 3.90
N TYR A 38 3.80 -17.58 4.22
CA TYR A 38 4.14 -17.27 5.58
C TYR A 38 3.27 -16.20 6.10
N VAL A 39 2.87 -16.37 7.32
CA VAL A 39 1.99 -15.45 7.94
C VAL A 39 2.58 -15.04 9.28
N ARG A 40 2.73 -13.76 9.45
CA ARG A 40 3.29 -13.22 10.67
C ARG A 40 2.24 -12.44 11.40
N LYS A 41 2.02 -12.74 12.64
CA LYS A 41 0.94 -12.12 13.37
C LYS A 41 1.38 -11.56 14.70
N LYS A 42 0.76 -10.43 15.06
CA LYS A 42 1.02 -9.73 16.32
C LYS A 42 2.26 -8.86 16.21
N PRO A 43 2.06 -7.55 16.25
CA PRO A 43 3.15 -6.60 16.19
C PRO A 43 3.87 -6.47 17.52
N LYS A 44 5.12 -6.08 17.45
CA LYS A 44 5.98 -5.94 18.63
C LYS A 44 5.82 -4.57 19.27
N ARG A 45 5.00 -3.76 18.64
CA ARG A 45 4.72 -2.43 19.08
C ARG A 45 3.30 -2.13 18.71
N GLU A 46 2.94 -0.89 18.77
CA GLU A 46 1.65 -0.50 18.32
C GLU A 46 1.73 -0.24 16.83
N ILE A 47 1.27 -1.19 16.05
CA ILE A 47 1.29 -1.07 14.66
C ILE A 47 -0.12 -1.07 14.17
N LYS A 48 -0.51 0.01 13.60
CA LYS A 48 -1.81 0.10 12.99
C LYS A 48 -1.66 0.35 11.53
N VAL A 49 -2.72 0.16 10.81
CA VAL A 49 -2.68 0.30 9.39
C VAL A 49 -3.62 1.39 8.91
N TYR A 50 -3.13 2.25 8.05
CA TYR A 50 -3.96 3.27 7.47
C TYR A 50 -4.67 2.72 6.25
N SER A 51 -5.98 2.72 6.34
CA SER A 51 -6.81 2.19 5.28
C SER A 51 -7.80 3.25 4.82
N ILE A 52 -8.59 2.93 3.82
CA ILE A 52 -9.57 3.85 3.32
C ILE A 52 -10.92 3.19 3.21
N ASP A 53 -11.92 3.92 3.60
CA ASP A 53 -13.28 3.46 3.54
C ASP A 53 -13.80 3.72 2.16
N LEU A 54 -14.19 2.68 1.49
CA LEU A 54 -14.59 2.75 0.10
C LEU A 54 -15.83 3.52 -0.10
N GLU A 55 -16.62 3.46 0.89
CA GLU A 55 -17.95 4.00 0.83
C GLU A 55 -17.95 5.46 1.05
N THR A 56 -17.01 5.91 1.83
CA THR A 56 -16.98 7.29 2.19
C THR A 56 -15.76 7.98 1.62
N GLY A 57 -14.74 7.19 1.38
CA GLY A 57 -13.53 7.67 0.80
C GLY A 57 -12.60 8.25 1.85
N LYS A 58 -12.89 7.97 3.11
CA LYS A 58 -12.11 8.50 4.21
C LYS A 58 -10.98 7.60 4.60
N VAL A 59 -9.94 8.20 5.15
CA VAL A 59 -8.79 7.50 5.59
C VAL A 59 -8.96 7.13 7.06
N VAL A 60 -9.15 5.86 7.28
CA VAL A 60 -9.35 5.34 8.61
C VAL A 60 -8.15 4.50 9.05
N LEU A 61 -8.06 4.26 10.34
CA LEU A 61 -7.00 3.49 10.89
C LEU A 61 -7.56 2.27 11.58
N THR A 62 -6.89 1.16 11.46
CA THR A 62 -7.34 -0.08 12.07
C THR A 62 -6.16 -0.98 12.43
N ASP A 63 -6.44 -2.05 13.17
CA ASP A 63 -5.42 -3.01 13.58
C ASP A 63 -5.16 -4.02 12.48
N ILE A 64 -4.02 -4.64 12.59
CA ILE A 64 -3.57 -5.60 11.63
C ILE A 64 -3.92 -7.01 12.09
N GLU A 65 -4.23 -7.88 11.14
CA GLU A 65 -4.58 -9.25 11.41
C GLU A 65 -3.33 -10.09 11.37
N ASP A 66 -2.45 -9.75 10.42
CA ASP A 66 -1.22 -10.49 10.19
C ASP A 66 -0.50 -9.96 8.95
N VAL A 67 0.67 -10.49 8.71
CA VAL A 67 1.46 -10.11 7.58
C VAL A 67 1.45 -11.18 6.54
N ILE A 68 1.33 -10.77 5.31
CA ILE A 68 1.24 -11.69 4.20
C ILE A 68 2.57 -11.79 3.48
N LYS A 69 3.24 -12.93 3.60
CA LYS A 69 4.46 -13.16 2.85
C LYS A 69 4.27 -14.41 1.99
N ALA A 70 4.25 -14.21 0.69
CA ALA A 70 3.97 -15.29 -0.23
C ALA A 70 4.99 -15.34 -1.35
N PRO A 71 5.44 -16.56 -1.70
CA PRO A 71 6.42 -16.77 -2.78
C PRO A 71 6.07 -16.04 -4.07
N ALA A 72 7.05 -15.34 -4.63
CA ALA A 72 6.86 -14.62 -5.88
C ALA A 72 7.19 -15.51 -7.06
N THR A 73 6.17 -16.16 -7.59
CA THR A 73 6.34 -17.05 -8.72
C THR A 73 6.18 -16.31 -10.03
N ASP A 74 5.47 -15.22 -9.97
CA ASP A 74 5.17 -14.44 -11.16
C ASP A 74 5.89 -13.11 -11.16
N HIS A 75 5.51 -12.26 -12.10
CA HIS A 75 6.06 -10.93 -12.24
C HIS A 75 4.95 -9.93 -11.97
N LEU A 76 5.30 -8.67 -11.88
CA LEU A 76 4.32 -7.65 -11.49
C LEU A 76 4.16 -6.57 -12.54
N ILE A 77 2.97 -6.04 -12.60
CA ILE A 77 2.65 -4.90 -13.43
C ILE A 77 2.97 -3.64 -12.65
N ARG A 78 3.45 -2.63 -13.32
CA ARG A 78 3.76 -1.41 -12.69
C ARG A 78 2.90 -0.31 -13.23
N PHE A 79 2.45 0.50 -12.35
CA PHE A 79 1.62 1.62 -12.68
C PHE A 79 2.36 2.87 -12.36
N GLU A 80 2.53 3.71 -13.33
CA GLU A 80 3.22 4.93 -13.13
C GLU A 80 2.29 6.05 -13.26
N LEU A 81 2.19 6.82 -12.26
CA LEU A 81 1.30 7.90 -12.23
C LEU A 81 1.91 9.14 -12.85
N GLU A 82 1.04 10.06 -13.24
CA GLU A 82 1.46 11.33 -13.88
C GLU A 82 2.28 12.17 -12.91
N ASP A 83 2.22 11.79 -11.65
CA ASP A 83 2.93 12.48 -10.59
C ASP A 83 4.24 11.77 -10.31
N GLY A 84 4.41 10.61 -10.92
CA GLY A 84 5.61 9.84 -10.76
C GLY A 84 5.51 8.80 -9.68
N ARG A 85 4.30 8.58 -9.20
CA ARG A 85 4.05 7.57 -8.20
C ARG A 85 3.93 6.27 -8.92
N SER A 86 4.52 5.24 -8.41
CA SER A 86 4.36 3.96 -9.04
C SER A 86 4.21 2.84 -8.05
N PHE A 87 3.38 1.89 -8.41
CA PHE A 87 3.15 0.74 -7.58
C PHE A 87 3.08 -0.52 -8.43
N GLU A 88 3.56 -1.61 -7.88
CA GLU A 88 3.61 -2.88 -8.58
C GLU A 88 2.77 -3.90 -7.90
N THR A 89 2.19 -4.76 -8.70
CA THR A 89 1.30 -5.80 -8.20
C THR A 89 1.47 -7.10 -8.97
N THR A 90 1.15 -8.21 -8.31
CA THR A 90 1.34 -9.55 -8.88
C THR A 90 0.34 -9.86 -9.96
N VAL A 91 -0.40 -8.85 -10.39
CA VAL A 91 -1.40 -8.97 -11.43
C VAL A 91 -2.54 -9.91 -10.99
N ASP A 92 -3.69 -9.81 -11.65
CA ASP A 92 -4.89 -10.59 -11.29
C ASP A 92 -5.53 -10.04 -10.00
N HIS A 93 -4.70 -9.48 -9.13
CA HIS A 93 -5.18 -8.84 -7.91
C HIS A 93 -5.95 -7.55 -8.25
N PRO A 94 -7.14 -7.38 -7.64
CA PRO A 94 -8.03 -6.23 -7.92
C PRO A 94 -7.53 -4.87 -7.41
N VAL A 95 -7.26 -3.99 -8.36
CA VAL A 95 -6.80 -2.64 -8.10
C VAL A 95 -8.00 -1.71 -8.08
N LEU A 96 -7.95 -0.65 -7.29
CA LEU A 96 -9.09 0.21 -7.14
C LEU A 96 -8.95 1.49 -7.94
N VAL A 97 -9.87 1.69 -8.88
CA VAL A 97 -9.89 2.90 -9.67
C VAL A 97 -11.17 3.69 -9.48
N TYR A 98 -11.04 4.98 -9.57
CA TYR A 98 -12.16 5.88 -9.40
C TYR A 98 -12.64 6.41 -10.74
N GLU A 99 -13.69 5.80 -11.25
CA GLU A 99 -14.29 6.24 -12.48
C GLU A 99 -15.77 5.97 -12.42
N ASN A 100 -16.54 6.68 -13.24
CA ASN A 100 -17.99 6.52 -13.28
C ASN A 100 -18.59 6.96 -11.95
N GLY A 101 -17.83 7.80 -11.24
CA GLY A 101 -18.25 8.27 -9.94
C GLY A 101 -18.30 7.17 -8.91
N ARG A 102 -17.74 6.02 -9.25
CA ARG A 102 -17.77 4.93 -8.37
C ARG A 102 -16.41 4.32 -8.27
N PHE A 103 -16.30 3.41 -7.39
CA PHE A 103 -15.07 2.73 -7.17
C PHE A 103 -15.16 1.37 -7.81
N ILE A 104 -14.28 1.09 -8.72
CA ILE A 104 -14.29 -0.20 -9.36
C ILE A 104 -12.98 -0.92 -9.19
N GLU A 105 -13.05 -2.23 -9.14
CA GLU A 105 -11.86 -3.05 -8.95
C GLU A 105 -11.46 -3.72 -10.26
N LYS A 106 -10.28 -3.41 -10.72
CA LYS A 106 -9.72 -4.02 -11.90
C LYS A 106 -8.43 -4.73 -11.53
N ARG A 107 -8.27 -5.95 -11.96
CA ARG A 107 -7.05 -6.72 -11.67
C ARG A 107 -5.85 -5.97 -12.25
N ALA A 108 -4.60 -6.21 -11.78
CA ALA A 108 -3.49 -5.45 -12.33
C ALA A 108 -3.43 -5.65 -13.82
N PHE A 109 -3.55 -6.90 -14.23
CA PHE A 109 -3.54 -7.26 -15.64
C PHE A 109 -4.86 -6.89 -16.35
N GLU A 110 -5.69 -6.13 -15.64
CA GLU A 110 -6.97 -5.69 -16.16
C GLU A 110 -7.03 -4.16 -16.20
N VAL A 111 -6.17 -3.53 -15.42
CA VAL A 111 -6.11 -2.10 -15.34
C VAL A 111 -5.46 -1.58 -16.61
N LYS A 112 -5.86 -0.43 -17.07
CA LYS A 112 -5.31 0.08 -18.30
C LYS A 112 -4.62 1.40 -18.10
N GLU A 113 -3.95 1.85 -19.11
CA GLU A 113 -3.22 3.09 -19.03
C GLU A 113 -4.17 4.24 -18.97
N GLY A 114 -3.81 5.21 -18.18
CA GLY A 114 -4.67 6.34 -18.02
C GLY A 114 -5.71 6.11 -16.95
N ASP A 115 -5.60 4.97 -16.28
CA ASP A 115 -6.53 4.60 -15.22
C ASP A 115 -6.17 5.39 -13.97
N LYS A 116 -7.05 5.44 -13.01
CA LYS A 116 -6.76 6.19 -11.80
C LYS A 116 -6.73 5.29 -10.61
N VAL A 117 -6.20 5.81 -9.56
CA VAL A 117 -6.27 5.17 -8.29
C VAL A 117 -6.70 6.20 -7.30
N LEU A 118 -7.21 5.78 -6.20
CA LEU A 118 -7.57 6.71 -5.21
C LEU A 118 -6.39 6.95 -4.34
N VAL A 119 -6.12 8.17 -4.08
CA VAL A 119 -5.12 8.49 -3.16
C VAL A 119 -5.75 9.19 -2.03
N SER A 120 -5.31 8.86 -0.86
CA SER A 120 -5.85 9.46 0.31
C SER A 120 -5.38 10.89 0.43
N GLU A 121 -4.38 11.19 -0.37
CA GLU A 121 -3.72 12.50 -0.46
C GLU A 121 -3.39 13.15 0.89
N LEU A 122 -3.49 12.41 1.95
CA LEU A 122 -3.23 12.94 3.25
C LEU A 122 -1.74 12.94 3.59
N GLU A 123 -1.30 14.03 4.19
CA GLU A 123 0.08 14.21 4.56
C GLU A 123 0.30 13.88 6.03
N LEU A 124 1.48 13.35 6.35
CA LEU A 124 1.83 12.95 7.71
C LEU A 124 3.31 13.11 7.93
N VAL A 125 4.05 12.60 6.99
CA VAL A 125 5.48 12.62 7.06
C VAL A 125 6.06 12.69 5.65
N GLU A 126 7.30 13.16 5.55
CA GLU A 126 8.02 13.34 4.28
C GLU A 126 7.64 14.64 3.59
N GLN A 127 8.65 15.40 3.22
CA GLN A 127 8.47 16.66 2.55
C GLN A 127 9.55 16.82 1.50
N SER A 128 10.77 16.66 1.94
CA SER A 128 11.91 16.69 1.06
C SER A 128 12.22 15.26 0.63
N SER A 129 13.44 15.01 0.16
CA SER A 129 13.85 13.66 -0.22
C SER A 129 13.78 12.74 1.00
N SER A 130 13.98 13.33 2.18
CA SER A 130 13.88 12.64 3.46
C SER A 130 14.89 11.49 3.59
N SER A 131 14.76 10.71 4.64
CA SER A 131 15.65 9.60 4.89
C SER A 131 14.91 8.48 5.62
N GLN A 132 15.64 7.50 6.12
CA GLN A 132 15.04 6.39 6.84
C GLN A 132 14.91 6.71 8.32
N ASP A 133 15.24 7.95 8.67
CA ASP A 133 15.18 8.41 10.05
C ASP A 133 13.73 8.45 10.52
N ASN A 134 13.48 7.91 11.70
CA ASN A 134 12.11 7.80 12.22
C ASN A 134 11.68 9.00 13.09
N PRO A 135 12.47 9.37 14.12
CA PRO A 135 12.11 10.44 15.04
C PRO A 135 12.30 11.83 14.44
N LYS A 136 11.61 12.80 15.03
CA LYS A 136 11.63 14.20 14.62
C LYS A 136 10.89 14.37 13.30
N ASN A 137 9.69 13.83 13.26
CA ASN A 137 8.85 13.91 12.08
C ASN A 137 8.50 15.36 11.77
N GLU A 138 8.79 15.76 10.56
CA GLU A 138 8.52 17.10 10.11
C GLU A 138 7.24 17.15 9.30
N ASN A 139 6.51 18.24 9.44
CA ASN A 139 5.26 18.40 8.73
C ASN A 139 4.95 19.88 8.60
N LEU A 140 4.24 20.25 7.55
CA LEU A 140 3.84 21.63 7.33
C LEU A 140 3.07 22.16 8.52
N GLY A 141 2.03 21.45 8.88
CA GLY A 141 1.23 21.81 10.01
C GLY A 141 -0.21 21.49 9.74
N SER A 142 -0.62 21.76 8.53
CA SER A 142 -1.97 21.47 8.08
C SER A 142 -1.92 20.89 6.66
N PRO A 143 -2.39 19.63 6.48
CA PRO A 143 -2.41 19.01 5.17
C PRO A 143 -3.48 19.61 4.27
N GLU A 144 -3.28 19.51 2.99
CA GLU A 144 -4.21 20.07 2.03
C GLU A 144 -3.98 19.45 0.65
N HIS A 145 -4.67 18.35 0.37
CA HIS A 145 -4.54 17.66 -0.90
C HIS A 145 -5.80 16.86 -1.22
N ASP A 146 -6.45 17.20 -2.33
CA ASP A 146 -7.62 16.47 -2.81
C ASP A 146 -7.53 16.33 -4.31
N GLN A 147 -7.04 15.20 -4.75
CA GLN A 147 -6.86 14.95 -6.17
C GLN A 147 -6.65 13.47 -6.42
N LEU A 148 -7.10 12.97 -7.55
CA LEU A 148 -6.82 11.61 -7.90
C LEU A 148 -5.90 11.57 -9.07
N LEU A 149 -5.08 10.58 -9.07
CA LEU A 149 -4.00 10.49 -10.02
C LEU A 149 -4.18 9.36 -11.05
N GLU A 150 -3.88 9.72 -12.29
CA GLU A 150 -3.91 8.81 -13.43
C GLU A 150 -2.57 8.14 -13.67
N ILE A 151 -2.68 6.94 -14.12
CA ILE A 151 -1.59 6.13 -14.50
C ILE A 151 -1.11 6.48 -15.89
N LYS A 152 0.01 7.10 -15.93
CA LYS A 152 0.66 7.44 -17.15
C LYS A 152 1.08 6.19 -17.89
N ASN A 153 1.60 5.23 -17.15
CA ASN A 153 2.16 4.05 -17.78
C ASN A 153 2.04 2.82 -16.97
N ILE A 154 1.60 1.81 -17.65
CA ILE A 154 1.55 0.50 -17.12
C ILE A 154 2.45 -0.41 -17.91
N LYS A 155 3.34 -1.06 -17.23
CA LYS A 155 4.25 -1.95 -17.86
C LYS A 155 4.25 -3.27 -17.15
N TYR A 156 4.78 -4.25 -17.81
CA TYR A 156 4.96 -5.51 -17.21
C TYR A 156 6.39 -5.63 -16.81
N VAL A 157 6.59 -5.64 -15.56
CA VAL A 157 7.88 -5.71 -14.98
C VAL A 157 7.98 -7.01 -14.20
N ARG A 158 9.13 -7.28 -13.67
CA ARG A 158 9.32 -8.53 -12.95
C ARG A 158 8.82 -8.46 -11.52
N ALA A 159 9.55 -9.09 -10.66
CA ALA A 159 9.28 -9.14 -9.24
C ALA A 159 10.60 -8.86 -8.52
N ASN A 160 10.58 -7.91 -7.61
CA ASN A 160 11.84 -7.47 -6.94
C ASN A 160 12.23 -8.37 -5.76
N ASP A 161 11.72 -9.59 -5.74
CA ASP A 161 12.01 -10.51 -4.66
C ASP A 161 11.44 -11.89 -4.96
N ASP A 162 11.61 -12.82 -4.03
CA ASP A 162 11.08 -14.16 -4.19
C ASP A 162 9.86 -14.33 -3.31
N PHE A 163 9.42 -13.23 -2.73
CA PHE A 163 8.21 -13.15 -1.95
C PHE A 163 7.52 -11.83 -2.19
N VAL A 164 6.25 -11.81 -1.96
CA VAL A 164 5.45 -10.60 -2.07
C VAL A 164 4.61 -10.43 -0.81
N PHE A 165 4.13 -9.21 -0.56
CA PHE A 165 3.38 -8.90 0.67
C PHE A 165 2.12 -8.12 0.33
N SER A 166 1.25 -7.94 1.32
CA SER A 166 0.02 -7.16 1.13
C SER A 166 -0.45 -6.63 2.47
N LEU A 167 -0.11 -7.38 3.52
CA LEU A 167 -0.45 -7.03 4.89
C LEU A 167 -1.95 -7.22 5.13
N ASN A 168 -2.28 -8.25 5.86
CA ASN A 168 -3.65 -8.57 6.16
C ASN A 168 -4.12 -7.81 7.41
N ALA A 169 -5.06 -6.92 7.21
CA ALA A 169 -5.63 -6.17 8.31
C ALA A 169 -7.14 -6.15 8.17
N LYS A 170 -7.80 -5.27 8.92
CA LYS A 170 -9.25 -5.15 8.85
C LYS A 170 -9.65 -4.70 7.45
N LYS A 171 -10.78 -5.25 6.95
CA LYS A 171 -11.29 -4.96 5.61
C LYS A 171 -10.50 -5.75 4.55
N TYR A 172 -9.34 -6.29 4.98
CA TYR A 172 -8.41 -7.12 4.18
C TYR A 172 -7.98 -6.52 2.84
N HIS A 173 -6.68 -6.49 2.65
CA HIS A 173 -6.05 -6.00 1.40
C HIS A 173 -6.33 -4.51 1.14
N ASN A 174 -6.96 -3.84 2.06
CA ASN A 174 -7.26 -2.44 1.88
C ASN A 174 -6.24 -1.59 2.60
N VAL A 175 -5.28 -1.07 1.84
CA VAL A 175 -4.27 -0.20 2.42
C VAL A 175 -3.95 0.94 1.53
N ILE A 176 -3.08 1.73 2.05
CA ILE A 176 -2.60 2.89 1.43
C ILE A 176 -1.10 2.73 1.20
N ILE A 177 -0.71 2.68 -0.05
CA ILE A 177 0.64 2.42 -0.39
C ILE A 177 1.25 3.54 -1.18
N ASN A 178 2.55 3.49 -1.32
CA ASN A 178 3.33 4.46 -2.08
C ASN A 178 2.92 5.88 -1.66
N GLU A 179 2.70 6.73 -2.64
CA GLU A 179 2.21 8.06 -2.40
C GLU A 179 0.70 8.03 -2.20
N ASN A 180 0.28 7.22 -1.22
CA ASN A 180 -1.09 7.08 -0.78
C ASN A 180 -2.01 6.46 -1.80
N ILE A 181 -1.56 5.45 -2.45
CA ILE A 181 -2.34 4.81 -3.48
C ILE A 181 -3.21 3.76 -2.83
N VAL A 182 -4.49 3.93 -2.97
CA VAL A 182 -5.47 3.07 -2.37
C VAL A 182 -5.86 1.95 -3.32
N THR A 183 -5.81 0.74 -2.82
CA THR A 183 -6.18 -0.42 -3.59
C THR A 183 -6.73 -1.51 -2.66
N HIS A 184 -7.40 -2.49 -3.23
CA HIS A 184 -8.00 -3.57 -2.44
C HIS A 184 -7.28 -4.92 -2.71
N GLN A 185 -5.96 -4.90 -2.61
CA GLN A 185 -5.15 -6.11 -2.83
C GLN A 185 -3.75 -5.95 -2.27
N CYS A 1 -0.02 -9.42 -3.08
CA CYS A 1 -0.43 -9.21 -4.49
C CYS A 1 0.34 -8.02 -5.11
N PHE A 2 1.37 -7.59 -4.41
CA PHE A 2 2.25 -6.52 -4.84
C PHE A 2 3.65 -6.99 -4.56
N PRO A 3 4.70 -6.54 -5.29
CA PRO A 3 6.03 -6.98 -5.02
C PRO A 3 6.44 -6.47 -3.66
N GLY A 4 7.40 -7.10 -3.05
CA GLY A 4 7.85 -6.63 -1.77
C GLY A 4 8.35 -5.19 -1.85
N ASP A 5 8.76 -4.77 -3.06
CA ASP A 5 9.25 -3.39 -3.30
C ASP A 5 8.16 -2.35 -3.24
N THR A 6 6.96 -2.78 -3.02
CA THR A 6 5.86 -1.88 -2.94
C THR A 6 5.95 -1.09 -1.64
N ARG A 7 5.86 0.22 -1.74
CA ARG A 7 5.96 1.07 -0.61
C ARG A 7 4.61 1.19 0.03
N ILE A 8 4.54 1.01 1.31
CA ILE A 8 3.30 1.09 2.02
C ILE A 8 3.39 2.18 3.09
N LEU A 9 2.39 3.03 3.13
CA LEU A 9 2.37 4.07 4.10
C LEU A 9 1.68 3.58 5.37
N VAL A 10 2.39 3.65 6.46
CA VAL A 10 1.90 3.22 7.75
C VAL A 10 2.19 4.27 8.80
N GLN A 11 1.88 3.95 10.04
CA GLN A 11 2.17 4.83 11.14
C GLN A 11 2.81 4.05 12.25
N ILE A 12 3.96 4.48 12.64
CA ILE A 12 4.70 3.84 13.64
C ILE A 12 4.94 4.77 14.76
N ASP A 13 4.50 4.36 15.90
CA ASP A 13 4.63 5.13 17.13
C ASP A 13 4.11 6.53 16.94
N GLY A 14 3.02 6.60 16.21
CA GLY A 14 2.40 7.87 15.90
C GLY A 14 3.14 8.67 14.85
N VAL A 15 4.01 8.01 14.12
CA VAL A 15 4.80 8.65 13.10
C VAL A 15 4.64 7.89 11.81
N PRO A 16 4.05 8.52 10.82
CA PRO A 16 3.84 7.91 9.52
C PRO A 16 5.16 7.61 8.85
N GLN A 17 5.34 6.36 8.50
CA GLN A 17 6.53 5.92 7.84
C GLN A 17 6.15 5.30 6.54
N LYS A 18 6.87 5.64 5.52
CA LYS A 18 6.61 5.06 4.24
C LYS A 18 7.70 4.09 3.94
N ILE A 19 7.42 2.86 4.11
CA ILE A 19 8.37 1.85 3.86
C ILE A 19 7.83 0.89 2.88
N THR A 20 8.53 -0.16 2.64
CA THR A 20 8.03 -1.12 1.71
C THR A 20 7.35 -2.21 2.43
N LEU A 21 6.66 -3.02 1.71
CA LEU A 21 5.98 -4.13 2.28
C LEU A 21 6.96 -5.12 2.87
N ARG A 22 8.15 -5.18 2.31
CA ARG A 22 9.14 -6.10 2.81
C ARG A 22 9.74 -5.51 4.07
N GLU A 23 9.69 -4.20 4.16
CA GLU A 23 10.23 -3.47 5.26
C GLU A 23 9.25 -3.39 6.40
N LEU A 24 7.99 -3.14 6.06
CA LEU A 24 6.92 -3.02 7.05
C LEU A 24 6.82 -4.27 7.86
N TYR A 25 6.90 -5.34 7.17
CA TYR A 25 6.76 -6.65 7.71
C TYR A 25 7.79 -6.97 8.74
N GLU A 26 8.89 -6.30 8.66
CA GLU A 26 9.99 -6.51 9.58
C GLU A 26 9.75 -5.82 10.91
N LEU A 27 8.77 -4.95 10.94
CA LEU A 27 8.38 -4.29 12.15
C LEU A 27 7.51 -5.25 12.97
N PHE A 28 7.38 -6.46 12.45
CA PHE A 28 6.59 -7.49 13.02
C PHE A 28 7.45 -8.67 13.38
N GLU A 29 6.90 -9.51 14.18
CA GLU A 29 7.53 -10.75 14.56
C GLU A 29 6.49 -11.86 14.51
N ASP A 30 6.88 -13.05 14.97
CA ASP A 30 5.96 -14.20 15.04
C ASP A 30 5.46 -14.58 13.66
N GLU A 31 6.28 -15.33 12.94
CA GLU A 31 5.94 -15.79 11.62
C GLU A 31 5.42 -17.20 11.66
N ARG A 32 4.23 -17.33 11.20
CA ARG A 32 3.54 -18.56 11.16
C ARG A 32 3.47 -19.07 9.72
N TYR A 33 3.45 -20.34 9.59
CA TYR A 33 3.37 -20.99 8.29
C TYR A 33 1.99 -21.56 8.10
N GLU A 34 1.41 -21.25 6.97
CA GLU A 34 0.05 -21.69 6.68
C GLU A 34 -0.28 -21.48 5.22
N ASN A 35 -1.02 -22.42 4.64
CA ASN A 35 -1.47 -22.34 3.25
C ASN A 35 -0.32 -22.17 2.29
N MET A 36 0.85 -22.60 2.74
CA MET A 36 2.07 -22.56 1.93
C MET A 36 2.57 -21.14 1.78
N VAL A 37 2.08 -20.29 2.65
CA VAL A 37 2.49 -18.91 2.70
C VAL A 37 2.91 -18.62 4.13
N TYR A 38 3.24 -17.41 4.42
CA TYR A 38 3.69 -17.07 5.74
C TYR A 38 2.90 -15.94 6.29
N VAL A 39 2.72 -15.96 7.56
CA VAL A 39 1.95 -14.96 8.22
C VAL A 39 2.73 -14.44 9.40
N ARG A 40 2.95 -13.17 9.46
CA ARG A 40 3.68 -12.62 10.58
C ARG A 40 2.75 -11.71 11.33
N LYS A 41 2.62 -11.94 12.60
CA LYS A 41 1.67 -11.20 13.40
C LYS A 41 2.28 -10.70 14.67
N LYS A 42 1.81 -9.55 15.09
CA LYS A 42 2.26 -8.83 16.27
C LYS A 42 3.45 -7.97 15.97
N PRO A 43 3.24 -6.66 16.03
CA PRO A 43 4.30 -5.69 15.83
C PRO A 43 5.15 -5.53 17.08
N LYS A 44 6.41 -5.26 16.89
CA LYS A 44 7.35 -5.10 17.99
C LYS A 44 7.26 -3.71 18.57
N ARG A 45 6.48 -2.87 17.93
CA ARG A 45 6.32 -1.50 18.31
C ARG A 45 4.92 -1.11 18.01
N GLU A 46 4.67 0.16 18.01
CA GLU A 46 3.38 0.63 17.65
C GLU A 46 3.31 0.77 16.14
N ILE A 47 2.72 -0.19 15.49
CA ILE A 47 2.61 -0.18 14.09
C ILE A 47 1.16 -0.11 13.71
N LYS A 48 0.81 0.95 13.06
CA LYS A 48 -0.52 1.10 12.53
C LYS A 48 -0.45 1.17 11.03
N VAL A 49 -1.58 1.04 10.40
CA VAL A 49 -1.64 1.08 8.96
C VAL A 49 -2.55 2.19 8.48
N TYR A 50 -2.06 2.99 7.56
CA TYR A 50 -2.87 4.00 6.96
C TYR A 50 -3.65 3.42 5.81
N SER A 51 -4.94 3.50 5.90
CA SER A 51 -5.82 2.95 4.89
C SER A 51 -6.90 3.97 4.55
N ILE A 52 -7.68 3.66 3.55
CA ILE A 52 -8.74 4.53 3.14
C ILE A 52 -10.07 3.86 3.36
N ASP A 53 -11.03 4.64 3.76
CA ASP A 53 -12.35 4.15 3.98
C ASP A 53 -13.04 4.06 2.66
N LEU A 54 -13.64 2.95 2.40
CA LEU A 54 -14.20 2.66 1.13
C LEU A 54 -15.51 3.35 0.96
N GLU A 55 -16.11 3.61 2.06
CA GLU A 55 -17.43 4.19 2.09
C GLU A 55 -17.37 5.68 2.12
N THR A 56 -16.37 6.21 2.74
CA THR A 56 -16.27 7.61 2.91
C THR A 56 -15.14 8.20 2.10
N GLY A 57 -14.21 7.34 1.76
CA GLY A 57 -13.09 7.72 0.94
C GLY A 57 -12.03 8.48 1.72
N LYS A 58 -12.17 8.47 3.03
CA LYS A 58 -11.26 9.18 3.91
C LYS A 58 -10.09 8.33 4.30
N VAL A 59 -9.04 8.98 4.75
CA VAL A 59 -7.86 8.31 5.19
C VAL A 59 -7.95 8.02 6.68
N VAL A 60 -8.08 6.76 6.98
CA VAL A 60 -8.19 6.31 8.34
C VAL A 60 -6.95 5.51 8.74
N LEU A 61 -6.76 5.33 10.02
CA LEU A 61 -5.68 4.58 10.53
C LEU A 61 -6.21 3.45 11.40
N THR A 62 -5.59 2.32 11.32
CA THR A 62 -6.03 1.19 12.10
C THR A 62 -4.88 0.24 12.44
N ASP A 63 -5.15 -0.74 13.28
CA ASP A 63 -4.18 -1.73 13.68
C ASP A 63 -4.05 -2.80 12.62
N ILE A 64 -2.95 -3.50 12.69
CA ILE A 64 -2.64 -4.56 11.77
C ILE A 64 -2.94 -5.91 12.40
N GLU A 65 -3.55 -6.79 11.64
CA GLU A 65 -3.88 -8.13 12.11
C GLU A 65 -2.67 -9.01 11.97
N ASP A 66 -1.95 -8.79 10.88
CA ASP A 66 -0.77 -9.57 10.54
C ASP A 66 -0.24 -9.09 9.21
N VAL A 67 0.81 -9.70 8.75
CA VAL A 67 1.36 -9.35 7.48
C VAL A 67 1.26 -10.53 6.53
N ILE A 68 1.06 -10.21 5.28
CA ILE A 68 0.79 -11.21 4.27
C ILE A 68 2.04 -11.53 3.46
N LYS A 69 2.60 -12.70 3.67
CA LYS A 69 3.75 -13.14 2.92
C LYS A 69 3.40 -14.37 2.10
N ALA A 70 3.28 -14.19 0.82
CA ALA A 70 2.92 -15.26 -0.06
C ALA A 70 3.85 -15.32 -1.24
N PRO A 71 4.27 -16.52 -1.63
CA PRO A 71 5.17 -16.73 -2.78
C PRO A 71 4.73 -15.95 -4.03
N ALA A 72 5.69 -15.32 -4.68
CA ALA A 72 5.42 -14.58 -5.91
C ALA A 72 4.91 -15.54 -6.98
N THR A 73 3.61 -15.51 -7.19
CA THR A 73 2.94 -16.44 -8.09
C THR A 73 3.44 -16.33 -9.54
N ASP A 74 3.37 -15.14 -10.11
CA ASP A 74 3.75 -14.97 -11.50
C ASP A 74 4.45 -13.63 -11.69
N HIS A 75 4.13 -12.94 -12.78
CA HIS A 75 4.74 -11.67 -13.11
C HIS A 75 3.83 -10.57 -12.64
N LEU A 76 4.31 -9.37 -12.70
CA LEU A 76 3.53 -8.25 -12.19
C LEU A 76 3.33 -7.18 -13.25
N ILE A 77 2.16 -6.64 -13.26
CA ILE A 77 1.86 -5.53 -14.11
C ILE A 77 2.22 -4.25 -13.40
N ARG A 78 2.73 -3.29 -14.13
CA ARG A 78 3.12 -2.07 -13.57
C ARG A 78 2.34 -0.95 -14.19
N PHE A 79 1.94 -0.06 -13.37
CA PHE A 79 1.14 1.07 -13.77
C PHE A 79 1.92 2.33 -13.57
N GLU A 80 2.05 3.13 -14.60
CA GLU A 80 2.76 4.36 -14.50
C GLU A 80 1.80 5.48 -14.58
N LEU A 81 1.81 6.29 -13.60
CA LEU A 81 0.93 7.39 -13.53
C LEU A 81 1.53 8.61 -14.20
N GLU A 82 0.67 9.58 -14.51
CA GLU A 82 1.09 10.83 -15.16
C GLU A 82 2.03 11.63 -14.27
N ASP A 83 2.01 11.30 -13.00
CA ASP A 83 2.83 11.98 -12.01
C ASP A 83 4.13 11.22 -11.83
N GLY A 84 4.20 10.06 -12.46
CA GLY A 84 5.39 9.25 -12.40
C GLY A 84 5.36 8.23 -11.30
N ARG A 85 4.19 8.04 -10.74
CA ARG A 85 4.01 7.05 -9.72
C ARG A 85 3.83 5.74 -10.40
N SER A 86 4.41 4.72 -9.88
CA SER A 86 4.16 3.43 -10.45
C SER A 86 4.05 2.35 -9.41
N PHE A 87 3.13 1.46 -9.63
CA PHE A 87 2.92 0.36 -8.73
C PHE A 87 2.70 -0.92 -9.50
N GLU A 88 3.25 -1.99 -8.97
CA GLU A 88 3.15 -3.27 -9.61
C GLU A 88 2.26 -4.20 -8.86
N THR A 89 1.60 -5.05 -9.59
CA THR A 89 0.65 -5.98 -9.03
C THR A 89 0.80 -7.37 -9.64
N THR A 90 0.50 -8.40 -8.87
CA THR A 90 0.68 -9.79 -9.32
C THR A 90 -0.37 -10.21 -10.32
N VAL A 91 -1.18 -9.26 -10.77
CA VAL A 91 -2.23 -9.50 -11.75
C VAL A 91 -3.25 -10.55 -11.21
N ASP A 92 -4.38 -10.71 -11.91
CA ASP A 92 -5.44 -11.66 -11.50
C ASP A 92 -6.21 -11.15 -10.28
N HIS A 93 -5.49 -10.60 -9.33
CA HIS A 93 -6.12 -9.96 -8.19
C HIS A 93 -6.69 -8.58 -8.62
N PRO A 94 -7.79 -8.11 -8.01
CA PRO A 94 -8.44 -6.83 -8.36
C PRO A 94 -7.68 -5.58 -7.85
N VAL A 95 -7.69 -4.55 -8.70
CA VAL A 95 -7.12 -3.24 -8.45
C VAL A 95 -8.30 -2.25 -8.34
N LEU A 96 -8.13 -1.13 -7.63
CA LEU A 96 -9.25 -0.22 -7.44
C LEU A 96 -9.10 1.06 -8.27
N VAL A 97 -9.98 1.23 -9.26
CA VAL A 97 -9.96 2.42 -10.09
C VAL A 97 -11.19 3.28 -9.88
N TYR A 98 -11.03 4.56 -10.15
CA TYR A 98 -12.12 5.50 -10.00
C TYR A 98 -12.63 5.98 -11.36
N GLU A 99 -13.67 5.33 -11.84
CA GLU A 99 -14.30 5.71 -13.07
C GLU A 99 -15.79 5.50 -12.93
N ASN A 100 -16.58 6.16 -13.77
CA ASN A 100 -18.04 6.05 -13.71
C ASN A 100 -18.55 6.66 -12.41
N GLY A 101 -17.74 7.55 -11.85
CA GLY A 101 -18.07 8.19 -10.59
C GLY A 101 -18.11 7.22 -9.44
N ARG A 102 -17.60 6.02 -9.64
CA ARG A 102 -17.60 5.04 -8.65
C ARG A 102 -16.25 4.39 -8.56
N PHE A 103 -16.10 3.57 -7.58
CA PHE A 103 -14.88 2.82 -7.42
C PHE A 103 -15.12 1.43 -7.92
N ILE A 104 -14.34 0.99 -8.88
CA ILE A 104 -14.50 -0.35 -9.39
C ILE A 104 -13.21 -1.16 -9.24
N GLU A 105 -13.35 -2.47 -9.23
CA GLU A 105 -12.20 -3.35 -9.03
C GLU A 105 -11.89 -4.17 -10.27
N LYS A 106 -10.80 -3.86 -10.92
CA LYS A 106 -10.36 -4.57 -12.09
C LYS A 106 -9.07 -5.31 -11.79
N ARG A 107 -8.95 -6.52 -12.28
CA ARG A 107 -7.72 -7.29 -12.08
C ARG A 107 -6.56 -6.54 -12.70
N ALA A 108 -5.31 -6.74 -12.23
CA ALA A 108 -4.21 -6.00 -12.82
C ALA A 108 -4.17 -6.25 -14.31
N PHE A 109 -4.29 -7.52 -14.68
CA PHE A 109 -4.30 -7.92 -16.08
C PHE A 109 -5.61 -7.51 -16.78
N GLU A 110 -6.47 -6.82 -16.04
CA GLU A 110 -7.74 -6.35 -16.56
C GLU A 110 -7.77 -4.82 -16.59
N VAL A 111 -6.84 -4.21 -15.87
CA VAL A 111 -6.73 -2.78 -15.82
C VAL A 111 -6.13 -2.33 -17.13
N LYS A 112 -6.54 -1.19 -17.61
CA LYS A 112 -6.05 -0.72 -18.90
C LYS A 112 -5.34 0.58 -18.77
N GLU A 113 -4.74 0.99 -19.86
CA GLU A 113 -3.99 2.22 -19.87
C GLU A 113 -4.92 3.40 -19.80
N GLY A 114 -4.53 4.37 -19.01
CA GLY A 114 -5.38 5.50 -18.80
C GLY A 114 -6.34 5.30 -17.64
N ASP A 115 -6.18 4.17 -16.95
CA ASP A 115 -7.01 3.85 -15.78
C ASP A 115 -6.63 4.78 -14.64
N LYS A 116 -7.39 4.79 -13.57
CA LYS A 116 -7.08 5.71 -12.47
C LYS A 116 -7.00 5.02 -11.15
N VAL A 117 -6.28 5.63 -10.26
CA VAL A 117 -6.24 5.19 -8.90
C VAL A 117 -6.37 6.39 -8.01
N LEU A 118 -6.80 6.18 -6.79
CA LEU A 118 -6.95 7.27 -5.87
C LEU A 118 -5.73 7.38 -5.04
N VAL A 119 -5.24 8.57 -4.89
CA VAL A 119 -4.15 8.76 -4.04
C VAL A 119 -4.56 9.43 -2.80
N SER A 120 -4.26 8.80 -1.73
CA SER A 120 -4.52 9.33 -0.46
C SER A 120 -3.41 10.30 -0.16
N GLU A 121 -3.45 11.45 -0.81
CA GLU A 121 -2.37 12.47 -0.72
C GLU A 121 -2.16 13.05 0.69
N LEU A 122 -2.24 12.22 1.68
CA LEU A 122 -1.91 12.61 3.01
C LEU A 122 -0.40 12.53 3.16
N GLU A 123 0.22 13.62 3.55
CA GLU A 123 1.67 13.63 3.67
C GLU A 123 2.11 13.63 5.13
N LEU A 124 3.40 13.40 5.34
CA LEU A 124 3.97 13.29 6.68
C LEU A 124 5.22 14.12 6.74
N VAL A 125 5.20 15.16 5.96
CA VAL A 125 6.27 16.11 5.85
C VAL A 125 6.75 16.64 7.21
N GLU A 126 8.04 16.89 7.31
CA GLU A 126 8.68 17.43 8.49
C GLU A 126 10.06 17.93 8.09
N GLN A 127 10.62 18.85 8.85
CA GLN A 127 11.90 19.46 8.47
C GLN A 127 13.07 18.83 9.21
N SER A 128 12.87 17.61 9.71
CA SER A 128 13.91 16.92 10.45
C SER A 128 14.92 16.26 9.51
N SER A 129 14.55 15.09 8.95
CA SER A 129 15.43 14.30 8.05
C SER A 129 16.81 14.02 8.68
N SER A 130 16.87 14.11 10.00
CA SER A 130 18.11 13.93 10.73
C SER A 130 18.55 12.46 10.78
N SER A 131 17.75 11.63 11.43
CA SER A 131 18.04 10.22 11.55
C SER A 131 16.75 9.42 11.61
N GLN A 132 16.86 8.11 11.47
CA GLN A 132 15.70 7.24 11.52
C GLN A 132 15.28 7.02 12.97
N ASP A 133 14.31 7.79 13.40
CA ASP A 133 13.80 7.70 14.75
C ASP A 133 12.34 8.08 14.76
N ASN A 134 11.67 7.88 15.88
CA ASN A 134 10.27 8.21 15.99
C ASN A 134 10.06 9.36 16.97
N PRO A 135 10.23 10.60 16.50
CA PRO A 135 10.01 11.78 17.30
C PRO A 135 8.57 12.27 17.17
N LYS A 136 8.07 12.88 18.20
CA LYS A 136 6.70 13.34 18.22
C LYS A 136 6.58 14.54 19.13
N ASN A 137 6.39 15.67 18.53
CA ASN A 137 6.26 16.91 19.25
C ASN A 137 4.94 17.59 18.90
N GLU A 138 4.82 18.05 17.66
CA GLU A 138 3.60 18.68 17.21
C GLU A 138 3.18 18.17 15.84
N ASN A 139 3.33 19.02 14.81
CA ASN A 139 2.95 18.71 13.44
C ASN A 139 1.45 18.55 13.30
N LEU A 140 0.81 19.48 12.62
CA LEU A 140 -0.61 19.38 12.38
C LEU A 140 -0.85 18.24 11.41
N GLY A 141 -0.36 18.41 10.22
CA GLY A 141 -0.45 17.37 9.24
C GLY A 141 -1.68 17.52 8.38
N SER A 142 -2.10 18.76 8.16
CA SER A 142 -3.24 19.05 7.32
C SER A 142 -2.97 18.57 5.89
N PRO A 143 -3.76 17.61 5.40
CA PRO A 143 -3.55 17.03 4.10
C PRO A 143 -4.20 17.79 2.96
N GLU A 144 -5.52 17.68 2.89
CA GLU A 144 -6.32 18.28 1.81
C GLU A 144 -6.06 17.49 0.54
N HIS A 145 -6.62 16.30 0.47
CA HIS A 145 -6.36 15.41 -0.64
C HIS A 145 -7.63 15.02 -1.37
N ASP A 146 -7.66 15.32 -2.65
CA ASP A 146 -8.78 14.96 -3.52
C ASP A 146 -8.32 14.99 -4.94
N GLN A 147 -7.80 13.88 -5.41
CA GLN A 147 -7.29 13.80 -6.75
C GLN A 147 -7.09 12.35 -7.21
N LEU A 148 -7.43 12.10 -8.47
CA LEU A 148 -7.24 10.81 -9.07
C LEU A 148 -6.19 10.89 -10.12
N LEU A 149 -5.38 9.89 -10.18
CA LEU A 149 -4.30 9.86 -11.12
C LEU A 149 -4.48 8.76 -12.17
N GLU A 150 -4.24 9.13 -13.42
CA GLU A 150 -4.30 8.22 -14.55
C GLU A 150 -3.01 7.51 -14.80
N ILE A 151 -3.17 6.29 -15.19
CA ILE A 151 -2.11 5.43 -15.58
C ILE A 151 -1.72 5.73 -17.00
N LYS A 152 -0.65 6.41 -17.14
CA LYS A 152 -0.07 6.72 -18.38
C LYS A 152 0.32 5.47 -19.13
N ASN A 153 0.93 4.54 -18.42
CA ASN A 153 1.44 3.36 -19.07
C ASN A 153 1.45 2.15 -18.19
N ILE A 154 1.04 1.08 -18.78
CA ILE A 154 1.06 -0.21 -18.17
C ILE A 154 2.05 -1.13 -18.89
N LYS A 155 2.69 -1.98 -18.12
CA LYS A 155 3.65 -2.92 -18.63
C LYS A 155 3.67 -4.16 -17.78
N TYR A 156 4.18 -5.22 -18.33
CA TYR A 156 4.36 -6.44 -17.61
C TYR A 156 5.81 -6.55 -17.20
N VAL A 157 6.03 -6.48 -15.94
CA VAL A 157 7.35 -6.56 -15.38
C VAL A 157 7.44 -7.71 -14.37
N ARG A 158 8.49 -8.46 -14.46
CA ARG A 158 8.68 -9.63 -13.62
C ARG A 158 8.85 -9.28 -12.15
N ALA A 159 8.45 -10.22 -11.30
CA ALA A 159 8.57 -10.06 -9.86
C ALA A 159 10.02 -10.05 -9.42
N ASN A 160 10.38 -9.03 -8.66
CA ASN A 160 11.75 -8.87 -8.18
C ASN A 160 12.01 -9.76 -6.96
N ASP A 161 10.96 -10.11 -6.26
CA ASP A 161 11.10 -10.90 -5.03
C ASP A 161 10.54 -12.30 -5.24
N ASP A 162 10.57 -13.11 -4.20
CA ASP A 162 10.04 -14.47 -4.25
C ASP A 162 8.74 -14.52 -3.52
N PHE A 163 8.42 -13.44 -2.87
CA PHE A 163 7.19 -13.32 -2.16
C PHE A 163 6.56 -11.98 -2.47
N VAL A 164 5.29 -11.88 -2.24
CA VAL A 164 4.55 -10.67 -2.45
C VAL A 164 3.75 -10.38 -1.20
N PHE A 165 3.40 -9.12 -0.98
CA PHE A 165 2.79 -8.73 0.29
C PHE A 165 1.56 -7.86 0.06
N SER A 166 0.77 -7.62 1.14
CA SER A 166 -0.43 -6.75 1.05
C SER A 166 -0.75 -6.19 2.42
N LEU A 167 -0.37 -6.95 3.45
CA LEU A 167 -0.57 -6.59 4.85
C LEU A 167 -2.04 -6.74 5.26
N ASN A 168 -2.27 -7.63 6.18
CA ASN A 168 -3.62 -7.89 6.67
C ASN A 168 -3.92 -7.01 7.88
N ALA A 169 -4.78 -6.04 7.71
CA ALA A 169 -5.15 -5.16 8.79
C ALA A 169 -6.67 -5.06 8.89
N LYS A 170 -7.16 -4.07 9.63
CA LYS A 170 -8.59 -3.88 9.75
C LYS A 170 -9.19 -3.44 8.47
N LYS A 171 -10.40 -3.92 8.21
CA LYS A 171 -11.09 -3.65 6.95
C LYS A 171 -10.17 -3.96 5.78
N TYR A 172 -9.52 -5.13 5.86
CA TYR A 172 -8.55 -5.60 4.87
C TYR A 172 -9.05 -5.50 3.42
N HIS A 173 -8.12 -5.72 2.47
CA HIS A 173 -8.37 -5.59 1.03
C HIS A 173 -8.24 -4.14 0.61
N ASN A 174 -7.62 -3.33 1.46
CA ASN A 174 -7.40 -1.92 1.19
C ASN A 174 -6.10 -1.48 1.86
N VAL A 175 -5.33 -0.66 1.17
CA VAL A 175 -4.08 -0.15 1.71
C VAL A 175 -3.58 1.00 0.87
N ILE A 176 -2.61 1.73 1.39
CA ILE A 176 -2.05 2.85 0.71
C ILE A 176 -0.58 2.60 0.43
N ILE A 177 -0.24 2.47 -0.84
CA ILE A 177 1.09 2.14 -1.24
C ILE A 177 1.67 3.17 -2.19
N ASN A 178 2.95 3.01 -2.45
CA ASN A 178 3.71 3.89 -3.32
C ASN A 178 3.51 5.35 -2.91
N GLU A 179 3.18 6.19 -3.88
CA GLU A 179 2.88 7.58 -3.61
C GLU A 179 1.43 7.71 -3.19
N ASN A 180 1.03 6.80 -2.32
CA ASN A 180 -0.27 6.77 -1.71
C ASN A 180 -1.36 6.34 -2.66
N ILE A 181 -1.10 5.28 -3.35
CA ILE A 181 -2.01 4.74 -4.30
C ILE A 181 -2.91 3.76 -3.60
N VAL A 182 -4.19 4.07 -3.56
CA VAL A 182 -5.13 3.20 -2.95
C VAL A 182 -5.41 2.06 -3.89
N THR A 183 -5.84 0.97 -3.35
CA THR A 183 -6.12 -0.19 -4.13
C THR A 183 -6.81 -1.22 -3.28
N HIS A 184 -7.30 -2.25 -3.91
CA HIS A 184 -7.97 -3.33 -3.23
C HIS A 184 -7.19 -4.61 -3.35
N GLN A 185 -7.78 -5.70 -2.86
CA GLN A 185 -7.15 -7.03 -2.89
C GLN A 185 -6.74 -7.42 -4.30
N CYS A 1 -1.32 -8.79 -4.69
CA CYS A 1 -0.16 -8.42 -3.86
C CYS A 1 0.74 -7.43 -4.58
N PHE A 2 1.73 -6.92 -3.88
CA PHE A 2 2.65 -5.94 -4.42
C PHE A 2 4.06 -6.43 -4.14
N PRO A 3 5.09 -5.92 -4.86
CA PRO A 3 6.45 -6.33 -4.59
C PRO A 3 6.84 -5.84 -3.22
N GLY A 4 7.80 -6.47 -2.59
CA GLY A 4 8.22 -6.01 -1.28
C GLY A 4 8.67 -4.56 -1.29
N ASP A 5 9.09 -4.06 -2.47
CA ASP A 5 9.54 -2.65 -2.63
C ASP A 5 8.42 -1.64 -2.37
N THR A 6 7.21 -2.12 -2.46
CA THR A 6 6.06 -1.27 -2.32
C THR A 6 6.04 -0.61 -0.96
N ARG A 7 5.89 0.71 -0.96
CA ARG A 7 5.86 1.47 0.24
C ARG A 7 4.49 1.39 0.81
N ILE A 8 4.39 1.15 2.06
CA ILE A 8 3.13 1.10 2.72
C ILE A 8 3.10 2.12 3.85
N LEU A 9 2.04 2.89 3.91
CA LEU A 9 1.90 3.86 4.92
C LEU A 9 1.21 3.24 6.14
N VAL A 10 1.87 3.34 7.25
CA VAL A 10 1.38 2.80 8.51
C VAL A 10 1.55 3.80 9.63
N GLN A 11 1.22 3.39 10.82
CA GLN A 11 1.39 4.23 11.98
C GLN A 11 2.01 3.45 13.10
N ILE A 12 3.10 3.95 13.59
CA ILE A 12 3.80 3.32 14.65
C ILE A 12 3.88 4.23 15.81
N ASP A 13 3.33 3.78 16.88
CA ASP A 13 3.29 4.52 18.13
C ASP A 13 2.74 5.90 17.89
N GLY A 14 1.67 5.93 17.13
CA GLY A 14 1.04 7.17 16.75
C GLY A 14 1.84 8.02 15.80
N VAL A 15 2.77 7.40 15.11
CA VAL A 15 3.61 8.10 14.16
C VAL A 15 3.51 7.43 12.82
N PRO A 16 3.07 8.16 11.83
CA PRO A 16 2.93 7.65 10.50
C PRO A 16 4.26 7.47 9.82
N GLN A 17 4.53 6.27 9.37
CA GLN A 17 5.75 5.96 8.71
C GLN A 17 5.47 5.40 7.36
N LYS A 18 6.33 5.69 6.44
CA LYS A 18 6.21 5.15 5.13
C LYS A 18 7.36 4.24 4.85
N ILE A 19 7.12 2.99 4.98
CA ILE A 19 8.12 2.02 4.73
C ILE A 19 7.67 1.08 3.68
N THR A 20 8.43 0.07 3.40
CA THR A 20 8.01 -0.86 2.41
C THR A 20 7.28 -1.99 3.07
N LEU A 21 6.70 -2.83 2.29
CA LEU A 21 5.99 -3.96 2.79
C LEU A 21 6.92 -4.93 3.46
N ARG A 22 8.15 -4.99 2.99
CA ARG A 22 9.11 -5.91 3.55
C ARG A 22 9.66 -5.32 4.82
N GLU A 23 9.61 -4.00 4.89
CA GLU A 23 10.10 -3.27 6.01
C GLU A 23 9.05 -3.22 7.10
N LEU A 24 7.80 -3.04 6.69
CA LEU A 24 6.68 -3.06 7.61
C LEU A 24 6.68 -4.37 8.34
N TYR A 25 6.88 -5.41 7.57
CA TYR A 25 6.94 -6.77 8.02
C TYR A 25 7.87 -6.95 9.21
N GLU A 26 8.94 -6.20 9.20
CA GLU A 26 9.96 -6.34 10.21
C GLU A 26 9.54 -5.79 11.55
N LEU A 27 8.51 -4.97 11.56
CA LEU A 27 8.01 -4.40 12.77
C LEU A 27 7.14 -5.42 13.49
N PHE A 28 7.03 -6.59 12.88
CA PHE A 28 6.24 -7.65 13.37
C PHE A 28 7.10 -8.80 13.78
N GLU A 29 6.54 -9.65 14.57
CA GLU A 29 7.19 -10.85 15.00
C GLU A 29 6.22 -12.02 14.87
N ASP A 30 6.63 -13.20 15.32
CA ASP A 30 5.77 -14.41 15.30
C ASP A 30 5.35 -14.76 13.88
N GLU A 31 6.18 -15.54 13.22
CA GLU A 31 5.93 -15.95 11.87
C GLU A 31 5.45 -17.40 11.81
N ARG A 32 4.37 -17.58 11.13
CA ARG A 32 3.79 -18.87 10.92
C ARG A 32 3.95 -19.28 9.47
N TYR A 33 4.06 -20.56 9.24
CA TYR A 33 4.21 -21.08 7.89
C TYR A 33 3.04 -21.92 7.54
N GLU A 34 2.41 -21.56 6.50
CA GLU A 34 1.23 -22.25 6.04
C GLU A 34 0.92 -21.79 4.65
N ASN A 35 0.24 -22.64 3.91
CA ASN A 35 -0.19 -22.32 2.55
C ASN A 35 0.99 -22.07 1.67
N MET A 36 2.15 -22.51 2.15
CA MET A 36 3.39 -22.37 1.41
C MET A 36 3.81 -20.91 1.37
N VAL A 37 3.25 -20.13 2.29
CA VAL A 37 3.56 -18.72 2.39
C VAL A 37 3.93 -18.40 3.83
N TYR A 38 4.25 -17.16 4.10
CA TYR A 38 4.66 -16.77 5.42
C TYR A 38 3.74 -15.74 5.95
N VAL A 39 3.49 -15.85 7.20
CA VAL A 39 2.61 -14.97 7.87
C VAL A 39 3.26 -14.55 9.17
N ARG A 40 3.32 -13.29 9.40
CA ARG A 40 3.88 -12.79 10.61
C ARG A 40 2.84 -11.98 11.35
N LYS A 41 2.60 -12.29 12.58
CA LYS A 41 1.54 -11.65 13.32
C LYS A 41 1.98 -11.19 14.67
N LYS A 42 1.43 -10.05 15.10
CA LYS A 42 1.75 -9.40 16.37
C LYS A 42 2.95 -8.49 16.20
N PRO A 43 2.73 -7.19 16.31
CA PRO A 43 3.78 -6.23 16.19
C PRO A 43 4.59 -6.08 17.49
N LYS A 44 5.84 -5.72 17.34
CA LYS A 44 6.75 -5.60 18.49
C LYS A 44 6.62 -4.23 19.13
N ARG A 45 5.77 -3.42 18.56
CA ARG A 45 5.50 -2.09 19.02
C ARG A 45 4.09 -1.79 18.66
N GLU A 46 3.72 -0.55 18.72
CA GLU A 46 2.42 -0.18 18.28
C GLU A 46 2.47 0.02 16.78
N ILE A 47 1.99 -0.95 16.04
CA ILE A 47 1.96 -0.87 14.66
C ILE A 47 0.54 -0.88 14.23
N LYS A 48 0.15 0.17 13.61
CA LYS A 48 -1.17 0.25 13.05
C LYS A 48 -1.06 0.41 11.58
N VAL A 49 -2.15 0.22 10.91
CA VAL A 49 -2.15 0.29 9.48
C VAL A 49 -3.12 1.36 9.00
N TYR A 50 -2.66 2.17 8.07
CA TYR A 50 -3.51 3.17 7.47
C TYR A 50 -4.27 2.57 6.31
N SER A 51 -5.58 2.69 6.36
CA SER A 51 -6.44 2.18 5.31
C SER A 51 -7.52 3.20 4.97
N ILE A 52 -7.87 3.30 3.69
CA ILE A 52 -8.91 4.23 3.29
C ILE A 52 -10.24 3.55 3.27
N ASP A 53 -11.22 4.26 3.69
CA ASP A 53 -12.57 3.76 3.69
C ASP A 53 -13.14 4.02 2.32
N LEU A 54 -13.42 2.97 1.59
CA LEU A 54 -13.77 3.03 0.17
C LEU A 54 -15.17 3.53 -0.03
N GLU A 55 -15.84 3.71 1.04
CA GLU A 55 -17.20 4.14 1.02
C GLU A 55 -17.32 5.60 1.35
N THR A 56 -16.44 6.05 2.21
CA THR A 56 -16.50 7.40 2.67
C THR A 56 -15.34 8.23 2.17
N GLY A 57 -14.30 7.53 1.75
CA GLY A 57 -13.15 8.16 1.19
C GLY A 57 -12.20 8.69 2.23
N LYS A 58 -12.41 8.29 3.48
CA LYS A 58 -11.61 8.76 4.58
C LYS A 58 -10.44 7.85 4.85
N VAL A 59 -9.43 8.41 5.48
CA VAL A 59 -8.27 7.68 5.85
C VAL A 59 -8.39 7.26 7.31
N VAL A 60 -8.65 6.02 7.52
CA VAL A 60 -8.81 5.50 8.84
C VAL A 60 -7.63 4.60 9.21
N LEU A 61 -7.48 4.35 10.50
CA LEU A 61 -6.41 3.56 10.98
C LEU A 61 -6.94 2.39 11.76
N THR A 62 -6.32 1.25 11.61
CA THR A 62 -6.74 0.04 12.29
C THR A 62 -5.56 -0.87 12.63
N ASP A 63 -5.83 -1.92 13.41
CA ASP A 63 -4.83 -2.91 13.78
C ASP A 63 -4.57 -3.88 12.66
N ILE A 64 -3.48 -4.56 12.77
CA ILE A 64 -3.04 -5.53 11.79
C ILE A 64 -3.40 -6.95 12.23
N GLU A 65 -3.73 -7.81 11.28
CA GLU A 65 -4.05 -9.20 11.54
C GLU A 65 -2.79 -10.03 11.44
N ASP A 66 -1.96 -9.66 10.46
CA ASP A 66 -0.70 -10.36 10.17
C ASP A 66 -0.04 -9.77 8.94
N VAL A 67 1.11 -10.29 8.62
CA VAL A 67 1.87 -9.84 7.47
C VAL A 67 1.80 -10.88 6.38
N ILE A 68 1.46 -10.43 5.19
CA ILE A 68 1.31 -11.31 4.05
C ILE A 68 2.61 -11.42 3.29
N LYS A 69 3.22 -12.58 3.33
CA LYS A 69 4.43 -12.84 2.57
C LYS A 69 4.26 -14.10 1.74
N ALA A 70 4.22 -13.93 0.44
CA ALA A 70 3.97 -15.04 -0.45
C ALA A 70 4.98 -15.06 -1.59
N PRO A 71 5.51 -16.24 -1.90
CA PRO A 71 6.46 -16.45 -3.01
C PRO A 71 6.05 -15.74 -4.31
N ALA A 72 6.98 -15.01 -4.88
CA ALA A 72 6.75 -14.28 -6.13
C ALA A 72 7.18 -15.12 -7.32
N THR A 73 6.24 -15.48 -8.17
CA THR A 73 6.52 -16.34 -9.30
C THR A 73 6.15 -15.72 -10.65
N ASP A 74 4.85 -15.52 -10.88
CA ASP A 74 4.33 -15.02 -12.17
C ASP A 74 4.93 -13.68 -12.58
N HIS A 75 4.26 -12.59 -12.22
CA HIS A 75 4.69 -11.25 -12.60
C HIS A 75 3.82 -10.22 -12.02
N LEU A 76 4.23 -9.00 -12.19
CA LEU A 76 3.47 -7.91 -11.69
C LEU A 76 3.28 -6.83 -12.76
N ILE A 77 2.13 -6.27 -12.77
CA ILE A 77 1.86 -5.15 -13.63
C ILE A 77 2.26 -3.88 -12.92
N ARG A 78 2.80 -2.93 -13.66
CA ARG A 78 3.22 -1.72 -13.10
C ARG A 78 2.40 -0.59 -13.64
N PHE A 79 2.03 0.27 -12.78
CA PHE A 79 1.25 1.42 -13.13
C PHE A 79 2.05 2.65 -12.90
N GLU A 80 2.26 3.44 -13.92
CA GLU A 80 3.02 4.63 -13.78
C GLU A 80 2.13 5.79 -13.88
N LEU A 81 2.11 6.57 -12.86
CA LEU A 81 1.28 7.70 -12.79
C LEU A 81 1.94 8.91 -13.43
N GLU A 82 1.12 9.89 -13.78
CA GLU A 82 1.59 11.13 -14.42
C GLU A 82 2.59 11.88 -13.51
N ASP A 83 2.57 11.54 -12.23
CA ASP A 83 3.46 12.16 -11.24
C ASP A 83 4.71 11.36 -11.09
N GLY A 84 4.72 10.20 -11.72
CA GLY A 84 5.85 9.33 -11.65
C GLY A 84 5.74 8.32 -10.54
N ARG A 85 4.53 8.16 -10.04
CA ARG A 85 4.27 7.19 -9.01
C ARG A 85 4.04 5.88 -9.67
N SER A 86 4.57 4.84 -9.14
CA SER A 86 4.29 3.57 -9.72
C SER A 86 4.11 2.50 -8.67
N PHE A 87 3.15 1.65 -8.91
CA PHE A 87 2.88 0.56 -8.04
C PHE A 87 2.66 -0.70 -8.83
N GLU A 88 3.07 -1.80 -8.27
CA GLU A 88 2.97 -3.07 -8.94
C GLU A 88 2.10 -4.02 -8.18
N THR A 89 1.43 -4.86 -8.91
CA THR A 89 0.53 -5.84 -8.34
C THR A 89 0.67 -7.17 -9.04
N THR A 90 0.35 -8.26 -8.34
CA THR A 90 0.49 -9.61 -8.86
C THR A 90 -0.56 -9.92 -9.92
N VAL A 91 -1.25 -8.88 -10.35
CA VAL A 91 -2.25 -8.92 -11.42
C VAL A 91 -3.52 -9.71 -11.05
N ASP A 92 -3.39 -10.65 -10.15
CA ASP A 92 -4.51 -11.48 -9.70
C ASP A 92 -5.30 -10.76 -8.62
N HIS A 93 -4.85 -9.58 -8.25
CA HIS A 93 -5.50 -8.80 -7.21
C HIS A 93 -6.19 -7.57 -7.77
N PRO A 94 -7.42 -7.28 -7.31
CA PRO A 94 -8.20 -6.12 -7.75
C PRO A 94 -7.57 -4.78 -7.37
N VAL A 95 -7.53 -3.88 -8.33
CA VAL A 95 -7.05 -2.54 -8.16
C VAL A 95 -8.26 -1.60 -8.09
N LEU A 96 -8.14 -0.50 -7.37
CA LEU A 96 -9.26 0.39 -7.19
C LEU A 96 -9.09 1.67 -7.99
N VAL A 97 -9.94 1.87 -8.97
CA VAL A 97 -9.91 3.06 -9.78
C VAL A 97 -11.14 3.91 -9.57
N TYR A 98 -10.97 5.20 -9.76
CA TYR A 98 -12.05 6.15 -9.61
C TYR A 98 -12.52 6.62 -11.00
N GLU A 99 -13.53 5.96 -11.50
CA GLU A 99 -14.12 6.32 -12.77
C GLU A 99 -15.61 6.14 -12.69
N ASN A 100 -16.36 6.80 -13.56
CA ASN A 100 -17.82 6.73 -13.55
C ASN A 100 -18.36 7.29 -12.23
N GLY A 101 -17.55 8.14 -11.61
CA GLY A 101 -17.90 8.73 -10.33
C GLY A 101 -17.98 7.71 -9.22
N ARG A 102 -17.51 6.51 -9.47
CA ARG A 102 -17.58 5.49 -8.51
C ARG A 102 -16.25 4.80 -8.41
N PHE A 103 -16.15 3.95 -7.46
CA PHE A 103 -14.96 3.19 -7.27
C PHE A 103 -15.18 1.81 -7.81
N ILE A 104 -14.39 1.40 -8.77
CA ILE A 104 -14.54 0.08 -9.30
C ILE A 104 -13.32 -0.77 -9.05
N GLU A 105 -13.53 -2.07 -8.99
CA GLU A 105 -12.46 -3.00 -8.70
C GLU A 105 -12.13 -3.81 -9.93
N LYS A 106 -10.95 -3.58 -10.45
CA LYS A 106 -10.44 -4.30 -11.61
C LYS A 106 -9.06 -4.81 -11.30
N ARG A 107 -8.78 -6.07 -11.62
CA ARG A 107 -7.48 -6.66 -11.30
C ARG A 107 -6.40 -5.99 -12.12
N ALA A 108 -5.13 -6.14 -11.74
CA ALA A 108 -4.07 -5.43 -12.43
C ALA A 108 -4.08 -5.75 -13.90
N PHE A 109 -4.21 -7.02 -14.22
CA PHE A 109 -4.25 -7.47 -15.59
C PHE A 109 -5.55 -7.08 -16.29
N GLU A 110 -6.41 -6.37 -15.57
CA GLU A 110 -7.68 -5.93 -16.08
C GLU A 110 -7.73 -4.39 -16.13
N VAL A 111 -6.82 -3.78 -15.42
CA VAL A 111 -6.70 -2.34 -15.39
C VAL A 111 -6.11 -1.89 -16.72
N LYS A 112 -6.48 -0.72 -17.17
CA LYS A 112 -5.99 -0.24 -18.43
C LYS A 112 -5.21 1.01 -18.25
N GLU A 113 -4.56 1.43 -19.27
CA GLU A 113 -3.75 2.61 -19.20
C GLU A 113 -4.63 3.83 -19.24
N GLY A 114 -4.22 4.84 -18.50
CA GLY A 114 -5.05 6.02 -18.37
C GLY A 114 -6.03 5.88 -17.24
N ASP A 115 -5.91 4.77 -16.51
CA ASP A 115 -6.78 4.48 -15.38
C ASP A 115 -6.34 5.33 -14.19
N LYS A 116 -7.15 5.41 -13.17
CA LYS A 116 -6.78 6.22 -11.99
C LYS A 116 -6.76 5.37 -10.76
N VAL A 117 -6.21 5.91 -9.73
CA VAL A 117 -6.28 5.31 -8.44
C VAL A 117 -6.62 6.37 -7.44
N LEU A 118 -7.09 5.96 -6.31
CA LEU A 118 -7.39 6.90 -5.29
C LEU A 118 -6.20 7.03 -4.40
N VAL A 119 -5.86 8.21 -4.08
CA VAL A 119 -4.82 8.43 -3.15
C VAL A 119 -5.44 8.74 -1.83
N SER A 120 -4.75 8.39 -0.77
CA SER A 120 -5.25 8.64 0.56
C SER A 120 -5.33 10.12 0.85
N GLU A 121 -4.84 10.88 -0.11
CA GLU A 121 -4.78 12.32 -0.05
C GLU A 121 -4.39 12.80 1.32
N LEU A 122 -3.14 12.57 1.68
CA LEU A 122 -2.67 12.92 2.99
C LEU A 122 -1.18 12.66 3.08
N GLU A 123 -0.41 13.66 3.41
CA GLU A 123 1.02 13.48 3.48
C GLU A 123 1.61 13.94 4.82
N LEU A 124 1.95 12.94 5.64
CA LEU A 124 2.64 13.11 6.93
C LEU A 124 3.95 13.90 6.79
N VAL A 125 4.36 14.14 5.53
CA VAL A 125 5.60 14.84 5.20
C VAL A 125 6.80 13.95 5.45
N GLU A 126 6.96 13.02 4.56
CA GLU A 126 8.03 12.05 4.60
C GLU A 126 8.44 11.71 3.17
N GLN A 127 9.72 11.74 2.89
CA GLN A 127 10.22 11.47 1.56
C GLN A 127 11.15 10.26 1.59
N SER A 128 12.33 10.47 2.14
CA SER A 128 13.30 9.43 2.28
C SER A 128 13.72 9.35 3.74
N SER A 129 13.36 8.26 4.39
CA SER A 129 13.64 8.08 5.81
C SER A 129 15.15 8.08 6.08
N SER A 130 15.64 9.22 6.53
CA SER A 130 17.04 9.37 6.87
C SER A 130 17.24 9.08 8.36
N SER A 131 16.22 9.32 9.14
CA SER A 131 16.29 9.10 10.56
C SER A 131 15.36 7.96 10.97
N GLN A 132 15.82 7.14 11.90
CA GLN A 132 15.00 6.08 12.44
C GLN A 132 14.03 6.66 13.43
N ASP A 133 14.42 7.81 13.96
CA ASP A 133 13.59 8.57 14.87
C ASP A 133 12.59 9.38 14.06
N ASN A 134 11.46 9.70 14.64
CA ASN A 134 10.45 10.45 13.93
C ASN A 134 10.05 11.69 14.72
N PRO A 135 10.88 12.72 14.65
CA PRO A 135 10.66 13.96 15.36
C PRO A 135 10.02 15.01 14.48
N LYS A 136 9.12 14.60 13.61
CA LYS A 136 8.48 15.51 12.68
C LYS A 136 7.23 14.87 12.12
N ASN A 137 6.15 15.63 12.09
CA ASN A 137 4.87 15.16 11.57
C ASN A 137 4.01 16.34 11.17
N GLU A 138 4.04 16.68 9.88
CA GLU A 138 3.32 17.84 9.32
C GLU A 138 3.84 19.16 9.94
N ASN A 139 3.32 20.29 9.50
CA ASN A 139 3.78 21.59 9.99
C ASN A 139 2.65 22.39 10.60
N LEU A 140 1.45 22.10 10.18
CA LEU A 140 0.28 22.81 10.65
C LEU A 140 -0.80 21.85 11.12
N GLY A 141 -0.90 20.76 10.41
CA GLY A 141 -1.89 19.75 10.71
C GLY A 141 -2.81 19.50 9.54
N SER A 142 -3.04 20.54 8.76
CA SER A 142 -3.90 20.44 7.61
C SER A 142 -3.05 20.25 6.34
N PRO A 143 -3.22 19.11 5.66
CA PRO A 143 -2.46 18.81 4.45
C PRO A 143 -3.05 19.44 3.21
N GLU A 144 -2.35 19.30 2.12
CA GLU A 144 -2.77 19.85 0.85
C GLU A 144 -3.07 18.72 -0.12
N HIS A 145 -4.32 18.61 -0.51
CA HIS A 145 -4.74 17.54 -1.41
C HIS A 145 -6.05 17.89 -2.08
N ASP A 146 -6.24 17.40 -3.30
CA ASP A 146 -7.47 17.63 -4.07
C ASP A 146 -7.30 17.05 -5.46
N GLN A 147 -6.79 15.84 -5.53
CA GLN A 147 -6.45 15.29 -6.82
C GLN A 147 -6.24 13.78 -6.82
N LEU A 148 -6.72 13.12 -7.87
CA LEU A 148 -6.44 11.74 -8.11
C LEU A 148 -5.59 11.63 -9.32
N LEU A 149 -4.84 10.60 -9.40
CA LEU A 149 -3.84 10.48 -10.44
C LEU A 149 -4.10 9.33 -11.43
N GLU A 150 -3.87 9.63 -12.72
CA GLU A 150 -3.97 8.67 -13.82
C GLU A 150 -2.68 7.95 -14.10
N ILE A 151 -2.85 6.75 -14.50
CA ILE A 151 -1.81 5.89 -14.92
C ILE A 151 -1.40 6.21 -16.33
N LYS A 152 -0.27 6.79 -16.43
CA LYS A 152 0.33 7.13 -17.68
C LYS A 152 0.75 5.88 -18.43
N ASN A 153 1.27 4.91 -17.70
CA ASN A 153 1.79 3.71 -18.34
C ASN A 153 1.71 2.48 -17.52
N ILE A 154 1.20 1.46 -18.16
CA ILE A 154 1.13 0.16 -17.58
C ILE A 154 1.96 -0.84 -18.36
N LYS A 155 2.78 -1.58 -17.64
CA LYS A 155 3.60 -2.60 -18.23
C LYS A 155 3.59 -3.84 -17.39
N TYR A 156 4.07 -4.90 -17.96
CA TYR A 156 4.25 -6.12 -17.27
C TYR A 156 5.69 -6.26 -16.89
N VAL A 157 5.91 -6.26 -15.63
CA VAL A 157 7.24 -6.35 -15.10
C VAL A 157 7.32 -7.48 -14.08
N ARG A 158 8.32 -8.28 -14.19
CA ARG A 158 8.46 -9.42 -13.34
C ARG A 158 8.81 -8.99 -11.92
N ALA A 159 8.48 -9.84 -10.97
CA ALA A 159 8.72 -9.57 -9.58
C ALA A 159 10.20 -9.61 -9.29
N ASN A 160 10.76 -8.48 -8.95
CA ASN A 160 12.18 -8.38 -8.64
C ASN A 160 12.48 -9.05 -7.32
N ASP A 161 11.45 -9.25 -6.52
CA ASP A 161 11.59 -9.88 -5.24
C ASP A 161 11.18 -11.33 -5.35
N ASP A 162 11.51 -12.10 -4.33
CA ASP A 162 11.16 -13.51 -4.30
C ASP A 162 9.85 -13.70 -3.57
N PHE A 163 9.37 -12.62 -2.99
CA PHE A 163 8.14 -12.63 -2.24
C PHE A 163 7.39 -11.34 -2.45
N VAL A 164 6.10 -11.41 -2.37
CA VAL A 164 5.26 -10.26 -2.47
C VAL A 164 4.47 -10.11 -1.18
N PHE A 165 4.04 -8.90 -0.88
CA PHE A 165 3.34 -8.63 0.37
C PHE A 165 2.06 -7.86 0.11
N SER A 166 1.26 -7.66 1.16
CA SER A 166 0.03 -6.89 1.05
C SER A 166 -0.38 -6.39 2.41
N LEU A 167 0.07 -7.13 3.44
CA LEU A 167 -0.22 -6.81 4.84
C LEU A 167 -1.70 -7.04 5.15
N ASN A 168 -1.94 -8.03 5.97
CA ASN A 168 -3.30 -8.41 6.35
C ASN A 168 -3.73 -7.66 7.59
N ALA A 169 -4.69 -6.79 7.46
CA ALA A 169 -5.19 -6.03 8.59
C ALA A 169 -6.70 -6.02 8.62
N LYS A 170 -7.28 -5.24 9.53
CA LYS A 170 -8.73 -5.14 9.63
C LYS A 170 -9.29 -4.49 8.38
N LYS A 171 -10.29 -5.14 7.76
CA LYS A 171 -10.85 -4.69 6.49
C LYS A 171 -9.73 -4.72 5.44
N TYR A 172 -9.00 -5.84 5.44
CA TYR A 172 -7.83 -6.07 4.58
C TYR A 172 -8.12 -5.94 3.09
N HIS A 173 -7.05 -6.13 2.28
CA HIS A 173 -7.09 -5.95 0.82
C HIS A 173 -7.23 -4.48 0.50
N ASN A 174 -6.89 -3.65 1.47
CA ASN A 174 -7.01 -2.23 1.38
C ASN A 174 -5.95 -1.55 2.21
N VAL A 175 -5.05 -0.84 1.58
CA VAL A 175 -3.98 -0.17 2.28
C VAL A 175 -3.39 0.93 1.44
N ILE A 176 -2.75 1.87 2.09
CA ILE A 176 -2.15 2.98 1.42
C ILE A 176 -0.68 2.67 1.11
N ILE A 177 -0.37 2.59 -0.16
CA ILE A 177 0.96 2.27 -0.57
C ILE A 177 1.56 3.36 -1.43
N ASN A 178 2.83 3.22 -1.70
CA ASN A 178 3.60 4.15 -2.53
C ASN A 178 3.33 5.59 -2.12
N GLU A 179 2.96 6.42 -3.08
CA GLU A 179 2.62 7.79 -2.82
C GLU A 179 1.12 7.90 -2.55
N ASN A 180 0.69 7.11 -1.58
CA ASN A 180 -0.67 7.04 -1.10
C ASN A 180 -1.63 6.42 -2.09
N ILE A 181 -1.25 5.35 -2.69
CA ILE A 181 -2.08 4.69 -3.66
C ILE A 181 -2.93 3.63 -2.98
N VAL A 182 -4.23 3.80 -3.04
CA VAL A 182 -5.15 2.84 -2.46
C VAL A 182 -5.59 1.84 -3.51
N THR A 183 -6.10 0.72 -3.07
CA THR A 183 -6.51 -0.32 -3.98
C THR A 183 -7.51 -1.27 -3.31
N HIS A 184 -8.37 -1.89 -4.15
CA HIS A 184 -9.42 -2.84 -3.70
C HIS A 184 -10.15 -2.36 -2.41
N GLN A 185 -10.59 -3.29 -1.59
CA GLN A 185 -11.26 -3.00 -0.34
C GLN A 185 -11.04 -4.15 0.62
N CYS A 1 0.16 -9.24 -2.48
CA CYS A 1 0.03 -9.10 -3.96
C CYS A 1 0.95 -8.01 -4.51
N PHE A 2 1.95 -7.66 -3.74
CA PHE A 2 2.94 -6.67 -4.13
C PHE A 2 4.32 -7.31 -4.04
N PRO A 3 5.28 -6.88 -4.87
CA PRO A 3 6.62 -7.50 -4.92
C PRO A 3 7.33 -7.46 -3.57
N GLY A 4 6.98 -6.48 -2.78
CA GLY A 4 7.59 -6.27 -1.52
C GLY A 4 8.22 -4.92 -1.51
N ASP A 5 8.80 -4.57 -2.66
CA ASP A 5 9.40 -3.24 -2.87
C ASP A 5 8.34 -2.15 -2.93
N THR A 6 7.12 -2.56 -2.81
CA THR A 6 6.02 -1.65 -2.76
C THR A 6 6.09 -0.90 -1.45
N ARG A 7 6.04 0.41 -1.51
CA ARG A 7 6.14 1.21 -0.35
C ARG A 7 4.78 1.32 0.28
N ILE A 8 4.71 1.11 1.55
CA ILE A 8 3.47 1.15 2.26
C ILE A 8 3.51 2.18 3.38
N LEU A 9 2.50 3.02 3.45
CA LEU A 9 2.42 4.00 4.45
C LEU A 9 1.67 3.44 5.65
N VAL A 10 2.32 3.48 6.77
CA VAL A 10 1.77 2.96 8.02
C VAL A 10 1.98 3.95 9.14
N GLN A 11 1.62 3.56 10.34
CA GLN A 11 1.85 4.37 11.50
C GLN A 11 2.50 3.55 12.56
N ILE A 12 3.65 3.98 12.96
CA ILE A 12 4.41 3.30 13.92
C ILE A 12 4.68 4.19 15.07
N ASP A 13 4.27 3.74 16.20
CA ASP A 13 4.43 4.48 17.47
C ASP A 13 3.80 5.84 17.34
N GLY A 14 2.70 5.89 16.63
CA GLY A 14 2.02 7.13 16.34
C GLY A 14 2.75 7.99 15.35
N VAL A 15 3.66 7.40 14.62
CA VAL A 15 4.43 8.10 13.63
C VAL A 15 4.29 7.41 12.30
N PRO A 16 3.68 8.07 11.34
CA PRO A 16 3.49 7.52 10.03
C PRO A 16 4.82 7.30 9.33
N GLN A 17 5.05 6.09 8.89
CA GLN A 17 6.26 5.76 8.22
C GLN A 17 5.94 5.23 6.87
N LYS A 18 6.73 5.60 5.93
CA LYS A 18 6.57 5.08 4.62
C LYS A 18 7.69 4.14 4.33
N ILE A 19 7.43 2.89 4.45
CA ILE A 19 8.42 1.90 4.18
C ILE A 19 7.92 0.96 3.16
N THR A 20 8.63 -0.11 2.92
CA THR A 20 8.16 -1.06 1.96
C THR A 20 7.41 -2.14 2.65
N LEU A 21 6.77 -2.98 1.89
CA LEU A 21 6.04 -4.07 2.44
C LEU A 21 6.97 -5.14 2.93
N ARG A 22 8.18 -5.14 2.44
CA ARG A 22 9.16 -6.10 2.87
C ARG A 22 9.81 -5.58 4.12
N GLU A 23 9.79 -4.27 4.26
CA GLU A 23 10.34 -3.60 5.40
C GLU A 23 9.34 -3.56 6.53
N LEU A 24 8.09 -3.23 6.19
CA LEU A 24 7.00 -3.19 7.16
C LEU A 24 6.87 -4.53 7.86
N TYR A 25 6.94 -5.55 7.06
CA TYR A 25 6.83 -6.93 7.45
C TYR A 25 7.83 -7.32 8.52
N GLU A 26 8.91 -6.60 8.57
CA GLU A 26 9.96 -6.86 9.52
C GLU A 26 9.68 -6.22 10.86
N LEU A 27 8.70 -5.33 10.88
CA LEU A 27 8.29 -4.66 12.09
C LEU A 27 7.37 -5.59 12.90
N PHE A 28 7.24 -6.80 12.40
CA PHE A 28 6.40 -7.79 12.98
C PHE A 28 7.22 -8.99 13.40
N GLU A 29 6.61 -9.84 14.18
CA GLU A 29 7.20 -11.10 14.58
C GLU A 29 6.13 -12.18 14.56
N ASP A 30 6.48 -13.37 15.04
CA ASP A 30 5.57 -14.52 15.08
C ASP A 30 5.15 -14.92 13.68
N GLU A 31 5.98 -15.70 13.04
CA GLU A 31 5.70 -16.13 11.70
C GLU A 31 5.34 -17.58 11.67
N ARG A 32 4.25 -17.83 11.02
CA ARG A 32 3.72 -19.14 10.85
C ARG A 32 3.52 -19.47 9.39
N TYR A 33 3.51 -20.74 9.09
CA TYR A 33 3.35 -21.21 7.73
C TYR A 33 1.99 -21.80 7.58
N GLU A 34 1.28 -21.31 6.62
CA GLU A 34 -0.09 -21.73 6.39
C GLU A 34 -0.51 -21.30 5.02
N ASN A 35 -1.38 -22.08 4.41
CA ASN A 35 -1.90 -21.78 3.07
C ASN A 35 -0.79 -21.76 2.08
N MET A 36 0.33 -22.38 2.44
CA MET A 36 1.50 -22.47 1.61
C MET A 36 2.19 -21.12 1.52
N VAL A 37 1.87 -20.25 2.46
CA VAL A 37 2.47 -18.96 2.56
C VAL A 37 2.88 -18.72 4.00
N TYR A 38 3.41 -17.57 4.29
CA TYR A 38 3.84 -17.26 5.61
C TYR A 38 3.03 -16.15 6.17
N VAL A 39 2.72 -16.28 7.41
CA VAL A 39 1.90 -15.34 8.08
C VAL A 39 2.60 -14.88 9.33
N ARG A 40 2.78 -13.61 9.45
CA ARG A 40 3.46 -13.04 10.59
C ARG A 40 2.50 -12.16 11.32
N LYS A 41 2.34 -12.38 12.59
CA LYS A 41 1.37 -11.61 13.33
C LYS A 41 1.91 -11.07 14.61
N LYS A 42 1.39 -9.89 14.97
CA LYS A 42 1.78 -9.16 16.16
C LYS A 42 3.04 -8.37 15.94
N PRO A 43 2.90 -7.06 15.93
CA PRO A 43 4.01 -6.15 15.74
C PRO A 43 4.85 -6.02 17.00
N LYS A 44 6.12 -5.73 16.83
CA LYS A 44 7.05 -5.60 17.94
C LYS A 44 6.96 -4.21 18.54
N ARG A 45 6.16 -3.39 17.93
CA ARG A 45 5.93 -2.05 18.32
C ARG A 45 4.51 -1.74 18.05
N GLU A 46 4.19 -0.49 18.06
CA GLU A 46 2.91 -0.07 17.68
C GLU A 46 2.90 0.17 16.18
N ILE A 47 2.39 -0.79 15.45
CA ILE A 47 2.31 -0.71 14.05
C ILE A 47 0.88 -0.65 13.66
N LYS A 48 0.52 0.38 12.98
CA LYS A 48 -0.82 0.50 12.44
C LYS A 48 -0.75 0.72 10.94
N VAL A 49 -1.86 0.56 10.29
CA VAL A 49 -1.91 0.74 8.83
C VAL A 49 -2.75 1.92 8.44
N TYR A 50 -2.17 2.79 7.66
CA TYR A 50 -2.91 3.90 7.14
C TYR A 50 -3.66 3.48 5.90
N SER A 51 -4.94 3.66 5.94
CA SER A 51 -5.80 3.26 4.86
C SER A 51 -6.74 4.40 4.49
N ILE A 52 -7.48 4.22 3.44
CA ILE A 52 -8.43 5.21 3.03
C ILE A 52 -9.81 4.62 2.99
N ASP A 53 -10.75 5.40 3.43
CA ASP A 53 -12.14 5.00 3.46
C ASP A 53 -12.72 5.18 2.10
N LEU A 54 -13.21 4.11 1.56
CA LEU A 54 -13.67 4.05 0.19
C LEU A 54 -14.87 4.87 -0.03
N GLU A 55 -15.58 5.08 1.01
CA GLU A 55 -16.86 5.73 0.91
C GLU A 55 -16.76 7.19 1.12
N THR A 56 -15.76 7.60 1.79
CA THR A 56 -15.64 8.97 2.13
C THR A 56 -14.39 9.58 1.57
N GLY A 57 -13.38 8.74 1.36
CA GLY A 57 -12.14 9.18 0.82
C GLY A 57 -11.22 9.71 1.90
N LYS A 58 -11.58 9.42 3.14
CA LYS A 58 -10.82 9.87 4.29
C LYS A 58 -9.67 8.94 4.60
N VAL A 59 -8.66 9.50 5.22
CA VAL A 59 -7.51 8.75 5.60
C VAL A 59 -7.66 8.25 7.03
N VAL A 60 -7.94 7.00 7.15
CA VAL A 60 -8.16 6.39 8.42
C VAL A 60 -7.01 5.43 8.78
N LEU A 61 -6.92 5.08 10.04
CA LEU A 61 -5.92 4.20 10.51
C LEU A 61 -6.57 3.01 11.19
N THR A 62 -6.03 1.84 10.97
CA THR A 62 -6.56 0.64 11.57
C THR A 62 -5.44 -0.32 11.94
N ASP A 63 -5.81 -1.38 12.64
CA ASP A 63 -4.86 -2.39 13.09
C ASP A 63 -4.63 -3.42 12.03
N ILE A 64 -3.55 -4.12 12.20
CA ILE A 64 -3.14 -5.15 11.29
C ILE A 64 -3.57 -6.52 11.82
N GLU A 65 -4.00 -7.39 10.93
CA GLU A 65 -4.40 -8.72 11.29
C GLU A 65 -3.17 -9.59 11.32
N ASP A 66 -2.30 -9.35 10.36
CA ASP A 66 -1.08 -10.12 10.17
C ASP A 66 -0.37 -9.71 8.91
N VAL A 67 0.78 -10.28 8.70
CA VAL A 67 1.56 -9.99 7.53
C VAL A 67 1.46 -11.12 6.58
N ILE A 68 1.41 -10.80 5.33
CA ILE A 68 1.30 -11.81 4.35
C ILE A 68 2.55 -11.89 3.50
N LYS A 69 3.13 -13.08 3.48
CA LYS A 69 4.31 -13.36 2.68
C LYS A 69 4.07 -14.62 1.87
N ALA A 70 4.01 -14.47 0.57
CA ALA A 70 3.72 -15.59 -0.29
C ALA A 70 4.76 -15.74 -1.35
N PRO A 71 5.13 -16.98 -1.65
CA PRO A 71 6.13 -17.28 -2.67
C PRO A 71 5.79 -16.64 -4.02
N ALA A 72 6.73 -15.86 -4.54
CA ALA A 72 6.55 -15.19 -5.82
C ALA A 72 6.80 -16.16 -6.95
N THR A 73 5.73 -16.57 -7.61
CA THR A 73 5.82 -17.51 -8.70
C THR A 73 5.14 -16.94 -9.95
N ASP A 74 4.17 -16.06 -9.73
CA ASP A 74 3.44 -15.41 -10.82
C ASP A 74 4.27 -14.28 -11.43
N HIS A 75 3.63 -13.16 -11.71
CA HIS A 75 4.28 -11.99 -12.32
C HIS A 75 3.49 -10.79 -11.92
N LEU A 76 3.97 -9.62 -12.21
CA LEU A 76 3.28 -8.43 -11.76
C LEU A 76 3.13 -7.40 -12.87
N ILE A 77 2.00 -6.77 -12.89
CA ILE A 77 1.77 -5.66 -13.79
C ILE A 77 2.19 -4.39 -13.10
N ARG A 78 2.71 -3.44 -13.84
CA ARG A 78 3.13 -2.23 -13.29
C ARG A 78 2.40 -1.09 -13.91
N PHE A 79 2.03 -0.17 -13.09
CA PHE A 79 1.27 0.99 -13.50
C PHE A 79 2.06 2.25 -13.30
N GLU A 80 2.21 3.05 -14.33
CA GLU A 80 2.93 4.29 -14.21
C GLU A 80 1.97 5.41 -14.22
N LEU A 81 2.13 6.30 -13.32
CA LEU A 81 1.31 7.44 -13.22
C LEU A 81 2.00 8.64 -13.85
N GLU A 82 1.22 9.62 -14.25
CA GLU A 82 1.73 10.87 -14.86
C GLU A 82 2.70 11.60 -13.93
N ASP A 83 2.64 11.26 -12.66
CA ASP A 83 3.45 11.90 -11.64
C ASP A 83 4.74 11.12 -11.47
N GLY A 84 4.79 9.97 -12.13
CA GLY A 84 5.95 9.13 -12.07
C GLY A 84 5.88 8.13 -10.96
N ARG A 85 4.69 7.91 -10.45
CA ARG A 85 4.47 6.92 -9.44
C ARG A 85 4.15 5.63 -10.11
N SER A 86 4.67 4.55 -9.63
CA SER A 86 4.32 3.28 -10.18
C SER A 86 4.13 2.23 -9.10
N PHE A 87 3.20 1.36 -9.33
CA PHE A 87 2.92 0.29 -8.40
C PHE A 87 2.70 -1.01 -9.11
N GLU A 88 3.12 -2.09 -8.47
CA GLU A 88 3.01 -3.42 -9.05
C GLU A 88 2.16 -4.31 -8.22
N THR A 89 1.48 -5.20 -8.89
CA THR A 89 0.60 -6.17 -8.24
C THR A 89 0.68 -7.52 -8.94
N THR A 90 0.31 -8.59 -8.22
CA THR A 90 0.39 -9.95 -8.73
C THR A 90 -0.69 -10.23 -9.78
N VAL A 91 -1.37 -9.16 -10.20
CA VAL A 91 -2.41 -9.19 -11.24
C VAL A 91 -3.68 -9.96 -10.79
N ASP A 92 -3.48 -10.86 -9.86
CA ASP A 92 -4.54 -11.68 -9.26
C ASP A 92 -5.39 -10.87 -8.28
N HIS A 93 -4.91 -9.70 -7.93
CA HIS A 93 -5.61 -8.90 -6.92
C HIS A 93 -6.23 -7.65 -7.53
N PRO A 94 -7.39 -7.21 -6.96
CA PRO A 94 -8.13 -6.05 -7.45
C PRO A 94 -7.49 -4.71 -7.11
N VAL A 95 -7.40 -3.88 -8.11
CA VAL A 95 -6.92 -2.53 -8.00
C VAL A 95 -8.13 -1.62 -7.89
N LEU A 96 -8.02 -0.57 -7.12
CA LEU A 96 -9.15 0.31 -6.89
C LEU A 96 -9.05 1.57 -7.73
N VAL A 97 -9.88 1.68 -8.76
CA VAL A 97 -9.85 2.84 -9.63
C VAL A 97 -11.08 3.70 -9.47
N TYR A 98 -10.91 4.98 -9.74
CA TYR A 98 -11.98 5.92 -9.63
C TYR A 98 -12.45 6.37 -11.01
N GLU A 99 -13.48 5.70 -11.51
CA GLU A 99 -14.07 6.03 -12.77
C GLU A 99 -15.57 5.88 -12.65
N ASN A 100 -16.32 6.54 -13.53
CA ASN A 100 -17.78 6.49 -13.50
C ASN A 100 -18.31 7.12 -12.22
N GLY A 101 -17.50 7.97 -11.63
CA GLY A 101 -17.85 8.62 -10.39
C GLY A 101 -17.93 7.65 -9.24
N ARG A 102 -17.37 6.47 -9.42
CA ARG A 102 -17.41 5.50 -8.42
C ARG A 102 -16.07 4.83 -8.31
N PHE A 103 -15.95 4.03 -7.31
CA PHE A 103 -14.76 3.29 -7.08
C PHE A 103 -15.00 1.86 -7.51
N ILE A 104 -14.22 1.38 -8.45
CA ILE A 104 -14.39 0.03 -8.91
C ILE A 104 -13.15 -0.81 -8.73
N GLU A 105 -13.36 -2.11 -8.65
CA GLU A 105 -12.28 -3.05 -8.44
C GLU A 105 -11.93 -3.79 -9.74
N LYS A 106 -10.74 -3.58 -10.22
CA LYS A 106 -10.25 -4.28 -11.38
C LYS A 106 -8.96 -4.95 -11.03
N ARG A 107 -8.83 -6.22 -11.31
CA ARG A 107 -7.56 -6.92 -11.02
C ARG A 107 -6.46 -6.28 -11.84
N ALA A 108 -5.20 -6.48 -11.49
CA ALA A 108 -4.15 -5.79 -12.23
C ALA A 108 -4.22 -6.14 -13.70
N PHE A 109 -4.43 -7.42 -13.98
CA PHE A 109 -4.55 -7.90 -15.35
C PHE A 109 -5.90 -7.48 -15.97
N GLU A 110 -6.68 -6.72 -15.21
CA GLU A 110 -7.98 -6.27 -15.65
C GLU A 110 -7.99 -4.74 -15.80
N VAL A 111 -7.00 -4.11 -15.21
CA VAL A 111 -6.83 -2.70 -15.27
C VAL A 111 -6.26 -2.34 -16.64
N LYS A 112 -6.61 -1.18 -17.13
CA LYS A 112 -6.17 -0.78 -18.45
C LYS A 112 -5.38 0.51 -18.38
N GLU A 113 -4.65 0.79 -19.43
CA GLU A 113 -3.85 1.99 -19.47
C GLU A 113 -4.75 3.20 -19.49
N GLY A 114 -4.39 4.21 -18.76
CA GLY A 114 -5.24 5.37 -18.64
C GLY A 114 -6.20 5.24 -17.46
N ASP A 115 -6.05 4.16 -16.69
CA ASP A 115 -6.88 3.91 -15.52
C ASP A 115 -6.43 4.84 -14.38
N LYS A 116 -7.19 4.93 -13.31
CA LYS A 116 -6.82 5.84 -12.21
C LYS A 116 -6.71 5.11 -10.91
N VAL A 117 -6.09 5.75 -9.97
CA VAL A 117 -6.07 5.28 -8.62
C VAL A 117 -6.35 6.43 -7.69
N LEU A 118 -6.76 6.11 -6.51
CA LEU A 118 -7.02 7.10 -5.51
C LEU A 118 -5.78 7.28 -4.68
N VAL A 119 -5.48 8.49 -4.32
CA VAL A 119 -4.39 8.72 -3.42
C VAL A 119 -4.91 9.30 -2.14
N SER A 120 -4.15 9.17 -1.09
CA SER A 120 -4.52 9.66 0.21
C SER A 120 -4.27 11.17 0.31
N GLU A 121 -4.41 11.85 -0.83
CA GLU A 121 -4.24 13.29 -0.97
C GLU A 121 -2.77 13.71 -0.90
N LEU A 122 -2.10 13.20 0.09
CA LEU A 122 -0.75 13.57 0.36
C LEU A 122 -0.19 12.63 1.39
N GLU A 123 0.84 13.06 2.05
CA GLU A 123 1.54 12.23 3.02
C GLU A 123 1.26 12.68 4.45
N LEU A 124 2.21 12.37 5.34
CA LEU A 124 2.13 12.71 6.75
C LEU A 124 2.86 14.01 6.98
N VAL A 125 2.76 14.85 6.00
CA VAL A 125 3.42 16.14 5.93
C VAL A 125 3.55 16.87 7.27
N GLU A 126 4.78 16.94 7.73
CA GLU A 126 5.16 17.60 8.96
C GLU A 126 6.56 18.16 8.77
N GLN A 127 7.09 18.83 9.76
CA GLN A 127 8.42 19.39 9.64
C GLN A 127 9.45 18.38 10.13
N SER A 128 10.73 18.66 9.88
CA SER A 128 11.83 17.73 10.21
C SER A 128 11.72 16.48 9.32
N SER A 129 11.34 16.71 8.08
CA SER A 129 11.16 15.65 7.11
C SER A 129 12.51 15.17 6.56
N SER A 130 12.47 14.07 5.78
CA SER A 130 13.67 13.48 5.17
C SER A 130 14.59 12.84 6.23
N SER A 131 14.11 12.76 7.45
CA SER A 131 14.88 12.17 8.53
C SER A 131 14.99 10.66 8.35
N GLN A 132 16.18 10.13 8.58
CA GLN A 132 16.42 8.71 8.50
C GLN A 132 15.93 8.04 9.76
N ASP A 133 15.86 8.83 10.83
CA ASP A 133 15.34 8.37 12.10
C ASP A 133 13.84 8.56 12.11
N ASN A 134 13.19 8.12 13.17
CA ASN A 134 11.76 8.23 13.23
C ASN A 134 11.30 8.93 14.51
N PRO A 135 11.36 10.27 14.50
CA PRO A 135 10.89 11.08 15.59
C PRO A 135 9.52 11.70 15.26
N LYS A 136 9.04 12.54 16.17
CA LYS A 136 7.76 13.25 16.02
C LYS A 136 7.47 13.99 17.29
N ASN A 137 6.98 15.20 17.18
CA ASN A 137 6.69 15.99 18.37
C ASN A 137 5.66 17.09 18.09
N GLU A 138 5.75 17.70 16.93
CA GLU A 138 4.84 18.80 16.62
C GLU A 138 3.48 18.31 16.10
N ASN A 139 2.71 19.22 15.56
CA ASN A 139 1.35 18.94 15.14
C ASN A 139 1.18 19.00 13.63
N LEU A 140 -0.09 19.02 13.19
CA LEU A 140 -0.49 19.05 11.78
C LEU A 140 -0.42 17.63 11.18
N GLY A 141 0.14 17.50 9.98
CA GLY A 141 0.16 16.21 9.32
C GLY A 141 -1.05 16.03 8.43
N SER A 142 -1.71 17.14 8.12
CA SER A 142 -2.89 17.13 7.28
C SER A 142 -2.50 17.17 5.80
N PRO A 143 -2.88 16.14 5.01
CA PRO A 143 -2.60 16.09 3.58
C PRO A 143 -3.41 17.15 2.81
N GLU A 144 -4.73 16.95 2.78
CA GLU A 144 -5.69 17.90 2.18
C GLU A 144 -5.33 18.25 0.74
N HIS A 145 -5.53 17.31 -0.16
CA HIS A 145 -5.14 17.48 -1.56
C HIS A 145 -5.93 16.57 -2.50
N ASP A 146 -7.08 17.06 -2.96
CA ASP A 146 -7.94 16.28 -3.86
C ASP A 146 -7.37 16.21 -5.27
N GLN A 147 -6.80 15.06 -5.61
CA GLN A 147 -6.22 14.82 -6.93
C GLN A 147 -6.00 13.34 -7.16
N LEU A 148 -6.55 12.80 -8.24
CA LEU A 148 -6.31 11.42 -8.56
C LEU A 148 -5.49 11.32 -9.78
N LEU A 149 -4.77 10.25 -9.88
CA LEU A 149 -3.83 10.10 -10.96
C LEU A 149 -4.15 8.93 -11.90
N GLU A 150 -4.01 9.19 -13.21
CA GLU A 150 -4.17 8.22 -14.26
C GLU A 150 -2.87 7.52 -14.59
N ILE A 151 -3.01 6.31 -14.96
CA ILE A 151 -1.95 5.47 -15.34
C ILE A 151 -1.52 5.76 -16.76
N LYS A 152 -0.39 6.34 -16.86
CA LYS A 152 0.23 6.66 -18.09
C LYS A 152 0.59 5.41 -18.84
N ASN A 153 1.12 4.44 -18.13
CA ASN A 153 1.60 3.24 -18.77
C ASN A 153 1.57 2.04 -17.90
N ILE A 154 1.12 0.98 -18.50
CA ILE A 154 1.09 -0.30 -17.88
C ILE A 154 2.02 -1.27 -18.60
N LYS A 155 2.66 -2.11 -17.84
CA LYS A 155 3.57 -3.08 -18.35
C LYS A 155 3.50 -4.36 -17.55
N TYR A 156 3.92 -5.43 -18.15
CA TYR A 156 4.01 -6.67 -17.50
C TYR A 156 5.43 -6.91 -17.11
N VAL A 157 5.65 -7.01 -15.86
CA VAL A 157 6.94 -7.21 -15.31
C VAL A 157 6.93 -8.41 -14.38
N ARG A 158 8.07 -8.79 -13.90
CA ARG A 158 8.15 -9.94 -13.06
C ARG A 158 8.36 -9.56 -11.61
N ALA A 159 8.00 -10.46 -10.73
CA ALA A 159 8.18 -10.28 -9.30
C ALA A 159 9.67 -10.15 -9.00
N ASN A 160 10.05 -9.01 -8.46
CA ASN A 160 11.45 -8.72 -8.17
C ASN A 160 12.03 -9.68 -7.13
N ASP A 161 11.26 -9.97 -6.10
CA ASP A 161 11.74 -10.84 -5.05
C ASP A 161 11.11 -12.23 -5.15
N ASP A 162 11.37 -13.08 -4.18
CA ASP A 162 10.87 -14.44 -4.20
C ASP A 162 9.64 -14.58 -3.33
N PHE A 163 9.23 -13.49 -2.73
CA PHE A 163 8.01 -13.46 -1.94
C PHE A 163 7.30 -12.14 -2.14
N VAL A 164 6.00 -12.21 -2.21
CA VAL A 164 5.17 -11.04 -2.35
C VAL A 164 4.44 -10.76 -1.04
N PHE A 165 4.08 -9.51 -0.82
CA PHE A 165 3.46 -9.09 0.44
C PHE A 165 2.26 -8.20 0.16
N SER A 166 1.43 -7.95 1.16
CA SER A 166 0.29 -7.04 0.99
C SER A 166 -0.18 -6.58 2.34
N LEU A 167 0.16 -7.37 3.35
CA LEU A 167 -0.19 -7.10 4.72
C LEU A 167 -1.70 -7.25 4.93
N ASN A 168 -2.06 -8.25 5.67
CA ASN A 168 -3.46 -8.47 6.00
C ASN A 168 -3.87 -7.59 7.17
N ALA A 169 -4.73 -6.65 6.92
CA ALA A 169 -5.24 -5.78 7.95
C ALA A 169 -6.75 -5.67 7.82
N LYS A 170 -7.33 -4.64 8.39
CA LYS A 170 -8.78 -4.44 8.31
C LYS A 170 -9.23 -4.22 6.89
N LYS A 171 -10.05 -5.15 6.38
CA LYS A 171 -10.60 -5.11 5.02
C LYS A 171 -9.57 -5.54 3.97
N TYR A 172 -9.07 -6.76 4.13
CA TYR A 172 -8.09 -7.34 3.20
C TYR A 172 -6.74 -6.61 3.26
N HIS A 173 -6.30 -6.08 2.12
CA HIS A 173 -5.04 -5.39 2.03
C HIS A 173 -5.22 -3.99 1.47
N ASN A 174 -6.31 -3.33 1.85
CA ASN A 174 -6.55 -1.96 1.41
C ASN A 174 -5.65 -1.01 2.16
N VAL A 175 -4.58 -0.63 1.54
CA VAL A 175 -3.61 0.17 2.20
C VAL A 175 -3.02 1.19 1.25
N ILE A 176 -2.35 2.15 1.85
CA ILE A 176 -1.77 3.23 1.13
C ILE A 176 -0.32 2.90 0.79
N ILE A 177 -0.04 2.74 -0.48
CA ILE A 177 1.25 2.34 -0.93
C ILE A 177 1.86 3.38 -1.84
N ASN A 178 3.14 3.23 -2.11
CA ASN A 178 3.91 4.13 -2.97
C ASN A 178 3.69 5.58 -2.56
N GLU A 179 3.41 6.42 -3.54
CA GLU A 179 3.10 7.80 -3.29
C GLU A 179 1.63 7.96 -2.90
N ASN A 180 1.20 7.05 -2.03
CA ASN A 180 -0.11 7.03 -1.44
C ASN A 180 -1.18 6.58 -2.39
N ILE A 181 -0.89 5.49 -3.07
CA ILE A 181 -1.79 4.90 -4.02
C ILE A 181 -2.71 3.94 -3.32
N VAL A 182 -3.96 4.29 -3.31
CA VAL A 182 -4.97 3.52 -2.68
C VAL A 182 -5.49 2.46 -3.61
N THR A 183 -5.43 1.24 -3.18
CA THR A 183 -5.92 0.13 -3.93
C THR A 183 -6.69 -0.82 -3.02
N HIS A 184 -7.42 -1.76 -3.63
CA HIS A 184 -8.25 -2.75 -2.91
C HIS A 184 -9.48 -2.15 -2.29
N GLN A 185 -10.57 -2.89 -2.37
CA GLN A 185 -11.83 -2.49 -1.78
C GLN A 185 -11.77 -2.62 -0.26
N CYS A 1 -1.62 -8.51 -4.55
CA CYS A 1 -0.30 -8.38 -3.90
C CYS A 1 0.64 -7.52 -4.73
N PHE A 2 1.49 -6.78 -4.05
CA PHE A 2 2.43 -5.88 -4.68
C PHE A 2 3.83 -6.39 -4.40
N PRO A 3 4.86 -5.92 -5.12
CA PRO A 3 6.20 -6.32 -4.85
C PRO A 3 6.65 -5.65 -3.57
N GLY A 4 7.68 -6.15 -2.98
CA GLY A 4 8.17 -5.52 -1.80
C GLY A 4 8.66 -4.12 -2.06
N ASP A 5 9.06 -3.84 -3.32
CA ASP A 5 9.50 -2.49 -3.73
C ASP A 5 8.41 -1.45 -3.58
N THR A 6 7.21 -1.91 -3.35
CA THR A 6 6.10 -1.04 -3.17
C THR A 6 6.18 -0.36 -1.81
N ARG A 7 6.00 0.94 -1.78
CA ARG A 7 6.00 1.70 -0.57
C ARG A 7 4.64 1.64 0.04
N ILE A 8 4.56 1.43 1.30
CA ILE A 8 3.31 1.41 2.00
C ILE A 8 3.30 2.48 3.09
N LEU A 9 2.26 3.29 3.12
CA LEU A 9 2.16 4.31 4.09
C LEU A 9 1.45 3.77 5.33
N VAL A 10 2.13 3.91 6.43
CA VAL A 10 1.62 3.45 7.71
C VAL A 10 1.84 4.49 8.79
N GLN A 11 1.50 4.14 10.00
CA GLN A 11 1.71 5.01 11.13
C GLN A 11 2.36 4.24 12.22
N ILE A 12 3.50 4.68 12.62
CA ILE A 12 4.26 4.05 13.60
C ILE A 12 4.47 4.94 14.75
N ASP A 13 4.03 4.48 15.86
CA ASP A 13 4.15 5.21 17.12
C ASP A 13 3.55 6.57 16.99
N GLY A 14 2.46 6.64 16.27
CA GLY A 14 1.78 7.87 15.99
C GLY A 14 2.50 8.75 15.00
N VAL A 15 3.40 8.16 14.24
CA VAL A 15 4.15 8.87 13.24
C VAL A 15 4.02 8.18 11.91
N PRO A 16 3.49 8.88 10.93
CA PRO A 16 3.29 8.33 9.61
C PRO A 16 4.59 8.13 8.87
N GLN A 17 4.82 6.89 8.48
CA GLN A 17 6.03 6.50 7.82
C GLN A 17 5.72 5.85 6.52
N LYS A 18 6.54 6.13 5.57
CA LYS A 18 6.38 5.55 4.26
C LYS A 18 7.54 4.65 3.96
N ILE A 19 7.31 3.39 4.09
CA ILE A 19 8.34 2.43 3.83
C ILE A 19 7.87 1.44 2.83
N THR A 20 8.62 0.40 2.59
CA THR A 20 8.18 -0.57 1.64
C THR A 20 7.42 -1.64 2.34
N LEU A 21 6.84 -2.52 1.59
CA LEU A 21 6.13 -3.62 2.15
C LEU A 21 7.08 -4.52 2.91
N ARG A 22 8.29 -4.66 2.42
CA ARG A 22 9.24 -5.53 3.05
C ARG A 22 9.80 -4.84 4.26
N GLU A 23 9.80 -3.52 4.23
CA GLU A 23 10.32 -2.75 5.31
C GLU A 23 9.33 -2.66 6.42
N LEU A 24 8.07 -2.51 6.05
CA LEU A 24 6.99 -2.46 7.02
C LEU A 24 6.96 -3.74 7.79
N TYR A 25 7.14 -4.79 7.05
CA TYR A 25 7.11 -6.13 7.55
C TYR A 25 8.11 -6.38 8.63
N GLU A 26 9.18 -5.65 8.59
CA GLU A 26 10.26 -5.79 9.54
C GLU A 26 9.90 -5.22 10.89
N LEU A 27 8.88 -4.41 10.92
CA LEU A 27 8.41 -3.81 12.15
C LEU A 27 7.58 -4.82 12.92
N PHE A 28 7.49 -6.01 12.37
CA PHE A 28 6.73 -7.07 12.92
C PHE A 28 7.61 -8.20 13.31
N GLU A 29 7.08 -9.04 14.13
CA GLU A 29 7.75 -10.24 14.56
C GLU A 29 6.73 -11.36 14.64
N ASP A 30 7.15 -12.52 15.16
CA ASP A 30 6.25 -13.69 15.31
C ASP A 30 5.77 -14.18 13.95
N GLU A 31 6.58 -15.01 13.33
CA GLU A 31 6.27 -15.54 12.02
C GLU A 31 5.72 -16.95 12.12
N ARG A 32 4.59 -17.13 11.52
CA ARG A 32 3.91 -18.38 11.44
C ARG A 32 3.86 -18.84 9.99
N TYR A 33 3.83 -20.13 9.80
CA TYR A 33 3.75 -20.73 8.49
C TYR A 33 2.34 -21.19 8.23
N GLU A 34 1.83 -20.80 7.11
CA GLU A 34 0.45 -21.15 6.75
C GLU A 34 0.18 -20.86 5.30
N ASN A 35 -0.70 -21.66 4.71
CA ASN A 35 -1.13 -21.48 3.33
C ASN A 35 0.03 -21.53 2.37
N MET A 36 1.13 -22.10 2.83
CA MET A 36 2.34 -22.24 2.03
C MET A 36 3.00 -20.90 1.82
N VAL A 37 2.62 -19.97 2.68
CA VAL A 37 3.18 -18.63 2.67
C VAL A 37 3.63 -18.31 4.10
N TYR A 38 4.06 -17.11 4.35
CA TYR A 38 4.51 -16.75 5.68
C TYR A 38 3.66 -15.68 6.24
N VAL A 39 3.42 -15.77 7.51
CA VAL A 39 2.58 -14.84 8.18
C VAL A 39 3.29 -14.31 9.40
N ARG A 40 3.43 -13.02 9.47
CA ARG A 40 4.08 -12.41 10.61
C ARG A 40 3.07 -11.55 11.32
N LYS A 41 2.93 -11.76 12.58
CA LYS A 41 1.90 -11.06 13.31
C LYS A 41 2.43 -10.56 14.61
N LYS A 42 1.94 -9.40 15.00
CA LYS A 42 2.34 -8.68 16.22
C LYS A 42 3.53 -7.79 15.94
N PRO A 43 3.30 -6.49 15.94
CA PRO A 43 4.34 -5.51 15.73
C PRO A 43 5.16 -5.28 16.97
N LYS A 44 6.40 -4.87 16.79
CA LYS A 44 7.31 -4.62 17.88
C LYS A 44 7.18 -3.20 18.40
N ARG A 45 6.31 -2.45 17.78
CA ARG A 45 6.03 -1.11 18.14
C ARG A 45 4.57 -0.89 17.92
N GLU A 46 4.17 0.33 17.94
CA GLU A 46 2.84 0.66 17.58
C GLU A 46 2.80 0.88 16.09
N ILE A 47 2.32 -0.10 15.37
CA ILE A 47 2.28 -0.03 13.98
C ILE A 47 0.86 -0.02 13.51
N LYS A 48 0.48 1.04 12.88
CA LYS A 48 -0.84 1.13 12.30
C LYS A 48 -0.74 1.21 10.81
N VAL A 49 -1.86 1.08 10.17
CA VAL A 49 -1.89 1.12 8.73
C VAL A 49 -2.85 2.20 8.23
N TYR A 50 -2.38 3.02 7.31
CA TYR A 50 -3.22 4.03 6.73
C TYR A 50 -3.98 3.50 5.53
N SER A 51 -5.27 3.70 5.52
CA SER A 51 -6.11 3.27 4.44
C SER A 51 -7.18 4.33 4.15
N ILE A 52 -7.99 4.09 3.14
CA ILE A 52 -9.04 5.03 2.80
C ILE A 52 -10.39 4.34 2.86
N ASP A 53 -11.36 5.11 3.26
CA ASP A 53 -12.72 4.64 3.34
C ASP A 53 -13.40 4.87 2.02
N LEU A 54 -13.92 3.82 1.44
CA LEU A 54 -14.47 3.85 0.11
C LEU A 54 -15.81 4.53 0.06
N GLU A 55 -16.42 4.65 1.18
CA GLU A 55 -17.76 5.19 1.23
C GLU A 55 -17.74 6.66 1.51
N THR A 56 -16.74 7.09 2.19
CA THR A 56 -16.66 8.46 2.57
C THR A 56 -15.48 9.15 1.90
N GLY A 57 -14.53 8.36 1.49
CA GLY A 57 -13.38 8.87 0.79
C GLY A 57 -12.36 9.48 1.72
N LYS A 58 -12.48 9.14 2.99
CA LYS A 58 -11.59 9.66 4.00
C LYS A 58 -10.43 8.74 4.28
N VAL A 59 -9.37 9.31 4.81
CA VAL A 59 -8.21 8.56 5.16
C VAL A 59 -8.32 8.11 6.61
N VAL A 60 -8.48 6.84 6.78
CA VAL A 60 -8.64 6.25 8.08
C VAL A 60 -7.41 5.43 8.47
N LEU A 61 -7.23 5.22 9.76
CA LEU A 61 -6.15 4.46 10.26
C LEU A 61 -6.67 3.31 11.08
N THR A 62 -6.04 2.16 10.95
CA THR A 62 -6.45 0.99 11.68
C THR A 62 -5.24 0.12 12.01
N ASP A 63 -5.46 -0.91 12.82
CA ASP A 63 -4.42 -1.84 13.20
C ASP A 63 -4.21 -2.92 12.17
N ILE A 64 -3.07 -3.53 12.26
CA ILE A 64 -2.68 -4.59 11.38
C ILE A 64 -3.00 -5.94 12.01
N GLU A 65 -3.44 -6.88 11.21
CA GLU A 65 -3.77 -8.19 11.69
C GLU A 65 -2.57 -9.10 11.56
N ASP A 66 -1.80 -8.88 10.50
CA ASP A 66 -0.63 -9.68 10.22
C ASP A 66 0.08 -9.22 8.97
N VAL A 67 1.11 -9.93 8.64
CA VAL A 67 1.97 -9.62 7.55
C VAL A 67 1.89 -10.70 6.47
N ILE A 68 1.66 -10.28 5.23
CA ILE A 68 1.45 -11.20 4.11
C ILE A 68 2.72 -11.41 3.30
N LYS A 69 3.34 -12.56 3.48
CA LYS A 69 4.48 -12.90 2.67
C LYS A 69 4.15 -14.14 1.86
N ALA A 70 3.98 -13.96 0.58
CA ALA A 70 3.58 -15.05 -0.28
C ALA A 70 4.46 -15.12 -1.51
N PRO A 71 4.87 -16.35 -1.87
CA PRO A 71 5.72 -16.60 -3.04
C PRO A 71 5.24 -15.92 -4.32
N ALA A 72 6.18 -15.40 -5.08
CA ALA A 72 5.90 -14.77 -6.34
C ALA A 72 5.87 -15.84 -7.44
N THR A 73 4.68 -16.29 -7.74
CA THR A 73 4.49 -17.37 -8.68
C THR A 73 4.35 -16.87 -10.11
N ASP A 74 3.80 -15.70 -10.28
CA ASP A 74 3.55 -15.15 -11.61
C ASP A 74 4.44 -13.97 -11.97
N HIS A 75 3.94 -12.77 -11.81
CA HIS A 75 4.62 -11.51 -12.20
C HIS A 75 3.74 -10.38 -11.90
N LEU A 76 4.24 -9.20 -12.06
CA LEU A 76 3.45 -8.07 -11.73
C LEU A 76 3.29 -7.10 -12.90
N ILE A 77 2.10 -6.56 -13.02
CA ILE A 77 1.82 -5.50 -13.96
C ILE A 77 2.18 -4.19 -13.29
N ARG A 78 2.66 -3.24 -14.05
CA ARG A 78 3.02 -2.00 -13.49
C ARG A 78 2.18 -0.90 -14.07
N PHE A 79 1.78 -0.03 -13.21
CA PHE A 79 0.94 1.08 -13.59
C PHE A 79 1.68 2.36 -13.36
N GLU A 80 1.84 3.16 -14.38
CA GLU A 80 2.54 4.39 -14.24
C GLU A 80 1.61 5.52 -14.36
N LEU A 81 1.64 6.35 -13.41
CA LEU A 81 0.79 7.47 -13.35
C LEU A 81 1.40 8.67 -14.04
N GLU A 82 0.55 9.64 -14.36
CA GLU A 82 0.96 10.90 -15.01
C GLU A 82 1.91 11.70 -14.09
N ASP A 83 1.92 11.32 -12.84
CA ASP A 83 2.72 11.97 -11.82
C ASP A 83 4.07 11.28 -11.71
N GLY A 84 4.16 10.15 -12.37
CA GLY A 84 5.37 9.37 -12.36
C GLY A 84 5.40 8.35 -11.27
N ARG A 85 4.31 8.25 -10.56
CA ARG A 85 4.18 7.27 -9.53
C ARG A 85 3.76 5.98 -10.17
N SER A 86 4.24 4.90 -9.67
CA SER A 86 3.85 3.64 -10.20
C SER A 86 3.70 2.59 -9.12
N PHE A 87 2.94 1.58 -9.43
CA PHE A 87 2.73 0.48 -8.51
C PHE A 87 2.52 -0.80 -9.29
N GLU A 88 2.83 -1.91 -8.66
CA GLU A 88 2.76 -3.20 -9.31
C GLU A 88 1.90 -4.16 -8.52
N THR A 89 1.26 -5.05 -9.23
CA THR A 89 0.38 -6.05 -8.64
C THR A 89 0.48 -7.40 -9.36
N THR A 90 0.11 -8.48 -8.64
CA THR A 90 0.22 -9.88 -9.14
C THR A 90 -0.72 -10.19 -10.30
N VAL A 91 -1.28 -9.16 -10.86
CA VAL A 91 -2.17 -9.21 -12.03
C VAL A 91 -3.51 -9.90 -11.76
N ASP A 92 -3.49 -10.99 -11.03
CA ASP A 92 -4.72 -11.68 -10.70
C ASP A 92 -5.40 -11.00 -9.52
N HIS A 93 -4.60 -10.37 -8.68
CA HIS A 93 -5.15 -9.62 -7.58
C HIS A 93 -5.78 -8.30 -8.07
N PRO A 94 -6.89 -7.87 -7.45
CA PRO A 94 -7.64 -6.68 -7.87
C PRO A 94 -6.99 -5.35 -7.54
N VAL A 95 -7.16 -4.41 -8.44
CA VAL A 95 -6.73 -3.04 -8.30
C VAL A 95 -7.97 -2.17 -8.11
N LEU A 96 -7.86 -1.11 -7.34
CA LEU A 96 -9.00 -0.25 -7.08
C LEU A 96 -8.95 1.01 -7.90
N VAL A 97 -9.88 1.14 -8.83
CA VAL A 97 -9.94 2.31 -9.68
C VAL A 97 -11.21 3.09 -9.48
N TYR A 98 -11.11 4.38 -9.70
CA TYR A 98 -12.25 5.25 -9.60
C TYR A 98 -12.74 5.62 -11.01
N GLU A 99 -13.74 4.88 -11.48
CA GLU A 99 -14.33 5.12 -12.77
C GLU A 99 -15.82 4.98 -12.64
N ASN A 100 -16.57 5.61 -13.53
CA ASN A 100 -18.03 5.51 -13.52
C ASN A 100 -18.59 6.11 -12.23
N GLY A 101 -17.80 6.99 -11.64
CA GLY A 101 -18.17 7.60 -10.39
C GLY A 101 -18.19 6.63 -9.23
N ARG A 102 -17.63 5.44 -9.44
CA ARG A 102 -17.62 4.48 -8.42
C ARG A 102 -16.23 3.91 -8.28
N PHE A 103 -16.06 3.14 -7.27
CA PHE A 103 -14.82 2.46 -7.04
C PHE A 103 -14.98 1.02 -7.40
N ILE A 104 -14.17 0.55 -8.30
CA ILE A 104 -14.29 -0.82 -8.71
C ILE A 104 -13.00 -1.59 -8.49
N GLU A 105 -13.15 -2.89 -8.37
CA GLU A 105 -12.02 -3.77 -8.15
C GLU A 105 -11.80 -4.63 -9.38
N LYS A 106 -10.75 -4.33 -10.10
CA LYS A 106 -10.42 -5.06 -11.30
C LYS A 106 -9.02 -5.61 -11.18
N ARG A 107 -8.81 -6.81 -11.66
CA ARG A 107 -7.50 -7.44 -11.57
C ARG A 107 -6.49 -6.60 -12.32
N ALA A 108 -5.21 -6.70 -11.97
CA ALA A 108 -4.22 -5.85 -12.61
C ALA A 108 -4.21 -6.09 -14.10
N PHE A 109 -4.33 -7.36 -14.47
CA PHE A 109 -4.36 -7.74 -15.87
C PHE A 109 -5.72 -7.39 -16.50
N GLU A 110 -6.61 -6.84 -15.68
CA GLU A 110 -7.93 -6.45 -16.13
C GLU A 110 -8.00 -4.94 -16.24
N VAL A 111 -7.08 -4.28 -15.57
CA VAL A 111 -6.96 -2.86 -15.59
C VAL A 111 -6.42 -2.44 -16.96
N LYS A 112 -6.80 -1.29 -17.41
CA LYS A 112 -6.36 -0.83 -18.71
C LYS A 112 -5.62 0.49 -18.60
N GLU A 113 -4.95 0.88 -19.65
CA GLU A 113 -4.19 2.09 -19.64
C GLU A 113 -5.12 3.29 -19.59
N GLY A 114 -4.74 4.29 -18.85
CA GLY A 114 -5.59 5.43 -18.67
C GLY A 114 -6.55 5.24 -17.51
N ASP A 115 -6.39 4.12 -16.80
CA ASP A 115 -7.23 3.82 -15.65
C ASP A 115 -6.79 4.68 -14.48
N LYS A 116 -7.49 4.67 -13.39
CA LYS A 116 -7.14 5.53 -12.26
C LYS A 116 -7.00 4.76 -11.00
N VAL A 117 -6.36 5.38 -10.06
CA VAL A 117 -6.33 4.91 -8.73
C VAL A 117 -6.62 6.07 -7.83
N LEU A 118 -7.05 5.79 -6.64
CA LEU A 118 -7.32 6.83 -5.73
C LEU A 118 -6.07 7.10 -4.97
N VAL A 119 -5.72 8.33 -4.84
CA VAL A 119 -4.63 8.67 -4.02
C VAL A 119 -5.12 9.50 -2.90
N SER A 120 -4.73 9.12 -1.71
CA SER A 120 -5.15 9.83 -0.52
C SER A 120 -4.63 11.24 -0.54
N GLU A 121 -3.61 11.42 -1.36
CA GLU A 121 -2.86 12.68 -1.53
C GLU A 121 -2.49 13.38 -0.22
N LEU A 122 -2.59 12.66 0.86
CA LEU A 122 -2.29 13.20 2.15
C LEU A 122 -0.80 13.16 2.43
N GLU A 123 -0.23 14.31 2.70
CA GLU A 123 1.19 14.42 2.98
C GLU A 123 1.47 14.26 4.47
N LEU A 124 2.69 13.87 4.78
CA LEU A 124 3.13 13.67 6.16
C LEU A 124 4.59 14.10 6.29
N VAL A 125 5.44 13.36 5.62
CA VAL A 125 6.87 13.59 5.62
C VAL A 125 7.56 12.52 4.77
N GLU A 126 8.56 12.92 4.02
CA GLU A 126 9.28 11.98 3.15
C GLU A 126 10.65 11.65 3.73
N GLN A 127 11.27 12.64 4.34
CA GLN A 127 12.58 12.46 4.91
C GLN A 127 12.49 12.00 6.37
N SER A 128 12.39 10.70 6.55
CA SER A 128 12.35 10.13 7.87
C SER A 128 13.07 8.78 7.87
N SER A 129 12.30 7.70 7.63
CA SER A 129 12.84 6.32 7.54
C SER A 129 13.87 6.02 8.64
N SER A 130 13.65 6.57 9.82
CA SER A 130 14.56 6.39 10.93
C SER A 130 13.91 5.55 12.01
N SER A 131 14.74 4.84 12.77
CA SER A 131 14.24 3.99 13.84
C SER A 131 14.58 4.60 15.21
N GLN A 132 15.32 5.71 15.19
CA GLN A 132 15.69 6.39 16.41
C GLN A 132 14.81 7.61 16.64
N ASP A 133 14.97 8.60 15.79
CA ASP A 133 14.21 9.83 15.89
C ASP A 133 12.85 9.69 15.21
N ASN A 134 11.83 9.42 16.01
CA ASN A 134 10.48 9.24 15.50
C ASN A 134 9.45 10.18 16.16
N PRO A 135 9.42 10.26 17.52
CA PRO A 135 8.43 11.05 18.24
C PRO A 135 8.65 12.56 18.13
N LYS A 136 8.21 13.14 17.02
CA LYS A 136 8.27 14.57 16.82
C LYS A 136 7.22 15.01 15.81
N ASN A 137 6.23 15.71 16.30
CA ASN A 137 5.16 16.25 15.47
C ASN A 137 4.34 17.23 16.29
N GLU A 138 4.67 18.50 16.16
CA GLU A 138 3.97 19.52 16.89
C GLU A 138 3.70 20.70 15.96
N ASN A 139 2.60 21.43 16.25
CA ASN A 139 2.14 22.59 15.44
C ASN A 139 1.24 22.06 14.33
N LEU A 140 0.99 20.75 14.41
CA LEU A 140 0.16 20.02 13.48
C LEU A 140 0.64 20.16 12.04
N GLY A 141 -0.02 20.99 11.28
CA GLY A 141 0.33 21.15 9.90
C GLY A 141 -0.54 20.27 9.06
N SER A 142 -1.84 20.36 9.33
CA SER A 142 -2.86 19.55 8.70
C SER A 142 -2.68 19.44 7.19
N PRO A 143 -2.57 18.20 6.67
CA PRO A 143 -2.46 17.94 5.24
C PRO A 143 -3.73 18.36 4.51
N GLU A 144 -3.73 18.25 3.18
CA GLU A 144 -4.88 18.70 2.37
C GLU A 144 -4.62 18.52 0.88
N HIS A 145 -5.49 17.75 0.23
CA HIS A 145 -5.44 17.50 -1.21
C HIS A 145 -6.58 16.59 -1.62
N ASP A 146 -7.00 16.70 -2.87
CA ASP A 146 -8.07 15.85 -3.40
C ASP A 146 -7.95 15.77 -4.91
N GLN A 147 -7.36 14.70 -5.39
CA GLN A 147 -7.20 14.49 -6.81
C GLN A 147 -6.83 13.04 -7.10
N LEU A 148 -7.33 12.48 -8.19
CA LEU A 148 -6.98 11.14 -8.55
C LEU A 148 -6.11 11.13 -9.76
N LEU A 149 -5.34 10.09 -9.87
CA LEU A 149 -4.36 9.99 -10.92
C LEU A 149 -4.62 8.83 -11.90
N GLU A 150 -4.42 9.12 -13.18
CA GLU A 150 -4.53 8.17 -14.27
C GLU A 150 -3.24 7.46 -14.54
N ILE A 151 -3.39 6.23 -14.93
CA ILE A 151 -2.33 5.41 -15.34
C ILE A 151 -1.96 5.71 -16.75
N LYS A 152 -0.90 6.38 -16.89
CA LYS A 152 -0.37 6.75 -18.15
C LYS A 152 0.12 5.53 -18.90
N ASN A 153 0.73 4.62 -18.18
CA ASN A 153 1.27 3.44 -18.83
C ASN A 153 1.28 2.22 -17.99
N ILE A 154 0.87 1.15 -18.61
CA ILE A 154 0.90 -0.14 -18.03
C ILE A 154 1.87 -1.04 -18.78
N LYS A 155 2.54 -1.89 -18.04
CA LYS A 155 3.50 -2.79 -18.60
C LYS A 155 3.52 -4.07 -17.80
N TYR A 156 4.00 -5.11 -18.41
CA TYR A 156 4.17 -6.34 -17.75
C TYR A 156 5.60 -6.49 -17.34
N VAL A 157 5.79 -6.46 -16.08
CA VAL A 157 7.06 -6.59 -15.49
C VAL A 157 7.06 -7.87 -14.64
N ARG A 158 8.18 -8.21 -14.08
CA ARG A 158 8.25 -9.44 -13.30
C ARG A 158 7.69 -9.27 -11.90
N ALA A 159 8.27 -9.96 -10.96
CA ALA A 159 7.79 -9.95 -9.59
C ALA A 159 8.69 -9.10 -8.71
N ASN A 160 9.87 -8.77 -9.25
CA ASN A 160 10.86 -7.92 -8.56
C ASN A 160 11.37 -8.58 -7.27
N ASP A 161 10.97 -9.83 -7.05
CA ASP A 161 11.35 -10.56 -5.85
C ASP A 161 10.85 -12.00 -5.95
N ASP A 162 10.99 -12.78 -4.89
CA ASP A 162 10.51 -14.16 -4.86
C ASP A 162 9.25 -14.24 -4.06
N PHE A 163 8.91 -13.14 -3.43
CA PHE A 163 7.71 -13.03 -2.64
C PHE A 163 7.07 -11.69 -2.88
N VAL A 164 5.80 -11.61 -2.61
CA VAL A 164 5.06 -10.37 -2.75
C VAL A 164 4.30 -10.12 -1.46
N PHE A 165 3.95 -8.87 -1.20
CA PHE A 165 3.35 -8.52 0.08
C PHE A 165 2.09 -7.67 -0.10
N SER A 166 1.33 -7.44 1.01
CA SER A 166 0.11 -6.61 0.95
C SER A 166 -0.25 -6.11 2.35
N LEU A 167 0.25 -6.82 3.35
CA LEU A 167 -0.01 -6.55 4.75
C LEU A 167 -1.48 -6.73 5.10
N ASN A 168 -1.76 -7.73 5.88
CA ASN A 168 -3.12 -8.00 6.27
C ASN A 168 -3.47 -7.16 7.46
N ALA A 169 -4.27 -6.17 7.26
CA ALA A 169 -4.68 -5.33 8.34
C ALA A 169 -6.13 -5.54 8.60
N LYS A 170 -6.76 -4.60 9.27
CA LYS A 170 -8.15 -4.74 9.62
C LYS A 170 -9.02 -4.87 8.38
N LYS A 171 -9.53 -6.10 8.19
CA LYS A 171 -10.40 -6.50 7.06
C LYS A 171 -9.65 -6.45 5.72
N TYR A 172 -8.31 -6.27 5.79
CA TYR A 172 -7.42 -6.19 4.60
C TYR A 172 -8.10 -5.42 3.46
N HIS A 173 -7.91 -5.89 2.21
CA HIS A 173 -8.65 -5.36 1.05
C HIS A 173 -8.06 -4.04 0.53
N ASN A 174 -7.74 -3.13 1.41
CA ASN A 174 -7.20 -1.83 1.00
C ASN A 174 -5.95 -1.47 1.76
N VAL A 175 -5.13 -0.67 1.12
CA VAL A 175 -3.91 -0.16 1.72
C VAL A 175 -3.40 0.99 0.89
N ILE A 176 -2.59 1.83 1.47
CA ILE A 176 -2.08 2.96 0.79
C ILE A 176 -0.60 2.78 0.50
N ILE A 177 -0.27 2.73 -0.77
CA ILE A 177 1.07 2.47 -1.19
C ILE A 177 1.62 3.59 -2.04
N ASN A 178 2.90 3.53 -2.28
CA ASN A 178 3.63 4.52 -3.10
C ASN A 178 3.28 5.93 -2.65
N GLU A 179 2.97 6.81 -3.61
CA GLU A 179 2.54 8.15 -3.28
C GLU A 179 1.05 8.16 -3.00
N ASN A 180 0.66 7.31 -2.07
CA ASN A 180 -0.69 7.18 -1.57
C ASN A 180 -1.65 6.58 -2.56
N ILE A 181 -1.25 5.52 -3.21
CA ILE A 181 -2.06 4.87 -4.17
C ILE A 181 -2.96 3.88 -3.47
N VAL A 182 -4.22 4.18 -3.49
CA VAL A 182 -5.21 3.38 -2.88
C VAL A 182 -5.64 2.32 -3.83
N THR A 183 -5.42 1.10 -3.47
CA THR A 183 -5.80 0.02 -4.29
C THR A 183 -6.19 -1.16 -3.42
N HIS A 184 -6.49 -2.25 -4.06
CA HIS A 184 -6.89 -3.45 -3.39
C HIS A 184 -5.66 -4.31 -3.14
N GLN A 185 -5.59 -4.89 -1.96
CA GLN A 185 -4.49 -5.77 -1.61
C GLN A 185 -4.44 -6.97 -2.54
N CYS A 1 -1.33 -9.41 -4.30
CA CYS A 1 -0.09 -9.03 -3.59
C CYS A 1 0.67 -7.92 -4.33
N PHE A 2 1.75 -7.47 -3.72
CA PHE A 2 2.61 -6.44 -4.27
C PHE A 2 4.04 -6.88 -4.06
N PRO A 3 5.04 -6.31 -4.75
CA PRO A 3 6.41 -6.66 -4.50
C PRO A 3 6.82 -6.06 -3.18
N GLY A 4 7.89 -6.54 -2.60
CA GLY A 4 8.36 -5.93 -1.39
C GLY A 4 8.69 -4.46 -1.62
N ASP A 5 9.05 -4.14 -2.87
CA ASP A 5 9.41 -2.76 -3.30
C ASP A 5 8.29 -1.75 -3.09
N THR A 6 7.11 -2.23 -2.84
CA THR A 6 5.99 -1.34 -2.65
C THR A 6 6.07 -0.65 -1.30
N ARG A 7 5.96 0.66 -1.29
CA ARG A 7 6.00 1.42 -0.09
C ARG A 7 4.64 1.44 0.52
N ILE A 8 4.53 1.12 1.75
CA ILE A 8 3.28 1.07 2.43
C ILE A 8 3.23 2.13 3.52
N LEU A 9 2.17 2.92 3.53
CA LEU A 9 2.07 3.91 4.51
C LEU A 9 1.27 3.42 5.68
N VAL A 10 1.87 3.50 6.82
CA VAL A 10 1.26 3.08 8.05
C VAL A 10 1.46 4.15 9.09
N GLN A 11 1.08 3.84 10.29
CA GLN A 11 1.27 4.72 11.40
C GLN A 11 1.88 3.96 12.53
N ILE A 12 2.98 4.43 12.98
CA ILE A 12 3.69 3.79 14.00
C ILE A 12 3.86 4.70 15.17
N ASP A 13 3.36 4.22 16.26
CA ASP A 13 3.42 4.94 17.54
C ASP A 13 2.80 6.31 17.38
N GLY A 14 1.70 6.33 16.67
CA GLY A 14 1.00 7.54 16.37
C GLY A 14 1.74 8.46 15.43
N VAL A 15 2.69 7.91 14.73
CA VAL A 15 3.48 8.66 13.80
C VAL A 15 3.51 7.92 12.50
N PRO A 16 3.01 8.52 11.46
CA PRO A 16 2.99 7.91 10.15
C PRO A 16 4.38 7.45 9.76
N GLN A 17 4.43 6.39 9.00
CA GLN A 17 5.67 5.79 8.60
C GLN A 17 5.50 5.16 7.25
N LYS A 18 6.38 5.47 6.34
CA LYS A 18 6.29 4.91 5.02
C LYS A 18 7.48 4.07 4.72
N ILE A 19 7.28 2.81 4.80
CA ILE A 19 8.31 1.89 4.48
C ILE A 19 7.82 0.95 3.45
N THR A 20 8.58 -0.04 3.13
CA THR A 20 8.13 -0.97 2.14
C THR A 20 7.41 -2.10 2.79
N LEU A 21 6.82 -2.93 2.01
CA LEU A 21 6.10 -4.05 2.52
C LEU A 21 7.02 -5.04 3.18
N ARG A 22 8.25 -5.09 2.74
CA ARG A 22 9.20 -6.00 3.29
C ARG A 22 9.75 -5.40 4.56
N GLU A 23 9.70 -4.07 4.62
CA GLU A 23 10.21 -3.34 5.73
C GLU A 23 9.18 -3.25 6.84
N LEU A 24 7.91 -3.06 6.45
CA LEU A 24 6.83 -3.00 7.42
C LEU A 24 6.74 -4.30 8.17
N TYR A 25 6.91 -5.36 7.43
CA TYR A 25 6.89 -6.71 7.94
C TYR A 25 7.81 -6.88 9.11
N GLU A 26 8.89 -6.16 9.10
CA GLU A 26 9.91 -6.25 10.10
C GLU A 26 9.50 -5.62 11.41
N LEU A 27 8.46 -4.80 11.37
CA LEU A 27 7.94 -4.17 12.54
C LEU A 27 7.05 -5.13 13.30
N PHE A 28 6.98 -6.35 12.78
CA PHE A 28 6.17 -7.37 13.33
C PHE A 28 7.05 -8.54 13.74
N GLU A 29 6.49 -9.40 14.52
CA GLU A 29 7.15 -10.63 14.94
C GLU A 29 6.13 -11.74 14.97
N ASP A 30 6.54 -12.90 15.47
CA ASP A 30 5.65 -14.07 15.54
C ASP A 30 5.25 -14.52 14.15
N GLU A 31 6.13 -15.26 13.51
CA GLU A 31 5.91 -15.72 12.16
C GLU A 31 5.42 -17.14 12.16
N ARG A 32 4.29 -17.30 11.56
CA ARG A 32 3.64 -18.55 11.43
C ARG A 32 3.60 -18.96 9.97
N TYR A 33 3.61 -20.23 9.74
CA TYR A 33 3.55 -20.77 8.39
C TYR A 33 2.15 -21.23 8.12
N GLU A 34 1.63 -20.83 7.01
CA GLU A 34 0.27 -21.16 6.66
C GLU A 34 0.00 -20.88 5.22
N ASN A 35 -0.83 -21.71 4.60
CA ASN A 35 -1.23 -21.53 3.22
C ASN A 35 -0.06 -21.54 2.30
N MET A 36 1.03 -22.13 2.76
CA MET A 36 2.25 -22.25 1.97
C MET A 36 2.94 -20.90 1.84
N VAL A 37 2.58 -19.99 2.74
CA VAL A 37 3.17 -18.69 2.78
C VAL A 37 3.51 -18.35 4.23
N TYR A 38 3.96 -17.15 4.48
CA TYR A 38 4.33 -16.78 5.82
C TYR A 38 3.41 -15.74 6.34
N VAL A 39 3.09 -15.88 7.58
CA VAL A 39 2.19 -15.01 8.22
C VAL A 39 2.83 -14.52 9.50
N ARG A 40 2.92 -13.24 9.63
CA ARG A 40 3.52 -12.67 10.82
C ARG A 40 2.48 -11.83 11.52
N LYS A 41 2.31 -12.07 12.78
CA LYS A 41 1.24 -11.41 13.51
C LYS A 41 1.73 -10.84 14.80
N LYS A 42 1.14 -9.71 15.16
CA LYS A 42 1.47 -8.96 16.36
C LYS A 42 2.69 -8.09 16.16
N PRO A 43 2.49 -6.78 16.15
CA PRO A 43 3.58 -5.84 16.02
C PRO A 43 4.33 -5.66 17.32
N LYS A 44 5.58 -5.28 17.19
CA LYS A 44 6.46 -5.09 18.35
C LYS A 44 6.30 -3.70 18.92
N ARG A 45 5.50 -2.91 18.24
CA ARG A 45 5.26 -1.54 18.61
C ARG A 45 3.87 -1.21 18.18
N GLU A 46 3.54 0.02 18.13
CA GLU A 46 2.25 0.40 17.65
C GLU A 46 2.31 0.56 16.16
N ILE A 47 1.84 -0.43 15.45
CA ILE A 47 1.81 -0.41 14.05
C ILE A 47 0.37 -0.38 13.61
N LYS A 48 -0.03 0.69 13.03
CA LYS A 48 -1.37 0.80 12.47
C LYS A 48 -1.28 0.99 10.99
N VAL A 49 -2.39 0.89 10.32
CA VAL A 49 -2.40 1.01 8.90
C VAL A 49 -3.30 2.16 8.43
N TYR A 50 -2.73 3.04 7.65
CA TYR A 50 -3.44 4.18 7.08
C TYR A 50 -4.29 3.69 5.92
N SER A 51 -5.57 3.94 5.96
CA SER A 51 -6.47 3.52 4.89
C SER A 51 -7.51 4.60 4.61
N ILE A 52 -8.22 4.46 3.51
CA ILE A 52 -9.28 5.38 3.15
C ILE A 52 -10.62 4.69 3.16
N ASP A 53 -11.62 5.43 3.56
CA ASP A 53 -12.98 4.97 3.58
C ASP A 53 -13.61 5.34 2.27
N LEU A 54 -14.01 4.36 1.53
CA LEU A 54 -14.50 4.52 0.19
C LEU A 54 -15.82 5.22 0.15
N GLU A 55 -16.55 5.00 1.17
CA GLU A 55 -17.91 5.50 1.25
C GLU A 55 -17.94 6.94 1.63
N THR A 56 -16.98 7.34 2.39
CA THR A 56 -16.97 8.68 2.86
C THR A 56 -15.86 9.47 2.22
N GLY A 57 -14.85 8.76 1.82
CA GLY A 57 -13.71 9.35 1.19
C GLY A 57 -12.73 9.88 2.20
N LYS A 58 -12.90 9.49 3.45
CA LYS A 58 -12.04 9.94 4.52
C LYS A 58 -10.92 8.99 4.76
N VAL A 59 -9.98 9.39 5.56
CA VAL A 59 -8.89 8.57 5.91
C VAL A 59 -9.09 8.01 7.31
N VAL A 60 -9.14 6.72 7.37
CA VAL A 60 -9.31 6.02 8.60
C VAL A 60 -8.03 5.23 8.92
N LEU A 61 -7.81 4.98 10.19
CA LEU A 61 -6.68 4.24 10.63
C LEU A 61 -7.14 3.04 11.42
N THR A 62 -6.60 1.90 11.10
CA THR A 62 -7.02 0.67 11.73
C THR A 62 -5.80 -0.21 12.02
N ASP A 63 -6.04 -1.31 12.72
CA ASP A 63 -4.99 -2.24 13.06
C ASP A 63 -4.77 -3.25 11.97
N ILE A 64 -3.62 -3.86 12.03
CA ILE A 64 -3.22 -4.86 11.08
C ILE A 64 -3.62 -6.24 11.58
N GLU A 65 -4.06 -7.10 10.69
CA GLU A 65 -4.48 -8.45 11.03
C GLU A 65 -3.27 -9.32 11.11
N ASP A 66 -2.37 -9.11 10.16
CA ASP A 66 -1.16 -9.89 10.05
C ASP A 66 -0.34 -9.46 8.87
N VAL A 67 0.81 -10.03 8.74
CA VAL A 67 1.68 -9.76 7.65
C VAL A 67 1.65 -10.90 6.70
N ILE A 68 1.60 -10.57 5.44
CA ILE A 68 1.54 -11.56 4.44
C ILE A 68 2.80 -11.57 3.58
N LYS A 69 3.40 -12.74 3.49
CA LYS A 69 4.60 -12.95 2.72
C LYS A 69 4.44 -14.23 1.91
N ALA A 70 4.44 -14.10 0.61
CA ALA A 70 4.21 -15.23 -0.26
C ALA A 70 5.25 -15.28 -1.34
N PRO A 71 5.69 -16.48 -1.70
CA PRO A 71 6.67 -16.69 -2.77
C PRO A 71 6.27 -15.98 -4.06
N ALA A 72 7.26 -15.33 -4.70
CA ALA A 72 7.00 -14.63 -5.95
C ALA A 72 6.76 -15.64 -7.06
N THR A 73 5.49 -15.89 -7.36
CA THR A 73 5.11 -16.86 -8.36
C THR A 73 5.02 -16.24 -9.75
N ASP A 74 4.06 -15.37 -9.94
CA ASP A 74 3.85 -14.73 -11.24
C ASP A 74 4.63 -13.41 -11.31
N HIS A 75 4.26 -12.57 -12.25
CA HIS A 75 4.90 -11.30 -12.47
C HIS A 75 3.98 -10.20 -11.99
N LEU A 76 4.48 -9.00 -12.01
CA LEU A 76 3.73 -7.88 -11.50
C LEU A 76 3.61 -6.78 -12.55
N ILE A 77 2.44 -6.21 -12.62
CA ILE A 77 2.19 -5.08 -13.50
C ILE A 77 2.60 -3.82 -12.77
N ARG A 78 3.12 -2.86 -13.48
CA ARG A 78 3.55 -1.65 -12.89
C ARG A 78 2.81 -0.51 -13.51
N PHE A 79 2.40 0.38 -12.69
CA PHE A 79 1.60 1.51 -13.09
C PHE A 79 2.35 2.79 -12.84
N GLU A 80 2.46 3.63 -13.85
CA GLU A 80 3.13 4.88 -13.67
C GLU A 80 2.17 5.99 -13.80
N LEU A 81 2.15 6.80 -12.82
CA LEU A 81 1.32 7.92 -12.77
C LEU A 81 2.03 9.13 -13.39
N GLU A 82 1.25 10.04 -13.93
CA GLU A 82 1.77 11.25 -14.60
C GLU A 82 2.70 12.08 -13.73
N ASP A 83 2.60 11.92 -12.45
CA ASP A 83 3.40 12.67 -11.52
C ASP A 83 4.53 11.84 -10.97
N GLY A 84 4.60 10.63 -11.45
CA GLY A 84 5.72 9.76 -11.18
C GLY A 84 5.52 8.75 -10.08
N ARG A 85 4.30 8.46 -9.75
CA ARG A 85 4.04 7.42 -8.78
C ARG A 85 3.94 6.12 -9.51
N SER A 86 4.54 5.09 -9.00
CA SER A 86 4.35 3.82 -9.59
C SER A 86 4.18 2.72 -8.55
N PHE A 87 3.24 1.84 -8.80
CA PHE A 87 2.96 0.75 -7.90
C PHE A 87 2.80 -0.53 -8.68
N GLU A 88 3.04 -1.65 -8.02
CA GLU A 88 3.01 -2.95 -8.67
C GLU A 88 2.18 -3.94 -7.88
N THR A 89 1.62 -4.88 -8.60
CA THR A 89 0.78 -5.93 -8.02
C THR A 89 0.93 -7.24 -8.81
N THR A 90 0.56 -8.38 -8.18
CA THR A 90 0.67 -9.71 -8.81
C THR A 90 -0.33 -9.91 -9.94
N VAL A 91 -0.86 -8.80 -10.41
CA VAL A 91 -1.81 -8.73 -11.51
C VAL A 91 -3.19 -9.29 -11.14
N ASP A 92 -3.22 -10.25 -10.23
CA ASP A 92 -4.48 -10.82 -9.74
C ASP A 92 -5.01 -10.01 -8.57
N HIS A 93 -4.21 -9.07 -8.10
CA HIS A 93 -4.61 -8.23 -6.97
C HIS A 93 -5.49 -7.09 -7.44
N PRO A 94 -6.69 -6.94 -6.84
CA PRO A 94 -7.62 -5.86 -7.18
C PRO A 94 -7.04 -4.48 -6.86
N VAL A 95 -7.28 -3.57 -7.76
CA VAL A 95 -6.86 -2.19 -7.64
C VAL A 95 -8.11 -1.32 -7.55
N LEU A 96 -8.05 -0.25 -6.80
CA LEU A 96 -9.20 0.61 -6.63
C LEU A 96 -9.10 1.80 -7.56
N VAL A 97 -9.89 1.79 -8.59
CA VAL A 97 -9.85 2.86 -9.56
C VAL A 97 -11.07 3.73 -9.45
N TYR A 98 -10.88 4.98 -9.76
CA TYR A 98 -11.96 5.93 -9.75
C TYR A 98 -12.45 6.19 -11.16
N GLU A 99 -13.47 5.45 -11.56
CA GLU A 99 -14.06 5.59 -12.85
C GLU A 99 -15.54 5.35 -12.73
N ASN A 100 -16.31 5.86 -13.69
CA ASN A 100 -17.77 5.70 -13.67
C ASN A 100 -18.35 6.42 -12.46
N GLY A 101 -17.60 7.39 -11.94
CA GLY A 101 -18.02 8.13 -10.76
C GLY A 101 -18.06 7.27 -9.53
N ARG A 102 -17.47 6.10 -9.59
CA ARG A 102 -17.47 5.22 -8.50
C ARG A 102 -16.12 4.61 -8.31
N PHE A 103 -15.98 3.91 -7.26
CA PHE A 103 -14.77 3.23 -6.95
C PHE A 103 -14.95 1.76 -7.22
N ILE A 104 -14.13 1.23 -8.08
CA ILE A 104 -14.25 -0.16 -8.43
C ILE A 104 -12.93 -0.89 -8.26
N GLU A 105 -13.03 -2.18 -7.96
CA GLU A 105 -11.84 -2.98 -7.75
C GLU A 105 -11.58 -3.91 -8.93
N LYS A 106 -10.53 -3.64 -9.66
CA LYS A 106 -10.13 -4.47 -10.77
C LYS A 106 -8.71 -4.91 -10.61
N ARG A 107 -8.41 -6.13 -11.03
CA ARG A 107 -7.08 -6.70 -10.88
C ARG A 107 -6.08 -5.89 -11.67
N ALA A 108 -4.78 -6.05 -11.38
CA ALA A 108 -3.79 -5.26 -12.08
C ALA A 108 -3.84 -5.54 -13.55
N PHE A 109 -4.01 -6.82 -13.89
CA PHE A 109 -4.10 -7.23 -15.28
C PHE A 109 -5.47 -6.86 -15.86
N GLU A 110 -6.33 -6.26 -15.04
CA GLU A 110 -7.65 -5.84 -15.44
C GLU A 110 -7.67 -4.33 -15.57
N VAL A 111 -6.71 -3.70 -14.94
CA VAL A 111 -6.53 -2.29 -14.99
C VAL A 111 -5.89 -1.95 -16.35
N LYS A 112 -6.15 -0.80 -16.87
CA LYS A 112 -5.63 -0.44 -18.17
C LYS A 112 -4.85 0.85 -18.08
N GLU A 113 -4.12 1.18 -19.12
CA GLU A 113 -3.37 2.40 -19.14
C GLU A 113 -4.32 3.55 -19.18
N GLY A 114 -4.03 4.57 -18.42
CA GLY A 114 -4.94 5.69 -18.31
C GLY A 114 -5.92 5.51 -17.17
N ASP A 115 -5.73 4.44 -16.38
CA ASP A 115 -6.60 4.17 -15.23
C ASP A 115 -6.23 5.11 -14.10
N LYS A 116 -7.05 5.22 -13.10
CA LYS A 116 -6.78 6.13 -11.99
C LYS A 116 -6.79 5.41 -10.69
N VAL A 117 -6.18 6.02 -9.72
CA VAL A 117 -6.23 5.54 -8.38
C VAL A 117 -6.57 6.66 -7.45
N LEU A 118 -7.03 6.32 -6.28
CA LEU A 118 -7.34 7.30 -5.30
C LEU A 118 -6.18 7.45 -4.35
N VAL A 119 -5.84 8.65 -4.03
CA VAL A 119 -4.85 8.88 -3.04
C VAL A 119 -5.51 9.43 -1.81
N SER A 120 -4.84 9.35 -0.69
CA SER A 120 -5.38 9.87 0.55
C SER A 120 -5.17 11.38 0.64
N GLU A 121 -5.11 11.99 -0.53
CA GLU A 121 -4.91 13.44 -0.70
C GLU A 121 -3.50 13.90 -0.40
N LEU A 122 -2.94 13.38 0.67
CA LEU A 122 -1.69 13.87 1.19
C LEU A 122 -1.35 13.08 2.45
N GLU A 123 -0.33 13.54 3.21
CA GLU A 123 0.08 12.88 4.45
C GLU A 123 1.38 13.51 5.02
N LEU A 124 2.16 12.66 5.73
CA LEU A 124 3.44 12.99 6.37
C LEU A 124 4.54 13.32 5.33
N VAL A 125 4.19 14.19 4.41
CA VAL A 125 5.03 14.65 3.27
C VAL A 125 6.52 14.34 3.46
N GLU A 126 7.04 13.54 2.58
CA GLU A 126 8.39 13.04 2.70
C GLU A 126 9.28 13.64 1.63
N GLN A 127 10.58 13.42 1.78
CA GLN A 127 11.54 13.81 0.78
C GLN A 127 11.94 12.55 0.01
N SER A 128 12.34 11.56 0.78
CA SER A 128 12.71 10.26 0.29
C SER A 128 12.85 9.32 1.48
N SER A 129 11.70 8.83 1.96
CA SER A 129 11.63 8.01 3.17
C SER A 129 11.95 8.89 4.40
N SER A 130 12.24 8.27 5.53
CA SER A 130 12.54 9.00 6.74
C SER A 130 14.05 9.09 6.98
N SER A 131 14.46 10.10 7.71
CA SER A 131 15.87 10.29 8.01
C SER A 131 16.18 9.70 9.38
N GLN A 132 15.15 9.45 10.16
CA GLN A 132 15.29 8.87 11.49
C GLN A 132 14.46 7.60 11.60
N ASP A 133 14.48 6.98 12.79
CA ASP A 133 13.77 5.72 13.03
C ASP A 133 12.29 5.86 12.83
N ASN A 134 11.78 6.92 13.34
CA ASN A 134 10.36 7.24 13.29
C ASN A 134 10.11 8.72 13.61
N PRO A 135 10.76 9.27 14.66
CA PRO A 135 10.64 10.67 14.99
C PRO A 135 11.22 11.50 13.87
N LYS A 136 10.62 12.63 13.62
CA LYS A 136 11.00 13.48 12.52
C LYS A 136 10.24 14.78 12.60
N ASN A 137 8.97 14.68 12.95
CA ASN A 137 8.10 15.83 13.07
C ASN A 137 6.77 15.39 13.67
N GLU A 138 6.29 16.15 14.63
CA GLU A 138 5.03 15.86 15.25
C GLU A 138 3.95 16.77 14.67
N ASN A 139 3.87 17.99 15.23
CA ASN A 139 2.92 19.03 14.80
C ASN A 139 1.53 18.48 14.51
N LEU A 140 1.26 18.22 13.26
CA LEU A 140 0.02 17.67 12.81
C LEU A 140 0.17 17.13 11.41
N GLY A 141 -0.49 16.05 11.12
CA GLY A 141 -0.44 15.48 9.81
C GLY A 141 -1.77 15.49 9.12
N SER A 142 -2.37 16.66 9.00
CA SER A 142 -3.65 16.79 8.34
C SER A 142 -3.45 16.91 6.82
N PRO A 143 -3.96 15.94 6.04
CA PRO A 143 -3.84 15.97 4.61
C PRO A 143 -4.96 16.77 3.95
N GLU A 144 -4.82 17.01 2.64
CA GLU A 144 -5.77 17.80 1.88
C GLU A 144 -5.22 18.07 0.48
N HIS A 145 -5.86 17.49 -0.53
CA HIS A 145 -5.47 17.67 -1.92
C HIS A 145 -6.37 16.85 -2.84
N ASP A 146 -7.35 17.52 -3.43
CA ASP A 146 -8.31 16.85 -4.30
C ASP A 146 -7.74 16.69 -5.69
N GLN A 147 -7.13 15.56 -5.94
CA GLN A 147 -6.59 15.27 -7.25
C GLN A 147 -6.28 13.79 -7.40
N LEU A 148 -6.90 13.15 -8.35
CA LEU A 148 -6.60 11.79 -8.61
C LEU A 148 -5.73 11.69 -9.82
N LEU A 149 -4.91 10.71 -9.82
CA LEU A 149 -3.90 10.59 -10.82
C LEU A 149 -4.13 9.37 -11.71
N GLU A 150 -3.92 9.58 -13.01
CA GLU A 150 -4.01 8.56 -14.03
C GLU A 150 -2.70 7.88 -14.28
N ILE A 151 -2.82 6.63 -14.57
CA ILE A 151 -1.73 5.81 -14.92
C ILE A 151 -1.32 6.10 -16.33
N LYS A 152 -0.29 6.81 -16.43
CA LYS A 152 0.27 7.18 -17.68
C LYS A 152 0.87 6.00 -18.39
N ASN A 153 1.45 5.09 -17.64
CA ASN A 153 2.09 3.95 -18.27
C ASN A 153 2.12 2.72 -17.44
N ILE A 154 1.67 1.67 -18.05
CA ILE A 154 1.67 0.37 -17.47
C ILE A 154 2.65 -0.54 -18.19
N LYS A 155 3.26 -1.42 -17.44
CA LYS A 155 4.20 -2.35 -17.98
C LYS A 155 4.14 -3.65 -17.21
N TYR A 156 4.55 -4.70 -17.83
CA TYR A 156 4.64 -5.96 -17.20
C TYR A 156 6.06 -6.20 -16.81
N VAL A 157 6.27 -6.27 -15.55
CA VAL A 157 7.58 -6.45 -15.01
C VAL A 157 7.57 -7.60 -14.03
N ARG A 158 8.72 -7.97 -13.55
CA ARG A 158 8.79 -9.06 -12.63
C ARG A 158 9.05 -8.56 -11.24
N ALA A 159 8.85 -9.42 -10.30
CA ALA A 159 9.08 -9.12 -8.89
C ALA A 159 10.58 -8.96 -8.62
N ASN A 160 10.92 -7.89 -7.92
CA ASN A 160 12.33 -7.63 -7.56
C ASN A 160 12.67 -8.32 -6.25
N ASP A 161 12.07 -9.48 -6.04
CA ASP A 161 12.26 -10.23 -4.82
C ASP A 161 11.83 -11.67 -5.07
N ASP A 162 11.95 -12.52 -4.07
CA ASP A 162 11.52 -13.90 -4.20
C ASP A 162 10.24 -14.12 -3.44
N PHE A 163 9.78 -13.07 -2.80
CA PHE A 163 8.52 -13.07 -2.11
C PHE A 163 7.81 -11.76 -2.35
N VAL A 164 6.52 -11.81 -2.28
CA VAL A 164 5.69 -10.65 -2.41
C VAL A 164 4.92 -10.47 -1.12
N PHE A 165 4.48 -9.27 -0.86
CA PHE A 165 3.80 -8.99 0.39
C PHE A 165 2.53 -8.20 0.13
N SER A 166 1.78 -7.97 1.19
CA SER A 166 0.59 -7.12 1.12
C SER A 166 0.27 -6.52 2.46
N LEU A 167 0.63 -7.25 3.54
CA LEU A 167 0.33 -6.82 4.90
C LEU A 167 -1.18 -6.72 5.08
N ASN A 168 -1.78 -7.81 5.52
CA ASN A 168 -3.22 -7.85 5.62
C ASN A 168 -3.72 -7.20 6.87
N ALA A 169 -4.25 -6.02 6.70
CA ALA A 169 -4.90 -5.33 7.78
C ALA A 169 -6.39 -5.58 7.73
N LYS A 170 -7.17 -4.67 8.29
CA LYS A 170 -8.60 -4.83 8.35
C LYS A 170 -9.24 -4.90 6.97
N LYS A 171 -10.13 -5.90 6.82
CA LYS A 171 -10.84 -6.21 5.57
C LYS A 171 -9.94 -7.01 4.60
N TYR A 172 -8.63 -7.06 4.92
CA TYR A 172 -7.62 -7.77 4.10
C TYR A 172 -7.37 -7.07 2.76
N HIS A 173 -6.12 -7.10 2.33
CA HIS A 173 -5.67 -6.48 1.06
C HIS A 173 -6.18 -5.04 0.92
N ASN A 174 -6.29 -4.37 2.05
CA ASN A 174 -6.76 -3.00 2.11
C ASN A 174 -5.66 -2.10 2.66
N VAL A 175 -5.01 -1.32 1.79
CA VAL A 175 -3.89 -0.49 2.23
C VAL A 175 -3.59 0.69 1.33
N ILE A 176 -2.71 1.55 1.82
CA ILE A 176 -2.22 2.70 1.13
C ILE A 176 -0.73 2.57 0.87
N ILE A 177 -0.36 2.64 -0.37
CA ILE A 177 1.01 2.42 -0.76
C ILE A 177 1.56 3.55 -1.59
N ASN A 178 2.85 3.53 -1.75
CA ASN A 178 3.61 4.49 -2.55
C ASN A 178 3.28 5.93 -2.12
N GLU A 179 2.97 6.78 -3.10
CA GLU A 179 2.56 8.16 -2.84
C GLU A 179 1.09 8.21 -2.40
N ASN A 180 0.73 7.28 -1.53
CA ASN A 180 -0.58 7.18 -0.94
C ASN A 180 -1.61 6.71 -1.93
N ILE A 181 -1.28 5.66 -2.63
CA ILE A 181 -2.14 5.08 -3.61
C ILE A 181 -2.99 4.06 -2.92
N VAL A 182 -4.27 4.33 -2.84
CA VAL A 182 -5.16 3.44 -2.18
C VAL A 182 -5.52 2.26 -3.06
N THR A 183 -5.49 1.11 -2.47
CA THR A 183 -5.87 -0.11 -3.11
C THR A 183 -6.65 -0.92 -2.10
N HIS A 184 -7.88 -1.23 -2.42
CA HIS A 184 -8.76 -1.87 -1.47
C HIS A 184 -9.66 -2.84 -2.20
N GLN A 185 -10.07 -3.89 -1.52
CA GLN A 185 -11.00 -4.83 -2.11
C GLN A 185 -12.41 -4.30 -2.01
N CYS A 1 -2.03 -8.55 -4.31
CA CYS A 1 -0.70 -8.65 -3.67
C CYS A 1 0.33 -7.83 -4.44
N PHE A 2 1.28 -7.26 -3.71
CA PHE A 2 2.27 -6.38 -4.29
C PHE A 2 3.66 -6.93 -4.02
N PRO A 3 4.71 -6.43 -4.69
CA PRO A 3 6.07 -6.84 -4.42
C PRO A 3 6.51 -6.27 -3.08
N GLY A 4 7.59 -6.77 -2.54
CA GLY A 4 8.10 -6.18 -1.32
C GLY A 4 8.43 -4.70 -1.52
N ASP A 5 8.80 -4.35 -2.77
CA ASP A 5 9.16 -2.96 -3.14
C ASP A 5 8.03 -1.97 -2.94
N THR A 6 6.83 -2.47 -2.81
CA THR A 6 5.71 -1.60 -2.62
C THR A 6 5.79 -0.94 -1.26
N ARG A 7 5.73 0.38 -1.26
CA ARG A 7 5.80 1.14 -0.06
C ARG A 7 4.44 1.21 0.56
N ILE A 8 4.36 1.01 1.83
CA ILE A 8 3.11 1.03 2.51
C ILE A 8 3.13 2.10 3.59
N LEU A 9 2.10 2.93 3.61
CA LEU A 9 2.03 3.94 4.61
C LEU A 9 1.32 3.39 5.83
N VAL A 10 2.00 3.46 6.94
CA VAL A 10 1.49 2.92 8.21
C VAL A 10 1.73 3.89 9.34
N GLN A 11 1.32 3.49 10.54
CA GLN A 11 1.53 4.29 11.71
C GLN A 11 2.15 3.45 12.79
N ILE A 12 3.28 3.88 13.23
CA ILE A 12 4.00 3.19 14.21
C ILE A 12 4.22 4.07 15.38
N ASP A 13 3.74 3.61 16.49
CA ASP A 13 3.88 4.33 17.77
C ASP A 13 3.29 5.71 17.63
N GLY A 14 2.21 5.78 16.90
CA GLY A 14 1.55 7.02 16.61
C GLY A 14 2.31 7.89 15.64
N VAL A 15 3.26 7.31 14.95
CA VAL A 15 4.07 8.02 13.99
C VAL A 15 3.95 7.36 12.66
N PRO A 16 3.52 8.09 11.68
CA PRO A 16 3.34 7.58 10.35
C PRO A 16 4.66 7.35 9.66
N GLN A 17 4.88 6.13 9.25
CA GLN A 17 6.09 5.76 8.61
C GLN A 17 5.77 5.24 7.24
N LYS A 18 6.57 5.62 6.30
CA LYS A 18 6.39 5.15 4.96
C LYS A 18 7.50 4.19 4.64
N ILE A 19 7.19 2.94 4.71
CA ILE A 19 8.15 1.94 4.43
C ILE A 19 7.65 1.00 3.40
N THR A 20 8.36 -0.04 3.16
CA THR A 20 7.92 -0.99 2.18
C THR A 20 7.25 -2.13 2.86
N LEU A 21 6.66 -2.98 2.09
CA LEU A 21 6.01 -4.13 2.61
C LEU A 21 7.02 -5.10 3.20
N ARG A 22 8.25 -5.07 2.69
CA ARG A 22 9.27 -5.95 3.18
C ARG A 22 9.79 -5.39 4.47
N GLU A 23 9.68 -4.07 4.58
CA GLU A 23 10.15 -3.35 5.72
C GLU A 23 9.12 -3.33 6.83
N LEU A 24 7.86 -3.12 6.46
CA LEU A 24 6.76 -3.12 7.42
C LEU A 24 6.72 -4.45 8.12
N TYR A 25 6.90 -5.47 7.33
CA TYR A 25 6.90 -6.84 7.76
C TYR A 25 7.86 -7.09 8.89
N GLU A 26 8.92 -6.34 8.92
CA GLU A 26 9.96 -6.51 9.93
C GLU A 26 9.50 -6.02 11.28
N LEU A 27 8.47 -5.19 11.30
CA LEU A 27 7.94 -4.64 12.50
C LEU A 27 7.08 -5.68 13.20
N PHE A 28 7.02 -6.85 12.60
CA PHE A 28 6.27 -7.94 13.08
C PHE A 28 7.19 -9.08 13.37
N GLU A 29 6.76 -9.95 14.23
CA GLU A 29 7.50 -11.15 14.55
C GLU A 29 6.56 -12.18 15.12
N ASP A 30 6.69 -13.40 14.56
CA ASP A 30 5.85 -14.59 14.84
C ASP A 30 5.36 -15.12 13.52
N GLU A 31 6.17 -15.93 12.91
CA GLU A 31 5.87 -16.43 11.61
C GLU A 31 5.28 -17.81 11.65
N ARG A 32 4.16 -17.91 11.05
CA ARG A 32 3.42 -19.11 10.92
C ARG A 32 3.31 -19.48 9.46
N TYR A 33 3.21 -20.74 9.18
CA TYR A 33 3.07 -21.21 7.83
C TYR A 33 1.65 -21.58 7.59
N GLU A 34 1.10 -21.11 6.52
CA GLU A 34 -0.30 -21.33 6.21
C GLU A 34 -0.58 -20.98 4.79
N ASN A 35 -1.53 -21.69 4.20
CA ASN A 35 -1.97 -21.43 2.83
C ASN A 35 -0.84 -21.55 1.88
N MET A 36 0.17 -22.29 2.29
CA MET A 36 1.37 -22.56 1.49
C MET A 36 2.26 -21.35 1.41
N VAL A 37 2.02 -20.39 2.30
CA VAL A 37 2.80 -19.17 2.35
C VAL A 37 3.27 -18.92 3.78
N TYR A 38 3.83 -17.74 4.02
CA TYR A 38 4.32 -17.36 5.33
C TYR A 38 3.48 -16.26 5.85
N VAL A 39 3.18 -16.35 7.10
CA VAL A 39 2.37 -15.38 7.73
C VAL A 39 3.04 -14.93 9.01
N ARG A 40 3.26 -13.66 9.12
CA ARG A 40 3.89 -13.13 10.31
C ARG A 40 2.90 -12.35 11.09
N LYS A 41 2.86 -12.58 12.33
CA LYS A 41 1.89 -11.96 13.16
C LYS A 41 2.57 -11.08 14.15
N LYS A 42 1.76 -10.46 14.95
CA LYS A 42 2.18 -9.70 16.13
C LYS A 42 3.22 -8.63 15.87
N PRO A 43 2.80 -7.39 15.89
CA PRO A 43 3.71 -6.30 15.77
C PRO A 43 4.43 -6.06 17.09
N LYS A 44 5.71 -5.76 16.99
CA LYS A 44 6.57 -5.60 18.16
C LYS A 44 6.45 -4.20 18.75
N ARG A 45 5.65 -3.39 18.12
CA ARG A 45 5.39 -2.05 18.52
C ARG A 45 3.99 -1.76 18.16
N GLU A 46 3.59 -0.53 18.27
CA GLU A 46 2.31 -0.16 17.80
C GLU A 46 2.39 0.01 16.31
N ILE A 47 1.87 -0.92 15.59
CA ILE A 47 1.85 -0.87 14.20
C ILE A 47 0.42 -0.80 13.74
N LYS A 48 0.08 0.31 13.20
CA LYS A 48 -1.20 0.47 12.58
C LYS A 48 -1.04 0.66 11.11
N VAL A 49 -2.13 0.54 10.40
CA VAL A 49 -2.10 0.66 8.97
C VAL A 49 -3.00 1.78 8.49
N TYR A 50 -2.47 2.63 7.62
CA TYR A 50 -3.27 3.68 7.02
C TYR A 50 -4.04 3.13 5.84
N SER A 51 -5.34 3.24 5.90
CA SER A 51 -6.18 2.76 4.83
C SER A 51 -7.26 3.79 4.53
N ILE A 52 -7.98 3.60 3.46
CA ILE A 52 -9.04 4.52 3.10
C ILE A 52 -10.39 3.85 3.22
N ASP A 53 -11.34 4.62 3.67
CA ASP A 53 -12.70 4.16 3.78
C ASP A 53 -13.44 4.59 2.56
N LEU A 54 -13.25 3.83 1.51
CA LEU A 54 -13.77 4.05 0.16
C LEU A 54 -15.16 4.65 0.14
N GLU A 55 -15.99 4.18 1.01
CA GLU A 55 -17.38 4.59 1.05
C GLU A 55 -17.50 6.05 1.37
N THR A 56 -16.65 6.49 2.24
CA THR A 56 -16.69 7.84 2.68
C THR A 56 -15.54 8.64 2.09
N GLY A 57 -14.52 7.92 1.70
CA GLY A 57 -13.37 8.51 1.11
C GLY A 57 -12.44 9.11 2.14
N LYS A 58 -12.58 8.66 3.38
CA LYS A 58 -11.76 9.15 4.46
C LYS A 58 -10.55 8.30 4.71
N VAL A 59 -9.57 8.89 5.37
CA VAL A 59 -8.37 8.21 5.74
C VAL A 59 -8.54 7.63 7.11
N VAL A 60 -8.64 6.36 7.19
CA VAL A 60 -8.80 5.69 8.44
C VAL A 60 -7.55 4.90 8.82
N LEU A 61 -7.37 4.68 10.10
CA LEU A 61 -6.28 3.94 10.59
C LEU A 61 -6.79 2.78 11.40
N THR A 62 -6.24 1.62 11.19
CA THR A 62 -6.72 0.44 11.86
C THR A 62 -5.56 -0.49 12.23
N ASP A 63 -5.88 -1.51 13.02
CA ASP A 63 -4.92 -2.52 13.42
C ASP A 63 -4.66 -3.48 12.29
N ILE A 64 -3.57 -4.16 12.39
CA ILE A 64 -3.17 -5.13 11.41
C ILE A 64 -3.58 -6.51 11.89
N GLU A 65 -3.94 -7.37 10.96
CA GLU A 65 -4.28 -8.72 11.29
C GLU A 65 -3.01 -9.48 11.45
N ASP A 66 -2.17 -9.40 10.44
CA ASP A 66 -0.89 -10.12 10.35
C ASP A 66 -0.17 -9.67 9.08
N VAL A 67 0.91 -10.33 8.74
CA VAL A 67 1.68 -10.00 7.55
C VAL A 67 1.48 -11.06 6.49
N ILE A 68 1.58 -10.65 5.25
CA ILE A 68 1.40 -11.55 4.11
C ILE A 68 2.71 -11.74 3.38
N LYS A 69 3.19 -12.96 3.33
CA LYS A 69 4.44 -13.27 2.63
C LYS A 69 4.25 -14.52 1.78
N ALA A 70 4.29 -14.35 0.47
CA ALA A 70 4.05 -15.45 -0.44
C ALA A 70 5.11 -15.51 -1.50
N PRO A 71 5.51 -16.71 -1.89
CA PRO A 71 6.50 -16.93 -2.94
C PRO A 71 6.15 -16.21 -4.25
N ALA A 72 7.11 -15.48 -4.78
CA ALA A 72 6.91 -14.75 -6.02
C ALA A 72 7.07 -15.67 -7.21
N THR A 73 5.99 -16.34 -7.57
CA THR A 73 5.99 -17.25 -8.68
C THR A 73 5.46 -16.58 -9.93
N ASP A 74 4.40 -15.83 -9.77
CA ASP A 74 3.78 -15.11 -10.88
C ASP A 74 4.44 -13.75 -11.06
N HIS A 75 4.05 -13.04 -12.10
CA HIS A 75 4.61 -11.74 -12.37
C HIS A 75 3.61 -10.70 -11.94
N LEU A 76 4.03 -9.47 -11.97
CA LEU A 76 3.21 -8.38 -11.52
C LEU A 76 3.07 -7.31 -12.59
N ILE A 77 1.91 -6.74 -12.66
CA ILE A 77 1.68 -5.63 -13.53
C ILE A 77 2.12 -4.37 -12.82
N ARG A 78 2.72 -3.46 -13.53
CA ARG A 78 3.19 -2.26 -12.97
C ARG A 78 2.46 -1.10 -13.56
N PHE A 79 2.09 -0.23 -12.70
CA PHE A 79 1.35 0.95 -13.09
C PHE A 79 2.18 2.16 -12.84
N GLU A 80 2.44 2.92 -13.87
CA GLU A 80 3.20 4.11 -13.70
C GLU A 80 2.30 5.26 -13.85
N LEU A 81 2.32 6.10 -12.89
CA LEU A 81 1.49 7.24 -12.89
C LEU A 81 2.16 8.41 -13.59
N GLU A 82 1.33 9.35 -14.04
CA GLU A 82 1.81 10.57 -14.72
C GLU A 82 2.75 11.38 -13.81
N ASP A 83 2.66 11.09 -12.52
CA ASP A 83 3.46 11.79 -11.51
C ASP A 83 4.74 11.03 -11.27
N GLY A 84 4.81 9.83 -11.82
CA GLY A 84 5.98 9.00 -11.68
C GLY A 84 5.89 8.00 -10.56
N ARG A 85 4.71 7.85 -9.98
CA ARG A 85 4.50 6.87 -8.95
C ARG A 85 4.20 5.57 -9.62
N SER A 86 4.69 4.49 -9.10
CA SER A 86 4.35 3.21 -9.69
C SER A 86 4.15 2.13 -8.65
N PHE A 87 3.16 1.30 -8.89
CA PHE A 87 2.85 0.21 -8.00
C PHE A 87 2.59 -1.06 -8.79
N GLU A 88 2.74 -2.20 -8.12
CA GLU A 88 2.60 -3.50 -8.78
C GLU A 88 1.67 -4.40 -8.04
N THR A 89 1.07 -5.30 -8.77
CA THR A 89 0.16 -6.30 -8.21
C THR A 89 0.28 -7.62 -8.99
N THR A 90 -0.12 -8.74 -8.36
CA THR A 90 -0.02 -10.08 -8.96
C THR A 90 -1.03 -10.29 -10.09
N VAL A 91 -1.53 -9.21 -10.59
CA VAL A 91 -2.43 -9.14 -11.74
C VAL A 91 -3.84 -9.71 -11.46
N ASP A 92 -3.92 -10.82 -10.75
CA ASP A 92 -5.22 -11.42 -10.42
C ASP A 92 -5.84 -10.75 -9.22
N HIS A 93 -5.18 -9.74 -8.71
CA HIS A 93 -5.66 -9.04 -7.53
C HIS A 93 -6.26 -7.69 -7.92
N PRO A 94 -7.44 -7.35 -7.33
CA PRO A 94 -8.17 -6.11 -7.63
C PRO A 94 -7.41 -4.82 -7.29
N VAL A 95 -7.60 -3.85 -8.16
CA VAL A 95 -7.07 -2.51 -8.03
C VAL A 95 -8.25 -1.54 -7.95
N LEU A 96 -8.11 -0.46 -7.21
CA LEU A 96 -9.21 0.47 -7.03
C LEU A 96 -9.03 1.73 -7.88
N VAL A 97 -9.88 1.89 -8.88
CA VAL A 97 -9.84 3.07 -9.71
C VAL A 97 -11.07 3.91 -9.53
N TYR A 98 -10.87 5.19 -9.53
CA TYR A 98 -11.95 6.13 -9.47
C TYR A 98 -12.34 6.48 -10.89
N GLU A 99 -13.29 5.74 -11.39
CA GLU A 99 -13.74 5.82 -12.73
C GLU A 99 -15.25 5.64 -12.75
N ASN A 100 -15.92 6.28 -13.71
CA ASN A 100 -17.39 6.25 -13.79
C ASN A 100 -17.99 7.03 -12.63
N GLY A 101 -17.19 7.94 -12.08
CA GLY A 101 -17.62 8.73 -10.93
C GLY A 101 -17.79 7.88 -9.70
N ARG A 102 -17.27 6.68 -9.76
CA ARG A 102 -17.38 5.76 -8.69
C ARG A 102 -16.09 5.03 -8.52
N PHE A 103 -16.01 4.25 -7.50
CA PHE A 103 -14.85 3.46 -7.27
C PHE A 103 -15.09 2.07 -7.78
N ILE A 104 -14.28 1.65 -8.71
CA ILE A 104 -14.43 0.33 -9.24
C ILE A 104 -13.22 -0.51 -8.95
N GLU A 105 -13.44 -1.77 -8.69
CA GLU A 105 -12.37 -2.67 -8.35
C GLU A 105 -12.12 -3.63 -9.51
N LYS A 106 -10.98 -3.45 -10.14
CA LYS A 106 -10.58 -4.25 -11.28
C LYS A 106 -9.19 -4.82 -11.05
N ARG A 107 -8.98 -6.07 -11.41
CA ARG A 107 -7.70 -6.74 -11.19
C ARG A 107 -6.61 -6.07 -12.01
N ALA A 108 -5.33 -6.32 -11.70
CA ALA A 108 -4.26 -5.63 -12.40
C ALA A 108 -4.31 -5.93 -13.88
N PHE A 109 -4.52 -7.21 -14.19
CA PHE A 109 -4.61 -7.66 -15.58
C PHE A 109 -5.97 -7.24 -16.18
N GLU A 110 -6.75 -6.54 -15.38
CA GLU A 110 -8.08 -6.10 -15.76
C GLU A 110 -8.10 -4.56 -15.85
N VAL A 111 -7.08 -3.96 -15.28
CA VAL A 111 -6.86 -2.54 -15.34
C VAL A 111 -6.20 -2.21 -16.66
N LYS A 112 -6.45 -1.05 -17.18
CA LYS A 112 -5.87 -0.66 -18.46
C LYS A 112 -5.10 0.62 -18.34
N GLU A 113 -4.27 0.90 -19.32
CA GLU A 113 -3.44 2.08 -19.28
C GLU A 113 -4.31 3.33 -19.32
N GLY A 114 -3.90 4.34 -18.59
CA GLY A 114 -4.69 5.54 -18.47
C GLY A 114 -5.73 5.42 -17.38
N ASP A 115 -5.70 4.31 -16.65
CA ASP A 115 -6.61 4.11 -15.54
C ASP A 115 -6.15 4.97 -14.39
N LYS A 116 -6.95 5.13 -13.39
CA LYS A 116 -6.56 5.99 -12.29
C LYS A 116 -6.61 5.23 -11.00
N VAL A 117 -6.05 5.80 -10.00
CA VAL A 117 -6.12 5.25 -8.68
C VAL A 117 -6.38 6.36 -7.73
N LEU A 118 -6.84 6.05 -6.57
CA LEU A 118 -7.06 7.06 -5.61
C LEU A 118 -5.81 7.20 -4.81
N VAL A 119 -5.37 8.38 -4.69
CA VAL A 119 -4.28 8.63 -3.82
C VAL A 119 -4.76 9.46 -2.68
N SER A 120 -4.53 8.95 -1.51
CA SER A 120 -4.95 9.62 -0.29
C SER A 120 -4.20 10.92 -0.15
N GLU A 121 -3.14 11.00 -0.91
CA GLU A 121 -2.19 12.11 -0.94
C GLU A 121 -1.79 12.59 0.46
N LEU A 122 -1.88 11.71 1.43
CA LEU A 122 -1.56 12.04 2.79
C LEU A 122 -0.09 11.85 3.04
N GLU A 123 0.60 12.93 3.25
CA GLU A 123 2.00 12.86 3.51
C GLU A 123 2.24 13.15 4.98
N LEU A 124 3.42 12.82 5.46
CA LEU A 124 3.73 12.94 6.88
C LEU A 124 4.89 13.87 7.03
N VAL A 125 5.07 14.61 6.01
CA VAL A 125 6.12 15.56 5.88
C VAL A 125 5.94 16.75 6.82
N GLU A 126 7.04 17.17 7.42
CA GLU A 126 7.03 18.32 8.31
C GLU A 126 7.75 19.48 7.65
N GLN A 127 8.45 19.16 6.55
CA GLN A 127 9.29 20.11 5.83
C GLN A 127 10.53 20.41 6.69
N SER A 128 10.93 19.42 7.47
CA SER A 128 12.07 19.52 8.35
C SER A 128 13.30 18.87 7.70
N SER A 129 13.21 17.59 7.45
CA SER A 129 14.28 16.84 6.83
C SER A 129 13.72 15.58 6.17
N SER A 130 14.59 14.74 5.63
CA SER A 130 14.17 13.52 4.99
C SER A 130 13.59 12.54 6.01
N SER A 131 12.63 11.74 5.58
CA SER A 131 12.01 10.77 6.45
C SER A 131 12.91 9.54 6.63
N GLN A 132 13.93 9.70 7.46
CA GLN A 132 14.88 8.63 7.72
C GLN A 132 14.86 8.26 9.20
N ASP A 133 14.18 9.05 9.99
CA ASP A 133 14.12 8.84 11.43
C ASP A 133 12.77 8.29 11.87
N ASN A 134 12.28 8.79 12.98
CA ASN A 134 11.05 8.30 13.61
C ASN A 134 10.49 9.27 14.66
N PRO A 135 11.37 9.84 15.55
CA PRO A 135 11.00 10.88 16.54
C PRO A 135 10.33 12.13 15.89
N LYS A 136 10.57 13.31 16.48
CA LYS A 136 9.98 14.58 16.04
C LYS A 136 8.49 14.58 16.29
N ASN A 137 7.75 13.91 15.40
CA ASN A 137 6.31 13.77 15.51
C ASN A 137 5.64 15.15 15.64
N GLU A 138 6.11 16.10 14.84
CA GLU A 138 5.55 17.43 14.86
C GLU A 138 4.50 17.56 13.78
N ASN A 139 4.87 17.15 12.55
CA ASN A 139 4.01 17.24 11.35
C ASN A 139 3.24 18.57 11.24
N LEU A 140 2.31 18.61 10.33
CA LEU A 140 1.48 19.77 10.15
C LEU A 140 0.04 19.43 10.43
N GLY A 141 -0.76 20.43 10.70
CA GLY A 141 -2.15 20.21 11.02
C GLY A 141 -2.92 19.67 9.83
N SER A 142 -2.94 20.44 8.76
CA SER A 142 -3.66 20.05 7.57
C SER A 142 -2.72 20.00 6.37
N PRO A 143 -2.56 18.80 5.76
CA PRO A 143 -1.76 18.63 4.58
C PRO A 143 -2.56 18.93 3.31
N GLU A 144 -2.05 18.52 2.18
CA GLU A 144 -2.72 18.77 0.92
C GLU A 144 -3.07 17.44 0.26
N HIS A 145 -4.32 17.30 -0.14
CA HIS A 145 -4.79 16.05 -0.71
C HIS A 145 -6.10 16.22 -1.48
N ASP A 146 -6.76 15.08 -1.76
CA ASP A 146 -8.03 15.02 -2.52
C ASP A 146 -7.81 15.26 -3.98
N GLN A 147 -6.90 14.48 -4.53
CA GLN A 147 -6.54 14.53 -5.91
C GLN A 147 -6.06 13.15 -6.31
N LEU A 148 -6.36 12.71 -7.52
CA LEU A 148 -5.94 11.43 -7.95
C LEU A 148 -5.18 11.44 -9.25
N LEU A 149 -4.44 10.38 -9.46
CA LEU A 149 -3.48 10.30 -10.55
C LEU A 149 -3.76 9.11 -11.48
N GLU A 150 -3.61 9.37 -12.79
CA GLU A 150 -3.76 8.36 -13.82
C GLU A 150 -2.48 7.67 -14.16
N ILE A 151 -2.64 6.46 -14.58
CA ILE A 151 -1.59 5.61 -15.01
C ILE A 151 -1.16 5.96 -16.41
N LYS A 152 0.08 6.27 -16.52
CA LYS A 152 0.74 6.54 -17.75
C LYS A 152 1.12 5.26 -18.45
N ASN A 153 1.56 4.29 -17.67
CA ASN A 153 2.06 3.05 -18.26
C ASN A 153 1.85 1.86 -17.42
N ILE A 154 1.31 0.86 -18.05
CA ILE A 154 1.14 -0.40 -17.46
C ILE A 154 1.92 -1.44 -18.22
N LYS A 155 2.74 -2.14 -17.50
CA LYS A 155 3.56 -3.16 -18.07
C LYS A 155 3.52 -4.39 -17.22
N TYR A 156 4.01 -5.46 -17.75
CA TYR A 156 4.16 -6.67 -17.04
C TYR A 156 5.60 -6.81 -16.64
N VAL A 157 5.82 -6.87 -15.39
CA VAL A 157 7.15 -6.97 -14.85
C VAL A 157 7.21 -8.00 -13.75
N ARG A 158 8.23 -8.79 -13.76
CA ARG A 158 8.38 -9.81 -12.78
C ARG A 158 8.72 -9.19 -11.43
N ALA A 159 8.38 -9.89 -10.39
CA ALA A 159 8.59 -9.41 -9.02
C ALA A 159 10.06 -9.14 -8.76
N ASN A 160 10.34 -8.00 -8.14
CA ASN A 160 11.71 -7.59 -7.82
C ASN A 160 12.15 -8.26 -6.49
N ASP A 161 11.73 -9.50 -6.31
CA ASP A 161 12.03 -10.29 -5.13
C ASP A 161 11.49 -11.69 -5.34
N ASP A 162 11.68 -12.56 -4.37
CA ASP A 162 11.20 -13.92 -4.48
C ASP A 162 10.00 -14.17 -3.57
N PHE A 163 9.54 -13.12 -2.92
CA PHE A 163 8.33 -13.15 -2.13
C PHE A 163 7.58 -11.85 -2.31
N VAL A 164 6.29 -11.92 -2.22
CA VAL A 164 5.43 -10.76 -2.34
C VAL A 164 4.65 -10.57 -1.04
N PHE A 165 4.23 -9.35 -0.79
CA PHE A 165 3.55 -9.00 0.45
C PHE A 165 2.31 -8.18 0.16
N SER A 166 1.52 -7.90 1.19
CA SER A 166 0.33 -7.06 1.05
C SER A 166 -0.05 -6.50 2.39
N LEU A 167 0.30 -7.25 3.43
CA LEU A 167 0.00 -6.90 4.80
C LEU A 167 -1.50 -6.98 5.05
N ASN A 168 -1.89 -7.98 5.79
CA ASN A 168 -3.29 -8.23 6.06
C ASN A 168 -3.76 -7.43 7.25
N ALA A 169 -4.67 -6.52 7.02
CA ALA A 169 -5.23 -5.70 8.08
C ALA A 169 -6.75 -5.63 7.95
N LYS A 170 -7.36 -4.66 8.60
CA LYS A 170 -8.82 -4.50 8.55
C LYS A 170 -9.25 -4.17 7.13
N LYS A 171 -10.20 -4.96 6.62
CA LYS A 171 -10.67 -4.86 5.24
C LYS A 171 -9.57 -5.37 4.31
N TYR A 172 -9.76 -6.58 3.81
CA TYR A 172 -8.75 -7.24 3.00
C TYR A 172 -8.36 -6.42 1.78
N HIS A 173 -7.06 -6.31 1.58
CA HIS A 173 -6.47 -5.56 0.45
C HIS A 173 -6.72 -4.06 0.54
N ASN A 174 -7.19 -3.59 1.69
CA ASN A 174 -7.43 -2.17 1.89
C ASN A 174 -6.19 -1.53 2.46
N VAL A 175 -5.41 -0.89 1.62
CA VAL A 175 -4.18 -0.31 2.07
C VAL A 175 -3.76 0.87 1.22
N ILE A 176 -2.85 1.63 1.75
CA ILE A 176 -2.31 2.76 1.10
C ILE A 176 -0.82 2.55 0.87
N ILE A 177 -0.43 2.49 -0.39
CA ILE A 177 0.91 2.18 -0.75
C ILE A 177 1.55 3.23 -1.61
N ASN A 178 2.82 3.06 -1.86
CA ASN A 178 3.64 3.97 -2.65
C ASN A 178 3.43 5.41 -2.17
N GLU A 179 3.01 6.27 -3.06
CA GLU A 179 2.69 7.62 -2.71
C GLU A 179 1.19 7.73 -2.48
N ASN A 180 0.72 6.91 -1.56
CA ASN A 180 -0.66 6.87 -1.13
C ASN A 180 -1.60 6.34 -2.17
N ILE A 181 -1.22 5.28 -2.83
CA ILE A 181 -2.04 4.69 -3.84
C ILE A 181 -2.99 3.72 -3.17
N VAL A 182 -4.25 4.03 -3.29
CA VAL A 182 -5.30 3.31 -2.64
C VAL A 182 -5.85 2.21 -3.54
N THR A 183 -5.91 1.02 -3.00
CA THR A 183 -6.49 -0.10 -3.69
C THR A 183 -7.34 -0.92 -2.71
N HIS A 184 -8.18 -1.81 -3.26
CA HIS A 184 -9.07 -2.61 -2.42
C HIS A 184 -9.55 -3.83 -3.20
N GLN A 185 -9.91 -4.89 -2.47
CA GLN A 185 -10.42 -6.10 -3.10
C GLN A 185 -11.95 -6.03 -3.24
N CYS A 1 0.42 -9.69 -2.94
CA CYS A 1 -0.22 -8.86 -4.00
C CYS A 1 0.71 -7.75 -4.45
N PHE A 2 1.86 -7.65 -3.80
CA PHE A 2 2.85 -6.65 -4.11
C PHE A 2 4.24 -7.29 -3.99
N PRO A 3 5.20 -6.88 -4.84
CA PRO A 3 6.54 -7.53 -4.90
C PRO A 3 7.29 -7.43 -3.59
N GLY A 4 7.06 -6.34 -2.89
CA GLY A 4 7.78 -6.05 -1.69
C GLY A 4 8.36 -4.67 -1.81
N ASP A 5 8.86 -4.37 -3.02
CA ASP A 5 9.40 -3.03 -3.38
C ASP A 5 8.32 -1.95 -3.20
N THR A 6 7.10 -2.40 -3.13
CA THR A 6 5.97 -1.53 -2.94
C THR A 6 6.07 -0.84 -1.59
N ARG A 7 6.00 0.48 -1.60
CA ARG A 7 6.06 1.23 -0.39
C ARG A 7 4.70 1.25 0.23
N ILE A 8 4.62 1.03 1.49
CA ILE A 8 3.37 1.05 2.18
C ILE A 8 3.42 2.08 3.30
N LEU A 9 2.40 2.92 3.37
CA LEU A 9 2.34 3.89 4.38
C LEU A 9 1.67 3.30 5.62
N VAL A 10 2.37 3.37 6.71
CA VAL A 10 1.89 2.84 7.97
C VAL A 10 2.12 3.85 9.07
N GLN A 11 1.78 3.49 10.27
CA GLN A 11 2.02 4.34 11.40
C GLN A 11 2.71 3.55 12.48
N ILE A 12 3.86 3.99 12.86
CA ILE A 12 4.62 3.34 13.84
C ILE A 12 4.82 4.22 15.00
N ASP A 13 4.37 3.76 16.10
CA ASP A 13 4.49 4.46 17.38
C ASP A 13 3.90 5.85 17.25
N GLY A 14 2.82 5.91 16.52
CA GLY A 14 2.16 7.16 16.25
C GLY A 14 2.87 8.01 15.23
N VAL A 15 3.72 7.40 14.44
CA VAL A 15 4.47 8.10 13.43
C VAL A 15 4.28 7.45 12.09
N PRO A 16 3.72 8.16 11.14
CA PRO A 16 3.51 7.65 9.82
C PRO A 16 4.84 7.41 9.11
N GLN A 17 5.05 6.19 8.71
CA GLN A 17 6.26 5.82 8.06
C GLN A 17 5.95 5.21 6.74
N LYS A 18 6.70 5.57 5.77
CA LYS A 18 6.52 5.03 4.47
C LYS A 18 7.66 4.11 4.17
N ILE A 19 7.40 2.86 4.29
CA ILE A 19 8.39 1.87 4.03
C ILE A 19 7.90 0.93 3.00
N THR A 20 8.59 -0.14 2.75
CA THR A 20 8.10 -1.07 1.80
C THR A 20 7.35 -2.15 2.50
N LEU A 21 6.71 -2.99 1.77
CA LEU A 21 5.98 -4.07 2.35
C LEU A 21 6.92 -5.12 2.88
N ARG A 22 8.12 -5.16 2.33
CA ARG A 22 9.10 -6.11 2.79
C ARG A 22 9.78 -5.53 4.02
N GLU A 23 9.75 -4.19 4.11
CA GLU A 23 10.33 -3.49 5.23
C GLU A 23 9.34 -3.48 6.38
N LEU A 24 8.07 -3.19 6.05
CA LEU A 24 7.00 -3.19 7.04
C LEU A 24 6.96 -4.52 7.74
N TYR A 25 7.06 -5.55 6.95
CA TYR A 25 7.05 -6.92 7.36
C TYR A 25 8.07 -7.20 8.45
N GLU A 26 9.15 -6.48 8.42
CA GLU A 26 10.22 -6.69 9.35
C GLU A 26 9.94 -6.09 10.71
N LEU A 27 8.96 -5.21 10.76
CA LEU A 27 8.55 -4.60 12.00
C LEU A 27 7.69 -5.58 12.80
N PHE A 28 7.61 -6.79 12.27
CA PHE A 28 6.85 -7.83 12.84
C PHE A 28 7.74 -9.01 13.16
N GLU A 29 7.23 -9.88 13.99
CA GLU A 29 7.92 -11.11 14.34
C GLU A 29 6.90 -12.22 14.47
N ASP A 30 7.34 -13.38 14.94
CA ASP A 30 6.47 -14.56 15.09
C ASP A 30 5.93 -15.01 13.74
N GLU A 31 6.77 -15.73 13.02
CA GLU A 31 6.41 -16.21 11.72
C GLU A 31 5.93 -17.63 11.80
N ARG A 32 4.79 -17.83 11.24
CA ARG A 32 4.16 -19.12 11.21
C ARG A 32 3.91 -19.54 9.78
N TYR A 33 3.83 -20.82 9.58
CA TYR A 33 3.58 -21.38 8.27
C TYR A 33 2.15 -21.80 8.22
N GLU A 34 1.46 -21.33 7.25
CA GLU A 34 0.04 -21.58 7.15
C GLU A 34 -0.45 -21.31 5.76
N ASN A 35 -1.36 -22.15 5.28
CA ASN A 35 -1.94 -22.01 3.96
C ASN A 35 -0.86 -22.03 2.90
N MET A 36 0.25 -22.66 3.25
CA MET A 36 1.38 -22.83 2.35
C MET A 36 2.12 -21.52 2.14
N VAL A 37 1.82 -20.56 2.98
CA VAL A 37 2.48 -19.29 2.94
C VAL A 37 3.00 -18.98 4.33
N TYR A 38 3.57 -17.84 4.50
CA TYR A 38 4.11 -17.46 5.78
C TYR A 38 3.32 -16.35 6.34
N VAL A 39 3.09 -16.42 7.60
CA VAL A 39 2.32 -15.45 8.25
C VAL A 39 3.07 -14.97 9.45
N ARG A 40 3.30 -13.69 9.50
CA ARG A 40 4.00 -13.11 10.61
C ARG A 40 3.04 -12.26 11.38
N LYS A 41 2.93 -12.49 12.64
CA LYS A 41 1.93 -11.80 13.42
C LYS A 41 2.50 -11.20 14.65
N LYS A 42 1.94 -10.04 15.03
CA LYS A 42 2.33 -9.31 16.22
C LYS A 42 3.57 -8.48 15.95
N PRO A 43 3.42 -7.17 15.95
CA PRO A 43 4.51 -6.27 15.74
C PRO A 43 5.34 -6.10 17.00
N LYS A 44 6.60 -5.80 16.82
CA LYS A 44 7.53 -5.65 17.93
C LYS A 44 7.41 -4.28 18.58
N ARG A 45 6.62 -3.45 17.97
CA ARG A 45 6.38 -2.12 18.42
C ARG A 45 4.96 -1.79 18.10
N GLU A 46 4.63 -0.55 18.16
CA GLU A 46 3.33 -0.12 17.78
C GLU A 46 3.31 0.10 16.29
N ILE A 47 2.77 -0.84 15.57
CA ILE A 47 2.68 -0.76 14.18
C ILE A 47 1.24 -0.73 13.81
N LYS A 48 0.85 0.30 13.15
CA LYS A 48 -0.47 0.41 12.64
C LYS A 48 -0.41 0.55 11.15
N VAL A 49 -1.52 0.35 10.52
CA VAL A 49 -1.56 0.41 9.07
C VAL A 49 -2.50 1.50 8.60
N TYR A 50 -2.02 2.32 7.68
CA TYR A 50 -2.86 3.35 7.11
C TYR A 50 -3.56 2.86 5.89
N SER A 51 -4.87 2.88 5.97
CA SER A 51 -5.71 2.41 4.91
C SER A 51 -6.84 3.41 4.66
N ILE A 52 -7.26 3.53 3.43
CA ILE A 52 -8.35 4.42 3.12
C ILE A 52 -9.67 3.69 3.21
N ASP A 53 -10.65 4.38 3.72
CA ASP A 53 -11.97 3.85 3.87
C ASP A 53 -12.66 3.96 2.53
N LEU A 54 -13.09 2.85 2.00
CA LEU A 54 -13.56 2.78 0.64
C LEU A 54 -14.96 3.31 0.50
N GLU A 55 -15.56 3.58 1.60
CA GLU A 55 -16.91 4.05 1.61
C GLU A 55 -16.98 5.52 1.86
N THR A 56 -16.03 6.00 2.62
CA THR A 56 -16.05 7.37 3.01
C THR A 56 -14.91 8.15 2.37
N GLY A 57 -13.94 7.42 1.91
CA GLY A 57 -12.81 8.01 1.26
C GLY A 57 -11.88 8.70 2.24
N LYS A 58 -11.97 8.30 3.49
CA LYS A 58 -11.15 8.87 4.53
C LYS A 58 -9.97 7.99 4.82
N VAL A 59 -8.98 8.55 5.48
CA VAL A 59 -7.82 7.83 5.86
C VAL A 59 -7.98 7.32 7.29
N VAL A 60 -8.12 6.03 7.39
CA VAL A 60 -8.29 5.41 8.68
C VAL A 60 -7.05 4.60 9.06
N LEU A 61 -6.87 4.39 10.34
CA LEU A 61 -5.77 3.66 10.83
C LEU A 61 -6.27 2.50 11.65
N THR A 62 -5.67 1.34 11.47
CA THR A 62 -6.09 0.17 12.19
C THR A 62 -4.89 -0.70 12.57
N ASP A 63 -5.15 -1.70 13.39
CA ASP A 63 -4.13 -2.64 13.82
C ASP A 63 -3.91 -3.66 12.75
N ILE A 64 -2.79 -4.31 12.84
CA ILE A 64 -2.43 -5.32 11.89
C ILE A 64 -2.68 -6.70 12.48
N GLU A 65 -3.24 -7.58 11.68
CA GLU A 65 -3.49 -8.93 12.07
C GLU A 65 -2.26 -9.74 11.88
N ASP A 66 -1.59 -9.50 10.76
CA ASP A 66 -0.42 -10.26 10.39
C ASP A 66 0.17 -9.77 9.09
N VAL A 67 1.26 -10.39 8.71
CA VAL A 67 1.94 -10.07 7.50
C VAL A 67 1.69 -11.15 6.48
N ILE A 68 1.35 -10.73 5.30
CA ILE A 68 1.07 -11.64 4.22
C ILE A 68 2.34 -11.93 3.43
N LYS A 69 2.86 -13.13 3.58
CA LYS A 69 4.06 -13.54 2.87
C LYS A 69 3.78 -14.81 2.08
N ALA A 70 3.71 -14.68 0.77
CA ALA A 70 3.36 -15.79 -0.07
C ALA A 70 4.32 -15.92 -1.22
N PRO A 71 4.61 -17.17 -1.62
CA PRO A 71 5.48 -17.47 -2.75
C PRO A 71 5.03 -16.75 -4.03
N ALA A 72 5.99 -16.13 -4.69
CA ALA A 72 5.72 -15.39 -5.92
C ALA A 72 5.58 -16.34 -7.13
N THR A 73 6.59 -16.32 -8.03
CA THR A 73 6.59 -17.17 -9.24
C THR A 73 5.65 -16.61 -10.34
N ASP A 74 4.69 -15.80 -9.93
CA ASP A 74 3.72 -15.17 -10.84
C ASP A 74 4.33 -13.94 -11.55
N HIS A 75 3.55 -12.88 -11.71
CA HIS A 75 3.99 -11.70 -12.43
C HIS A 75 3.29 -10.50 -11.87
N LEU A 76 3.80 -9.34 -12.20
CA LEU A 76 3.25 -8.10 -11.68
C LEU A 76 3.11 -7.06 -12.78
N ILE A 77 2.00 -6.38 -12.79
CA ILE A 77 1.82 -5.26 -13.68
C ILE A 77 2.30 -4.01 -12.96
N ARG A 78 2.84 -3.08 -13.69
CA ARG A 78 3.32 -1.89 -13.13
C ARG A 78 2.62 -0.71 -13.74
N PHE A 79 2.27 0.22 -12.91
CA PHE A 79 1.53 1.40 -13.32
C PHE A 79 2.35 2.63 -13.05
N GLU A 80 2.53 3.46 -14.05
CA GLU A 80 3.29 4.68 -13.89
C GLU A 80 2.39 5.85 -14.02
N LEU A 81 2.49 6.72 -13.10
CA LEU A 81 1.70 7.89 -13.06
C LEU A 81 2.43 9.06 -13.70
N GLU A 82 1.67 10.07 -14.06
CA GLU A 82 2.18 11.31 -14.64
C GLU A 82 3.21 12.01 -13.71
N ASP A 83 3.15 11.70 -12.42
CA ASP A 83 4.04 12.30 -11.43
C ASP A 83 5.31 11.51 -11.35
N GLY A 84 5.27 10.38 -11.97
CA GLY A 84 6.40 9.49 -11.97
C GLY A 84 6.37 8.49 -10.84
N ARG A 85 5.22 8.37 -10.21
CA ARG A 85 5.03 7.39 -9.19
C ARG A 85 4.54 6.13 -9.83
N SER A 86 4.97 5.01 -9.34
CA SER A 86 4.52 3.76 -9.89
C SER A 86 4.27 2.72 -8.81
N PHE A 87 3.40 1.79 -9.10
CA PHE A 87 3.11 0.73 -8.19
C PHE A 87 2.89 -0.57 -8.94
N GLU A 88 3.17 -1.67 -8.26
CA GLU A 88 3.06 -2.99 -8.86
C GLU A 88 2.21 -3.89 -8.04
N THR A 89 1.51 -4.75 -8.73
CA THR A 89 0.60 -5.70 -8.11
C THR A 89 0.65 -7.03 -8.84
N THR A 90 0.22 -8.09 -8.16
CA THR A 90 0.26 -9.44 -8.71
C THR A 90 -0.80 -9.67 -9.78
N VAL A 91 -1.29 -8.59 -10.33
CA VAL A 91 -2.23 -8.57 -11.44
C VAL A 91 -3.63 -9.07 -11.06
N ASP A 92 -3.70 -10.04 -10.17
CA ASP A 92 -4.97 -10.57 -9.71
C ASP A 92 -5.58 -9.64 -8.67
N HIS A 93 -4.72 -8.86 -8.01
CA HIS A 93 -5.18 -7.92 -6.99
C HIS A 93 -5.78 -6.67 -7.61
N PRO A 94 -7.07 -6.40 -7.32
CA PRO A 94 -7.78 -5.21 -7.82
C PRO A 94 -7.18 -3.89 -7.35
N VAL A 95 -7.16 -2.96 -8.26
CA VAL A 95 -6.72 -1.62 -8.07
C VAL A 95 -7.95 -0.74 -7.89
N LEU A 96 -7.85 0.30 -7.09
CA LEU A 96 -8.98 1.16 -6.84
C LEU A 96 -8.90 2.39 -7.73
N VAL A 97 -9.73 2.43 -8.76
CA VAL A 97 -9.71 3.52 -9.69
C VAL A 97 -10.95 4.38 -9.62
N TYR A 98 -10.77 5.63 -9.91
CA TYR A 98 -11.85 6.57 -9.94
C TYR A 98 -12.23 6.87 -11.39
N GLU A 99 -13.19 6.13 -11.90
CA GLU A 99 -13.71 6.35 -13.23
C GLU A 99 -15.20 6.19 -13.18
N ASN A 100 -15.90 6.72 -14.17
CA ASN A 100 -17.36 6.66 -14.19
C ASN A 100 -17.93 7.41 -13.00
N GLY A 101 -17.13 8.31 -12.47
CA GLY A 101 -17.51 9.08 -11.31
C GLY A 101 -17.68 8.25 -10.07
N ARG A 102 -17.14 7.02 -10.08
CA ARG A 102 -17.26 6.19 -8.96
C ARG A 102 -15.95 5.53 -8.68
N PHE A 103 -15.89 4.86 -7.59
CA PHE A 103 -14.71 4.11 -7.24
C PHE A 103 -14.95 2.67 -7.62
N ILE A 104 -14.12 2.16 -8.46
CA ILE A 104 -14.25 0.80 -8.89
C ILE A 104 -12.96 0.03 -8.69
N GLU A 105 -13.07 -1.25 -8.42
CA GLU A 105 -11.92 -2.09 -8.18
C GLU A 105 -11.68 -3.02 -9.36
N LYS A 106 -10.55 -2.86 -10.02
CA LYS A 106 -10.20 -3.69 -11.16
C LYS A 106 -8.87 -4.35 -10.94
N ARG A 107 -8.78 -5.63 -11.24
CA ARG A 107 -7.54 -6.38 -11.07
C ARG A 107 -6.44 -5.71 -11.87
N ALA A 108 -5.16 -5.88 -11.50
CA ALA A 108 -4.12 -5.17 -12.22
C ALA A 108 -4.14 -5.55 -13.68
N PHE A 109 -4.33 -6.84 -13.93
CA PHE A 109 -4.41 -7.36 -15.30
C PHE A 109 -5.75 -6.97 -15.95
N GLU A 110 -6.57 -6.23 -15.20
CA GLU A 110 -7.89 -5.81 -15.64
C GLU A 110 -7.92 -4.29 -15.80
N VAL A 111 -6.97 -3.63 -15.18
CA VAL A 111 -6.79 -2.22 -15.26
C VAL A 111 -6.14 -1.88 -16.59
N LYS A 112 -6.38 -0.71 -17.10
CA LYS A 112 -5.87 -0.34 -18.40
C LYS A 112 -5.05 0.93 -18.28
N GLU A 113 -4.30 1.25 -19.32
CA GLU A 113 -3.47 2.42 -19.29
C GLU A 113 -4.35 3.65 -19.36
N GLY A 114 -3.95 4.67 -18.65
CA GLY A 114 -4.78 5.86 -18.56
C GLY A 114 -5.76 5.78 -17.40
N ASP A 115 -5.64 4.70 -16.62
CA ASP A 115 -6.50 4.48 -15.45
C ASP A 115 -6.11 5.47 -14.34
N LYS A 116 -6.80 5.44 -13.22
CA LYS A 116 -6.50 6.38 -12.16
C LYS A 116 -6.46 5.71 -10.82
N VAL A 117 -5.73 6.31 -9.93
CA VAL A 117 -5.70 5.86 -8.57
C VAL A 117 -5.85 7.05 -7.67
N LEU A 118 -6.33 6.82 -6.47
CA LEU A 118 -6.50 7.90 -5.56
C LEU A 118 -5.34 7.95 -4.65
N VAL A 119 -4.85 9.12 -4.41
CA VAL A 119 -3.78 9.24 -3.50
C VAL A 119 -4.23 9.80 -2.20
N SER A 120 -3.92 9.08 -1.16
CA SER A 120 -4.18 9.48 0.18
C SER A 120 -3.02 10.35 0.61
N GLU A 121 -2.63 11.22 -0.30
CA GLU A 121 -1.44 12.08 -0.20
C GLU A 121 -1.54 13.13 0.91
N LEU A 122 -2.11 12.75 2.03
CA LEU A 122 -2.28 13.68 3.12
C LEU A 122 -1.61 13.22 4.43
N GLU A 123 -1.91 13.98 5.48
CA GLU A 123 -1.44 13.76 6.85
C GLU A 123 0.05 13.99 7.06
N LEU A 124 0.89 12.97 6.78
CA LEU A 124 2.30 13.07 7.08
C LEU A 124 2.98 14.14 6.24
N VAL A 125 2.97 13.96 4.93
CA VAL A 125 3.57 14.90 3.97
C VAL A 125 5.08 14.75 3.97
N GLU A 126 5.59 14.33 2.82
CA GLU A 126 7.01 14.02 2.65
C GLU A 126 7.42 12.87 3.59
N GLN A 127 8.08 13.23 4.71
CA GLN A 127 8.52 12.30 5.78
C GLN A 127 8.90 10.91 5.23
N SER A 128 10.10 10.81 4.72
CA SER A 128 10.60 9.56 4.17
C SER A 128 11.37 8.77 5.22
N SER A 129 11.42 7.45 5.05
CA SER A 129 12.11 6.59 5.99
C SER A 129 13.63 6.72 5.82
N SER A 130 14.19 7.67 6.54
CA SER A 130 15.61 7.95 6.50
C SER A 130 15.94 8.94 7.60
N SER A 131 16.96 9.77 7.40
CA SER A 131 17.29 10.80 8.36
C SER A 131 16.19 11.87 8.39
N GLN A 132 15.18 11.60 9.20
CA GLN A 132 14.03 12.48 9.33
C GLN A 132 13.44 12.30 10.72
N ASP A 133 12.96 13.38 11.30
CA ASP A 133 12.37 13.33 12.62
C ASP A 133 11.05 12.58 12.60
N ASN A 134 10.90 11.66 13.54
CA ASN A 134 9.69 10.86 13.68
C ASN A 134 8.51 11.67 14.30
N PRO A 135 8.73 12.33 15.46
CA PRO A 135 7.67 13.06 16.17
C PRO A 135 7.02 14.18 15.36
N LYS A 136 5.82 13.91 14.91
CA LYS A 136 5.01 14.88 14.19
C LYS A 136 3.80 15.22 15.05
N ASN A 137 3.86 16.37 15.69
CA ASN A 137 2.81 16.78 16.61
C ASN A 137 2.72 18.31 16.72
N GLU A 138 3.87 18.98 16.64
CA GLU A 138 3.92 20.44 16.78
C GLU A 138 3.57 21.16 15.48
N ASN A 139 2.68 20.59 14.68
CA ASN A 139 2.29 21.19 13.41
C ASN A 139 0.87 20.80 13.05
N LEU A 140 0.31 21.51 12.09
CA LEU A 140 -1.05 21.27 11.63
C LEU A 140 -1.12 20.04 10.73
N GLY A 141 -2.27 19.42 10.70
CA GLY A 141 -2.45 18.24 9.87
C GLY A 141 -3.66 18.34 8.96
N SER A 142 -4.11 19.56 8.72
CA SER A 142 -5.26 19.78 7.85
C SER A 142 -4.87 19.49 6.40
N PRO A 143 -5.52 18.52 5.76
CA PRO A 143 -5.18 18.10 4.42
C PRO A 143 -5.76 18.94 3.33
N GLU A 144 -5.07 18.94 2.22
CA GLU A 144 -5.49 19.65 1.02
C GLU A 144 -5.12 18.87 -0.23
N HIS A 145 -4.90 17.58 -0.08
CA HIS A 145 -4.55 16.72 -1.21
C HIS A 145 -5.62 15.71 -1.48
N ASP A 146 -6.49 16.02 -2.39
CA ASP A 146 -7.54 15.12 -2.83
C ASP A 146 -7.55 15.10 -4.34
N GLN A 147 -6.76 14.22 -4.92
CA GLN A 147 -6.60 14.18 -6.35
C GLN A 147 -6.35 12.77 -6.86
N LEU A 148 -6.72 12.55 -8.11
CA LEU A 148 -6.54 11.30 -8.79
C LEU A 148 -5.47 11.42 -9.81
N LEU A 149 -4.71 10.40 -9.92
CA LEU A 149 -3.63 10.40 -10.87
C LEU A 149 -3.80 9.29 -11.90
N GLU A 150 -3.56 9.64 -13.15
CA GLU A 150 -3.62 8.73 -14.27
C GLU A 150 -2.38 7.96 -14.45
N ILE A 151 -2.59 6.73 -14.81
CA ILE A 151 -1.55 5.85 -15.15
C ILE A 151 -1.12 6.11 -16.56
N LYS A 152 -0.01 6.72 -16.67
CA LYS A 152 0.58 7.06 -17.89
C LYS A 152 1.10 5.83 -18.61
N ASN A 153 1.63 4.90 -17.83
CA ASN A 153 2.20 3.69 -18.43
C ASN A 153 2.10 2.47 -17.60
N ILE A 154 1.60 1.46 -18.24
CA ILE A 154 1.52 0.16 -17.67
C ILE A 154 2.44 -0.80 -18.41
N LYS A 155 3.01 -1.71 -17.68
CA LYS A 155 3.88 -2.71 -18.22
C LYS A 155 3.72 -3.98 -17.46
N TYR A 156 4.05 -5.06 -18.09
CA TYR A 156 4.05 -6.32 -17.48
C TYR A 156 5.44 -6.66 -17.08
N VAL A 157 5.62 -6.79 -15.83
CA VAL A 157 6.87 -7.09 -15.25
C VAL A 157 6.71 -8.31 -14.37
N ARG A 158 7.77 -8.79 -13.82
CA ARG A 158 7.68 -9.98 -13.00
C ARG A 158 7.67 -9.67 -11.54
N ALA A 159 7.27 -10.67 -10.78
CA ALA A 159 7.31 -10.59 -9.33
C ALA A 159 8.71 -10.29 -8.84
N ASN A 160 9.69 -10.75 -9.62
CA ASN A 160 11.14 -10.54 -9.36
C ASN A 160 11.64 -11.25 -8.10
N ASP A 161 10.84 -11.26 -7.06
CA ASP A 161 11.22 -11.85 -5.79
C ASP A 161 10.63 -13.26 -5.68
N ASP A 162 10.79 -13.88 -4.53
CA ASP A 162 10.26 -15.22 -4.31
C ASP A 162 9.02 -15.17 -3.47
N PHE A 163 8.77 -14.03 -2.87
CA PHE A 163 7.60 -13.84 -2.05
C PHE A 163 7.01 -12.47 -2.30
N VAL A 164 5.73 -12.36 -2.03
CA VAL A 164 5.01 -11.10 -2.18
C VAL A 164 4.26 -10.80 -0.89
N PHE A 165 3.88 -9.54 -0.69
CA PHE A 165 3.24 -9.11 0.56
C PHE A 165 2.02 -8.28 0.26
N SER A 166 1.23 -8.01 1.30
CA SER A 166 0.05 -7.15 1.18
C SER A 166 -0.30 -6.59 2.54
N LEU A 167 0.07 -7.35 3.57
CA LEU A 167 -0.13 -6.98 4.96
C LEU A 167 -1.62 -7.09 5.35
N ASN A 168 -1.89 -8.04 6.21
CA ASN A 168 -3.26 -8.33 6.65
C ASN A 168 -3.63 -7.54 7.91
N ALA A 169 -4.60 -6.67 7.80
CA ALA A 169 -5.08 -5.90 8.94
C ALA A 169 -6.61 -5.90 8.99
N LYS A 170 -7.19 -4.99 9.77
CA LYS A 170 -8.66 -4.90 9.88
C LYS A 170 -9.25 -4.29 8.61
N LYS A 171 -10.31 -4.92 8.11
CA LYS A 171 -10.94 -4.53 6.84
C LYS A 171 -9.86 -4.44 5.78
N TYR A 172 -9.04 -5.49 5.73
CA TYR A 172 -7.86 -5.59 4.85
C TYR A 172 -8.18 -5.48 3.36
N HIS A 173 -7.26 -5.99 2.54
CA HIS A 173 -7.33 -5.94 1.06
C HIS A 173 -7.49 -4.51 0.56
N ASN A 174 -6.99 -3.58 1.37
CA ASN A 174 -6.93 -2.16 1.05
C ASN A 174 -5.71 -1.58 1.75
N VAL A 175 -5.04 -0.64 1.12
CA VAL A 175 -3.88 -0.03 1.75
C VAL A 175 -3.35 1.11 0.94
N ILE A 176 -2.48 1.90 1.55
CA ILE A 176 -1.90 3.05 0.93
C ILE A 176 -0.43 2.79 0.64
N ILE A 177 -0.10 2.71 -0.62
CA ILE A 177 1.23 2.38 -1.03
C ILE A 177 1.88 3.46 -1.86
N ASN A 178 3.15 3.27 -2.11
CA ASN A 178 3.97 4.20 -2.86
C ASN A 178 3.80 5.63 -2.38
N GLU A 179 3.51 6.54 -3.30
CA GLU A 179 3.24 7.91 -2.94
C GLU A 179 1.78 8.07 -2.56
N ASN A 180 1.33 7.17 -1.70
CA ASN A 180 -0.01 7.14 -1.16
C ASN A 180 -1.04 6.75 -2.18
N ILE A 181 -0.74 5.74 -2.94
CA ILE A 181 -1.62 5.23 -3.94
C ILE A 181 -2.55 4.23 -3.30
N VAL A 182 -3.82 4.56 -3.24
CA VAL A 182 -4.78 3.69 -2.62
C VAL A 182 -5.19 2.56 -3.55
N THR A 183 -5.25 1.40 -3.00
CA THR A 183 -5.69 0.24 -3.72
C THR A 183 -6.65 -0.57 -2.86
N HIS A 184 -7.55 -1.31 -3.49
CA HIS A 184 -8.55 -2.07 -2.77
C HIS A 184 -9.07 -3.24 -3.60
N GLN A 185 -9.09 -4.40 -3.00
CA GLN A 185 -9.65 -5.59 -3.63
C GLN A 185 -11.17 -5.49 -3.57
N CYS A 1 -1.37 -8.38 -3.16
CA CYS A 1 -0.07 -8.92 -3.59
C CYS A 1 0.71 -7.90 -4.44
N PHE A 2 1.78 -7.38 -3.85
CA PHE A 2 2.64 -6.38 -4.45
C PHE A 2 4.07 -6.85 -4.20
N PRO A 3 5.10 -6.27 -4.84
CA PRO A 3 6.46 -6.65 -4.55
C PRO A 3 6.81 -6.13 -3.17
N GLY A 4 7.78 -6.73 -2.53
CA GLY A 4 8.18 -6.24 -1.23
C GLY A 4 8.59 -4.77 -1.25
N ASP A 5 8.94 -4.27 -2.44
CA ASP A 5 9.40 -2.88 -2.63
C ASP A 5 8.28 -1.85 -2.56
N THR A 6 7.07 -2.31 -2.37
CA THR A 6 5.95 -1.39 -2.28
C THR A 6 5.97 -0.67 -0.96
N ARG A 7 5.84 0.64 -0.99
CA ARG A 7 5.83 1.42 0.19
C ARG A 7 4.46 1.40 0.79
N ILE A 8 4.35 1.05 2.02
CA ILE A 8 3.10 0.96 2.69
C ILE A 8 3.05 1.96 3.84
N LEU A 9 2.01 2.75 3.90
CA LEU A 9 1.87 3.71 4.93
C LEU A 9 1.15 3.10 6.11
N VAL A 10 1.79 3.19 7.25
CA VAL A 10 1.27 2.65 8.49
C VAL A 10 1.51 3.62 9.62
N GLN A 11 1.12 3.22 10.80
CA GLN A 11 1.33 4.03 11.97
C GLN A 11 2.04 3.22 13.00
N ILE A 12 3.20 3.66 13.36
CA ILE A 12 3.99 2.98 14.30
C ILE A 12 4.23 3.85 15.47
N ASP A 13 3.82 3.36 16.59
CA ASP A 13 3.98 4.06 17.86
C ASP A 13 3.37 5.43 17.77
N GLY A 14 2.25 5.50 17.10
CA GLY A 14 1.55 6.74 16.87
C GLY A 14 2.24 7.64 15.89
N VAL A 15 3.10 7.09 15.08
CA VAL A 15 3.81 7.85 14.08
C VAL A 15 3.60 7.22 12.73
N PRO A 16 3.08 7.97 11.81
CA PRO A 16 2.85 7.49 10.48
C PRO A 16 4.15 7.30 9.74
N GLN A 17 4.40 6.09 9.34
CA GLN A 17 5.61 5.73 8.69
C GLN A 17 5.31 5.13 7.36
N LYS A 18 6.12 5.44 6.42
CA LYS A 18 5.99 4.87 5.14
C LYS A 18 7.15 3.98 4.90
N ILE A 19 6.93 2.74 5.06
CA ILE A 19 7.96 1.79 4.84
C ILE A 19 7.53 0.88 3.77
N THR A 20 8.32 -0.07 3.45
CA THR A 20 7.93 -0.96 2.40
C THR A 20 7.24 -2.15 3.00
N LEU A 21 6.72 -3.00 2.16
CA LEU A 21 6.07 -4.18 2.61
C LEU A 21 7.06 -5.10 3.26
N ARG A 22 8.29 -5.07 2.79
CA ARG A 22 9.32 -5.93 3.34
C ARG A 22 9.80 -5.32 4.63
N GLU A 23 9.58 -4.02 4.75
CA GLU A 23 9.99 -3.29 5.92
C GLU A 23 8.94 -3.39 7.00
N LEU A 24 7.68 -3.22 6.62
CA LEU A 24 6.58 -3.32 7.56
C LEU A 24 6.57 -4.70 8.19
N TYR A 25 6.79 -5.67 7.34
CA TYR A 25 6.85 -7.07 7.68
C TYR A 25 7.82 -7.35 8.79
N GLU A 26 8.84 -6.57 8.87
CA GLU A 26 9.88 -6.72 9.87
C GLU A 26 9.45 -6.25 11.22
N LEU A 27 8.41 -5.46 11.25
CA LEU A 27 7.89 -4.92 12.48
C LEU A 27 7.03 -5.98 13.17
N PHE A 28 6.95 -7.13 12.54
CA PHE A 28 6.17 -8.23 12.99
C PHE A 28 7.06 -9.41 13.28
N GLU A 29 6.54 -10.33 14.04
CA GLU A 29 7.20 -11.57 14.32
C GLU A 29 6.16 -12.68 14.42
N ASP A 30 6.56 -13.87 14.85
CA ASP A 30 5.65 -15.00 14.98
C ASP A 30 5.16 -15.43 13.61
N GLU A 31 6.01 -16.10 12.88
CA GLU A 31 5.73 -16.50 11.54
C GLU A 31 5.32 -17.95 11.46
N ARG A 32 4.26 -18.15 10.76
CA ARG A 32 3.68 -19.44 10.55
C ARG A 32 3.61 -19.74 9.07
N TYR A 33 3.62 -21.00 8.74
CA TYR A 33 3.50 -21.42 7.37
C TYR A 33 2.11 -21.91 7.15
N GLU A 34 1.45 -21.32 6.21
CA GLU A 34 0.04 -21.62 5.98
C GLU A 34 -0.34 -21.18 4.61
N ASN A 35 -1.30 -21.90 4.02
CA ASN A 35 -1.80 -21.58 2.68
C ASN A 35 -0.69 -21.64 1.68
N MET A 36 0.34 -22.38 2.03
CA MET A 36 1.50 -22.60 1.18
C MET A 36 2.37 -21.35 1.11
N VAL A 37 2.15 -20.44 2.05
CA VAL A 37 2.89 -19.21 2.12
C VAL A 37 3.36 -18.95 3.56
N TYR A 38 3.87 -17.77 3.81
CA TYR A 38 4.34 -17.39 5.12
C TYR A 38 3.43 -16.36 5.69
N VAL A 39 3.12 -16.50 6.95
CA VAL A 39 2.24 -15.60 7.59
C VAL A 39 2.85 -15.17 8.91
N ARG A 40 2.97 -13.91 9.09
CA ARG A 40 3.56 -13.37 10.30
C ARG A 40 2.54 -12.55 11.03
N LYS A 41 2.35 -12.83 12.28
CA LYS A 41 1.30 -12.15 13.02
C LYS A 41 1.77 -11.62 14.34
N LYS A 42 1.18 -10.49 14.76
CA LYS A 42 1.49 -9.82 16.02
C LYS A 42 2.74 -8.96 15.88
N PRO A 43 2.57 -7.65 15.96
CA PRO A 43 3.67 -6.73 15.86
C PRO A 43 4.45 -6.63 17.15
N LYS A 44 5.71 -6.29 17.04
CA LYS A 44 6.61 -6.21 18.19
C LYS A 44 6.55 -4.83 18.81
N ARG A 45 5.75 -3.98 18.23
CA ARG A 45 5.56 -2.62 18.66
C ARG A 45 4.16 -2.24 18.35
N GLU A 46 3.90 -0.98 18.39
CA GLU A 46 2.63 -0.47 18.01
C GLU A 46 2.61 -0.26 16.52
N ILE A 47 2.07 -1.21 15.80
CA ILE A 47 1.98 -1.13 14.41
C ILE A 47 0.54 -1.11 14.02
N LYS A 48 0.14 -0.03 13.46
CA LYS A 48 -1.19 0.08 12.95
C LYS A 48 -1.15 0.37 11.47
N VAL A 49 -2.24 0.17 10.83
CA VAL A 49 -2.28 0.31 9.39
C VAL A 49 -3.28 1.37 8.96
N TYR A 50 -2.85 2.23 8.06
CA TYR A 50 -3.74 3.24 7.51
C TYR A 50 -4.57 2.64 6.38
N SER A 51 -5.87 2.75 6.50
CA SER A 51 -6.77 2.27 5.47
C SER A 51 -7.64 3.43 4.98
N ILE A 52 -8.46 3.18 3.98
CA ILE A 52 -9.35 4.19 3.46
C ILE A 52 -10.76 3.67 3.41
N ASP A 53 -11.66 4.52 3.80
CA ASP A 53 -13.06 4.20 3.79
C ASP A 53 -13.62 4.53 2.41
N LEU A 54 -13.97 3.49 1.69
CA LEU A 54 -14.35 3.57 0.29
C LEU A 54 -15.67 4.29 0.11
N GLU A 55 -16.37 4.48 1.17
CA GLU A 55 -17.68 5.06 1.09
C GLU A 55 -17.66 6.51 1.39
N THR A 56 -16.69 6.93 2.14
CA THR A 56 -16.61 8.30 2.53
C THR A 56 -15.36 8.97 1.99
N GLY A 57 -14.34 8.16 1.76
CA GLY A 57 -13.13 8.65 1.21
C GLY A 57 -12.17 9.15 2.28
N LYS A 58 -12.37 8.67 3.50
CA LYS A 58 -11.55 9.07 4.61
C LYS A 58 -10.45 8.09 4.89
N VAL A 59 -9.40 8.57 5.51
CA VAL A 59 -8.29 7.77 5.90
C VAL A 59 -8.43 7.38 7.36
N VAL A 60 -8.71 6.13 7.57
CA VAL A 60 -8.89 5.59 8.89
C VAL A 60 -7.72 4.67 9.27
N LEU A 61 -7.57 4.40 10.56
CA LEU A 61 -6.51 3.57 11.03
C LEU A 61 -7.08 2.34 11.71
N THR A 62 -6.43 1.23 11.53
CA THR A 62 -6.88 -0.02 12.09
C THR A 62 -5.70 -0.95 12.40
N ASP A 63 -5.99 -2.06 13.04
CA ASP A 63 -4.98 -3.05 13.42
C ASP A 63 -4.70 -3.99 12.28
N ILE A 64 -3.59 -4.65 12.37
CA ILE A 64 -3.15 -5.59 11.38
C ILE A 64 -3.51 -7.01 11.82
N GLU A 65 -3.85 -7.85 10.87
CA GLU A 65 -4.21 -9.22 11.14
C GLU A 65 -2.96 -10.05 11.10
N ASP A 66 -2.13 -9.78 10.11
CA ASP A 66 -0.93 -10.56 9.84
C ASP A 66 -0.19 -10.05 8.63
N VAL A 67 0.94 -10.64 8.36
CA VAL A 67 1.76 -10.27 7.23
C VAL A 67 1.69 -11.37 6.20
N ILE A 68 1.48 -10.96 4.98
CA ILE A 68 1.37 -11.89 3.88
C ILE A 68 2.68 -11.97 3.13
N LYS A 69 3.29 -13.13 3.17
CA LYS A 69 4.52 -13.37 2.45
C LYS A 69 4.36 -14.59 1.57
N ALA A 70 4.35 -14.39 0.27
CA ALA A 70 4.10 -15.47 -0.66
C ALA A 70 5.12 -15.50 -1.75
N PRO A 71 5.49 -16.70 -2.18
CA PRO A 71 6.46 -16.90 -3.27
C PRO A 71 6.08 -16.13 -4.54
N ALA A 72 7.00 -15.31 -5.00
CA ALA A 72 6.79 -14.51 -6.19
C ALA A 72 7.09 -15.33 -7.44
N THR A 73 6.11 -16.12 -7.84
CA THR A 73 6.24 -16.97 -9.00
C THR A 73 5.75 -16.25 -10.25
N ASP A 74 4.70 -15.46 -10.09
CA ASP A 74 4.13 -14.71 -11.20
C ASP A 74 4.86 -13.40 -11.38
N HIS A 75 4.46 -12.64 -12.38
CA HIS A 75 5.05 -11.35 -12.62
C HIS A 75 4.10 -10.28 -12.15
N LEU A 76 4.55 -9.08 -12.15
CA LEU A 76 3.76 -7.98 -11.61
C LEU A 76 3.54 -6.90 -12.65
N ILE A 77 2.37 -6.37 -12.66
CA ILE A 77 2.05 -5.24 -13.48
C ILE A 77 2.42 -3.99 -12.75
N ARG A 78 2.96 -3.02 -13.45
CA ARG A 78 3.35 -1.82 -12.86
C ARG A 78 2.59 -0.69 -13.46
N PHE A 79 2.18 0.19 -12.63
CA PHE A 79 1.39 1.32 -13.03
C PHE A 79 2.17 2.57 -12.80
N GLU A 80 2.34 3.36 -13.84
CA GLU A 80 3.08 4.59 -13.71
C GLU A 80 2.16 5.73 -13.83
N LEU A 81 2.14 6.52 -12.84
CA LEU A 81 1.30 7.66 -12.79
C LEU A 81 2.00 8.86 -13.40
N GLU A 82 1.21 9.86 -13.77
CA GLU A 82 1.74 11.09 -14.40
C GLU A 82 2.71 11.81 -13.46
N ASP A 83 2.58 11.55 -12.16
CA ASP A 83 3.42 12.15 -11.15
C ASP A 83 4.70 11.36 -11.01
N GLY A 84 4.70 10.21 -11.61
CA GLY A 84 5.81 9.34 -11.53
C GLY A 84 5.68 8.35 -10.40
N ARG A 85 4.46 8.20 -9.93
CA ARG A 85 4.17 7.25 -8.90
C ARG A 85 3.96 5.94 -9.56
N SER A 86 4.57 4.92 -9.07
CA SER A 86 4.33 3.64 -9.65
C SER A 86 4.20 2.56 -8.61
N PHE A 87 3.24 1.70 -8.82
CA PHE A 87 2.98 0.60 -7.92
C PHE A 87 2.80 -0.67 -8.70
N GLU A 88 3.19 -1.77 -8.10
CA GLU A 88 3.14 -3.06 -8.73
C GLU A 88 2.26 -4.01 -7.98
N THR A 89 1.70 -4.93 -8.71
CA THR A 89 0.82 -5.95 -8.15
C THR A 89 1.02 -7.26 -8.90
N THR A 90 0.73 -8.37 -8.26
CA THR A 90 0.92 -9.70 -8.84
C THR A 90 -0.15 -10.01 -9.88
N VAL A 91 -0.80 -8.95 -10.33
CA VAL A 91 -1.81 -8.96 -11.38
C VAL A 91 -3.12 -9.60 -10.95
N ASP A 92 -3.05 -10.55 -10.04
CA ASP A 92 -4.23 -11.19 -9.50
C ASP A 92 -4.82 -10.36 -8.38
N HIS A 93 -4.11 -9.30 -8.01
CA HIS A 93 -4.56 -8.42 -6.95
C HIS A 93 -5.47 -7.34 -7.50
N PRO A 94 -6.64 -7.17 -6.90
CA PRO A 94 -7.58 -6.13 -7.29
C PRO A 94 -7.11 -4.73 -6.86
N VAL A 95 -7.35 -3.76 -7.73
CA VAL A 95 -6.94 -2.38 -7.56
C VAL A 95 -8.18 -1.48 -7.50
N LEU A 96 -8.07 -0.34 -6.81
CA LEU A 96 -9.17 0.58 -6.71
C LEU A 96 -8.99 1.73 -7.67
N VAL A 97 -9.86 1.82 -8.64
CA VAL A 97 -9.81 2.91 -9.58
C VAL A 97 -11.00 3.82 -9.49
N TYR A 98 -10.76 5.08 -9.74
CA TYR A 98 -11.81 6.06 -9.74
C TYR A 98 -12.19 6.39 -11.19
N GLU A 99 -13.17 5.67 -11.70
CA GLU A 99 -13.67 5.89 -13.03
C GLU A 99 -15.16 5.71 -13.02
N ASN A 100 -15.84 6.27 -14.02
CA ASN A 100 -17.31 6.21 -14.09
C ASN A 100 -17.90 6.97 -12.92
N GLY A 101 -17.11 7.87 -12.36
CA GLY A 101 -17.50 8.64 -11.20
C GLY A 101 -17.72 7.79 -9.97
N ARG A 102 -17.20 6.57 -10.00
CA ARG A 102 -17.33 5.71 -8.90
C ARG A 102 -16.04 4.98 -8.66
N PHE A 103 -16.01 4.28 -7.58
CA PHE A 103 -14.87 3.49 -7.25
C PHE A 103 -15.11 2.07 -7.68
N ILE A 104 -14.27 1.56 -8.52
CA ILE A 104 -14.38 0.19 -8.91
C ILE A 104 -13.12 -0.58 -8.59
N GLU A 105 -13.26 -1.86 -8.39
CA GLU A 105 -12.16 -2.69 -7.99
C GLU A 105 -11.84 -3.75 -9.06
N LYS A 106 -10.64 -3.66 -9.63
CA LYS A 106 -10.22 -4.56 -10.71
C LYS A 106 -8.79 -5.04 -10.53
N ARG A 107 -8.52 -6.27 -10.94
CA ARG A 107 -7.19 -6.87 -10.79
C ARG A 107 -6.18 -6.13 -11.63
N ALA A 108 -4.89 -6.30 -11.36
CA ALA A 108 -3.89 -5.55 -12.10
C ALA A 108 -3.95 -5.89 -13.56
N PHE A 109 -4.14 -7.17 -13.85
CA PHE A 109 -4.24 -7.64 -15.21
C PHE A 109 -5.61 -7.27 -15.81
N GLU A 110 -6.43 -6.59 -15.00
CA GLU A 110 -7.75 -6.16 -15.44
C GLU A 110 -7.77 -4.64 -15.57
N VAL A 111 -6.82 -4.00 -14.92
CA VAL A 111 -6.65 -2.58 -14.97
C VAL A 111 -6.10 -2.22 -16.35
N LYS A 112 -6.42 -1.05 -16.83
CA LYS A 112 -5.96 -0.64 -18.14
C LYS A 112 -5.19 0.66 -18.04
N GLU A 113 -4.44 0.98 -19.08
CA GLU A 113 -3.63 2.17 -19.07
C GLU A 113 -4.54 3.38 -19.11
N GLY A 114 -4.15 4.42 -18.40
CA GLY A 114 -5.00 5.59 -18.31
C GLY A 114 -5.97 5.48 -17.14
N ASP A 115 -5.82 4.41 -16.37
CA ASP A 115 -6.66 4.14 -15.20
C ASP A 115 -6.30 5.13 -14.10
N LYS A 116 -7.09 5.22 -13.06
CA LYS A 116 -6.78 6.14 -11.98
C LYS A 116 -6.78 5.42 -10.66
N VAL A 117 -6.03 5.94 -9.76
CA VAL A 117 -6.03 5.39 -8.44
C VAL A 117 -6.33 6.47 -7.47
N LEU A 118 -6.86 6.11 -6.34
CA LEU A 118 -7.19 7.07 -5.35
C LEU A 118 -6.01 7.27 -4.47
N VAL A 119 -5.71 8.49 -4.18
CA VAL A 119 -4.74 8.77 -3.23
C VAL A 119 -5.43 9.14 -1.96
N SER A 120 -4.86 8.77 -0.84
CA SER A 120 -5.45 9.08 0.45
C SER A 120 -5.48 10.58 0.64
N GLU A 121 -4.77 11.26 -0.23
CA GLU A 121 -4.62 12.71 -0.26
C GLU A 121 -4.03 13.27 1.03
N LEU A 122 -3.80 12.42 2.00
CA LEU A 122 -3.23 12.85 3.23
C LEU A 122 -1.82 12.35 3.41
N GLU A 123 -0.91 13.26 3.48
CA GLU A 123 0.46 12.95 3.72
C GLU A 123 0.74 13.09 5.22
N LEU A 124 1.95 12.81 5.61
CA LEU A 124 2.36 12.89 7.02
C LEU A 124 3.49 13.87 7.11
N VAL A 125 3.54 14.74 6.09
CA VAL A 125 4.59 15.75 5.91
C VAL A 125 5.79 15.15 5.22
N GLU A 126 6.16 13.94 5.67
CA GLU A 126 7.25 13.11 5.09
C GLU A 126 8.19 13.88 4.17
N GLN A 127 9.19 14.50 4.75
CA GLN A 127 10.14 15.25 3.96
C GLN A 127 11.34 14.39 3.60
N SER A 128 11.17 13.60 2.54
CA SER A 128 12.22 12.70 2.02
C SER A 128 12.51 11.52 2.96
N SER A 129 12.98 11.82 4.17
CA SER A 129 13.31 10.79 5.14
C SER A 129 12.67 11.09 6.50
N SER A 130 12.51 12.37 6.81
CA SER A 130 11.93 12.78 8.07
C SER A 130 10.40 12.76 8.00
N SER A 131 9.80 11.75 8.61
CA SER A 131 8.36 11.63 8.63
C SER A 131 7.74 12.54 9.69
N GLN A 132 7.77 12.11 10.97
CA GLN A 132 7.20 12.90 12.06
C GLN A 132 7.96 12.78 13.38
N ASP A 133 7.35 12.12 14.36
CA ASP A 133 7.92 12.01 15.71
C ASP A 133 8.97 10.95 15.82
N ASN A 134 9.02 10.10 14.83
CA ASN A 134 9.98 8.98 14.83
C ASN A 134 11.43 9.45 14.57
N PRO A 135 11.66 10.30 13.54
CA PRO A 135 12.98 10.86 13.25
C PRO A 135 13.38 11.91 14.27
N LYS A 136 12.75 13.06 14.17
CA LYS A 136 13.01 14.20 15.06
C LYS A 136 12.18 15.40 14.62
N ASN A 137 12.36 15.79 13.37
CA ASN A 137 11.67 16.94 12.81
C ASN A 137 10.20 16.64 12.57
N GLU A 138 9.33 17.49 13.11
CA GLU A 138 7.89 17.32 12.98
C GLU A 138 7.29 18.34 12.01
N ASN A 139 7.57 19.63 12.28
CA ASN A 139 7.04 20.79 11.50
C ASN A 139 5.55 20.63 11.12
N LEU A 140 5.09 21.44 10.16
CA LEU A 140 3.70 21.35 9.73
C LEU A 140 3.62 21.29 8.23
N GLY A 141 2.74 20.44 7.76
CA GLY A 141 2.51 20.32 6.35
C GLY A 141 1.05 20.17 6.04
N SER A 142 0.32 21.28 6.12
CA SER A 142 -1.10 21.29 5.79
C SER A 142 -1.35 20.60 4.44
N PRO A 143 -2.18 19.52 4.43
CA PRO A 143 -2.46 18.72 3.22
C PRO A 143 -3.15 19.52 2.11
N GLU A 144 -4.49 19.54 2.14
CA GLU A 144 -5.29 20.27 1.14
C GLU A 144 -5.12 19.64 -0.25
N HIS A 145 -4.98 18.32 -0.24
CA HIS A 145 -4.78 17.53 -1.45
C HIS A 145 -6.11 16.94 -1.91
N ASP A 146 -6.50 17.27 -3.13
CA ASP A 146 -7.74 16.71 -3.71
C ASP A 146 -7.56 16.50 -5.19
N GLN A 147 -7.07 15.33 -5.56
CA GLN A 147 -6.82 15.03 -6.96
C GLN A 147 -6.60 13.53 -7.20
N LEU A 148 -7.11 13.03 -8.33
CA LEU A 148 -6.88 11.67 -8.73
C LEU A 148 -5.88 11.62 -9.83
N LEU A 149 -5.09 10.60 -9.82
CA LEU A 149 -4.04 10.50 -10.79
C LEU A 149 -4.21 9.28 -11.70
N GLU A 150 -3.95 9.50 -12.99
CA GLU A 150 -4.01 8.49 -14.02
C GLU A 150 -2.71 7.76 -14.20
N ILE A 151 -2.86 6.52 -14.53
CA ILE A 151 -1.80 5.67 -14.88
C ILE A 151 -1.40 5.95 -16.30
N LYS A 152 -0.29 6.57 -16.42
CA LYS A 152 0.27 6.91 -17.67
C LYS A 152 0.74 5.68 -18.40
N ASN A 153 1.32 4.75 -17.65
CA ASN A 153 1.85 3.55 -18.28
C ASN A 153 1.80 2.34 -17.41
N ILE A 154 1.34 1.29 -18.02
CA ILE A 154 1.30 0.01 -17.40
C ILE A 154 2.19 -0.96 -18.13
N LYS A 155 3.05 -1.60 -17.39
CA LYS A 155 3.93 -2.58 -17.94
C LYS A 155 3.92 -3.82 -17.11
N TYR A 156 4.41 -4.88 -17.69
CA TYR A 156 4.59 -6.11 -17.01
C TYR A 156 6.03 -6.23 -16.63
N VAL A 157 6.26 -6.24 -15.37
CA VAL A 157 7.58 -6.33 -14.84
C VAL A 157 7.66 -7.46 -13.84
N ARG A 158 8.72 -8.22 -13.89
CA ARG A 158 8.82 -9.37 -13.01
C ARG A 158 9.06 -8.95 -11.58
N ALA A 159 8.78 -9.87 -10.69
CA ALA A 159 8.99 -9.64 -9.27
C ALA A 159 10.49 -9.58 -8.98
N ASN A 160 10.90 -8.52 -8.32
CA ASN A 160 12.31 -8.34 -7.97
C ASN A 160 12.77 -9.38 -6.97
N ASP A 161 11.89 -9.72 -6.05
CA ASP A 161 12.21 -10.65 -5.00
C ASP A 161 11.53 -11.98 -5.23
N ASP A 162 11.84 -12.95 -4.37
CA ASP A 162 11.23 -14.27 -4.46
C ASP A 162 9.94 -14.34 -3.69
N PHE A 163 9.53 -13.22 -3.12
CA PHE A 163 8.31 -13.15 -2.36
C PHE A 163 7.61 -11.84 -2.60
N VAL A 164 6.31 -11.86 -2.45
CA VAL A 164 5.49 -10.69 -2.55
C VAL A 164 4.69 -10.53 -1.26
N PHE A 165 4.24 -9.32 -0.98
CA PHE A 165 3.55 -9.05 0.26
C PHE A 165 2.29 -8.25 0.00
N SER A 166 1.42 -8.19 0.99
CA SER A 166 0.23 -7.36 0.90
C SER A 166 -0.12 -6.81 2.28
N LEU A 167 0.33 -7.53 3.32
CA LEU A 167 0.05 -7.16 4.72
C LEU A 167 -1.44 -7.21 4.99
N ASN A 168 -1.88 -8.28 5.63
CA ASN A 168 -3.29 -8.49 5.89
C ASN A 168 -3.72 -7.75 7.15
N ALA A 169 -4.67 -6.87 7.01
CA ALA A 169 -5.18 -6.13 8.13
C ALA A 169 -6.69 -6.18 8.13
N LYS A 170 -7.32 -5.22 8.77
CA LYS A 170 -8.77 -5.19 8.85
C LYS A 170 -9.38 -5.06 7.46
N LYS A 171 -10.36 -5.92 7.18
CA LYS A 171 -11.06 -6.00 5.89
C LYS A 171 -10.24 -6.81 4.89
N TYR A 172 -9.43 -6.12 4.11
CA TYR A 172 -8.60 -6.74 3.08
C TYR A 172 -7.28 -6.03 3.00
N HIS A 173 -6.61 -6.12 1.86
CA HIS A 173 -5.33 -5.46 1.63
C HIS A 173 -5.56 -3.97 1.37
N ASN A 174 -6.35 -3.36 2.22
CA ASN A 174 -6.70 -1.96 2.08
C ASN A 174 -5.70 -1.11 2.82
N VAL A 175 -4.76 -0.56 2.09
CA VAL A 175 -3.77 0.27 2.67
C VAL A 175 -3.31 1.32 1.71
N ILE A 176 -2.66 2.30 2.24
CA ILE A 176 -2.11 3.37 1.49
C ILE A 176 -0.67 3.03 1.15
N ILE A 177 -0.38 2.88 -0.13
CA ILE A 177 0.95 2.51 -0.55
C ILE A 177 1.55 3.58 -1.41
N ASN A 178 2.82 3.50 -1.62
CA ASN A 178 3.58 4.42 -2.47
C ASN A 178 3.25 5.88 -2.13
N GLU A 179 2.98 6.68 -3.17
CA GLU A 179 2.57 8.06 -3.00
C GLU A 179 1.08 8.14 -2.68
N ASN A 180 0.70 7.39 -1.66
CA ASN A 180 -0.66 7.30 -1.15
C ASN A 180 -1.62 6.69 -2.13
N ILE A 181 -1.24 5.61 -2.71
CA ILE A 181 -2.07 4.93 -3.67
C ILE A 181 -2.90 3.92 -2.92
N VAL A 182 -4.19 4.10 -2.93
CA VAL A 182 -5.06 3.24 -2.18
C VAL A 182 -5.57 2.07 -3.00
N THR A 183 -5.78 0.99 -2.32
CA THR A 183 -6.34 -0.22 -2.88
C THR A 183 -7.11 -0.93 -1.78
N HIS A 184 -8.11 -1.69 -2.15
CA HIS A 184 -8.95 -2.38 -1.17
C HIS A 184 -9.23 -3.80 -1.61
N GLN A 185 -10.09 -3.93 -2.57
CA GLN A 185 -10.47 -5.20 -3.11
C GLN A 185 -10.74 -5.02 -4.58
N CYS A 1 -1.38 -8.64 -4.29
CA CYS A 1 0.03 -8.81 -3.86
C CYS A 1 0.94 -7.83 -4.58
N PHE A 2 1.64 -7.05 -3.80
CA PHE A 2 2.56 -6.06 -4.31
C PHE A 2 3.97 -6.55 -4.06
N PRO A 3 5.00 -6.01 -4.74
CA PRO A 3 6.36 -6.41 -4.50
C PRO A 3 6.75 -5.96 -3.12
N GLY A 4 7.74 -6.57 -2.54
CA GLY A 4 8.18 -6.14 -1.24
C GLY A 4 8.55 -4.66 -1.22
N ASP A 5 8.97 -4.14 -2.38
CA ASP A 5 9.39 -2.72 -2.51
C ASP A 5 8.25 -1.74 -2.32
N THR A 6 7.05 -2.23 -2.34
CA THR A 6 5.89 -1.36 -2.23
C THR A 6 5.90 -0.64 -0.91
N ARG A 7 5.82 0.67 -0.96
CA ARG A 7 5.84 1.48 0.22
C ARG A 7 4.49 1.45 0.84
N ILE A 8 4.41 1.10 2.05
CA ILE A 8 3.17 1.05 2.74
C ILE A 8 3.14 2.05 3.87
N LEU A 9 2.09 2.84 3.93
CA LEU A 9 1.98 3.81 4.96
C LEU A 9 1.27 3.20 6.15
N VAL A 10 1.93 3.25 7.26
CA VAL A 10 1.42 2.69 8.49
C VAL A 10 1.58 3.66 9.63
N GLN A 11 1.18 3.25 10.80
CA GLN A 11 1.34 4.03 11.98
C GLN A 11 1.93 3.21 13.07
N ILE A 12 3.04 3.63 13.54
CA ILE A 12 3.75 2.94 14.53
C ILE A 12 3.89 3.78 15.73
N ASP A 13 3.38 3.28 16.79
CA ASP A 13 3.41 3.95 18.09
C ASP A 13 2.83 5.33 17.97
N GLY A 14 1.81 5.44 17.16
CA GLY A 14 1.17 6.70 16.89
C GLY A 14 1.97 7.60 15.98
N VAL A 15 2.91 7.01 15.26
CA VAL A 15 3.74 7.75 14.33
C VAL A 15 3.62 7.13 12.96
N PRO A 16 3.15 7.91 12.01
CA PRO A 16 2.97 7.44 10.65
C PRO A 16 4.30 7.29 9.95
N GLN A 17 4.57 6.09 9.49
CA GLN A 17 5.81 5.78 8.85
C GLN A 17 5.55 5.19 7.50
N LYS A 18 6.36 5.57 6.57
CA LYS A 18 6.24 5.07 5.24
C LYS A 18 7.39 4.17 4.93
N ILE A 19 7.15 2.92 4.98
CA ILE A 19 8.16 1.96 4.69
C ILE A 19 7.70 1.04 3.62
N THR A 20 8.43 0.01 3.35
CA THR A 20 8.00 -0.91 2.34
C THR A 20 7.29 -2.06 3.00
N LEU A 21 6.73 -2.93 2.22
CA LEU A 21 6.05 -4.07 2.73
C LEU A 21 7.02 -5.06 3.34
N ARG A 22 8.22 -5.09 2.80
CA ARG A 22 9.22 -6.00 3.29
C ARG A 22 9.79 -5.45 4.58
N GLU A 23 9.71 -4.14 4.70
CA GLU A 23 10.20 -3.43 5.85
C GLU A 23 9.17 -3.41 6.95
N LEU A 24 7.91 -3.22 6.57
CA LEU A 24 6.81 -3.22 7.52
C LEU A 24 6.75 -4.57 8.22
N TYR A 25 6.87 -5.60 7.41
CA TYR A 25 6.84 -6.97 7.83
C TYR A 25 7.78 -7.25 8.99
N GLU A 26 8.85 -6.54 9.03
CA GLU A 26 9.88 -6.73 10.03
C GLU A 26 9.46 -6.20 11.38
N LEU A 27 8.45 -5.35 11.41
CA LEU A 27 7.95 -4.79 12.62
C LEU A 27 7.04 -5.80 13.33
N PHE A 28 6.98 -6.98 12.76
CA PHE A 28 6.15 -8.02 13.24
C PHE A 28 6.97 -9.20 13.67
N GLU A 29 6.36 -10.07 14.40
CA GLU A 29 6.95 -11.30 14.84
C GLU A 29 5.88 -12.37 14.88
N ASP A 30 6.21 -13.55 15.41
CA ASP A 30 5.26 -14.67 15.48
C ASP A 30 4.91 -15.13 14.08
N GLU A 31 5.82 -15.81 13.46
CA GLU A 31 5.66 -16.26 12.12
C GLU A 31 5.32 -17.73 12.07
N ARG A 32 4.36 -18.02 11.27
CA ARG A 32 3.88 -19.35 11.04
C ARG A 32 3.86 -19.65 9.55
N TYR A 33 3.96 -20.90 9.21
CA TYR A 33 3.96 -21.31 7.83
C TYR A 33 2.63 -21.91 7.52
N GLU A 34 2.04 -21.47 6.47
CA GLU A 34 0.71 -21.92 6.10
C GLU A 34 0.42 -21.49 4.70
N ASN A 35 -0.46 -22.23 4.02
CA ASN A 35 -0.88 -21.89 2.66
C ASN A 35 0.30 -21.86 1.73
N MET A 36 1.36 -22.54 2.14
CA MET A 36 2.59 -22.63 1.37
C MET A 36 3.32 -21.30 1.38
N VAL A 37 2.92 -20.44 2.30
CA VAL A 37 3.50 -19.12 2.42
C VAL A 37 3.88 -18.85 3.89
N TYR A 38 4.20 -17.62 4.22
CA TYR A 38 4.56 -17.26 5.57
C TYR A 38 3.56 -16.30 6.11
N VAL A 39 3.22 -16.47 7.35
CA VAL A 39 2.27 -15.62 7.97
C VAL A 39 2.84 -15.14 9.28
N ARG A 40 2.93 -13.86 9.44
CA ARG A 40 3.47 -13.29 10.65
C ARG A 40 2.39 -12.47 11.31
N LYS A 41 2.14 -12.73 12.56
CA LYS A 41 1.05 -12.05 13.23
C LYS A 41 1.47 -11.49 14.56
N LYS A 42 0.92 -10.32 14.87
CA LYS A 42 1.20 -9.59 16.09
C LYS A 42 2.51 -8.82 15.97
N PRO A 43 2.41 -7.52 16.04
CA PRO A 43 3.57 -6.66 15.96
C PRO A 43 4.33 -6.58 17.27
N LYS A 44 5.59 -6.15 17.19
CA LYS A 44 6.46 -6.03 18.37
C LYS A 44 6.30 -4.67 19.00
N ARG A 45 5.50 -3.86 18.38
CA ARG A 45 5.21 -2.53 18.81
C ARG A 45 3.77 -2.28 18.53
N GLU A 46 3.40 -1.05 18.59
CA GLU A 46 2.10 -0.67 18.18
C GLU A 46 2.15 -0.37 16.71
N ILE A 47 1.72 -1.30 15.90
CA ILE A 47 1.73 -1.14 14.51
C ILE A 47 0.32 -1.10 14.03
N LYS A 48 -0.05 -0.01 13.47
CA LYS A 48 -1.32 0.12 12.85
C LYS A 48 -1.15 0.36 11.37
N VAL A 49 -2.22 0.22 10.65
CA VAL A 49 -2.19 0.44 9.20
C VAL A 49 -3.08 1.57 8.82
N TYR A 50 -2.54 2.46 8.04
CA TYR A 50 -3.35 3.51 7.49
C TYR A 50 -4.09 2.93 6.30
N SER A 51 -5.40 2.99 6.34
CA SER A 51 -6.20 2.43 5.29
C SER A 51 -7.28 3.42 4.87
N ILE A 52 -8.04 3.07 3.88
CA ILE A 52 -9.10 3.93 3.40
C ILE A 52 -10.38 3.16 3.25
N ASP A 53 -11.44 3.83 3.59
CA ASP A 53 -12.76 3.27 3.45
C ASP A 53 -13.18 3.44 2.02
N LEU A 54 -13.42 2.33 1.37
CA LEU A 54 -13.63 2.29 -0.05
C LEU A 54 -14.97 2.85 -0.46
N GLU A 55 -15.81 3.04 0.50
CA GLU A 55 -17.13 3.50 0.22
C GLU A 55 -17.31 4.95 0.52
N THR A 56 -16.54 5.43 1.44
CA THR A 56 -16.69 6.79 1.84
C THR A 56 -15.44 7.61 1.54
N GLY A 57 -14.34 6.92 1.38
CA GLY A 57 -13.10 7.56 1.02
C GLY A 57 -12.38 8.14 2.23
N LYS A 58 -12.84 7.80 3.42
CA LYS A 58 -12.25 8.26 4.64
C LYS A 58 -10.96 7.54 4.94
N VAL A 59 -10.03 8.24 5.53
CA VAL A 59 -8.78 7.69 5.92
C VAL A 59 -8.89 7.15 7.34
N VAL A 60 -8.92 5.86 7.42
CA VAL A 60 -9.08 5.19 8.66
C VAL A 60 -7.79 4.47 9.07
N LEU A 61 -7.62 4.25 10.36
CA LEU A 61 -6.49 3.54 10.85
C LEU A 61 -6.99 2.35 11.63
N THR A 62 -6.40 1.21 11.40
CA THR A 62 -6.86 0.01 12.03
C THR A 62 -5.69 -0.91 12.36
N ASP A 63 -5.97 -1.97 13.08
CA ASP A 63 -4.98 -2.95 13.44
C ASP A 63 -4.77 -3.97 12.35
N ILE A 64 -3.67 -4.63 12.45
CA ILE A 64 -3.26 -5.60 11.49
C ILE A 64 -3.66 -7.01 11.91
N GLU A 65 -4.00 -7.83 10.94
CA GLU A 65 -4.37 -9.20 11.19
C GLU A 65 -3.13 -10.06 11.14
N ASP A 66 -2.26 -9.75 10.19
CA ASP A 66 -1.04 -10.53 9.95
C ASP A 66 -0.27 -9.99 8.75
N VAL A 67 0.88 -10.56 8.50
CA VAL A 67 1.70 -10.17 7.40
C VAL A 67 1.64 -11.20 6.29
N ILE A 68 1.36 -10.74 5.10
CA ILE A 68 1.24 -11.60 3.95
C ILE A 68 2.57 -11.74 3.25
N LYS A 69 3.21 -12.88 3.42
CA LYS A 69 4.46 -13.16 2.75
C LYS A 69 4.32 -14.41 1.91
N ALA A 70 4.30 -14.23 0.61
CA ALA A 70 4.09 -15.32 -0.31
C ALA A 70 5.11 -15.31 -1.42
N PRO A 71 5.61 -16.50 -1.80
CA PRO A 71 6.56 -16.66 -2.90
C PRO A 71 6.19 -15.86 -4.14
N ALA A 72 7.11 -15.02 -4.59
CA ALA A 72 6.89 -14.18 -5.75
C ALA A 72 7.15 -14.94 -7.03
N THR A 73 6.19 -15.76 -7.40
CA THR A 73 6.28 -16.58 -8.59
C THR A 73 5.84 -15.80 -9.82
N ASP A 74 4.66 -15.22 -9.72
CA ASP A 74 4.06 -14.47 -10.82
C ASP A 74 4.71 -13.11 -10.97
N HIS A 75 4.37 -12.43 -12.04
CA HIS A 75 4.92 -11.13 -12.31
C HIS A 75 3.91 -10.07 -11.97
N LEU A 76 4.33 -8.85 -12.00
CA LEU A 76 3.49 -7.76 -11.55
C LEU A 76 3.36 -6.67 -12.61
N ILE A 77 2.20 -6.09 -12.68
CA ILE A 77 1.96 -4.94 -13.53
C ILE A 77 2.32 -3.70 -12.73
N ARG A 78 2.88 -2.72 -13.40
CA ARG A 78 3.26 -1.52 -12.76
C ARG A 78 2.51 -0.37 -13.35
N PHE A 79 2.10 0.50 -12.49
CA PHE A 79 1.32 1.65 -12.85
C PHE A 79 2.08 2.90 -12.55
N GLU A 80 2.29 3.72 -13.53
CA GLU A 80 2.98 4.96 -13.32
C GLU A 80 2.04 6.07 -13.45
N LEU A 81 1.98 6.88 -12.47
CA LEU A 81 1.08 7.96 -12.43
C LEU A 81 1.69 9.20 -13.06
N GLU A 82 0.83 10.13 -13.45
CA GLU A 82 1.25 11.39 -14.08
C GLU A 82 2.14 12.21 -13.15
N ASP A 83 2.11 11.85 -11.88
CA ASP A 83 2.87 12.54 -10.85
C ASP A 83 4.16 11.78 -10.56
N GLY A 84 4.28 10.64 -11.18
CA GLY A 84 5.47 9.83 -11.04
C GLY A 84 5.36 8.78 -9.96
N ARG A 85 4.16 8.56 -9.49
CA ARG A 85 3.92 7.54 -8.50
C ARG A 85 3.77 6.22 -9.20
N SER A 86 4.29 5.18 -8.64
CA SER A 86 4.07 3.89 -9.25
C SER A 86 3.90 2.76 -8.25
N PHE A 87 3.00 1.87 -8.56
CA PHE A 87 2.73 0.71 -7.72
C PHE A 87 2.54 -0.53 -8.55
N GLU A 88 2.77 -1.69 -7.95
CA GLU A 88 2.69 -2.96 -8.65
C GLU A 88 1.84 -3.97 -7.92
N THR A 89 1.29 -4.90 -8.68
CA THR A 89 0.44 -5.97 -8.15
C THR A 89 0.58 -7.24 -8.99
N THR A 90 0.19 -8.41 -8.43
CA THR A 90 0.32 -9.71 -9.12
C THR A 90 -0.62 -9.88 -10.28
N VAL A 91 -1.27 -8.79 -10.62
CA VAL A 91 -2.20 -8.69 -11.73
C VAL A 91 -3.54 -9.39 -11.42
N ASP A 92 -3.50 -10.40 -10.56
CA ASP A 92 -4.69 -11.13 -10.14
C ASP A 92 -5.45 -10.33 -9.09
N HIS A 93 -4.81 -9.28 -8.61
CA HIS A 93 -5.38 -8.47 -7.56
C HIS A 93 -6.06 -7.24 -8.12
N PRO A 94 -7.20 -6.86 -7.53
CA PRO A 94 -8.01 -5.73 -8.00
C PRO A 94 -7.47 -4.37 -7.53
N VAL A 95 -7.50 -3.44 -8.44
CA VAL A 95 -7.11 -2.08 -8.22
C VAL A 95 -8.39 -1.24 -8.14
N LEU A 96 -8.38 -0.19 -7.33
CA LEU A 96 -9.56 0.62 -7.17
C LEU A 96 -9.40 1.94 -7.91
N VAL A 97 -10.15 2.11 -8.97
CA VAL A 97 -10.08 3.32 -9.77
C VAL A 97 -11.34 4.14 -9.64
N TYR A 98 -11.18 5.43 -9.85
CA TYR A 98 -12.26 6.35 -9.79
C TYR A 98 -12.69 6.76 -11.20
N GLU A 99 -13.67 6.08 -11.73
CA GLU A 99 -14.21 6.40 -13.02
C GLU A 99 -15.70 6.16 -13.00
N ASN A 100 -16.43 6.80 -13.91
CA ASN A 100 -17.89 6.66 -13.96
C ASN A 100 -18.50 7.25 -12.69
N GLY A 101 -17.75 8.12 -12.03
CA GLY A 101 -18.18 8.71 -10.78
C GLY A 101 -18.29 7.70 -9.67
N ARG A 102 -17.73 6.52 -9.87
CA ARG A 102 -17.80 5.51 -8.90
C ARG A 102 -16.44 4.87 -8.73
N PHE A 103 -16.35 4.04 -7.77
CA PHE A 103 -15.14 3.33 -7.52
C PHE A 103 -15.29 1.92 -8.06
N ILE A 104 -14.43 1.54 -8.97
CA ILE A 104 -14.51 0.21 -9.51
C ILE A 104 -13.26 -0.58 -9.25
N GLU A 105 -13.46 -1.86 -8.97
CA GLU A 105 -12.37 -2.76 -8.70
C GLU A 105 -12.02 -3.54 -9.97
N LYS A 106 -10.84 -3.30 -10.47
CA LYS A 106 -10.36 -3.97 -11.66
C LYS A 106 -8.99 -4.57 -11.39
N ARG A 107 -8.77 -5.80 -11.82
CA ARG A 107 -7.51 -6.49 -11.59
C ARG A 107 -6.39 -5.74 -12.27
N ALA A 108 -5.13 -5.94 -11.85
CA ALA A 108 -4.05 -5.17 -12.45
C ALA A 108 -4.01 -5.39 -13.94
N PHE A 109 -4.17 -6.65 -14.34
CA PHE A 109 -4.19 -7.02 -15.75
C PHE A 109 -5.50 -6.56 -16.42
N GLU A 110 -6.38 -5.94 -15.64
CA GLU A 110 -7.67 -5.49 -16.14
C GLU A 110 -7.71 -3.97 -16.19
N VAL A 111 -6.74 -3.37 -15.52
CA VAL A 111 -6.57 -1.94 -15.48
C VAL A 111 -5.91 -1.51 -16.78
N LYS A 112 -6.21 -0.33 -17.22
CA LYS A 112 -5.66 0.15 -18.48
C LYS A 112 -4.90 1.44 -18.28
N GLU A 113 -4.11 1.80 -19.25
CA GLU A 113 -3.34 3.01 -19.16
C GLU A 113 -4.26 4.21 -19.15
N GLY A 114 -3.94 5.19 -18.36
CA GLY A 114 -4.79 6.33 -18.20
C GLY A 114 -5.83 6.12 -17.11
N ASP A 115 -5.72 4.99 -16.42
CA ASP A 115 -6.64 4.66 -15.33
C ASP A 115 -6.29 5.51 -14.10
N LYS A 116 -7.12 5.53 -13.10
CA LYS A 116 -6.85 6.36 -11.93
C LYS A 116 -6.84 5.56 -10.65
N VAL A 117 -6.25 6.13 -9.64
CA VAL A 117 -6.30 5.57 -8.31
C VAL A 117 -6.59 6.66 -7.31
N LEU A 118 -7.13 6.28 -6.18
CA LEU A 118 -7.48 7.24 -5.17
C LEU A 118 -6.38 7.35 -4.15
N VAL A 119 -6.10 8.57 -3.74
CA VAL A 119 -5.18 8.79 -2.68
C VAL A 119 -5.93 9.06 -1.42
N SER A 120 -5.38 8.59 -0.34
CA SER A 120 -5.98 8.66 0.99
C SER A 120 -6.03 10.08 1.54
N GLU A 121 -6.04 11.03 0.66
CA GLU A 121 -6.03 12.46 0.99
C GLU A 121 -4.80 12.85 1.79
N LEU A 122 -3.86 11.98 1.78
CA LEU A 122 -2.61 12.19 2.38
C LEU A 122 -2.68 12.37 3.90
N GLU A 123 -1.53 12.69 4.52
CA GLU A 123 -1.47 12.87 5.98
C GLU A 123 -0.06 13.35 6.42
N LEU A 124 0.80 12.41 6.83
CA LEU A 124 2.18 12.72 7.28
C LEU A 124 2.93 13.51 6.19
N VAL A 125 2.80 13.02 4.95
CA VAL A 125 3.30 13.64 3.70
C VAL A 125 4.41 12.80 3.07
N GLU A 126 5.67 13.08 3.37
CA GLU A 126 6.75 12.32 2.78
C GLU A 126 7.99 12.35 3.67
N GLN A 127 9.05 11.71 3.20
CA GLN A 127 10.29 11.62 3.94
C GLN A 127 11.46 11.72 2.96
N SER A 128 12.54 12.34 3.39
CA SER A 128 13.70 12.52 2.54
C SER A 128 14.99 12.38 3.32
N SER A 129 16.00 11.76 2.71
CA SER A 129 17.31 11.55 3.32
C SER A 129 17.24 10.58 4.50
N SER A 130 18.39 10.28 5.09
CA SER A 130 18.45 9.42 6.24
C SER A 130 17.97 10.18 7.47
N SER A 131 16.70 10.03 7.79
CA SER A 131 16.10 10.73 8.91
C SER A 131 16.43 10.04 10.23
N GLN A 132 16.99 10.80 11.14
CA GLN A 132 17.27 10.30 12.47
C GLN A 132 16.04 10.53 13.34
N ASP A 133 15.19 11.42 12.87
CA ASP A 133 13.96 11.75 13.56
C ASP A 133 12.85 10.81 13.14
N ASN A 134 12.18 10.21 14.11
CA ASN A 134 11.09 9.28 13.83
C ASN A 134 9.75 10.01 13.58
N PRO A 135 9.38 10.98 14.46
CA PRO A 135 8.13 11.74 14.31
C PRO A 135 8.24 12.85 13.26
N LYS A 136 7.30 13.79 13.30
CA LYS A 136 7.25 14.89 12.32
C LYS A 136 6.09 15.82 12.64
N ASN A 137 6.41 17.06 12.94
CA ASN A 137 5.39 18.06 13.20
C ASN A 137 5.97 19.48 13.08
N GLU A 138 6.26 20.10 14.23
CA GLU A 138 6.75 21.48 14.28
C GLU A 138 5.82 22.45 13.52
N ASN A 139 6.17 22.74 12.27
CA ASN A 139 5.35 23.59 11.44
C ASN A 139 4.22 22.80 10.80
N LEU A 140 3.25 23.51 10.25
CA LEU A 140 2.13 22.86 9.61
C LEU A 140 2.58 22.20 8.32
N GLY A 141 2.17 20.98 8.13
CA GLY A 141 2.52 20.27 6.95
C GLY A 141 1.31 19.82 6.20
N SER A 142 0.49 20.78 5.76
CA SER A 142 -0.71 20.47 5.05
C SER A 142 -0.37 19.80 3.70
N PRO A 143 -0.82 18.56 3.49
CA PRO A 143 -0.53 17.81 2.28
C PRO A 143 -1.39 18.24 1.11
N GLU A 144 -0.95 17.91 -0.08
CA GLU A 144 -1.71 18.20 -1.29
C GLU A 144 -2.58 16.99 -1.56
N HIS A 145 -3.85 17.12 -1.29
CA HIS A 145 -4.71 15.96 -1.30
C HIS A 145 -6.00 16.16 -2.10
N ASP A 146 -6.98 15.27 -1.85
CA ASP A 146 -8.28 15.24 -2.56
C ASP A 146 -8.10 15.38 -4.05
N GLN A 147 -7.55 14.36 -4.65
CA GLN A 147 -7.30 14.35 -6.08
C GLN A 147 -7.08 12.92 -6.57
N LEU A 148 -7.40 12.69 -7.82
CA LEU A 148 -7.20 11.41 -8.44
C LEU A 148 -6.10 11.49 -9.43
N LEU A 149 -5.29 10.50 -9.41
CA LEU A 149 -4.15 10.47 -10.28
C LEU A 149 -4.27 9.38 -11.35
N GLU A 150 -3.97 9.78 -12.59
CA GLU A 150 -3.96 8.89 -13.74
C GLU A 150 -2.67 8.18 -13.92
N ILE A 151 -2.81 6.97 -14.35
CA ILE A 151 -1.74 6.13 -14.70
C ILE A 151 -1.26 6.45 -16.09
N LYS A 152 -0.19 7.14 -16.14
CA LYS A 152 0.44 7.49 -17.35
C LYS A 152 0.98 6.27 -18.07
N ASN A 153 1.50 5.33 -17.31
CA ASN A 153 2.12 4.17 -17.94
C ASN A 153 2.00 2.92 -17.15
N ILE A 154 1.54 1.92 -17.84
CA ILE A 154 1.45 0.60 -17.30
C ILE A 154 2.42 -0.31 -18.02
N LYS A 155 3.00 -1.21 -17.28
CA LYS A 155 3.96 -2.13 -17.81
C LYS A 155 3.90 -3.43 -17.07
N TYR A 156 4.43 -4.45 -17.67
CA TYR A 156 4.57 -5.71 -17.05
C TYR A 156 5.99 -5.88 -16.61
N VAL A 157 6.16 -5.95 -15.34
CA VAL A 157 7.45 -6.07 -14.74
C VAL A 157 7.49 -7.25 -13.81
N ARG A 158 8.63 -7.54 -13.28
CA ARG A 158 8.76 -8.67 -12.40
C ARG A 158 8.85 -8.24 -10.95
N ALA A 159 8.54 -9.15 -10.08
CA ALA A 159 8.65 -8.93 -8.65
C ALA A 159 10.10 -8.77 -8.25
N ASN A 160 10.39 -7.71 -7.51
CA ASN A 160 11.76 -7.44 -7.05
C ASN A 160 12.29 -8.53 -6.11
N ASP A 161 11.44 -8.97 -5.20
CA ASP A 161 11.83 -9.95 -4.21
C ASP A 161 11.33 -11.33 -4.60
N ASP A 162 11.71 -12.32 -3.79
CA ASP A 162 11.25 -13.69 -4.00
C ASP A 162 9.98 -13.93 -3.26
N PHE A 163 9.49 -12.89 -2.65
CA PHE A 163 8.26 -12.90 -1.93
C PHE A 163 7.52 -11.61 -2.17
N VAL A 164 6.23 -11.66 -2.11
CA VAL A 164 5.41 -10.49 -2.26
C VAL A 164 4.57 -10.32 -1.01
N PHE A 165 4.13 -9.12 -0.77
CA PHE A 165 3.40 -8.82 0.45
C PHE A 165 2.15 -8.02 0.13
N SER A 166 1.33 -7.84 1.14
CA SER A 166 0.13 -7.01 1.00
C SER A 166 -0.27 -6.51 2.37
N LEU A 167 0.20 -7.23 3.39
CA LEU A 167 -0.07 -6.91 4.77
C LEU A 167 -1.56 -7.02 5.07
N ASN A 168 -1.93 -8.08 5.72
CA ASN A 168 -3.31 -8.36 6.00
C ASN A 168 -3.75 -7.64 7.25
N ALA A 169 -4.66 -6.73 7.09
CA ALA A 169 -5.20 -6.01 8.21
C ALA A 169 -6.71 -6.14 8.19
N LYS A 170 -7.41 -5.14 8.67
CA LYS A 170 -8.86 -5.20 8.71
C LYS A 170 -9.42 -5.34 7.32
N LYS A 171 -10.46 -6.16 7.22
CA LYS A 171 -11.08 -6.53 5.94
C LYS A 171 -10.14 -7.46 5.14
N TYR A 172 -9.69 -7.02 3.96
CA TYR A 172 -8.80 -7.85 3.13
C TYR A 172 -7.86 -7.01 2.28
N HIS A 173 -6.57 -7.16 2.56
CA HIS A 173 -5.45 -6.52 1.83
C HIS A 173 -5.71 -5.05 1.40
N ASN A 174 -6.51 -4.34 2.15
CA ASN A 174 -6.77 -2.93 1.84
C ASN A 174 -5.85 -2.04 2.63
N VAL A 175 -4.86 -1.50 1.97
CA VAL A 175 -3.91 -0.67 2.64
C VAL A 175 -3.43 0.45 1.75
N ILE A 176 -2.83 1.42 2.38
CA ILE A 176 -2.33 2.56 1.70
C ILE A 176 -0.86 2.38 1.38
N ILE A 177 -0.54 2.44 0.11
CA ILE A 177 0.79 2.23 -0.34
C ILE A 177 1.25 3.40 -1.16
N ASN A 178 2.54 3.43 -1.41
CA ASN A 178 3.20 4.47 -2.19
C ASN A 178 2.82 5.85 -1.62
N GLU A 179 2.50 6.77 -2.50
CA GLU A 179 2.08 8.09 -2.10
C GLU A 179 0.57 8.09 -1.88
N ASN A 180 0.15 7.13 -1.07
CA ASN A 180 -1.22 6.93 -0.67
C ASN A 180 -2.11 6.41 -1.76
N ILE A 181 -1.71 5.34 -2.37
CA ILE A 181 -2.50 4.73 -3.42
C ILE A 181 -3.37 3.64 -2.80
N VAL A 182 -4.68 3.82 -2.88
CA VAL A 182 -5.61 2.89 -2.32
C VAL A 182 -5.88 1.71 -3.25
N THR A 183 -6.35 0.64 -2.68
CA THR A 183 -6.66 -0.57 -3.38
C THR A 183 -7.44 -1.53 -2.48
N HIS A 184 -8.39 -2.27 -3.06
CA HIS A 184 -9.22 -3.23 -2.32
C HIS A 184 -10.15 -3.93 -3.30
N GLN A 185 -10.42 -5.19 -3.04
CA GLN A 185 -11.33 -5.96 -3.88
C GLN A 185 -12.76 -5.43 -3.74
N CYS A 1 -1.21 -8.21 -3.61
CA CYS A 1 0.20 -8.32 -3.16
C CYS A 1 1.11 -7.42 -4.00
N PHE A 2 2.05 -6.80 -3.32
CA PHE A 2 2.97 -5.87 -3.90
C PHE A 2 4.37 -6.46 -3.82
N PRO A 3 5.31 -5.99 -4.67
CA PRO A 3 6.69 -6.52 -4.73
C PRO A 3 7.40 -6.36 -3.40
N GLY A 4 7.10 -5.27 -2.74
CA GLY A 4 7.74 -4.95 -1.52
C GLY A 4 8.18 -3.52 -1.54
N ASP A 5 8.62 -3.03 -2.72
CA ASP A 5 9.03 -1.61 -2.89
C ASP A 5 7.87 -0.68 -2.65
N THR A 6 6.70 -1.24 -2.69
CA THR A 6 5.49 -0.52 -2.44
C THR A 6 5.53 0.04 -1.03
N ARG A 7 5.34 1.33 -0.91
CA ARG A 7 5.34 2.00 0.36
C ARG A 7 3.98 1.95 0.96
N ILE A 8 3.89 1.59 2.19
CA ILE A 8 2.63 1.51 2.88
C ILE A 8 2.62 2.48 4.05
N LEU A 9 1.55 3.25 4.16
CA LEU A 9 1.44 4.15 5.25
C LEU A 9 0.86 3.43 6.47
N VAL A 10 1.58 3.51 7.56
CA VAL A 10 1.18 2.85 8.80
C VAL A 10 1.39 3.77 9.99
N GLN A 11 1.09 3.28 11.16
CA GLN A 11 1.26 4.04 12.37
C GLN A 11 1.96 3.19 13.40
N ILE A 12 3.08 3.67 13.85
CA ILE A 12 3.85 2.97 14.80
C ILE A 12 4.04 3.80 16.01
N ASP A 13 3.57 3.27 17.09
CA ASP A 13 3.63 3.94 18.39
C ASP A 13 3.02 5.31 18.30
N GLY A 14 1.93 5.36 17.59
CA GLY A 14 1.24 6.60 17.35
C GLY A 14 1.98 7.53 16.41
N VAL A 15 2.91 6.99 15.68
CA VAL A 15 3.67 7.76 14.72
C VAL A 15 3.53 7.15 13.36
N PRO A 16 2.95 7.90 12.45
CA PRO A 16 2.73 7.43 11.11
C PRO A 16 4.02 7.39 10.32
N GLN A 17 4.29 6.26 9.76
CA GLN A 17 5.49 6.05 9.02
C GLN A 17 5.16 5.51 7.68
N LYS A 18 5.89 5.95 6.71
CA LYS A 18 5.70 5.46 5.38
C LYS A 18 6.84 4.55 5.04
N ILE A 19 6.59 3.30 5.12
CA ILE A 19 7.60 2.33 4.83
C ILE A 19 7.15 1.43 3.75
N THR A 20 7.89 0.44 3.42
CA THR A 20 7.46 -0.46 2.39
C THR A 20 6.69 -1.59 3.00
N LEU A 21 6.15 -2.42 2.16
CA LEU A 21 5.45 -3.58 2.62
C LEU A 21 6.44 -4.60 3.15
N ARG A 22 7.68 -4.50 2.70
CA ARG A 22 8.70 -5.42 3.14
C ARG A 22 9.30 -4.90 4.42
N GLU A 23 9.18 -3.59 4.62
CA GLU A 23 9.68 -2.93 5.79
C GLU A 23 8.66 -3.05 6.90
N LEU A 24 7.39 -2.86 6.54
CA LEU A 24 6.32 -2.97 7.50
C LEU A 24 6.37 -4.34 8.14
N TYR A 25 6.59 -5.32 7.30
CA TYR A 25 6.71 -6.70 7.67
C TYR A 25 7.72 -6.92 8.77
N GLU A 26 8.76 -6.16 8.76
CA GLU A 26 9.86 -6.31 9.70
C GLU A 26 9.46 -5.91 11.10
N LEU A 27 8.43 -5.11 11.21
CA LEU A 27 7.95 -4.63 12.47
C LEU A 27 7.12 -5.70 13.16
N PHE A 28 7.06 -6.85 12.53
CA PHE A 28 6.30 -7.95 13.00
C PHE A 28 7.19 -9.10 13.32
N GLU A 29 6.68 -9.98 14.11
CA GLU A 29 7.41 -11.16 14.49
C GLU A 29 6.45 -12.33 14.50
N ASP A 30 6.93 -13.50 14.88
CA ASP A 30 6.11 -14.71 14.96
C ASP A 30 5.62 -15.12 13.58
N GLU A 31 6.44 -15.85 12.88
CA GLU A 31 6.10 -16.30 11.55
C GLU A 31 5.65 -17.73 11.55
N ARG A 32 4.55 -17.93 10.92
CA ARG A 32 3.91 -19.19 10.78
C ARG A 32 3.74 -19.53 9.30
N TYR A 33 3.71 -20.80 9.01
CA TYR A 33 3.51 -21.26 7.66
C TYR A 33 2.06 -21.65 7.49
N GLU A 34 1.46 -21.15 6.46
CA GLU A 34 0.05 -21.39 6.23
C GLU A 34 -0.33 -20.99 4.85
N ASN A 35 -1.29 -21.71 4.26
CA ASN A 35 -1.80 -21.40 2.93
C ASN A 35 -0.70 -21.45 1.92
N MET A 36 0.37 -22.16 2.27
CA MET A 36 1.51 -22.34 1.40
C MET A 36 2.31 -21.05 1.27
N VAL A 37 2.06 -20.16 2.20
CA VAL A 37 2.77 -18.91 2.28
C VAL A 37 3.20 -18.70 3.73
N TYR A 38 3.72 -17.55 4.03
CA TYR A 38 4.16 -17.29 5.36
C TYR A 38 3.35 -16.22 5.98
N VAL A 39 3.09 -16.38 7.22
CA VAL A 39 2.26 -15.47 7.93
C VAL A 39 2.97 -15.03 9.17
N ARG A 40 3.16 -13.76 9.30
CA ARG A 40 3.80 -13.22 10.46
C ARG A 40 2.77 -12.45 11.24
N LYS A 41 2.64 -12.76 12.49
CA LYS A 41 1.57 -12.15 13.28
C LYS A 41 2.07 -11.64 14.59
N LYS A 42 1.52 -10.50 14.98
CA LYS A 42 1.85 -9.80 16.20
C LYS A 42 3.07 -8.94 16.03
N PRO A 43 2.88 -7.64 16.10
CA PRO A 43 3.94 -6.69 15.97
C PRO A 43 4.77 -6.61 17.24
N LYS A 44 6.00 -6.20 17.09
CA LYS A 44 6.93 -6.09 18.21
C LYS A 44 6.80 -4.75 18.89
N ARG A 45 5.94 -3.93 18.34
CA ARG A 45 5.65 -2.61 18.85
C ARG A 45 4.23 -2.33 18.55
N GLU A 46 3.84 -1.12 18.71
CA GLU A 46 2.52 -0.74 18.34
C GLU A 46 2.50 -0.40 16.87
N ILE A 47 2.02 -1.31 16.07
CA ILE A 47 1.95 -1.14 14.69
C ILE A 47 0.52 -1.12 14.26
N LYS A 48 0.11 -0.03 13.71
CA LYS A 48 -1.21 0.07 13.15
C LYS A 48 -1.10 0.26 11.67
N VAL A 49 -2.21 0.17 11.00
CA VAL A 49 -2.22 0.29 9.57
C VAL A 49 -3.19 1.38 9.09
N TYR A 50 -2.71 2.24 8.21
CA TYR A 50 -3.55 3.27 7.63
C TYR A 50 -4.26 2.73 6.42
N SER A 51 -5.57 2.76 6.46
CA SER A 51 -6.39 2.28 5.37
C SER A 51 -7.43 3.34 5.04
N ILE A 52 -8.22 3.09 4.01
CA ILE A 52 -9.23 4.05 3.61
C ILE A 52 -10.62 3.45 3.75
N ASP A 53 -11.53 4.28 4.17
CA ASP A 53 -12.90 3.89 4.35
C ASP A 53 -13.56 3.85 3.00
N LEU A 54 -14.05 2.69 2.64
CA LEU A 54 -14.54 2.42 1.32
C LEU A 54 -15.87 3.05 1.06
N GLU A 55 -16.47 3.58 2.06
CA GLU A 55 -17.77 4.15 1.90
C GLU A 55 -17.75 5.64 1.96
N THR A 56 -16.76 6.16 2.63
CA THR A 56 -16.69 7.58 2.80
C THR A 56 -15.44 8.15 2.17
N GLY A 57 -14.43 7.33 2.04
CA GLY A 57 -13.20 7.74 1.42
C GLY A 57 -12.24 8.37 2.40
N LYS A 58 -12.54 8.21 3.67
CA LYS A 58 -11.73 8.78 4.73
C LYS A 58 -10.61 7.87 5.15
N VAL A 59 -9.65 8.42 5.84
CA VAL A 59 -8.51 7.69 6.30
C VAL A 59 -8.80 7.06 7.64
N VAL A 60 -8.84 5.77 7.66
CA VAL A 60 -9.08 5.04 8.87
C VAL A 60 -7.82 4.28 9.31
N LEU A 61 -7.69 4.06 10.61
CA LEU A 61 -6.59 3.35 11.14
C LEU A 61 -7.09 2.15 11.94
N THR A 62 -6.41 1.05 11.81
CA THR A 62 -6.79 -0.16 12.52
C THR A 62 -5.57 -1.00 12.86
N ASP A 63 -5.77 -2.03 13.67
CA ASP A 63 -4.73 -2.98 14.01
C ASP A 63 -4.52 -3.97 12.89
N ILE A 64 -3.39 -4.60 12.93
CA ILE A 64 -3.00 -5.57 11.94
C ILE A 64 -3.32 -6.99 12.43
N GLU A 65 -3.63 -7.86 11.48
CA GLU A 65 -3.91 -9.24 11.77
C GLU A 65 -2.65 -10.05 11.63
N ASP A 66 -1.92 -9.75 10.57
CA ASP A 66 -0.71 -10.48 10.23
C ASP A 66 -0.09 -9.92 8.97
N VAL A 67 1.01 -10.50 8.58
CA VAL A 67 1.71 -10.09 7.41
C VAL A 67 1.55 -11.12 6.32
N ILE A 68 1.24 -10.65 5.14
CA ILE A 68 1.05 -11.52 4.02
C ILE A 68 2.36 -11.69 3.28
N LYS A 69 3.02 -12.80 3.53
CA LYS A 69 4.29 -13.10 2.89
C LYS A 69 4.11 -14.30 1.99
N ALA A 70 4.11 -14.07 0.70
CA ALA A 70 3.88 -15.13 -0.25
C ALA A 70 4.95 -15.19 -1.29
N PRO A 71 5.42 -16.40 -1.61
CA PRO A 71 6.43 -16.62 -2.66
C PRO A 71 6.07 -15.91 -3.95
N ALA A 72 7.02 -15.16 -4.49
CA ALA A 72 6.81 -14.42 -5.72
C ALA A 72 6.89 -15.35 -6.93
N THR A 73 5.77 -15.95 -7.28
CA THR A 73 5.70 -16.84 -8.42
C THR A 73 5.14 -16.11 -9.63
N ASP A 74 4.23 -15.18 -9.38
CA ASP A 74 3.63 -14.40 -10.45
C ASP A 74 4.39 -13.12 -10.68
N HIS A 75 4.08 -12.48 -11.80
CA HIS A 75 4.72 -11.22 -12.14
C HIS A 75 3.80 -10.09 -11.79
N LEU A 76 4.30 -8.90 -11.91
CA LEU A 76 3.53 -7.74 -11.48
C LEU A 76 3.39 -6.71 -12.58
N ILE A 77 2.27 -6.07 -12.60
CA ILE A 77 2.06 -4.96 -13.47
C ILE A 77 2.44 -3.69 -12.73
N ARG A 78 3.00 -2.73 -13.43
CA ARG A 78 3.38 -1.51 -12.84
C ARG A 78 2.57 -0.40 -13.44
N PHE A 79 2.14 0.48 -12.61
CA PHE A 79 1.34 1.60 -13.02
C PHE A 79 2.09 2.87 -12.74
N GLU A 80 2.26 3.69 -13.75
CA GLU A 80 2.96 4.93 -13.59
C GLU A 80 2.02 6.05 -13.78
N LEU A 81 1.96 6.88 -12.83
CA LEU A 81 1.07 7.98 -12.83
C LEU A 81 1.71 9.21 -13.46
N GLU A 82 0.86 10.15 -13.85
CA GLU A 82 1.30 11.41 -14.49
C GLU A 82 2.17 12.24 -13.55
N ASP A 83 2.13 11.90 -12.28
CA ASP A 83 2.90 12.58 -11.25
C ASP A 83 4.21 11.88 -11.03
N GLY A 84 4.31 10.70 -11.58
CA GLY A 84 5.50 9.91 -11.44
C GLY A 84 5.43 8.92 -10.32
N ARG A 85 4.25 8.74 -9.76
CA ARG A 85 4.05 7.76 -8.74
C ARG A 85 3.78 6.46 -9.41
N SER A 86 4.29 5.41 -8.88
CA SER A 86 4.03 4.12 -9.45
C SER A 86 3.83 3.06 -8.39
N PHE A 87 3.06 2.06 -8.73
CA PHE A 87 2.81 0.95 -7.84
C PHE A 87 2.65 -0.33 -8.64
N GLU A 88 2.96 -1.44 -8.00
CA GLU A 88 2.90 -2.74 -8.64
C GLU A 88 2.01 -3.68 -7.89
N THR A 89 1.41 -4.57 -8.62
CA THR A 89 0.53 -5.57 -8.04
C THR A 89 0.66 -6.90 -8.78
N THR A 90 0.26 -8.00 -8.13
CA THR A 90 0.39 -9.35 -8.69
C THR A 90 -0.50 -9.62 -9.88
N VAL A 91 -1.09 -8.56 -10.41
CA VAL A 91 -1.97 -8.58 -11.59
C VAL A 91 -3.30 -9.28 -11.29
N ASP A 92 -3.24 -10.33 -10.52
CA ASP A 92 -4.42 -11.06 -10.09
C ASP A 92 -5.21 -10.20 -9.11
N HIS A 93 -4.49 -9.48 -8.28
CA HIS A 93 -5.09 -8.62 -7.26
C HIS A 93 -5.74 -7.37 -7.86
N PRO A 94 -7.01 -7.09 -7.47
CA PRO A 94 -7.79 -5.92 -7.94
C PRO A 94 -7.21 -4.56 -7.58
N VAL A 95 -7.33 -3.64 -8.49
CA VAL A 95 -6.93 -2.27 -8.33
C VAL A 95 -8.20 -1.41 -8.28
N LEU A 96 -8.17 -0.32 -7.53
CA LEU A 96 -9.34 0.52 -7.37
C LEU A 96 -9.26 1.74 -8.26
N VAL A 97 -10.09 1.79 -9.28
CA VAL A 97 -10.09 2.92 -10.19
C VAL A 97 -11.35 3.74 -10.08
N TYR A 98 -11.21 5.01 -10.36
CA TYR A 98 -12.32 5.92 -10.34
C TYR A 98 -12.74 6.22 -11.78
N GLU A 99 -13.69 5.44 -12.29
CA GLU A 99 -14.21 5.62 -13.62
C GLU A 99 -15.70 5.41 -13.57
N ASN A 100 -16.42 5.93 -14.55
CA ASN A 100 -17.88 5.80 -14.60
C ASN A 100 -18.50 6.49 -13.39
N GLY A 101 -17.76 7.44 -12.84
CA GLY A 101 -18.22 8.15 -11.66
C GLY A 101 -18.32 7.26 -10.44
N ARG A 102 -17.72 6.08 -10.52
CA ARG A 102 -17.77 5.18 -9.44
C ARG A 102 -16.41 4.58 -9.21
N PHE A 103 -16.30 3.87 -8.15
CA PHE A 103 -15.08 3.21 -7.81
C PHE A 103 -15.23 1.74 -8.11
N ILE A 104 -14.38 1.22 -8.94
CA ILE A 104 -14.46 -0.17 -9.31
C ILE A 104 -13.17 -0.91 -9.04
N GLU A 105 -13.28 -2.21 -8.80
CA GLU A 105 -12.13 -3.05 -8.55
C GLU A 105 -11.84 -3.91 -9.75
N LYS A 106 -10.74 -3.63 -10.41
CA LYS A 106 -10.31 -4.42 -11.53
C LYS A 106 -8.93 -4.92 -11.31
N ARG A 107 -8.69 -6.16 -11.69
CA ARG A 107 -7.40 -6.81 -11.46
C ARG A 107 -6.33 -6.03 -12.19
N ALA A 108 -5.07 -6.13 -11.77
CA ALA A 108 -4.05 -5.32 -12.40
C ALA A 108 -3.96 -5.64 -13.87
N PHE A 109 -4.06 -6.93 -14.19
CA PHE A 109 -4.04 -7.39 -15.56
C PHE A 109 -5.37 -7.08 -16.27
N GLU A 110 -6.25 -6.36 -15.59
CA GLU A 110 -7.54 -5.96 -16.13
C GLU A 110 -7.61 -4.43 -16.25
N VAL A 111 -6.72 -3.77 -15.53
CA VAL A 111 -6.60 -2.33 -15.54
C VAL A 111 -6.00 -1.89 -16.88
N LYS A 112 -6.34 -0.72 -17.31
CA LYS A 112 -5.88 -0.23 -18.59
C LYS A 112 -4.97 0.94 -18.41
N GLU A 113 -4.25 1.29 -19.43
CA GLU A 113 -3.39 2.45 -19.37
C GLU A 113 -4.27 3.67 -19.44
N GLY A 114 -3.92 4.68 -18.71
CA GLY A 114 -4.77 5.85 -18.63
C GLY A 114 -5.82 5.70 -17.55
N ASP A 115 -5.74 4.60 -16.80
CA ASP A 115 -6.68 4.31 -15.73
C ASP A 115 -6.38 5.20 -14.54
N LYS A 116 -7.17 5.16 -13.50
CA LYS A 116 -6.93 6.02 -12.36
C LYS A 116 -6.95 5.26 -11.06
N VAL A 117 -6.41 5.85 -10.05
CA VAL A 117 -6.48 5.31 -8.72
C VAL A 117 -6.87 6.41 -7.76
N LEU A 118 -7.39 6.03 -6.61
CA LEU A 118 -7.77 6.99 -5.62
C LEU A 118 -6.62 7.28 -4.73
N VAL A 119 -6.46 8.51 -4.36
CA VAL A 119 -5.52 8.83 -3.36
C VAL A 119 -6.25 9.06 -2.07
N SER A 120 -5.59 8.75 -0.98
CA SER A 120 -6.16 8.88 0.35
C SER A 120 -6.35 10.34 0.74
N GLU A 121 -6.24 11.21 -0.25
CA GLU A 121 -6.33 12.66 -0.08
C GLU A 121 -5.21 13.25 0.78
N LEU A 122 -4.80 12.55 1.79
CA LEU A 122 -3.85 13.08 2.73
C LEU A 122 -3.32 11.99 3.63
N GLU A 123 -2.01 11.94 3.81
CA GLU A 123 -1.43 10.97 4.71
C GLU A 123 -1.35 11.52 6.15
N LEU A 124 -0.15 11.53 6.72
CA LEU A 124 0.03 11.99 8.10
C LEU A 124 0.15 13.50 8.19
N VAL A 125 -0.35 14.18 7.16
CA VAL A 125 -0.37 15.65 7.09
C VAL A 125 1.06 16.24 7.10
N GLU A 126 2.03 15.37 6.85
CA GLU A 126 3.44 15.75 6.80
C GLU A 126 4.01 16.16 8.16
N GLN A 127 5.33 16.34 8.20
CA GLN A 127 6.06 16.74 9.40
C GLN A 127 5.82 15.79 10.57
N SER A 128 6.70 14.80 10.71
CA SER A 128 6.59 13.83 11.78
C SER A 128 6.72 14.53 13.14
N SER A 129 7.70 15.43 13.25
CA SER A 129 7.94 16.19 14.47
C SER A 129 9.06 17.19 14.22
N SER A 130 9.37 17.98 15.22
CA SER A 130 10.45 18.95 15.14
C SER A 130 11.72 18.37 15.76
N SER A 131 11.57 17.20 16.34
CA SER A 131 12.66 16.49 16.98
C SER A 131 12.40 14.99 16.93
N GLN A 132 13.30 14.20 17.53
CA GLN A 132 13.20 12.75 17.57
C GLN A 132 13.34 12.18 16.16
N ASP A 133 14.57 11.84 15.81
CA ASP A 133 14.87 11.32 14.49
C ASP A 133 14.30 9.92 14.29
N ASN A 134 13.10 9.87 13.77
CA ASN A 134 12.42 8.61 13.48
C ASN A 134 12.60 8.17 12.02
N PRO A 135 12.44 9.09 11.03
CA PRO A 135 12.61 8.76 9.61
C PRO A 135 14.08 8.52 9.24
N LYS A 136 14.34 8.43 7.95
CA LYS A 136 15.69 8.17 7.46
C LYS A 136 16.37 9.45 7.02
N ASN A 137 15.59 10.51 6.93
CA ASN A 137 16.09 11.80 6.48
C ASN A 137 15.15 12.89 6.95
N GLU A 138 15.68 14.09 7.17
CA GLU A 138 14.86 15.20 7.58
C GLU A 138 14.33 15.92 6.35
N ASN A 139 13.24 15.44 5.80
CA ASN A 139 12.64 16.02 4.62
C ASN A 139 11.12 15.92 4.69
N LEU A 140 10.47 16.31 3.61
CA LEU A 140 9.03 16.27 3.53
C LEU A 140 8.60 15.87 2.14
N GLY A 141 7.41 15.33 2.02
CA GLY A 141 6.86 14.97 0.75
C GLY A 141 5.42 15.43 0.68
N SER A 142 5.26 16.74 0.62
CA SER A 142 3.97 17.41 0.65
C SER A 142 2.90 16.74 -0.23
N PRO A 143 1.80 16.28 0.41
CA PRO A 143 0.66 15.69 -0.29
C PRO A 143 -0.06 16.74 -1.15
N GLU A 144 -1.00 16.29 -1.98
CA GLU A 144 -1.67 17.19 -2.91
C GLU A 144 -3.18 17.22 -2.66
N HIS A 145 -3.85 16.10 -3.00
CA HIS A 145 -5.31 15.90 -2.75
C HIS A 145 -6.20 16.60 -3.79
N ASP A 146 -7.47 16.14 -3.84
CA ASP A 146 -8.49 16.67 -4.74
C ASP A 146 -8.12 16.36 -6.16
N GLN A 147 -7.64 15.17 -6.36
CA GLN A 147 -7.17 14.79 -7.66
C GLN A 147 -7.02 13.29 -7.80
N LEU A 148 -7.58 12.76 -8.85
CA LEU A 148 -7.42 11.38 -9.17
C LEU A 148 -6.38 11.27 -10.22
N LEU A 149 -5.48 10.38 -10.02
CA LEU A 149 -4.34 10.29 -10.89
C LEU A 149 -4.46 9.16 -11.90
N GLU A 150 -4.17 9.51 -13.15
CA GLU A 150 -4.13 8.60 -14.27
C GLU A 150 -2.82 7.91 -14.40
N ILE A 151 -2.92 6.67 -14.73
CA ILE A 151 -1.81 5.85 -15.03
C ILE A 151 -1.35 6.14 -16.43
N LYS A 152 -0.32 6.87 -16.50
CA LYS A 152 0.28 7.22 -17.73
C LYS A 152 0.85 6.01 -18.42
N ASN A 153 1.41 5.12 -17.65
CA ASN A 153 2.05 3.96 -18.23
C ASN A 153 2.00 2.74 -17.39
N ILE A 154 1.60 1.68 -18.04
CA ILE A 154 1.56 0.39 -17.46
C ILE A 154 2.54 -0.54 -18.17
N LYS A 155 3.13 -1.43 -17.41
CA LYS A 155 4.07 -2.37 -17.92
C LYS A 155 4.05 -3.63 -17.09
N TYR A 156 4.56 -4.70 -17.65
CA TYR A 156 4.68 -5.92 -16.95
C TYR A 156 6.09 -6.07 -16.47
N VAL A 157 6.24 -6.04 -15.19
CA VAL A 157 7.52 -6.12 -14.56
C VAL A 157 7.54 -7.27 -13.57
N ARG A 158 8.57 -8.06 -13.62
CA ARG A 158 8.70 -9.19 -12.76
C ARG A 158 8.98 -8.75 -11.34
N ALA A 159 8.60 -9.59 -10.39
CA ALA A 159 8.79 -9.29 -8.99
C ALA A 159 10.26 -9.26 -8.65
N ASN A 160 10.71 -8.15 -8.10
CA ASN A 160 12.12 -8.00 -7.73
C ASN A 160 12.38 -8.54 -6.33
N ASP A 161 11.80 -9.70 -6.05
CA ASP A 161 11.92 -10.33 -4.74
C ASP A 161 11.53 -11.80 -4.86
N ASP A 162 11.57 -12.52 -3.75
CA ASP A 162 11.17 -13.91 -3.73
C ASP A 162 9.85 -14.05 -3.02
N PHE A 163 9.42 -12.96 -2.43
CA PHE A 163 8.16 -12.91 -1.74
C PHE A 163 7.50 -11.58 -2.03
N VAL A 164 6.23 -11.54 -1.79
CA VAL A 164 5.45 -10.33 -1.95
C VAL A 164 4.59 -10.14 -0.73
N PHE A 165 4.09 -8.94 -0.53
CA PHE A 165 3.33 -8.62 0.68
C PHE A 165 2.13 -7.78 0.36
N SER A 166 1.22 -7.68 1.31
CA SER A 166 0.02 -6.85 1.15
C SER A 166 -0.46 -6.41 2.51
N LEU A 167 -0.08 -7.18 3.53
CA LEU A 167 -0.36 -6.90 4.92
C LEU A 167 -1.84 -7.10 5.25
N ASN A 168 -2.10 -8.12 6.03
CA ASN A 168 -3.45 -8.46 6.43
C ASN A 168 -3.82 -7.76 7.72
N ALA A 169 -4.80 -6.88 7.66
CA ALA A 169 -5.26 -6.19 8.83
C ALA A 169 -6.78 -6.33 8.96
N LYS A 170 -7.39 -5.48 9.76
CA LYS A 170 -8.83 -5.52 9.95
C LYS A 170 -9.55 -5.22 8.65
N LYS A 171 -10.35 -6.19 8.20
CA LYS A 171 -11.12 -6.10 6.94
C LYS A 171 -10.21 -6.32 5.72
N TYR A 172 -8.91 -6.00 5.90
CA TYR A 172 -7.85 -6.16 4.88
C TYR A 172 -8.26 -5.68 3.49
N HIS A 173 -7.52 -6.14 2.48
CA HIS A 173 -7.81 -5.86 1.07
C HIS A 173 -7.41 -4.44 0.67
N ASN A 174 -7.88 -3.45 1.41
CA ASN A 174 -7.59 -2.05 1.12
C ASN A 174 -6.47 -1.52 2.00
N VAL A 175 -5.52 -0.83 1.39
CA VAL A 175 -4.41 -0.25 2.12
C VAL A 175 -3.83 0.93 1.36
N ILE A 176 -3.33 1.90 2.10
CA ILE A 176 -2.78 3.09 1.52
C ILE A 176 -1.28 2.95 1.28
N ILE A 177 -0.90 2.99 0.03
CA ILE A 177 0.45 2.80 -0.36
C ILE A 177 0.97 3.98 -1.15
N ASN A 178 2.27 4.03 -1.28
CA ASN A 178 2.99 5.09 -2.01
C ASN A 178 2.46 6.47 -1.63
N GLU A 179 2.24 7.31 -2.64
CA GLU A 179 1.66 8.62 -2.44
C GLU A 179 0.15 8.52 -2.29
N ASN A 180 -0.25 7.69 -1.33
CA ASN A 180 -1.63 7.45 -0.97
C ASN A 180 -2.42 6.82 -2.08
N ILE A 181 -1.88 5.78 -2.66
CA ILE A 181 -2.56 5.08 -3.72
C ILE A 181 -3.47 4.06 -3.13
N VAL A 182 -4.73 4.30 -3.27
CA VAL A 182 -5.71 3.44 -2.74
C VAL A 182 -5.98 2.32 -3.69
N THR A 183 -5.71 1.14 -3.24
CA THR A 183 -5.93 -0.01 -4.06
C THR A 183 -6.94 -0.92 -3.40
N HIS A 184 -7.74 -1.59 -4.23
CA HIS A 184 -8.83 -2.48 -3.75
C HIS A 184 -9.89 -1.70 -2.97
N GLN A 185 -11.01 -2.33 -2.75
CA GLN A 185 -12.05 -1.75 -1.92
C GLN A 185 -12.13 -2.53 -0.63
N CYS A 1 -1.11 -8.78 -4.44
CA CYS A 1 0.07 -8.44 -3.62
C CYS A 1 0.99 -7.46 -4.35
N PHE A 2 2.07 -7.08 -3.70
CA PHE A 2 3.01 -6.12 -4.23
C PHE A 2 4.43 -6.68 -4.09
N PRO A 3 5.39 -6.22 -4.92
CA PRO A 3 6.77 -6.78 -4.95
C PRO A 3 7.48 -6.68 -3.60
N GLY A 4 7.17 -5.65 -2.87
CA GLY A 4 7.81 -5.40 -1.62
C GLY A 4 8.36 -4.01 -1.61
N ASP A 5 8.85 -3.58 -2.79
CA ASP A 5 9.36 -2.20 -2.97
C ASP A 5 8.24 -1.20 -2.87
N THR A 6 7.04 -1.70 -2.97
CA THR A 6 5.87 -0.90 -2.83
C THR A 6 5.86 -0.25 -1.46
N ARG A 7 5.68 1.03 -1.44
CA ARG A 7 5.70 1.76 -0.22
C ARG A 7 4.34 1.75 0.39
N ILE A 8 4.26 1.56 1.65
CA ILE A 8 3.02 1.53 2.34
C ILE A 8 3.00 2.57 3.45
N LEU A 9 1.93 3.32 3.53
CA LEU A 9 1.80 4.30 4.54
C LEU A 9 1.19 3.67 5.79
N VAL A 10 1.89 3.82 6.88
CA VAL A 10 1.46 3.26 8.16
C VAL A 10 1.67 4.28 9.27
N GLN A 11 1.33 3.89 10.47
CA GLN A 11 1.54 4.74 11.62
C GLN A 11 2.23 3.95 12.69
N ILE A 12 3.37 4.40 13.05
CA ILE A 12 4.17 3.73 14.01
C ILE A 12 4.39 4.62 15.16
N ASP A 13 3.97 4.14 16.28
CA ASP A 13 4.14 4.82 17.56
C ASP A 13 3.55 6.21 17.46
N GLY A 14 2.44 6.29 16.75
CA GLY A 14 1.77 7.54 16.50
C GLY A 14 2.45 8.42 15.48
N VAL A 15 3.32 7.83 14.69
CA VAL A 15 4.04 8.56 13.66
C VAL A 15 3.78 7.92 12.32
N PRO A 16 3.23 8.68 11.41
CA PRO A 16 2.93 8.19 10.09
C PRO A 16 4.20 8.06 9.29
N GLN A 17 4.46 6.86 8.87
CA GLN A 17 5.67 6.54 8.19
C GLN A 17 5.36 5.93 6.87
N LYS A 18 6.15 6.25 5.90
CA LYS A 18 5.98 5.67 4.60
C LYS A 18 7.15 4.81 4.31
N ILE A 19 6.97 3.55 4.47
CA ILE A 19 8.01 2.61 4.20
C ILE A 19 7.56 1.64 3.19
N THR A 20 8.32 0.63 2.93
CA THR A 20 7.90 -0.33 1.97
C THR A 20 7.22 -1.47 2.65
N LEU A 21 6.61 -2.32 1.90
CA LEU A 21 5.95 -3.45 2.43
C LEU A 21 6.93 -4.46 2.94
N ARG A 22 8.14 -4.40 2.43
CA ARG A 22 9.16 -5.30 2.86
C ARG A 22 9.78 -4.75 4.13
N GLU A 23 9.69 -3.44 4.25
CA GLU A 23 10.21 -2.73 5.39
C GLU A 23 9.20 -2.75 6.52
N LEU A 24 7.93 -2.52 6.18
CA LEU A 24 6.85 -2.56 7.16
C LEU A 24 6.85 -3.91 7.85
N TYR A 25 7.03 -4.91 7.03
CA TYR A 25 7.10 -6.28 7.44
C TYR A 25 8.08 -6.51 8.54
N GLU A 26 9.13 -5.75 8.54
CA GLU A 26 10.20 -5.89 9.50
C GLU A 26 9.80 -5.36 10.85
N LEU A 27 8.77 -4.57 10.89
CA LEU A 27 8.28 -4.00 12.12
C LEU A 27 7.51 -5.06 12.89
N PHE A 28 7.43 -6.24 12.30
CA PHE A 28 6.70 -7.32 12.84
C PHE A 28 7.62 -8.47 13.15
N GLU A 29 7.15 -9.34 13.98
CA GLU A 29 7.84 -10.57 14.32
C GLU A 29 6.86 -11.71 14.32
N ASP A 30 7.30 -12.89 14.76
CA ASP A 30 6.46 -14.07 14.85
C ASP A 30 5.96 -14.47 13.47
N GLU A 31 6.84 -15.06 12.70
CA GLU A 31 6.53 -15.49 11.37
C GLU A 31 6.24 -16.96 11.34
N ARG A 32 5.16 -17.27 10.71
CA ARG A 32 4.70 -18.64 10.62
C ARG A 32 4.35 -19.01 9.19
N TYR A 33 4.60 -20.22 8.86
CA TYR A 33 4.25 -20.75 7.56
C TYR A 33 2.85 -21.30 7.58
N GLU A 34 2.08 -20.86 6.63
CA GLU A 34 0.69 -21.24 6.51
C GLU A 34 0.17 -20.82 5.17
N ASN A 35 -0.75 -21.60 4.62
CA ASN A 35 -1.36 -21.28 3.32
C ASN A 35 -0.32 -21.24 2.24
N MET A 36 0.78 -21.92 2.51
CA MET A 36 1.89 -22.04 1.56
C MET A 36 2.64 -20.72 1.46
N VAL A 37 2.40 -19.85 2.41
CA VAL A 37 3.05 -18.57 2.47
C VAL A 37 3.52 -18.33 3.90
N TYR A 38 4.03 -17.16 4.15
CA TYR A 38 4.50 -16.83 5.46
C TYR A 38 3.65 -15.77 6.04
N VAL A 39 3.38 -15.89 7.28
CA VAL A 39 2.55 -14.98 7.97
C VAL A 39 3.27 -14.47 9.17
N ARG A 40 3.43 -13.20 9.26
CA ARG A 40 4.12 -12.61 10.38
C ARG A 40 3.12 -11.81 11.15
N LYS A 41 3.01 -12.07 12.41
CA LYS A 41 2.00 -11.41 13.20
C LYS A 41 2.55 -10.89 14.50
N LYS A 42 1.97 -9.77 14.94
CA LYS A 42 2.35 -9.08 16.17
C LYS A 42 3.55 -8.18 15.92
N PRO A 43 3.33 -6.87 15.97
CA PRO A 43 4.38 -5.89 15.76
C PRO A 43 5.24 -5.70 17.00
N LYS A 44 6.48 -5.32 16.78
CA LYS A 44 7.44 -5.15 17.87
C LYS A 44 7.27 -3.78 18.52
N ARG A 45 6.38 -3.00 17.97
CA ARG A 45 6.11 -1.68 18.43
C ARG A 45 4.67 -1.42 18.17
N GLU A 46 4.27 -0.20 18.25
CA GLU A 46 2.93 0.15 17.91
C GLU A 46 2.87 0.43 16.44
N ILE A 47 2.34 -0.50 15.69
CA ILE A 47 2.25 -0.38 14.31
C ILE A 47 0.80 -0.36 13.91
N LYS A 48 0.40 0.72 13.31
CA LYS A 48 -0.92 0.81 12.75
C LYS A 48 -0.81 0.97 11.27
N VAL A 49 -1.91 0.83 10.60
CA VAL A 49 -1.92 0.91 9.17
C VAL A 49 -2.87 1.98 8.66
N TYR A 50 -2.39 2.84 7.78
CA TYR A 50 -3.21 3.86 7.20
C TYR A 50 -3.98 3.29 6.03
N SER A 51 -5.28 3.39 6.09
CA SER A 51 -6.12 2.85 5.06
C SER A 51 -7.19 3.85 4.66
N ILE A 52 -7.93 3.52 3.64
CA ILE A 52 -8.98 4.38 3.18
C ILE A 52 -10.30 3.67 3.27
N ASP A 53 -11.32 4.40 3.64
CA ASP A 53 -12.65 3.89 3.76
C ASP A 53 -13.23 3.72 2.39
N LEU A 54 -13.63 2.52 2.09
CA LEU A 54 -14.02 2.14 0.77
C LEU A 54 -15.39 2.66 0.39
N GLU A 55 -16.08 3.19 1.35
CA GLU A 55 -17.41 3.67 1.11
C GLU A 55 -17.47 5.16 1.08
N THR A 56 -16.57 5.78 1.78
CA THR A 56 -16.59 7.21 1.88
C THR A 56 -15.33 7.84 1.29
N GLY A 57 -14.26 7.07 1.29
CA GLY A 57 -13.01 7.52 0.73
C GLY A 57 -12.15 8.26 1.75
N LYS A 58 -12.55 8.20 3.01
CA LYS A 58 -11.83 8.86 4.09
C LYS A 58 -10.60 8.07 4.49
N VAL A 59 -9.63 8.77 5.03
CA VAL A 59 -8.41 8.18 5.47
C VAL A 59 -8.51 7.77 6.94
N VAL A 60 -8.66 6.50 7.15
CA VAL A 60 -8.79 5.95 8.47
C VAL A 60 -7.55 5.14 8.85
N LEU A 61 -7.34 4.96 10.14
CA LEU A 61 -6.23 4.21 10.63
C LEU A 61 -6.76 3.00 11.37
N THR A 62 -6.14 1.88 11.16
CA THR A 62 -6.58 0.67 11.77
C THR A 62 -5.40 -0.23 12.16
N ASP A 63 -5.70 -1.30 12.87
CA ASP A 63 -4.69 -2.25 13.32
C ASP A 63 -4.39 -3.28 12.26
N ILE A 64 -3.27 -3.92 12.42
CA ILE A 64 -2.80 -4.91 11.50
C ILE A 64 -3.08 -6.31 12.03
N GLU A 65 -3.47 -7.21 11.15
CA GLU A 65 -3.76 -8.57 11.50
C GLU A 65 -2.54 -9.43 11.35
N ASP A 66 -1.72 -9.10 10.35
CA ASP A 66 -0.52 -9.87 10.04
C ASP A 66 0.17 -9.34 8.80
N VAL A 67 1.29 -9.93 8.49
CA VAL A 67 2.04 -9.57 7.32
C VAL A 67 1.91 -10.66 6.29
N ILE A 68 1.57 -10.26 5.08
CA ILE A 68 1.40 -11.18 4.00
C ILE A 68 2.70 -11.34 3.25
N LYS A 69 3.28 -12.52 3.36
CA LYS A 69 4.54 -12.81 2.70
C LYS A 69 4.40 -14.08 1.88
N ALA A 70 4.43 -13.95 0.57
CA ALA A 70 4.21 -15.08 -0.30
C ALA A 70 5.30 -15.18 -1.34
N PRO A 71 5.71 -16.42 -1.65
CA PRO A 71 6.71 -16.68 -2.68
C PRO A 71 6.32 -16.04 -4.02
N ALA A 72 7.21 -15.22 -4.55
CA ALA A 72 6.97 -14.50 -5.78
C ALA A 72 7.28 -15.36 -7.00
N THR A 73 6.28 -16.09 -7.46
CA THR A 73 6.41 -16.92 -8.63
C THR A 73 5.72 -16.27 -9.82
N ASP A 74 4.69 -15.49 -9.54
CA ASP A 74 3.92 -14.80 -10.56
C ASP A 74 4.57 -13.47 -10.92
N HIS A 75 4.14 -12.88 -12.01
CA HIS A 75 4.66 -11.60 -12.45
C HIS A 75 3.74 -10.50 -12.00
N LEU A 76 4.17 -9.29 -12.18
CA LEU A 76 3.45 -8.14 -11.69
C LEU A 76 3.20 -7.13 -12.79
N ILE A 77 2.03 -6.56 -12.77
CA ILE A 77 1.70 -5.47 -13.64
C ILE A 77 2.10 -4.20 -12.95
N ARG A 78 2.58 -3.25 -13.70
CA ARG A 78 3.02 -2.04 -13.16
C ARG A 78 2.27 -0.90 -13.79
N PHE A 79 1.89 0.00 -12.96
CA PHE A 79 1.12 1.14 -13.38
C PHE A 79 1.93 2.39 -13.21
N GLU A 80 2.11 3.12 -14.28
CA GLU A 80 2.87 4.33 -14.22
C GLU A 80 1.94 5.47 -14.37
N LEU A 81 2.01 6.38 -13.47
CA LEU A 81 1.15 7.50 -13.45
C LEU A 81 1.74 8.67 -14.23
N GLU A 82 0.86 9.57 -14.63
CA GLU A 82 1.20 10.75 -15.42
C GLU A 82 2.20 11.67 -14.72
N ASP A 83 2.34 11.48 -13.43
CA ASP A 83 3.26 12.27 -12.64
C ASP A 83 4.45 11.45 -12.19
N GLY A 84 4.43 10.20 -12.60
CA GLY A 84 5.56 9.31 -12.35
C GLY A 84 5.45 8.39 -11.16
N ARG A 85 4.26 8.16 -10.68
CA ARG A 85 4.07 7.20 -9.60
C ARG A 85 3.89 5.84 -10.21
N SER A 86 4.41 4.85 -9.61
CA SER A 86 4.15 3.52 -10.09
C SER A 86 3.94 2.53 -8.98
N PHE A 87 2.97 1.69 -9.16
CA PHE A 87 2.69 0.65 -8.23
C PHE A 87 2.49 -0.66 -8.95
N GLU A 88 3.03 -1.69 -8.39
CA GLU A 88 2.97 -2.99 -8.99
C GLU A 88 2.17 -3.95 -8.17
N THR A 89 1.53 -4.86 -8.85
CA THR A 89 0.69 -5.84 -8.20
C THR A 89 0.84 -7.20 -8.88
N THR A 90 0.55 -8.25 -8.12
CA THR A 90 0.69 -9.62 -8.60
C THR A 90 -0.42 -10.01 -9.54
N VAL A 91 -1.19 -9.02 -9.98
CA VAL A 91 -2.31 -9.23 -10.86
C VAL A 91 -3.34 -10.15 -10.15
N ASP A 92 -4.54 -10.30 -10.73
CA ASP A 92 -5.63 -11.10 -10.09
C ASP A 92 -6.21 -10.36 -8.87
N HIS A 93 -5.36 -9.63 -8.16
CA HIS A 93 -5.78 -8.81 -7.04
C HIS A 93 -6.44 -7.52 -7.56
N PRO A 94 -7.66 -7.20 -7.07
CA PRO A 94 -8.43 -6.02 -7.49
C PRO A 94 -7.80 -4.68 -7.07
N VAL A 95 -7.63 -3.81 -8.04
CA VAL A 95 -7.12 -2.48 -7.85
C VAL A 95 -8.31 -1.52 -7.76
N LEU A 96 -8.16 -0.42 -7.05
CA LEU A 96 -9.26 0.50 -6.86
C LEU A 96 -9.12 1.71 -7.77
N VAL A 97 -9.93 1.75 -8.81
CA VAL A 97 -9.90 2.85 -9.75
C VAL A 97 -11.13 3.71 -9.64
N TYR A 98 -10.94 4.98 -9.92
CA TYR A 98 -12.02 5.93 -9.88
C TYR A 98 -12.47 6.27 -11.30
N GLU A 99 -13.45 5.54 -11.78
CA GLU A 99 -14.04 5.80 -13.09
C GLU A 99 -15.54 5.71 -12.97
N ASN A 100 -16.26 6.33 -13.89
CA ASN A 100 -17.73 6.28 -13.86
C ASN A 100 -18.25 6.96 -12.59
N GLY A 101 -17.42 7.81 -12.04
CA GLY A 101 -17.75 8.51 -10.82
C GLY A 101 -17.90 7.59 -9.64
N ARG A 102 -17.42 6.36 -9.75
CA ARG A 102 -17.52 5.45 -8.69
C ARG A 102 -16.20 4.79 -8.48
N PHE A 103 -16.11 4.04 -7.43
CA PHE A 103 -14.92 3.31 -7.14
C PHE A 103 -15.15 1.89 -7.51
N ILE A 104 -14.35 1.40 -8.41
CA ILE A 104 -14.50 0.06 -8.86
C ILE A 104 -13.20 -0.71 -8.72
N GLU A 105 -13.33 -1.97 -8.40
CA GLU A 105 -12.19 -2.84 -8.18
C GLU A 105 -11.93 -3.71 -9.38
N LYS A 106 -10.84 -3.46 -10.04
CA LYS A 106 -10.46 -4.23 -11.19
C LYS A 106 -9.11 -4.85 -10.93
N ARG A 107 -8.98 -6.12 -11.24
CA ARG A 107 -7.72 -6.85 -10.99
C ARG A 107 -6.59 -6.16 -11.75
N ALA A 108 -5.33 -6.36 -11.35
CA ALA A 108 -4.25 -5.70 -12.06
C ALA A 108 -4.33 -6.04 -13.54
N PHE A 109 -4.53 -7.33 -13.80
CA PHE A 109 -4.66 -7.83 -15.17
C PHE A 109 -6.04 -7.50 -15.77
N GLU A 110 -6.79 -6.63 -15.09
CA GLU A 110 -8.11 -6.21 -15.53
C GLU A 110 -8.18 -4.67 -15.66
N VAL A 111 -7.20 -4.02 -15.08
CA VAL A 111 -7.06 -2.58 -15.11
C VAL A 111 -6.56 -2.19 -16.50
N LYS A 112 -6.91 -1.02 -16.94
CA LYS A 112 -6.53 -0.60 -18.27
C LYS A 112 -5.66 0.62 -18.21
N GLU A 113 -4.94 0.90 -19.28
CA GLU A 113 -4.07 2.05 -19.28
C GLU A 113 -4.90 3.31 -19.32
N GLY A 114 -4.40 4.34 -18.69
CA GLY A 114 -5.16 5.56 -18.58
C GLY A 114 -6.10 5.51 -17.40
N ASP A 115 -6.01 4.44 -16.63
CA ASP A 115 -6.86 4.23 -15.48
C ASP A 115 -6.43 5.15 -14.35
N LYS A 116 -7.26 5.33 -13.37
CA LYS A 116 -6.93 6.19 -12.26
C LYS A 116 -6.87 5.41 -10.99
N VAL A 117 -6.26 5.98 -10.02
CA VAL A 117 -6.27 5.43 -8.71
C VAL A 117 -6.66 6.49 -7.73
N LEU A 118 -7.14 6.07 -6.61
CA LEU A 118 -7.48 6.99 -5.59
C LEU A 118 -6.29 7.18 -4.72
N VAL A 119 -6.01 8.38 -4.37
CA VAL A 119 -5.00 8.62 -3.43
C VAL A 119 -5.65 8.92 -2.11
N SER A 120 -4.99 8.62 -1.03
CA SER A 120 -5.54 8.87 0.29
C SER A 120 -5.69 10.35 0.55
N GLU A 121 -5.22 11.13 -0.41
CA GLU A 121 -5.20 12.57 -0.37
C GLU A 121 -4.85 13.05 1.01
N LEU A 122 -3.60 12.85 1.40
CA LEU A 122 -3.19 13.24 2.72
C LEU A 122 -1.68 13.36 2.81
N GLU A 123 -1.24 14.41 3.47
CA GLU A 123 0.17 14.65 3.69
C GLU A 123 0.52 14.39 5.15
N LEU A 124 1.74 13.94 5.41
CA LEU A 124 2.18 13.66 6.77
C LEU A 124 3.66 14.01 6.93
N VAL A 125 4.50 13.06 6.59
CA VAL A 125 5.94 13.21 6.69
C VAL A 125 6.61 12.01 6.04
N GLU A 126 7.66 12.25 5.30
CA GLU A 126 8.36 11.17 4.63
C GLU A 126 9.67 10.86 5.33
N GLN A 127 10.35 11.92 5.78
CA GLN A 127 11.66 11.81 6.41
C GLN A 127 12.71 11.42 5.36
N SER A 128 12.63 10.16 4.92
CA SER A 128 13.51 9.61 3.88
C SER A 128 15.00 9.80 4.21
N SER A 129 15.30 9.94 5.49
CA SER A 129 16.67 10.15 5.91
C SER A 129 16.97 9.41 7.20
N SER A 130 16.27 9.76 8.26
CA SER A 130 16.48 9.15 9.54
C SER A 130 15.32 8.21 9.90
N SER A 131 15.66 7.03 10.34
CA SER A 131 14.67 6.06 10.76
C SER A 131 14.65 5.98 12.28
N GLN A 132 15.55 6.73 12.91
CA GLN A 132 15.63 6.77 14.37
C GLN A 132 14.85 7.94 14.92
N ASP A 133 14.58 8.91 14.07
CA ASP A 133 13.80 10.07 14.46
C ASP A 133 12.33 9.81 14.24
N ASN A 134 11.61 9.66 15.34
CA ASN A 134 10.19 9.40 15.28
C ASN A 134 9.44 10.48 16.04
N PRO A 135 9.06 11.55 15.34
CA PRO A 135 8.34 12.67 15.93
C PRO A 135 6.89 12.29 16.22
N LYS A 136 6.61 11.91 17.46
CA LYS A 136 5.26 11.55 17.88
C LYS A 136 4.37 12.77 17.90
N ASN A 137 4.99 13.94 17.92
CA ASN A 137 4.25 15.18 17.91
C ASN A 137 3.78 15.49 16.50
N GLU A 138 2.50 15.80 16.38
CA GLU A 138 1.90 16.11 15.10
C GLU A 138 2.65 17.25 14.41
N ASN A 139 2.86 17.09 13.13
CA ASN A 139 3.57 18.07 12.34
C ASN A 139 2.90 18.22 11.01
N LEU A 140 2.79 19.46 10.54
CA LEU A 140 2.08 19.79 9.30
C LEU A 140 0.62 19.39 9.39
N GLY A 141 -0.21 20.31 9.75
CA GLY A 141 -1.60 20.01 9.85
C GLY A 141 -2.36 20.53 8.67
N SER A 142 -1.66 20.68 7.56
CA SER A 142 -2.26 21.19 6.35
C SER A 142 -1.93 20.27 5.17
N PRO A 143 -2.97 19.70 4.55
CA PRO A 143 -2.79 18.82 3.40
C PRO A 143 -2.58 19.60 2.11
N GLU A 144 -2.78 18.95 0.99
CA GLU A 144 -2.61 19.58 -0.31
C GLU A 144 -3.24 18.74 -1.40
N HIS A 145 -3.08 17.42 -1.29
CA HIS A 145 -3.62 16.49 -2.28
C HIS A 145 -5.14 16.54 -2.37
N ASP A 146 -5.63 16.73 -3.59
CA ASP A 146 -7.07 16.73 -3.89
C ASP A 146 -7.28 16.27 -5.31
N GLN A 147 -6.39 15.44 -5.77
CA GLN A 147 -6.38 15.04 -7.14
C GLN A 147 -6.06 13.57 -7.31
N LEU A 148 -6.73 12.93 -8.26
CA LEU A 148 -6.46 11.58 -8.58
C LEU A 148 -5.65 11.52 -9.81
N LEU A 149 -4.85 10.52 -9.90
CA LEU A 149 -3.90 10.43 -10.98
C LEU A 149 -4.16 9.26 -11.94
N GLU A 150 -3.99 9.55 -13.23
CA GLU A 150 -4.13 8.57 -14.30
C GLU A 150 -2.85 7.87 -14.64
N ILE A 151 -3.01 6.64 -14.98
CA ILE A 151 -1.96 5.77 -15.40
C ILE A 151 -1.58 6.03 -16.84
N LYS A 152 -0.38 6.45 -17.01
CA LYS A 152 0.19 6.68 -18.29
C LYS A 152 0.54 5.39 -18.96
N ASN A 153 1.03 4.43 -18.17
CA ASN A 153 1.49 3.18 -18.75
C ASN A 153 1.40 2.03 -17.84
N ILE A 154 0.91 0.97 -18.38
CA ILE A 154 0.84 -0.27 -17.71
C ILE A 154 1.67 -1.31 -18.43
N LYS A 155 2.55 -1.93 -17.70
CA LYS A 155 3.43 -2.92 -18.24
C LYS A 155 3.38 -4.18 -17.42
N TYR A 156 3.78 -5.25 -18.01
CA TYR A 156 3.92 -6.48 -17.33
C TYR A 156 5.37 -6.67 -17.00
N VAL A 157 5.64 -6.73 -15.76
CA VAL A 157 6.98 -6.89 -15.27
C VAL A 157 7.02 -8.06 -14.31
N ARG A 158 8.18 -8.41 -13.86
CA ARG A 158 8.30 -9.52 -12.96
C ARG A 158 8.33 -9.04 -11.52
N ALA A 159 7.95 -9.93 -10.61
CA ALA A 159 7.97 -9.64 -9.17
C ALA A 159 9.36 -9.24 -8.71
N ASN A 160 10.36 -9.69 -9.45
CA ASN A 160 11.78 -9.38 -9.20
C ASN A 160 12.33 -10.02 -7.93
N ASP A 161 11.54 -10.03 -6.88
CA ASP A 161 11.98 -10.57 -5.60
C ASP A 161 11.49 -12.00 -5.43
N ASP A 162 11.70 -12.58 -4.27
CA ASP A 162 11.31 -13.95 -4.01
C ASP A 162 10.03 -14.02 -3.22
N PHE A 163 9.62 -12.88 -2.70
CA PHE A 163 8.40 -12.80 -1.93
C PHE A 163 7.69 -11.51 -2.24
N VAL A 164 6.40 -11.53 -2.04
CA VAL A 164 5.58 -10.37 -2.22
C VAL A 164 4.77 -10.12 -0.96
N PHE A 165 4.28 -8.91 -0.79
CA PHE A 165 3.58 -8.55 0.43
C PHE A 165 2.33 -7.76 0.10
N SER A 166 1.52 -7.51 1.11
CA SER A 166 0.32 -6.69 0.95
C SER A 166 -0.13 -6.18 2.29
N LEU A 167 0.28 -6.90 3.34
CA LEU A 167 0.01 -6.54 4.72
C LEU A 167 -1.46 -6.67 5.03
N ASN A 168 -1.78 -7.68 5.80
CA ASN A 168 -3.16 -7.96 6.17
C ASN A 168 -3.55 -7.19 7.41
N ALA A 169 -4.52 -6.34 7.27
CA ALA A 169 -5.02 -5.58 8.38
C ALA A 169 -6.53 -5.74 8.50
N LYS A 170 -7.19 -4.76 9.08
CA LYS A 170 -8.63 -4.79 9.26
C LYS A 170 -9.36 -4.85 7.91
N LYS A 171 -10.31 -5.78 7.81
CA LYS A 171 -11.14 -5.97 6.62
C LYS A 171 -10.37 -6.74 5.53
N TYR A 172 -9.49 -6.03 4.82
CA TYR A 172 -8.67 -6.64 3.77
C TYR A 172 -7.31 -5.97 3.74
N HIS A 173 -6.49 -6.32 2.77
CA HIS A 173 -5.19 -5.70 2.60
C HIS A 173 -5.32 -4.44 1.72
N ASN A 174 -6.44 -3.74 1.84
CA ASN A 174 -6.66 -2.49 1.13
C ASN A 174 -5.90 -1.38 1.83
N VAL A 175 -4.75 -1.05 1.31
CA VAL A 175 -3.90 -0.12 1.98
C VAL A 175 -3.41 0.99 1.07
N ILE A 176 -2.86 2.00 1.69
CA ILE A 176 -2.35 3.15 1.04
C ILE A 176 -0.86 2.97 0.77
N ILE A 177 -0.51 2.88 -0.50
CA ILE A 177 0.83 2.60 -0.88
C ILE A 177 1.44 3.71 -1.75
N ASN A 178 2.70 3.57 -2.01
CA ASN A 178 3.49 4.50 -2.81
C ASN A 178 3.24 5.95 -2.36
N GLU A 179 2.81 6.79 -3.28
CA GLU A 179 2.48 8.17 -2.94
C GLU A 179 1.00 8.28 -2.61
N ASN A 180 0.57 7.36 -1.75
CA ASN A 180 -0.77 7.26 -1.24
C ASN A 180 -1.75 6.73 -2.25
N ILE A 181 -1.37 5.68 -2.91
CA ILE A 181 -2.18 5.05 -3.91
C ILE A 181 -3.04 4.01 -3.25
N VAL A 182 -4.32 4.22 -3.32
CA VAL A 182 -5.27 3.34 -2.75
C VAL A 182 -5.57 2.20 -3.72
N THR A 183 -5.94 1.07 -3.18
CA THR A 183 -6.21 -0.11 -3.96
C THR A 183 -7.10 -1.06 -3.18
N HIS A 184 -7.89 -1.88 -3.91
CA HIS A 184 -8.83 -2.85 -3.31
C HIS A 184 -9.99 -2.16 -2.59
N GLN A 185 -11.12 -2.85 -2.48
CA GLN A 185 -12.27 -2.31 -1.80
C GLN A 185 -12.50 -3.06 -0.50
N CYS A 1 -1.51 -8.90 -4.52
CA CYS A 1 -0.18 -8.76 -3.86
C CYS A 1 0.63 -7.65 -4.50
N PHE A 2 1.64 -7.18 -3.79
CA PHE A 2 2.50 -6.13 -4.24
C PHE A 2 3.93 -6.57 -3.99
N PRO A 3 4.92 -6.03 -4.70
CA PRO A 3 6.30 -6.36 -4.44
C PRO A 3 6.70 -5.82 -3.09
N GLY A 4 7.78 -6.31 -2.53
CA GLY A 4 8.23 -5.75 -1.27
C GLY A 4 8.59 -4.29 -1.46
N ASP A 5 8.93 -3.93 -2.70
CA ASP A 5 9.29 -2.56 -3.10
C ASP A 5 8.15 -1.58 -2.92
N THR A 6 6.96 -2.08 -2.71
CA THR A 6 5.82 -1.22 -2.54
C THR A 6 5.88 -0.54 -1.19
N ARG A 7 5.68 0.76 -1.19
CA ARG A 7 5.72 1.52 0.01
C ARG A 7 4.36 1.48 0.64
N ILE A 8 4.30 1.22 1.89
CA ILE A 8 3.07 1.18 2.58
C ILE A 8 3.00 2.25 3.64
N LEU A 9 1.90 2.94 3.68
CA LEU A 9 1.74 3.94 4.65
C LEU A 9 1.06 3.39 5.87
N VAL A 10 1.71 3.57 6.98
CA VAL A 10 1.22 3.08 8.24
C VAL A 10 1.35 4.13 9.32
N GLN A 11 0.94 3.78 10.50
CA GLN A 11 1.02 4.64 11.64
C GLN A 11 1.76 3.92 12.73
N ILE A 12 2.88 4.43 13.10
CA ILE A 12 3.68 3.83 14.09
C ILE A 12 3.83 4.73 15.25
N ASP A 13 3.40 4.25 16.36
CA ASP A 13 3.46 4.97 17.62
C ASP A 13 2.81 6.31 17.48
N GLY A 14 1.73 6.32 16.73
CA GLY A 14 1.00 7.53 16.45
C GLY A 14 1.71 8.44 15.47
N VAL A 15 2.62 7.89 14.71
CA VAL A 15 3.36 8.64 13.73
C VAL A 15 3.34 7.91 12.42
N PRO A 16 2.86 8.57 11.39
CA PRO A 16 2.72 7.98 10.10
C PRO A 16 4.04 7.83 9.40
N GLN A 17 4.34 6.60 9.07
CA GLN A 17 5.57 6.27 8.45
C GLN A 17 5.32 5.64 7.14
N LYS A 18 6.11 6.01 6.20
CA LYS A 18 6.00 5.47 4.89
C LYS A 18 7.18 4.58 4.63
N ILE A 19 6.96 3.31 4.74
CA ILE A 19 7.99 2.37 4.50
C ILE A 19 7.58 1.41 3.46
N THR A 20 8.35 0.41 3.21
CA THR A 20 7.95 -0.55 2.25
C THR A 20 7.29 -1.70 2.92
N LEU A 21 6.72 -2.56 2.15
CA LEU A 21 6.06 -3.70 2.67
C LEU A 21 7.03 -4.64 3.32
N ARG A 22 8.23 -4.67 2.82
CA ARG A 22 9.23 -5.55 3.35
C ARG A 22 9.79 -4.93 4.60
N GLU A 23 9.69 -3.61 4.67
CA GLU A 23 10.17 -2.87 5.80
C GLU A 23 9.15 -2.85 6.91
N LEU A 24 7.89 -2.68 6.53
CA LEU A 24 6.80 -2.71 7.48
C LEU A 24 6.79 -4.04 8.18
N TYR A 25 7.00 -5.05 7.40
CA TYR A 25 7.05 -6.41 7.82
C TYR A 25 8.02 -6.61 8.96
N GLU A 26 9.07 -5.84 8.96
CA GLU A 26 10.10 -5.94 9.96
C GLU A 26 9.69 -5.32 11.28
N LEU A 27 8.62 -4.54 11.24
CA LEU A 27 8.07 -3.94 12.42
C LEU A 27 7.17 -4.94 13.12
N PHE A 28 7.08 -6.12 12.53
CA PHE A 28 6.29 -7.18 13.03
C PHE A 28 7.16 -8.30 13.47
N GLU A 29 6.59 -9.16 14.25
CA GLU A 29 7.30 -10.31 14.74
C GLU A 29 6.36 -11.51 14.78
N ASP A 30 6.88 -12.63 15.24
CA ASP A 30 6.13 -13.88 15.33
C ASP A 30 5.76 -14.37 13.95
N GLU A 31 6.71 -14.99 13.29
CA GLU A 31 6.50 -15.50 11.97
C GLU A 31 6.25 -16.97 11.98
N ARG A 32 5.24 -17.33 11.30
CA ARG A 32 4.82 -18.69 11.19
C ARG A 32 4.78 -19.11 9.74
N TYR A 33 4.95 -20.38 9.53
CA TYR A 33 4.92 -20.94 8.20
C TYR A 33 3.59 -21.55 7.99
N GLU A 34 2.95 -21.16 6.95
CA GLU A 34 1.60 -21.59 6.69
C GLU A 34 1.19 -21.25 5.29
N ASN A 35 0.39 -22.12 4.70
CA ASN A 35 -0.13 -21.92 3.34
C ASN A 35 1.00 -21.85 2.34
N MET A 36 2.15 -22.36 2.76
CA MET A 36 3.34 -22.41 1.92
C MET A 36 3.94 -21.03 1.76
N VAL A 37 3.52 -20.13 2.64
CA VAL A 37 4.02 -18.80 2.68
C VAL A 37 4.35 -18.48 4.13
N TYR A 38 4.65 -17.26 4.42
CA TYR A 38 4.99 -16.92 5.77
C TYR A 38 4.03 -15.92 6.29
N VAL A 39 3.71 -16.04 7.53
CA VAL A 39 2.78 -15.16 8.13
C VAL A 39 3.36 -14.63 9.40
N ARG A 40 3.44 -13.34 9.50
CA ARG A 40 3.98 -12.72 10.67
C ARG A 40 2.89 -11.97 11.36
N LYS A 41 2.71 -12.22 12.62
CA LYS A 41 1.62 -11.61 13.34
C LYS A 41 2.07 -11.04 14.65
N LYS A 42 1.58 -9.83 14.91
CA LYS A 42 1.90 -9.04 16.09
C LYS A 42 3.07 -8.12 15.86
N PRO A 43 2.82 -6.84 15.96
CA PRO A 43 3.84 -5.83 15.84
C PRO A 43 4.66 -5.72 17.11
N LYS A 44 5.87 -5.22 16.99
CA LYS A 44 6.75 -5.08 18.13
C LYS A 44 6.64 -3.69 18.72
N ARG A 45 5.81 -2.89 18.09
CA ARG A 45 5.57 -1.54 18.49
C ARG A 45 4.14 -1.25 18.17
N GLU A 46 3.79 -0.01 18.19
CA GLU A 46 2.48 0.38 17.79
C GLU A 46 2.47 0.55 16.29
N ILE A 47 1.99 -0.46 15.59
CA ILE A 47 1.93 -0.44 14.20
C ILE A 47 0.49 -0.48 13.79
N LYS A 48 0.04 0.55 13.16
CA LYS A 48 -1.30 0.57 12.61
C LYS A 48 -1.23 0.87 11.14
N VAL A 49 -2.30 0.60 10.45
CA VAL A 49 -2.35 0.83 9.01
C VAL A 49 -3.25 1.95 8.64
N TYR A 50 -2.74 2.86 7.86
CA TYR A 50 -3.56 3.93 7.37
C TYR A 50 -4.27 3.45 6.13
N SER A 51 -5.58 3.55 6.14
CA SER A 51 -6.38 3.11 5.04
C SER A 51 -7.43 4.15 4.70
N ILE A 52 -8.12 3.96 3.61
CA ILE A 52 -9.17 4.86 3.22
C ILE A 52 -10.48 4.13 3.15
N ASP A 53 -11.51 4.80 3.55
CA ASP A 53 -12.84 4.25 3.51
C ASP A 53 -13.41 4.46 2.14
N LEU A 54 -13.73 3.37 1.48
CA LEU A 54 -14.12 3.37 0.10
C LEU A 54 -15.50 3.96 -0.11
N GLU A 55 -16.20 4.15 0.97
CA GLU A 55 -17.56 4.64 0.89
C GLU A 55 -17.64 6.09 1.24
N THR A 56 -16.72 6.54 2.05
CA THR A 56 -16.77 7.88 2.52
C THR A 56 -15.57 8.68 2.02
N GLY A 57 -14.51 7.98 1.70
CA GLY A 57 -13.34 8.60 1.18
C GLY A 57 -12.46 9.16 2.27
N LYS A 58 -12.72 8.76 3.50
CA LYS A 58 -11.99 9.24 4.63
C LYS A 58 -10.79 8.39 4.95
N VAL A 59 -9.80 9.02 5.57
CA VAL A 59 -8.62 8.34 5.96
C VAL A 59 -8.77 7.77 7.36
N VAL A 60 -8.89 6.48 7.42
CA VAL A 60 -9.08 5.78 8.66
C VAL A 60 -7.84 4.97 9.02
N LEU A 61 -7.71 4.63 10.29
CA LEU A 61 -6.62 3.86 10.76
C LEU A 61 -7.16 2.61 11.43
N THR A 62 -6.49 1.50 11.22
CA THR A 62 -6.94 0.26 11.78
C THR A 62 -5.76 -0.65 12.14
N ASP A 63 -6.06 -1.74 12.80
CA ASP A 63 -5.05 -2.69 13.26
C ASP A 63 -4.71 -3.68 12.17
N ILE A 64 -3.59 -4.31 12.34
CA ILE A 64 -3.10 -5.28 11.40
C ILE A 64 -3.28 -6.67 11.96
N GLU A 65 -3.78 -7.56 11.13
CA GLU A 65 -3.97 -8.93 11.52
C GLU A 65 -2.67 -9.69 11.44
N ASP A 66 -1.90 -9.39 10.40
CA ASP A 66 -0.65 -10.08 10.14
C ASP A 66 0.01 -9.56 8.88
N VAL A 67 1.16 -10.10 8.59
CA VAL A 67 1.91 -9.72 7.42
C VAL A 67 1.80 -10.80 6.38
N ILE A 68 1.47 -10.41 5.17
CA ILE A 68 1.35 -11.38 4.10
C ILE A 68 2.68 -11.50 3.39
N LYS A 69 3.38 -12.60 3.64
CA LYS A 69 4.68 -12.84 3.05
C LYS A 69 4.63 -14.09 2.20
N ALA A 70 4.72 -13.91 0.90
CA ALA A 70 4.64 -15.03 -0.01
C ALA A 70 5.76 -15.00 -1.03
N PRO A 71 6.40 -16.14 -1.26
CA PRO A 71 7.48 -16.28 -2.25
C PRO A 71 7.14 -15.65 -3.61
N ALA A 72 7.99 -14.73 -4.06
CA ALA A 72 7.79 -14.06 -5.35
C ALA A 72 7.87 -15.06 -6.48
N THR A 73 6.74 -15.33 -7.11
CA THR A 73 6.67 -16.32 -8.15
C THR A 73 6.28 -15.74 -9.51
N ASP A 74 5.04 -15.29 -9.61
CA ASP A 74 4.46 -14.77 -10.87
C ASP A 74 5.09 -13.44 -11.33
N HIS A 75 4.28 -12.39 -11.40
CA HIS A 75 4.71 -11.11 -11.98
C HIS A 75 3.82 -10.00 -11.48
N LEU A 76 4.18 -8.78 -11.78
CA LEU A 76 3.39 -7.63 -11.34
C LEU A 76 3.22 -6.61 -12.46
N ILE A 77 2.05 -6.06 -12.55
CA ILE A 77 1.80 -4.96 -13.44
C ILE A 77 2.17 -3.69 -12.71
N ARG A 78 2.73 -2.74 -13.40
CA ARG A 78 3.13 -1.54 -12.80
C ARG A 78 2.40 -0.40 -13.40
N PHE A 79 1.99 0.49 -12.57
CA PHE A 79 1.21 1.63 -12.98
C PHE A 79 1.98 2.90 -12.72
N GLU A 80 2.16 3.70 -13.74
CA GLU A 80 2.86 4.95 -13.57
C GLU A 80 1.90 6.06 -13.65
N LEU A 81 1.92 6.86 -12.66
CA LEU A 81 1.05 7.96 -12.57
C LEU A 81 1.69 9.21 -13.17
N GLU A 82 0.85 10.17 -13.51
CA GLU A 82 1.29 11.45 -14.11
C GLU A 82 2.20 12.23 -13.15
N ASP A 83 2.10 11.89 -11.88
CA ASP A 83 2.90 12.52 -10.84
C ASP A 83 4.22 11.79 -10.71
N GLY A 84 4.28 10.66 -11.37
CA GLY A 84 5.47 9.84 -11.34
C GLY A 84 5.44 8.80 -10.25
N ARG A 85 4.26 8.54 -9.73
CA ARG A 85 4.09 7.52 -8.73
C ARG A 85 3.86 6.22 -9.44
N SER A 86 4.37 5.15 -8.92
CA SER A 86 4.11 3.87 -9.52
C SER A 86 3.94 2.78 -8.49
N PHE A 87 2.94 1.97 -8.70
CA PHE A 87 2.65 0.87 -7.81
C PHE A 87 2.48 -0.40 -8.61
N GLU A 88 2.71 -1.53 -7.96
CA GLU A 88 2.66 -2.81 -8.63
C GLU A 88 1.80 -3.79 -7.90
N THR A 89 1.19 -4.65 -8.67
CA THR A 89 0.32 -5.69 -8.16
C THR A 89 0.51 -6.99 -8.93
N THR A 90 0.21 -8.14 -8.31
CA THR A 90 0.42 -9.47 -8.92
C THR A 90 -0.53 -9.76 -10.06
N VAL A 91 -1.14 -8.72 -10.54
CA VAL A 91 -2.01 -8.72 -11.70
C VAL A 91 -3.36 -9.43 -11.46
N ASP A 92 -3.34 -10.54 -10.75
CA ASP A 92 -4.56 -11.29 -10.51
C ASP A 92 -5.25 -10.82 -9.23
N HIS A 93 -4.79 -9.70 -8.71
CA HIS A 93 -5.40 -9.11 -7.53
C HIS A 93 -6.03 -7.77 -7.87
N PRO A 94 -7.21 -7.47 -7.27
CA PRO A 94 -7.98 -6.24 -7.56
C PRO A 94 -7.29 -4.93 -7.15
N VAL A 95 -7.50 -3.95 -8.00
CA VAL A 95 -7.03 -2.59 -7.82
C VAL A 95 -8.26 -1.69 -7.79
N LEU A 96 -8.20 -0.57 -7.08
CA LEU A 96 -9.34 0.31 -6.97
C LEU A 96 -9.16 1.54 -7.83
N VAL A 97 -9.90 1.61 -8.93
CA VAL A 97 -9.80 2.76 -9.81
C VAL A 97 -11.02 3.64 -9.70
N TYR A 98 -10.79 4.93 -9.80
CA TYR A 98 -11.86 5.87 -9.78
C TYR A 98 -12.21 6.29 -11.21
N GLU A 99 -13.13 5.56 -11.80
CA GLU A 99 -13.63 5.87 -13.10
C GLU A 99 -15.12 5.68 -13.10
N ASN A 100 -15.80 6.32 -14.04
CA ASN A 100 -17.28 6.24 -14.12
C ASN A 100 -17.89 6.96 -12.93
N GLY A 101 -17.11 7.86 -12.33
CA GLY A 101 -17.54 8.58 -11.15
C GLY A 101 -17.72 7.68 -9.96
N ARG A 102 -17.20 6.47 -10.05
CA ARG A 102 -17.32 5.53 -9.01
C ARG A 102 -15.99 4.85 -8.79
N PHE A 103 -15.93 4.08 -7.79
CA PHE A 103 -14.75 3.32 -7.49
C PHE A 103 -14.99 1.90 -7.86
N ILE A 104 -14.20 1.39 -8.77
CA ILE A 104 -14.36 0.03 -9.18
C ILE A 104 -13.13 -0.81 -8.90
N GLU A 105 -13.36 -2.04 -8.54
CA GLU A 105 -12.28 -2.97 -8.22
C GLU A 105 -12.02 -3.91 -9.39
N LYS A 106 -10.85 -3.80 -9.98
CA LYS A 106 -10.45 -4.64 -11.08
C LYS A 106 -9.05 -5.13 -10.90
N ARG A 107 -8.76 -6.33 -11.35
CA ARG A 107 -7.44 -6.91 -11.20
C ARG A 107 -6.44 -6.08 -11.98
N ALA A 108 -5.15 -6.18 -11.65
CA ALA A 108 -4.17 -5.34 -12.29
C ALA A 108 -4.16 -5.60 -13.77
N PHE A 109 -4.25 -6.88 -14.12
CA PHE A 109 -4.27 -7.28 -15.50
C PHE A 109 -5.63 -6.93 -16.16
N GLU A 110 -6.52 -6.31 -15.37
CA GLU A 110 -7.82 -5.89 -15.86
C GLU A 110 -7.91 -4.36 -15.89
N VAL A 111 -7.00 -3.73 -15.16
CA VAL A 111 -6.89 -2.29 -15.10
C VAL A 111 -6.35 -1.79 -16.44
N LYS A 112 -6.72 -0.60 -16.79
CA LYS A 112 -6.38 -0.05 -18.08
C LYS A 112 -5.46 1.13 -17.94
N GLU A 113 -4.75 1.47 -19.00
CA GLU A 113 -3.88 2.63 -18.94
C GLU A 113 -4.74 3.88 -19.00
N GLY A 114 -4.30 4.91 -18.31
CA GLY A 114 -5.10 6.11 -18.20
C GLY A 114 -6.10 6.00 -17.07
N ASP A 115 -6.02 4.89 -16.33
CA ASP A 115 -6.91 4.61 -15.23
C ASP A 115 -6.49 5.44 -14.03
N LYS A 116 -7.32 5.51 -13.03
CA LYS A 116 -7.00 6.31 -11.85
C LYS A 116 -6.96 5.48 -10.62
N VAL A 117 -6.43 6.06 -9.59
CA VAL A 117 -6.45 5.48 -8.29
C VAL A 117 -6.80 6.54 -7.30
N LEU A 118 -7.21 6.15 -6.14
CA LEU A 118 -7.53 7.08 -5.12
C LEU A 118 -6.34 7.28 -4.23
N VAL A 119 -6.12 8.48 -3.83
CA VAL A 119 -5.11 8.76 -2.88
C VAL A 119 -5.74 9.26 -1.61
N SER A 120 -5.09 8.97 -0.50
CA SER A 120 -5.57 9.42 0.79
C SER A 120 -5.44 10.94 0.92
N GLU A 121 -4.89 11.52 -0.13
CA GLU A 121 -4.62 12.96 -0.23
C GLU A 121 -3.72 13.50 0.90
N LEU A 122 -3.30 12.64 1.80
CA LEU A 122 -2.47 13.05 2.89
C LEU A 122 -1.07 12.49 2.75
N GLU A 123 -0.11 13.38 2.68
CA GLU A 123 1.28 13.00 2.42
C GLU A 123 2.11 12.79 3.68
N LEU A 124 1.62 13.32 4.84
CA LEU A 124 2.33 13.24 6.19
C LEU A 124 3.78 13.78 6.11
N VAL A 125 4.13 14.28 4.93
CA VAL A 125 5.45 14.85 4.63
C VAL A 125 6.52 13.77 4.40
N GLU A 126 6.58 12.78 5.30
CA GLU A 126 7.57 11.71 5.20
C GLU A 126 7.54 11.00 3.84
N GLN A 127 8.59 11.21 3.07
CA GLN A 127 8.79 10.57 1.79
C GLN A 127 10.14 9.89 1.76
N SER A 128 10.79 9.90 2.90
CA SER A 128 12.11 9.31 3.04
C SER A 128 11.99 7.79 3.16
N SER A 129 13.11 7.12 3.34
CA SER A 129 13.13 5.68 3.49
C SER A 129 12.55 5.28 4.83
N SER A 130 12.49 6.25 5.75
CA SER A 130 11.96 6.06 7.09
C SER A 130 12.87 5.10 7.87
N SER A 131 14.14 5.03 7.44
CA SER A 131 15.13 4.20 8.10
C SER A 131 15.68 4.92 9.34
N GLN A 132 15.19 6.12 9.56
CA GLN A 132 15.57 6.90 10.71
C GLN A 132 14.52 6.70 11.81
N ASP A 133 14.82 7.16 13.01
CA ASP A 133 13.86 7.05 14.09
C ASP A 133 12.85 8.17 14.00
N ASN A 134 11.63 7.89 14.42
CA ASN A 134 10.54 8.84 14.33
C ASN A 134 10.10 9.32 15.70
N PRO A 135 10.74 10.38 16.17
CA PRO A 135 10.48 10.95 17.48
C PRO A 135 9.18 11.73 17.53
N LYS A 136 8.93 12.46 16.48
CA LYS A 136 7.74 13.30 16.37
C LYS A 136 7.31 13.46 14.93
N ASN A 137 8.27 13.89 14.08
CA ASN A 137 8.04 14.16 12.63
C ASN A 137 7.28 15.48 12.45
N GLU A 138 6.72 15.98 13.56
CA GLU A 138 5.96 17.22 13.60
C GLU A 138 4.68 17.13 12.76
N ASN A 139 3.97 18.23 12.68
CA ASN A 139 2.74 18.30 11.91
C ASN A 139 3.03 19.01 10.60
N LEU A 140 2.40 18.56 9.55
CA LEU A 140 2.59 19.16 8.25
C LEU A 140 1.91 20.49 8.14
N GLY A 141 0.74 20.57 8.69
CA GLY A 141 -0.02 21.77 8.60
C GLY A 141 -1.18 21.60 7.67
N SER A 142 -0.91 21.62 6.38
CA SER A 142 -1.94 21.44 5.40
C SER A 142 -1.47 20.52 4.29
N PRO A 143 -2.15 19.37 4.12
CA PRO A 143 -1.85 18.42 3.04
C PRO A 143 -2.15 18.97 1.68
N GLU A 144 -3.37 19.46 1.56
CA GLU A 144 -3.91 20.02 0.32
C GLU A 144 -4.27 18.89 -0.63
N HIS A 145 -3.32 18.52 -1.50
CA HIS A 145 -3.50 17.43 -2.46
C HIS A 145 -4.82 17.55 -3.25
N ASP A 146 -5.89 16.93 -2.74
CA ASP A 146 -7.24 17.01 -3.35
C ASP A 146 -7.24 16.71 -4.83
N GLN A 147 -6.75 15.56 -5.19
CA GLN A 147 -6.72 15.17 -6.58
C GLN A 147 -6.43 13.71 -6.75
N LEU A 148 -7.07 13.06 -7.72
CA LEU A 148 -6.79 11.69 -8.02
C LEU A 148 -5.92 11.61 -9.21
N LEU A 149 -5.10 10.63 -9.22
CA LEU A 149 -4.07 10.50 -10.23
C LEU A 149 -4.35 9.40 -11.24
N GLU A 150 -4.15 9.74 -12.52
CA GLU A 150 -4.24 8.83 -13.64
C GLU A 150 -2.94 8.14 -13.94
N ILE A 151 -3.08 6.93 -14.33
CA ILE A 151 -2.02 6.10 -14.75
C ILE A 151 -1.62 6.45 -16.15
N LYS A 152 -0.49 7.02 -16.25
CA LYS A 152 0.09 7.39 -17.49
C LYS A 152 0.55 6.18 -18.24
N ASN A 153 1.12 5.23 -17.53
CA ASN A 153 1.66 4.05 -18.17
C ASN A 153 1.63 2.83 -17.33
N ILE A 154 1.19 1.79 -17.94
CA ILE A 154 1.17 0.49 -17.33
C ILE A 154 2.13 -0.43 -18.05
N LYS A 155 2.77 -1.29 -17.28
CA LYS A 155 3.73 -2.19 -17.81
C LYS A 155 3.68 -3.50 -17.07
N TYR A 156 4.17 -4.52 -17.71
CA TYR A 156 4.30 -5.78 -17.11
C TYR A 156 5.72 -6.00 -16.69
N VAL A 157 5.90 -6.09 -15.44
CA VAL A 157 7.17 -6.27 -14.84
C VAL A 157 7.10 -7.48 -13.93
N ARG A 158 8.19 -7.91 -13.37
CA ARG A 158 8.15 -9.03 -12.51
C ARG A 158 8.46 -8.61 -11.09
N ALA A 159 8.20 -9.51 -10.16
CA ALA A 159 8.46 -9.26 -8.76
C ALA A 159 9.95 -9.16 -8.49
N ASN A 160 10.39 -7.98 -8.09
CA ASN A 160 11.81 -7.70 -7.84
C ASN A 160 12.31 -8.38 -6.58
N ASP A 161 11.43 -8.49 -5.60
CA ASP A 161 11.79 -9.09 -4.31
C ASP A 161 11.75 -10.61 -4.40
N ASP A 162 11.99 -11.27 -3.27
CA ASP A 162 11.92 -12.72 -3.20
C ASP A 162 10.63 -13.13 -2.59
N PHE A 163 9.98 -12.17 -1.97
CA PHE A 163 8.70 -12.35 -1.37
C PHE A 163 7.87 -11.13 -1.67
N VAL A 164 6.59 -11.31 -1.68
CA VAL A 164 5.67 -10.23 -1.92
C VAL A 164 4.82 -10.05 -0.72
N PHE A 165 4.28 -8.87 -0.54
CA PHE A 165 3.52 -8.57 0.65
C PHE A 165 2.26 -7.84 0.31
N SER A 166 1.33 -7.86 1.23
CA SER A 166 0.07 -7.12 1.10
C SER A 166 -0.54 -6.87 2.45
N LEU A 167 0.28 -7.09 3.51
CA LEU A 167 -0.10 -6.90 4.95
C LEU A 167 -1.60 -7.12 5.24
N ASN A 168 -1.91 -8.18 5.93
CA ASN A 168 -3.29 -8.50 6.21
C ASN A 168 -3.78 -7.72 7.40
N ALA A 169 -4.72 -6.84 7.17
CA ALA A 169 -5.30 -6.04 8.21
C ALA A 169 -6.82 -6.06 8.06
N LYS A 170 -7.44 -4.94 8.33
CA LYS A 170 -8.90 -4.82 8.20
C LYS A 170 -9.31 -4.93 6.71
N LYS A 171 -10.06 -5.99 6.40
CA LYS A 171 -10.55 -6.26 5.03
C LYS A 171 -9.43 -6.68 4.08
N TYR A 172 -9.81 -7.21 2.92
CA TYR A 172 -8.85 -7.73 1.97
C TYR A 172 -8.16 -6.63 1.18
N HIS A 173 -6.85 -6.62 1.30
CA HIS A 173 -5.96 -5.69 0.57
C HIS A 173 -6.38 -4.22 0.69
N ASN A 174 -7.05 -3.90 1.78
CA ASN A 174 -7.50 -2.54 2.01
C ASN A 174 -6.39 -1.75 2.67
N VAL A 175 -5.65 -0.95 1.88
CA VAL A 175 -4.54 -0.20 2.44
C VAL A 175 -4.05 0.90 1.52
N ILE A 176 -3.15 1.72 2.05
CA ILE A 176 -2.58 2.83 1.37
C ILE A 176 -1.09 2.58 1.09
N ILE A 177 -0.73 2.53 -0.18
CA ILE A 177 0.62 2.26 -0.57
C ILE A 177 1.20 3.41 -1.39
N ASN A 178 2.47 3.32 -1.65
CA ASN A 178 3.22 4.32 -2.42
C ASN A 178 2.94 5.72 -1.91
N GLU A 179 2.60 6.63 -2.81
CA GLU A 179 2.24 7.98 -2.43
C GLU A 179 0.74 8.05 -2.18
N ASN A 180 0.29 7.14 -1.34
CA ASN A 180 -1.07 7.03 -0.89
C ASN A 180 -2.02 6.49 -1.92
N ILE A 181 -1.60 5.47 -2.59
CA ILE A 181 -2.40 4.86 -3.60
C ILE A 181 -3.30 3.82 -2.96
N VAL A 182 -4.58 4.12 -3.01
CA VAL A 182 -5.59 3.31 -2.39
C VAL A 182 -6.09 2.22 -3.32
N THR A 183 -6.13 1.01 -2.80
CA THR A 183 -6.65 -0.12 -3.52
C THR A 183 -7.46 -1.00 -2.56
N HIS A 184 -8.24 -1.92 -3.11
CA HIS A 184 -9.10 -2.79 -2.30
C HIS A 184 -9.45 -4.07 -3.05
N GLN A 185 -9.57 -5.15 -2.32
CA GLN A 185 -9.95 -6.43 -2.91
C GLN A 185 -11.41 -6.75 -2.57
N CYS A 1 -1.89 -9.15 -4.06
CA CYS A 1 -0.66 -8.76 -3.31
C CYS A 1 0.22 -7.81 -4.13
N PHE A 2 1.33 -7.40 -3.54
CA PHE A 2 2.28 -6.49 -4.17
C PHE A 2 3.66 -7.08 -3.94
N PRO A 3 4.72 -6.60 -4.63
CA PRO A 3 6.05 -7.07 -4.37
C PRO A 3 6.50 -6.53 -3.04
N GLY A 4 7.54 -7.08 -2.49
CA GLY A 4 8.04 -6.56 -1.25
C GLY A 4 8.48 -5.11 -1.40
N ASP A 5 8.86 -4.74 -2.63
CA ASP A 5 9.34 -3.38 -2.94
C ASP A 5 8.26 -2.30 -2.86
N THR A 6 7.04 -2.71 -2.71
CA THR A 6 5.97 -1.75 -2.60
C THR A 6 6.06 -1.06 -1.25
N ARG A 7 6.03 0.27 -1.27
CA ARG A 7 6.15 1.02 -0.07
C ARG A 7 4.79 1.16 0.55
N ILE A 8 4.70 0.90 1.81
CA ILE A 8 3.47 0.98 2.52
C ILE A 8 3.57 2.01 3.63
N LEU A 9 2.60 2.90 3.69
CA LEU A 9 2.59 3.88 4.71
C LEU A 9 1.86 3.34 5.93
N VAL A 10 2.56 3.33 7.03
CA VAL A 10 2.05 2.81 8.29
C VAL A 10 2.33 3.78 9.41
N GLN A 11 2.04 3.38 10.62
CA GLN A 11 2.31 4.19 11.77
C GLN A 11 2.96 3.35 12.84
N ILE A 12 4.12 3.73 13.23
CA ILE A 12 4.86 3.02 14.19
C ILE A 12 5.15 3.89 15.36
N ASP A 13 4.73 3.42 16.48
CA ASP A 13 4.91 4.13 17.76
C ASP A 13 4.36 5.53 17.65
N GLY A 14 3.27 5.64 16.95
CA GLY A 14 2.64 6.92 16.74
C GLY A 14 3.36 7.78 15.74
N VAL A 15 4.14 7.17 14.89
CA VAL A 15 4.87 7.87 13.86
C VAL A 15 4.65 7.21 12.54
N PRO A 16 4.10 7.92 11.59
CA PRO A 16 3.88 7.39 10.27
C PRO A 16 5.20 7.09 9.59
N GLN A 17 5.39 5.86 9.22
CA GLN A 17 6.60 5.44 8.60
C GLN A 17 6.29 4.92 7.24
N LYS A 18 7.06 5.30 6.29
CA LYS A 18 6.86 4.84 4.96
C LYS A 18 7.93 3.84 4.64
N ILE A 19 7.58 2.60 4.72
CA ILE A 19 8.53 1.57 4.41
C ILE A 19 7.98 0.67 3.38
N THR A 20 8.65 -0.40 3.12
CA THR A 20 8.14 -1.31 2.13
C THR A 20 7.40 -2.42 2.80
N LEU A 21 6.73 -3.21 2.02
CA LEU A 21 6.00 -4.32 2.54
C LEU A 21 6.94 -5.36 3.10
N ARG A 22 8.14 -5.41 2.55
CA ARG A 22 9.10 -6.36 2.99
C ARG A 22 9.73 -5.87 4.26
N GLU A 23 9.73 -4.56 4.41
CA GLU A 23 10.28 -3.91 5.55
C GLU A 23 9.28 -3.86 6.68
N LEU A 24 8.03 -3.55 6.35
CA LEU A 24 6.95 -3.51 7.33
C LEU A 24 6.85 -4.85 8.00
N TYR A 25 6.92 -5.87 7.17
CA TYR A 25 6.86 -7.25 7.57
C TYR A 25 7.82 -7.59 8.67
N GLU A 26 8.95 -6.95 8.65
CA GLU A 26 10.01 -7.24 9.58
C GLU A 26 9.74 -6.66 10.96
N LEU A 27 8.78 -5.76 11.03
CA LEU A 27 8.39 -5.17 12.27
C LEU A 27 7.46 -6.13 13.02
N PHE A 28 7.30 -7.30 12.43
CA PHE A 28 6.45 -8.31 12.95
C PHE A 28 7.25 -9.53 13.30
N GLU A 29 6.67 -10.38 14.09
CA GLU A 29 7.30 -11.61 14.47
C GLU A 29 6.24 -12.69 14.55
N ASP A 30 6.62 -13.88 15.02
CA ASP A 30 5.70 -15.01 15.14
C ASP A 30 5.17 -15.41 13.76
N GLU A 31 5.95 -16.23 13.07
CA GLU A 31 5.60 -16.66 11.74
C GLU A 31 5.06 -18.06 11.75
N ARG A 32 3.93 -18.19 11.17
CA ARG A 32 3.23 -19.43 11.06
C ARG A 32 3.01 -19.78 9.60
N TYR A 33 2.87 -21.04 9.34
CA TYR A 33 2.65 -21.53 7.99
C TYR A 33 1.19 -21.82 7.83
N GLU A 34 0.62 -21.32 6.79
CA GLU A 34 -0.81 -21.44 6.57
C GLU A 34 -1.15 -21.12 5.16
N ASN A 35 -2.09 -21.85 4.61
CA ASN A 35 -2.57 -21.63 3.25
C ASN A 35 -1.47 -21.74 2.26
N MET A 36 -0.43 -22.46 2.64
CA MET A 36 0.73 -22.71 1.77
C MET A 36 1.55 -21.45 1.61
N VAL A 37 1.34 -20.52 2.51
CA VAL A 37 2.07 -19.29 2.56
C VAL A 37 2.53 -19.05 3.99
N TYR A 38 3.10 -17.92 4.25
CA TYR A 38 3.57 -17.63 5.57
C TYR A 38 2.80 -16.51 6.14
N VAL A 39 2.53 -16.62 7.39
CA VAL A 39 1.76 -15.63 8.05
C VAL A 39 2.49 -15.21 9.30
N ARG A 40 2.75 -13.94 9.40
CA ARG A 40 3.43 -13.41 10.55
C ARG A 40 2.48 -12.52 11.29
N LYS A 41 2.31 -12.77 12.55
CA LYS A 41 1.34 -12.04 13.31
C LYS A 41 1.92 -11.51 14.58
N LYS A 42 1.46 -10.32 14.96
CA LYS A 42 1.90 -9.62 16.16
C LYS A 42 3.17 -8.85 15.91
N PRO A 43 3.08 -7.54 16.01
CA PRO A 43 4.21 -6.69 15.84
C PRO A 43 5.04 -6.62 17.11
N LYS A 44 6.32 -6.38 16.95
CA LYS A 44 7.24 -6.34 18.06
C LYS A 44 7.24 -4.97 18.72
N ARG A 45 6.52 -4.06 18.10
CA ARG A 45 6.39 -2.71 18.54
C ARG A 45 5.02 -2.27 18.22
N GLU A 46 4.78 -1.00 18.29
CA GLU A 46 3.51 -0.48 17.93
C GLU A 46 3.48 -0.24 16.45
N ILE A 47 2.86 -1.15 15.73
CA ILE A 47 2.77 -1.05 14.34
C ILE A 47 1.33 -0.93 13.95
N LYS A 48 1.01 0.17 13.37
CA LYS A 48 -0.32 0.38 12.84
C LYS A 48 -0.25 0.51 11.36
N VAL A 49 -1.37 0.49 10.72
CA VAL A 49 -1.42 0.57 9.29
C VAL A 49 -2.35 1.68 8.82
N TYR A 50 -1.86 2.51 7.92
CA TYR A 50 -2.67 3.57 7.36
C TYR A 50 -3.43 3.08 6.14
N SER A 51 -4.73 3.23 6.19
CA SER A 51 -5.59 2.82 5.10
C SER A 51 -6.59 3.93 4.78
N ILE A 52 -7.29 3.79 3.69
CA ILE A 52 -8.27 4.79 3.31
C ILE A 52 -9.67 4.21 3.30
N ASP A 53 -10.61 5.04 3.66
CA ASP A 53 -12.00 4.69 3.64
C ASP A 53 -12.51 4.92 2.23
N LEU A 54 -12.88 3.86 1.57
CA LEU A 54 -13.20 3.87 0.15
C LEU A 54 -14.52 4.52 -0.13
N GLU A 55 -15.25 4.81 0.88
CA GLU A 55 -16.56 5.37 0.71
C GLU A 55 -16.57 6.83 0.96
N THR A 56 -15.68 7.28 1.79
CA THR A 56 -15.66 8.67 2.15
C THR A 56 -14.35 9.34 1.73
N GLY A 57 -13.32 8.54 1.63
CA GLY A 57 -12.05 9.03 1.19
C GLY A 57 -11.15 9.49 2.32
N LYS A 58 -11.49 9.10 3.53
CA LYS A 58 -10.72 9.50 4.69
C LYS A 58 -9.56 8.58 4.96
N VAL A 59 -8.53 9.12 5.56
CA VAL A 59 -7.38 8.36 5.91
C VAL A 59 -7.53 7.85 7.34
N VAL A 60 -7.74 6.58 7.44
CA VAL A 60 -7.94 5.95 8.71
C VAL A 60 -6.75 5.07 9.09
N LEU A 61 -6.59 4.82 10.38
CA LEU A 61 -5.54 4.02 10.87
C LEU A 61 -6.12 2.84 11.62
N THR A 62 -5.50 1.71 11.50
CA THR A 62 -5.97 0.51 12.17
C THR A 62 -4.80 -0.40 12.53
N ASP A 63 -5.08 -1.42 13.31
CA ASP A 63 -4.08 -2.41 13.68
C ASP A 63 -3.96 -3.43 12.59
N ILE A 64 -2.86 -4.11 12.62
CA ILE A 64 -2.58 -5.15 11.65
C ILE A 64 -2.99 -6.51 12.20
N GLU A 65 -3.48 -7.36 11.33
CA GLU A 65 -3.90 -8.70 11.71
C GLU A 65 -2.73 -9.64 11.59
N ASP A 66 -1.96 -9.44 10.54
CA ASP A 66 -0.83 -10.30 10.23
C ASP A 66 -0.15 -9.86 8.95
N VAL A 67 0.91 -10.54 8.62
CA VAL A 67 1.64 -10.25 7.43
C VAL A 67 1.41 -11.31 6.38
N ILE A 68 1.08 -10.87 5.20
CA ILE A 68 0.82 -11.76 4.09
C ILE A 68 2.10 -12.02 3.34
N LYS A 69 2.63 -13.21 3.49
CA LYS A 69 3.85 -13.60 2.82
C LYS A 69 3.59 -14.82 1.97
N ALA A 70 3.61 -14.64 0.67
CA ALA A 70 3.30 -15.72 -0.24
C ALA A 70 4.35 -15.82 -1.32
N PRO A 71 4.69 -17.06 -1.70
CA PRO A 71 5.66 -17.34 -2.74
C PRO A 71 5.33 -16.66 -4.06
N ALA A 72 6.32 -15.98 -4.62
CA ALA A 72 6.17 -15.29 -5.88
C ALA A 72 6.35 -16.26 -7.04
N THR A 73 5.25 -16.69 -7.59
CA THR A 73 5.28 -17.63 -8.70
C THR A 73 4.91 -16.91 -10.00
N ASP A 74 3.83 -16.15 -9.97
CA ASP A 74 3.39 -15.39 -11.12
C ASP A 74 4.07 -14.03 -11.14
N HIS A 75 3.67 -13.17 -12.06
CA HIS A 75 4.30 -11.87 -12.20
C HIS A 75 3.36 -10.77 -11.81
N LEU A 76 3.88 -9.58 -11.77
CA LEU A 76 3.13 -8.43 -11.33
C LEU A 76 3.04 -7.37 -12.42
N ILE A 77 1.94 -6.69 -12.44
CA ILE A 77 1.77 -5.57 -13.32
C ILE A 77 2.25 -4.32 -12.61
N ARG A 78 2.83 -3.39 -13.33
CA ARG A 78 3.31 -2.21 -12.75
C ARG A 78 2.63 -1.04 -13.37
N PHE A 79 2.26 -0.13 -12.55
CA PHE A 79 1.57 1.06 -12.98
C PHE A 79 2.42 2.25 -12.73
N GLU A 80 2.71 3.00 -13.76
CA GLU A 80 3.52 4.17 -13.60
C GLU A 80 2.67 5.35 -13.81
N LEU A 81 2.65 6.19 -12.85
CA LEU A 81 1.84 7.35 -12.87
C LEU A 81 2.55 8.49 -13.56
N GLU A 82 1.76 9.49 -13.96
CA GLU A 82 2.28 10.69 -14.64
C GLU A 82 3.21 11.46 -13.70
N ASP A 83 3.13 11.13 -12.43
CA ASP A 83 3.89 11.77 -11.39
C ASP A 83 5.18 11.01 -11.14
N GLY A 84 5.26 9.84 -11.74
CA GLY A 84 6.44 9.01 -11.63
C GLY A 84 6.37 8.02 -10.49
N ARG A 85 5.20 7.92 -9.90
CA ARG A 85 4.96 6.95 -8.86
C ARG A 85 4.49 5.68 -9.49
N SER A 86 4.90 4.58 -8.95
CA SER A 86 4.46 3.31 -9.49
C SER A 86 4.13 2.33 -8.39
N PHE A 87 3.28 1.40 -8.71
CA PHE A 87 2.92 0.35 -7.80
C PHE A 87 2.67 -0.93 -8.55
N GLU A 88 2.95 -2.04 -7.91
CA GLU A 88 2.85 -3.34 -8.56
C GLU A 88 1.96 -4.26 -7.79
N THR A 89 1.30 -5.13 -8.50
CA THR A 89 0.37 -6.09 -7.92
C THR A 89 0.42 -7.40 -8.68
N THR A 90 -0.03 -8.49 -8.03
CA THR A 90 0.00 -9.84 -8.64
C THR A 90 -1.01 -10.01 -9.75
N VAL A 91 -1.47 -8.89 -10.26
CA VAL A 91 -2.41 -8.80 -11.37
C VAL A 91 -3.82 -9.24 -10.99
N ASP A 92 -3.90 -10.19 -10.08
CA ASP A 92 -5.17 -10.67 -9.56
C ASP A 92 -5.70 -9.68 -8.53
N HIS A 93 -4.79 -8.95 -7.90
CA HIS A 93 -5.16 -7.99 -6.86
C HIS A 93 -5.90 -6.79 -7.45
N PRO A 94 -7.12 -6.52 -6.95
CA PRO A 94 -7.94 -5.39 -7.40
C PRO A 94 -7.31 -4.03 -7.10
N VAL A 95 -7.47 -3.12 -8.02
CA VAL A 95 -6.98 -1.76 -7.92
C VAL A 95 -8.18 -0.82 -7.84
N LEU A 96 -8.05 0.26 -7.11
CA LEU A 96 -9.16 1.20 -6.96
C LEU A 96 -8.92 2.45 -7.78
N VAL A 97 -9.69 2.60 -8.83
CA VAL A 97 -9.57 3.74 -9.71
C VAL A 97 -10.77 4.66 -9.59
N TYR A 98 -10.53 5.91 -9.83
CA TYR A 98 -11.57 6.90 -9.77
C TYR A 98 -12.00 7.27 -11.18
N GLU A 99 -13.04 6.60 -11.67
CA GLU A 99 -13.57 6.90 -12.96
C GLU A 99 -15.06 6.67 -12.93
N ASN A 100 -15.79 7.32 -13.85
CA ASN A 100 -17.25 7.23 -13.87
C ASN A 100 -17.84 7.89 -12.64
N GLY A 101 -17.05 8.80 -12.07
CA GLY A 101 -17.45 9.49 -10.86
C GLY A 101 -17.55 8.59 -9.66
N ARG A 102 -17.04 7.37 -9.78
CA ARG A 102 -17.10 6.46 -8.72
C ARG A 102 -15.80 5.74 -8.56
N PHE A 103 -15.71 5.00 -7.52
CA PHE A 103 -14.54 4.22 -7.25
C PHE A 103 -14.82 2.80 -7.71
N ILE A 104 -14.01 2.31 -8.60
CA ILE A 104 -14.20 0.96 -9.06
C ILE A 104 -13.00 0.09 -8.76
N GLU A 105 -13.27 -1.17 -8.49
CA GLU A 105 -12.23 -2.12 -8.17
C GLU A 105 -11.96 -3.05 -9.36
N LYS A 106 -10.82 -2.86 -9.99
CA LYS A 106 -10.41 -3.66 -11.13
C LYS A 106 -9.04 -4.29 -10.87
N ARG A 107 -8.88 -5.56 -11.19
CA ARG A 107 -7.62 -6.29 -10.94
C ARG A 107 -6.50 -5.65 -11.74
N ALA A 108 -5.24 -5.93 -11.40
CA ALA A 108 -4.15 -5.27 -12.10
C ALA A 108 -4.19 -5.63 -13.56
N PHE A 109 -4.44 -6.90 -13.85
CA PHE A 109 -4.54 -7.38 -15.22
C PHE A 109 -5.87 -6.93 -15.86
N GLU A 110 -6.64 -6.16 -15.11
CA GLU A 110 -7.91 -5.66 -15.57
C GLU A 110 -7.82 -4.16 -15.77
N VAL A 111 -6.83 -3.55 -15.14
CA VAL A 111 -6.58 -2.14 -15.23
C VAL A 111 -5.90 -1.83 -16.57
N LYS A 112 -6.19 -0.69 -17.11
CA LYS A 112 -5.60 -0.29 -18.37
C LYS A 112 -4.77 0.95 -18.21
N GLU A 113 -3.99 1.24 -19.23
CA GLU A 113 -3.11 2.39 -19.18
C GLU A 113 -3.93 3.65 -19.26
N GLY A 114 -3.52 4.65 -18.53
CA GLY A 114 -4.28 5.87 -18.45
C GLY A 114 -5.34 5.82 -17.36
N ASP A 115 -5.35 4.74 -16.59
CA ASP A 115 -6.30 4.57 -15.48
C ASP A 115 -5.82 5.43 -14.31
N LYS A 116 -6.62 5.58 -13.28
CA LYS A 116 -6.22 6.42 -12.16
C LYS A 116 -6.23 5.66 -10.87
N VAL A 117 -5.63 6.24 -9.87
CA VAL A 117 -5.71 5.71 -8.53
C VAL A 117 -5.96 6.82 -7.56
N LEU A 118 -6.51 6.49 -6.42
CA LEU A 118 -6.80 7.46 -5.40
C LEU A 118 -5.63 7.57 -4.48
N VAL A 119 -5.27 8.77 -4.12
CA VAL A 119 -4.26 8.95 -3.14
C VAL A 119 -4.88 9.42 -1.86
N SER A 120 -4.21 9.14 -0.78
CA SER A 120 -4.65 9.57 0.55
C SER A 120 -4.33 11.06 0.74
N GLU A 121 -4.36 11.78 -0.38
CA GLU A 121 -4.05 13.20 -0.45
C GLU A 121 -2.57 13.46 -0.30
N LEU A 122 -1.98 12.87 0.71
CA LEU A 122 -0.61 13.10 1.02
C LEU A 122 -0.19 12.18 2.12
N GLU A 123 0.97 12.42 2.65
CA GLU A 123 1.54 11.54 3.66
C GLU A 123 1.66 12.25 5.02
N LEU A 124 2.81 12.11 5.67
CA LEU A 124 3.02 12.66 7.00
C LEU A 124 3.75 13.97 6.92
N VAL A 125 3.77 14.52 5.73
CA VAL A 125 4.47 15.74 5.46
C VAL A 125 4.06 16.26 4.08
N GLU A 126 4.17 17.58 3.88
CA GLU A 126 3.79 18.22 2.63
C GLU A 126 4.57 17.66 1.43
N GLN A 127 5.89 17.77 1.49
CA GLN A 127 6.75 17.26 0.42
C GLN A 127 8.19 17.20 0.89
N SER A 128 8.50 16.14 1.66
CA SER A 128 9.83 15.94 2.27
C SER A 128 10.08 17.02 3.34
N SER A 129 10.22 18.26 2.89
CA SER A 129 10.41 19.43 3.76
C SER A 129 11.55 19.23 4.76
N SER A 130 11.19 18.88 5.99
CA SER A 130 12.15 18.68 7.05
C SER A 130 13.01 17.45 6.78
N SER A 131 12.37 16.39 6.26
CA SER A 131 13.03 15.12 5.93
C SER A 131 13.59 14.42 7.19
N GLN A 132 12.82 13.51 7.75
CA GLN A 132 13.23 12.77 8.94
C GLN A 132 13.15 11.27 8.73
N ASP A 133 13.64 10.52 9.69
CA ASP A 133 13.60 9.07 9.65
C ASP A 133 12.45 8.54 10.47
N ASN A 134 12.01 9.36 11.39
CA ASN A 134 10.94 9.02 12.33
C ASN A 134 10.58 10.19 13.27
N PRO A 135 11.59 10.83 13.92
CA PRO A 135 11.35 11.89 14.91
C PRO A 135 10.64 13.11 14.33
N LYS A 136 9.32 13.15 14.52
CA LYS A 136 8.51 14.25 14.09
C LYS A 136 7.13 14.12 14.71
N ASN A 137 6.63 12.87 14.73
CA ASN A 137 5.31 12.57 15.29
C ASN A 137 4.21 13.22 14.46
N GLU A 138 2.99 13.13 14.96
CA GLU A 138 1.87 13.76 14.31
C GLU A 138 1.77 15.21 14.78
N ASN A 139 1.00 16.01 14.06
CA ASN A 139 0.85 17.43 14.38
C ASN A 139 -0.19 18.04 13.48
N LEU A 140 -0.06 17.73 12.23
CA LEU A 140 -0.99 18.21 11.21
C LEU A 140 -2.34 17.58 11.35
N GLY A 141 -2.35 16.32 11.69
CA GLY A 141 -3.57 15.58 11.81
C GLY A 141 -3.78 14.67 10.64
N SER A 142 -4.10 15.26 9.50
CA SER A 142 -4.32 14.52 8.29
C SER A 142 -3.63 15.25 7.14
N PRO A 143 -3.42 14.57 6.00
CA PRO A 143 -2.77 15.16 4.83
C PRO A 143 -3.61 16.31 4.21
N GLU A 144 -3.22 16.76 3.04
CA GLU A 144 -3.89 17.90 2.41
C GLU A 144 -3.48 18.02 0.94
N HIS A 145 -4.29 17.41 0.05
CA HIS A 145 -4.03 17.47 -1.40
C HIS A 145 -4.95 16.55 -2.20
N ASP A 146 -6.08 17.06 -2.64
CA ASP A 146 -7.01 16.27 -3.45
C ASP A 146 -6.49 16.16 -4.89
N GLN A 147 -6.19 14.94 -5.31
CA GLN A 147 -5.65 14.71 -6.66
C GLN A 147 -5.76 13.24 -7.06
N LEU A 148 -6.12 12.98 -8.30
CA LEU A 148 -6.14 11.65 -8.82
C LEU A 148 -5.14 11.54 -9.91
N LEU A 149 -4.36 10.52 -9.86
CA LEU A 149 -3.26 10.37 -10.78
C LEU A 149 -3.47 9.26 -11.81
N GLU A 150 -3.17 9.58 -13.06
CA GLU A 150 -3.24 8.65 -14.18
C GLU A 150 -1.99 7.86 -14.37
N ILE A 151 -2.19 6.65 -14.73
CA ILE A 151 -1.17 5.72 -15.06
C ILE A 151 -0.65 5.98 -16.45
N LYS A 152 0.53 6.48 -16.51
CA LYS A 152 1.22 6.73 -17.73
C LYS A 152 1.57 5.42 -18.42
N ASN A 153 2.00 4.44 -17.63
CA ASN A 153 2.48 3.21 -18.22
C ASN A 153 2.29 2.02 -17.37
N ILE A 154 1.75 1.02 -17.98
CA ILE A 154 1.60 -0.26 -17.39
C ILE A 154 2.49 -1.27 -18.09
N LYS A 155 3.06 -2.15 -17.29
CA LYS A 155 3.93 -3.17 -17.78
C LYS A 155 3.82 -4.41 -16.92
N TYR A 156 4.23 -5.52 -17.47
CA TYR A 156 4.29 -6.73 -16.74
C TYR A 156 5.70 -6.96 -16.30
N VAL A 157 5.88 -6.97 -15.03
CA VAL A 157 7.18 -7.14 -14.44
C VAL A 157 7.15 -8.21 -13.35
N ARG A 158 8.13 -9.07 -13.37
CA ARG A 158 8.21 -10.15 -12.43
C ARG A 158 8.50 -9.62 -11.03
N ALA A 159 8.09 -10.39 -10.04
CA ALA A 159 8.29 -10.04 -8.64
C ALA A 159 9.76 -9.91 -8.32
N ASN A 160 10.11 -8.84 -7.63
CA ASN A 160 11.50 -8.55 -7.27
C ASN A 160 11.90 -9.31 -5.98
N ASP A 161 11.41 -10.53 -5.84
CA ASP A 161 11.71 -11.36 -4.68
C ASP A 161 11.08 -12.74 -4.85
N ASP A 162 11.19 -13.55 -3.80
CA ASP A 162 10.65 -14.90 -3.81
C ASP A 162 9.28 -14.90 -3.17
N PHE A 163 8.93 -13.80 -2.57
CA PHE A 163 7.67 -13.66 -1.91
C PHE A 163 7.07 -12.31 -2.21
N VAL A 164 5.79 -12.22 -2.01
CA VAL A 164 5.06 -10.99 -2.17
C VAL A 164 4.27 -10.72 -0.90
N PHE A 165 3.90 -9.48 -0.68
CA PHE A 165 3.22 -9.12 0.55
C PHE A 165 2.05 -8.20 0.27
N SER A 166 1.22 -8.02 1.28
CA SER A 166 0.12 -7.09 1.22
C SER A 166 -0.22 -6.59 2.61
N LEU A 167 0.27 -7.31 3.64
CA LEU A 167 0.03 -6.97 5.05
C LEU A 167 -1.47 -6.99 5.37
N ASN A 168 -1.90 -8.02 6.05
CA ASN A 168 -3.30 -8.19 6.37
C ASN A 168 -3.66 -7.42 7.63
N ALA A 169 -4.56 -6.49 7.48
CA ALA A 169 -5.03 -5.70 8.59
C ALA A 169 -6.54 -5.59 8.52
N LYS A 170 -7.09 -4.63 9.23
CA LYS A 170 -8.53 -4.39 9.19
C LYS A 170 -8.93 -4.00 7.78
N LYS A 171 -9.95 -4.67 7.26
CA LYS A 171 -10.36 -4.54 5.86
C LYS A 171 -9.19 -4.90 4.94
N TYR A 172 -8.97 -6.20 4.79
CA TYR A 172 -7.88 -6.74 4.00
C TYR A 172 -7.89 -6.25 2.55
N HIS A 173 -6.68 -6.17 1.95
CA HIS A 173 -6.50 -5.72 0.57
C HIS A 173 -6.86 -4.25 0.42
N ASN A 174 -6.69 -3.50 1.51
CA ASN A 174 -6.94 -2.06 1.51
C ASN A 174 -5.83 -1.37 2.28
N VAL A 175 -4.91 -0.76 1.57
CA VAL A 175 -3.79 -0.12 2.22
C VAL A 175 -3.23 1.00 1.37
N ILE A 176 -2.46 1.86 2.02
CA ILE A 176 -1.86 2.98 1.36
C ILE A 176 -0.40 2.70 1.06
N ILE A 177 -0.07 2.67 -0.20
CA ILE A 177 1.26 2.34 -0.62
C ILE A 177 1.86 3.44 -1.46
N ASN A 178 3.15 3.38 -1.57
CA ASN A 178 3.97 4.34 -2.30
C ASN A 178 3.60 5.77 -1.92
N GLU A 179 3.43 6.63 -2.92
CA GLU A 179 3.00 7.99 -2.71
C GLU A 179 1.49 8.05 -2.48
N ASN A 180 1.06 7.23 -1.53
CA ASN A 180 -0.30 7.15 -1.07
C ASN A 180 -1.25 6.62 -2.11
N ILE A 181 -0.90 5.55 -2.72
CA ILE A 181 -1.73 4.94 -3.71
C ILE A 181 -2.62 3.96 -3.01
N VAL A 182 -3.90 4.22 -3.03
CA VAL A 182 -4.84 3.37 -2.36
C VAL A 182 -5.27 2.23 -3.26
N THR A 183 -5.76 1.21 -2.64
CA THR A 183 -6.20 0.04 -3.33
C THR A 183 -7.17 -0.72 -2.44
N HIS A 184 -8.12 -1.41 -3.05
CA HIS A 184 -9.14 -2.13 -2.31
C HIS A 184 -9.63 -3.31 -3.13
N GLN A 185 -9.98 -4.39 -2.44
CA GLN A 185 -10.50 -5.57 -3.09
C GLN A 185 -11.74 -5.20 -3.90
N CYS A 1 -0.87 -8.70 -4.21
CA CYS A 1 0.30 -8.36 -3.35
C CYS A 1 1.20 -7.31 -4.01
N PHE A 2 2.30 -6.98 -3.35
CA PHE A 2 3.25 -6.00 -3.82
C PHE A 2 4.64 -6.62 -3.76
N PRO A 3 5.60 -6.13 -4.59
CA PRO A 3 6.97 -6.70 -4.64
C PRO A 3 7.68 -6.59 -3.31
N GLY A 4 7.37 -5.56 -2.59
CA GLY A 4 8.01 -5.29 -1.35
C GLY A 4 8.49 -3.86 -1.33
N ASP A 5 9.00 -3.40 -2.49
CA ASP A 5 9.47 -2.01 -2.65
C ASP A 5 8.33 -1.02 -2.56
N THR A 6 7.14 -1.55 -2.60
CA THR A 6 5.97 -0.74 -2.47
C THR A 6 5.98 -0.13 -1.09
N ARG A 7 5.77 1.16 -1.01
CA ARG A 7 5.78 1.85 0.23
C ARG A 7 4.39 1.82 0.80
N ILE A 8 4.28 1.58 2.07
CA ILE A 8 3.02 1.52 2.73
C ILE A 8 2.98 2.52 3.87
N LEU A 9 1.94 3.31 3.93
CA LEU A 9 1.80 4.27 4.96
C LEU A 9 1.11 3.64 6.15
N VAL A 10 1.77 3.68 7.26
CA VAL A 10 1.25 3.10 8.48
C VAL A 10 1.42 4.07 9.63
N GLN A 11 0.98 3.66 10.79
CA GLN A 11 1.15 4.45 11.95
C GLN A 11 1.82 3.64 13.01
N ILE A 12 2.92 4.11 13.43
CA ILE A 12 3.69 3.46 14.37
C ILE A 12 3.86 4.31 15.57
N ASP A 13 3.44 3.79 16.65
CA ASP A 13 3.53 4.47 17.94
C ASP A 13 2.83 5.80 17.86
N GLY A 14 1.75 5.83 17.13
CA GLY A 14 1.01 7.04 16.91
C GLY A 14 1.69 8.01 15.96
N VAL A 15 2.65 7.51 15.21
CA VAL A 15 3.40 8.31 14.26
C VAL A 15 3.35 7.64 12.92
N PRO A 16 2.87 8.35 11.92
CA PRO A 16 2.80 7.81 10.58
C PRO A 16 4.17 7.60 10.00
N GLN A 17 4.42 6.42 9.53
CA GLN A 17 5.68 6.10 8.92
C GLN A 17 5.42 5.53 7.56
N LYS A 18 6.20 5.93 6.61
CA LYS A 18 6.08 5.41 5.29
C LYS A 18 7.22 4.48 5.02
N ILE A 19 6.96 3.23 5.13
CA ILE A 19 7.95 2.26 4.85
C ILE A 19 7.49 1.34 3.80
N THR A 20 8.27 0.37 3.46
CA THR A 20 7.88 -0.52 2.41
C THR A 20 7.14 -1.70 2.96
N LEU A 21 6.54 -2.46 2.08
CA LEU A 21 5.81 -3.62 2.47
C LEU A 21 6.72 -4.67 3.05
N ARG A 22 7.98 -4.62 2.65
CA ARG A 22 8.94 -5.56 3.16
C ARG A 22 9.47 -5.05 4.47
N GLU A 23 9.40 -3.74 4.64
CA GLU A 23 9.88 -3.09 5.81
C GLU A 23 8.85 -3.08 6.91
N LEU A 24 7.59 -2.85 6.53
CA LEU A 24 6.50 -2.86 7.49
C LEU A 24 6.43 -4.20 8.18
N TYR A 25 6.62 -5.21 7.37
CA TYR A 25 6.60 -6.59 7.79
C TYR A 25 7.59 -6.86 8.90
N GLU A 26 8.65 -6.11 8.92
CA GLU A 26 9.70 -6.28 9.89
C GLU A 26 9.30 -5.75 11.24
N LEU A 27 8.28 -4.92 11.27
CA LEU A 27 7.78 -4.35 12.50
C LEU A 27 6.93 -5.38 13.22
N PHE A 28 6.88 -6.57 12.65
CA PHE A 28 6.11 -7.64 13.15
C PHE A 28 7.00 -8.78 13.54
N GLU A 29 6.47 -9.66 14.32
CA GLU A 29 7.18 -10.83 14.75
C GLU A 29 6.23 -12.01 14.74
N ASP A 30 6.70 -13.16 15.22
CA ASP A 30 5.89 -14.38 15.28
C ASP A 30 5.44 -14.79 13.89
N GLU A 31 6.32 -15.45 13.18
CA GLU A 31 6.06 -15.89 11.83
C GLU A 31 5.75 -17.36 11.79
N ARG A 32 4.68 -17.66 11.14
CA ARG A 32 4.20 -18.98 11.00
C ARG A 32 4.15 -19.40 9.54
N TYR A 33 4.24 -20.66 9.31
CA TYR A 33 4.18 -21.22 7.98
C TYR A 33 2.81 -21.78 7.76
N GLU A 34 2.18 -21.32 6.73
CA GLU A 34 0.81 -21.68 6.45
C GLU A 34 0.45 -21.38 5.03
N ASN A 35 -0.38 -22.25 4.45
CA ASN A 35 -0.88 -22.06 3.08
C ASN A 35 0.24 -22.00 2.11
N MET A 36 1.38 -22.54 2.50
CA MET A 36 2.56 -22.62 1.66
C MET A 36 3.21 -21.25 1.52
N VAL A 37 2.83 -20.36 2.43
CA VAL A 37 3.39 -19.04 2.49
C VAL A 37 3.72 -18.75 3.95
N TYR A 38 4.09 -17.55 4.27
CA TYR A 38 4.43 -17.22 5.62
C TYR A 38 3.52 -16.16 6.13
N VAL A 39 3.19 -16.27 7.38
CA VAL A 39 2.32 -15.36 8.00
C VAL A 39 2.93 -14.87 9.29
N ARG A 40 3.06 -13.58 9.40
CA ARG A 40 3.65 -12.99 10.59
C ARG A 40 2.60 -12.21 11.30
N LYS A 41 2.45 -12.47 12.55
CA LYS A 41 1.38 -11.85 13.30
C LYS A 41 1.86 -11.27 14.61
N LYS A 42 1.30 -10.11 14.96
CA LYS A 42 1.64 -9.37 16.17
C LYS A 42 2.84 -8.48 15.97
N PRO A 43 2.63 -7.18 16.07
CA PRO A 43 3.68 -6.21 15.96
C PRO A 43 4.47 -6.09 17.26
N LYS A 44 5.72 -5.72 17.14
CA LYS A 44 6.62 -5.60 18.28
C LYS A 44 6.46 -4.25 18.95
N ARG A 45 5.66 -3.40 18.34
CA ARG A 45 5.41 -2.07 18.79
C ARG A 45 4.02 -1.72 18.40
N GLU A 46 3.69 -0.48 18.44
CA GLU A 46 2.39 -0.08 18.01
C GLU A 46 2.41 0.17 16.53
N ILE A 47 1.91 -0.79 15.78
CA ILE A 47 1.85 -0.70 14.40
C ILE A 47 0.41 -0.70 13.97
N LYS A 48 0.01 0.36 13.35
CA LYS A 48 -1.30 0.43 12.76
C LYS A 48 -1.18 0.75 11.29
N VAL A 49 -2.26 0.58 10.56
CA VAL A 49 -2.24 0.83 9.12
C VAL A 49 -3.13 1.97 8.74
N TYR A 50 -2.60 2.88 7.98
CA TYR A 50 -3.38 3.97 7.45
C TYR A 50 -4.08 3.53 6.19
N SER A 51 -5.38 3.62 6.19
CA SER A 51 -6.16 3.21 5.06
C SER A 51 -7.19 4.27 4.73
N ILE A 52 -7.86 4.12 3.62
CA ILE A 52 -8.90 5.03 3.25
C ILE A 52 -10.23 4.33 3.27
N ASP A 53 -11.22 5.06 3.69
CA ASP A 53 -12.56 4.55 3.77
C ASP A 53 -13.17 4.53 2.40
N LEU A 54 -13.64 3.37 2.01
CA LEU A 54 -14.09 3.12 0.67
C LEU A 54 -15.45 3.73 0.39
N GLU A 55 -16.10 4.18 1.42
CA GLU A 55 -17.44 4.72 1.25
C GLU A 55 -17.46 6.20 1.40
N THR A 56 -16.50 6.72 2.10
CA THR A 56 -16.47 8.12 2.34
C THR A 56 -15.22 8.78 1.80
N GLY A 57 -14.17 7.99 1.65
CA GLY A 57 -12.95 8.49 1.08
C GLY A 57 -12.07 9.17 2.12
N LYS A 58 -12.36 8.89 3.38
CA LYS A 58 -11.61 9.48 4.48
C LYS A 58 -10.46 8.61 4.93
N VAL A 59 -9.50 9.23 5.61
CA VAL A 59 -8.33 8.55 6.09
C VAL A 59 -8.60 7.92 7.44
N VAL A 60 -8.70 6.61 7.45
CA VAL A 60 -8.92 5.88 8.66
C VAL A 60 -7.69 5.05 9.04
N LEU A 61 -7.57 4.71 10.31
CA LEU A 61 -6.51 3.91 10.78
C LEU A 61 -7.07 2.67 11.44
N THR A 62 -6.46 1.54 11.19
CA THR A 62 -6.95 0.31 11.75
C THR A 62 -5.80 -0.62 12.12
N ASP A 63 -6.13 -1.71 12.79
CA ASP A 63 -5.16 -2.68 13.25
C ASP A 63 -4.84 -3.67 12.16
N ILE A 64 -3.73 -4.34 12.33
CA ILE A 64 -3.26 -5.30 11.38
C ILE A 64 -3.60 -6.70 11.87
N GLU A 65 -3.99 -7.57 10.96
CA GLU A 65 -4.34 -8.92 11.31
C GLU A 65 -3.12 -9.79 11.24
N ASP A 66 -2.26 -9.48 10.28
CA ASP A 66 -1.05 -10.25 10.05
C ASP A 66 -0.31 -9.74 8.85
N VAL A 67 0.85 -10.30 8.65
CA VAL A 67 1.64 -9.97 7.52
C VAL A 67 1.57 -11.07 6.53
N ILE A 68 1.39 -10.72 5.31
CA ILE A 68 1.32 -11.67 4.28
C ILE A 68 2.63 -11.73 3.52
N LYS A 69 3.19 -12.91 3.46
CA LYS A 69 4.48 -13.16 2.85
C LYS A 69 4.40 -14.40 1.99
N ALA A 70 4.42 -14.22 0.69
CA ALA A 70 4.26 -15.33 -0.22
C ALA A 70 5.34 -15.33 -1.28
N PRO A 71 5.89 -16.52 -1.58
CA PRO A 71 6.91 -16.70 -2.62
C PRO A 71 6.54 -16.01 -3.94
N ALA A 72 7.42 -15.15 -4.41
CA ALA A 72 7.20 -14.42 -5.65
C ALA A 72 7.43 -15.34 -6.83
N THR A 73 6.35 -15.71 -7.50
CA THR A 73 6.42 -16.67 -8.58
C THR A 73 6.15 -16.04 -9.97
N ASP A 74 4.97 -15.46 -10.15
CA ASP A 74 4.56 -14.95 -11.47
C ASP A 74 5.21 -13.61 -11.85
N HIS A 75 4.48 -12.50 -11.66
CA HIS A 75 4.96 -11.18 -12.11
C HIS A 75 4.11 -10.09 -11.63
N LEU A 76 4.55 -8.88 -11.87
CA LEU A 76 3.81 -7.75 -11.42
C LEU A 76 3.66 -6.69 -12.52
N ILE A 77 2.50 -6.11 -12.57
CA ILE A 77 2.24 -4.98 -13.46
C ILE A 77 2.62 -3.70 -12.73
N ARG A 78 3.14 -2.74 -13.45
CA ARG A 78 3.54 -1.52 -12.87
C ARG A 78 2.79 -0.39 -13.51
N PHE A 79 2.35 0.49 -12.69
CA PHE A 79 1.55 1.63 -13.12
C PHE A 79 2.30 2.89 -12.87
N GLU A 80 2.37 3.75 -13.87
CA GLU A 80 3.01 5.02 -13.70
C GLU A 80 1.99 6.08 -13.73
N LEU A 81 2.02 6.91 -12.77
CA LEU A 81 1.13 8.01 -12.70
C LEU A 81 1.78 9.23 -13.30
N GLU A 82 0.96 10.15 -13.76
CA GLU A 82 1.44 11.40 -14.38
C GLU A 82 2.20 12.28 -13.37
N ASP A 83 2.05 11.93 -12.10
CA ASP A 83 2.74 12.62 -11.02
C ASP A 83 4.08 11.95 -10.79
N GLY A 84 4.27 10.82 -11.45
CA GLY A 84 5.48 10.06 -11.35
C GLY A 84 5.42 9.03 -10.24
N ARG A 85 4.22 8.71 -9.83
CA ARG A 85 4.00 7.69 -8.84
C ARG A 85 3.87 6.38 -9.54
N SER A 86 4.44 5.36 -9.00
CA SER A 86 4.26 4.06 -9.57
C SER A 86 4.07 3.00 -8.52
N PHE A 87 3.25 2.02 -8.83
CA PHE A 87 3.01 0.91 -7.92
C PHE A 87 2.91 -0.38 -8.69
N GLU A 88 3.35 -1.46 -8.05
CA GLU A 88 3.33 -2.78 -8.64
C GLU A 88 2.47 -3.71 -7.85
N THR A 89 1.86 -4.62 -8.55
CA THR A 89 0.99 -5.60 -7.94
C THR A 89 1.10 -6.92 -8.68
N THR A 90 0.70 -8.02 -8.02
CA THR A 90 0.84 -9.37 -8.58
C THR A 90 -0.18 -9.65 -9.69
N VAL A 91 -0.69 -8.58 -10.26
CA VAL A 91 -1.62 -8.59 -11.39
C VAL A 91 -3.00 -9.12 -11.04
N ASP A 92 -3.09 -10.13 -10.19
CA ASP A 92 -4.38 -10.65 -9.75
C ASP A 92 -4.87 -9.89 -8.54
N HIS A 93 -4.05 -8.95 -8.07
CA HIS A 93 -4.42 -8.11 -6.96
C HIS A 93 -5.32 -6.96 -7.44
N PRO A 94 -6.53 -6.85 -6.89
CA PRO A 94 -7.48 -5.79 -7.28
C PRO A 94 -6.98 -4.39 -6.95
N VAL A 95 -7.22 -3.49 -7.88
CA VAL A 95 -6.89 -2.09 -7.75
C VAL A 95 -8.19 -1.30 -7.71
N LEU A 96 -8.21 -0.21 -6.96
CA LEU A 96 -9.42 0.58 -6.83
C LEU A 96 -9.35 1.81 -7.72
N VAL A 97 -10.11 1.83 -8.80
CA VAL A 97 -10.08 2.96 -9.70
C VAL A 97 -11.34 3.78 -9.59
N TYR A 98 -11.15 5.06 -9.80
CA TYR A 98 -12.25 5.98 -9.76
C TYR A 98 -12.63 6.37 -11.18
N GLU A 99 -13.55 5.64 -11.74
CA GLU A 99 -14.05 5.90 -13.04
C GLU A 99 -15.52 5.65 -13.07
N ASN A 100 -16.22 6.23 -14.03
CA ASN A 100 -17.67 6.09 -14.13
C ASN A 100 -18.32 6.74 -12.93
N GLY A 101 -17.59 7.67 -12.33
CA GLY A 101 -18.05 8.36 -11.14
C GLY A 101 -18.20 7.44 -9.96
N ARG A 102 -17.62 6.25 -10.05
CA ARG A 102 -17.73 5.31 -8.99
C ARG A 102 -16.40 4.68 -8.74
N PHE A 103 -16.32 3.93 -7.71
CA PHE A 103 -15.12 3.23 -7.37
C PHE A 103 -15.26 1.77 -7.76
N ILE A 104 -14.39 1.32 -8.61
CA ILE A 104 -14.45 -0.06 -9.05
C ILE A 104 -13.13 -0.79 -8.84
N GLU A 105 -13.22 -2.08 -8.55
CA GLU A 105 -12.04 -2.90 -8.29
C GLU A 105 -11.64 -3.71 -9.50
N LYS A 106 -10.44 -3.48 -9.99
CA LYS A 106 -9.92 -4.20 -11.12
C LYS A 106 -8.55 -4.72 -10.79
N ARG A 107 -8.30 -5.98 -11.10
CA ARG A 107 -6.99 -6.56 -10.84
C ARG A 107 -5.95 -5.84 -11.69
N ALA A 108 -4.67 -5.97 -11.37
CA ALA A 108 -3.67 -5.21 -12.09
C ALA A 108 -3.70 -5.57 -13.56
N PHE A 109 -3.86 -6.86 -13.83
CA PHE A 109 -3.94 -7.36 -15.20
C PHE A 109 -5.32 -7.03 -15.82
N GLU A 110 -6.14 -6.29 -15.07
CA GLU A 110 -7.46 -5.90 -15.52
C GLU A 110 -7.56 -4.37 -15.63
N VAL A 111 -6.63 -3.69 -15.02
CA VAL A 111 -6.53 -2.28 -15.06
C VAL A 111 -5.95 -1.89 -16.42
N LYS A 112 -6.31 -0.75 -16.92
CA LYS A 112 -5.85 -0.34 -18.22
C LYS A 112 -5.07 0.94 -18.13
N GLU A 113 -4.35 1.27 -19.17
CA GLU A 113 -3.59 2.49 -19.16
C GLU A 113 -4.53 3.68 -19.21
N GLY A 114 -4.20 4.70 -18.47
CA GLY A 114 -5.09 5.84 -18.36
C GLY A 114 -6.07 5.68 -17.21
N ASP A 115 -5.89 4.60 -16.44
CA ASP A 115 -6.75 4.31 -15.29
C ASP A 115 -6.43 5.28 -14.16
N LYS A 116 -7.13 5.21 -13.06
CA LYS A 116 -6.89 6.12 -11.94
C LYS A 116 -6.85 5.37 -10.65
N VAL A 117 -6.27 5.98 -9.67
CA VAL A 117 -6.30 5.46 -8.35
C VAL A 117 -6.70 6.56 -7.40
N LEU A 118 -7.18 6.18 -6.26
CA LEU A 118 -7.56 7.13 -5.27
C LEU A 118 -6.40 7.39 -4.37
N VAL A 119 -6.09 8.64 -4.16
CA VAL A 119 -5.07 8.98 -3.25
C VAL A 119 -5.67 9.46 -1.96
N SER A 120 -4.96 9.21 -0.89
CA SER A 120 -5.38 9.60 0.45
C SER A 120 -5.18 11.11 0.66
N GLU A 121 -5.38 11.86 -0.41
CA GLU A 121 -5.20 13.32 -0.45
C GLU A 121 -3.74 13.69 -0.43
N LEU A 122 -3.07 13.22 0.58
CA LEU A 122 -1.71 13.58 0.85
C LEU A 122 -1.26 12.75 2.02
N GLU A 123 -0.22 13.16 2.68
CA GLU A 123 0.36 12.37 3.75
C GLU A 123 1.06 13.23 4.77
N LEU A 124 1.56 12.56 5.83
CA LEU A 124 2.40 13.17 6.85
C LEU A 124 3.53 13.97 6.19
N VAL A 125 3.92 13.48 4.99
CA VAL A 125 4.85 14.12 4.07
C VAL A 125 6.30 14.16 4.55
N GLU A 126 7.13 13.45 3.81
CA GLU A 126 8.54 13.32 4.08
C GLU A 126 9.19 12.61 2.90
N GLN A 127 10.37 13.08 2.49
CA GLN A 127 11.05 12.50 1.33
C GLN A 127 11.89 11.27 1.69
N SER A 128 11.68 10.76 2.90
CA SER A 128 12.42 9.60 3.34
C SER A 128 11.90 8.32 2.69
N SER A 129 12.80 7.42 2.36
CA SER A 129 12.43 6.17 1.76
C SER A 129 11.94 5.19 2.83
N SER A 130 12.61 5.20 3.97
CA SER A 130 12.24 4.34 5.08
C SER A 130 12.05 5.15 6.36
N SER A 131 12.79 6.27 6.46
CA SER A 131 12.74 7.17 7.62
C SER A 131 13.38 6.53 8.85
N GLN A 132 14.43 7.15 9.37
CA GLN A 132 15.12 6.64 10.53
C GLN A 132 14.62 7.34 11.79
N ASP A 133 14.15 8.57 11.62
CA ASP A 133 13.63 9.35 12.73
C ASP A 133 12.16 9.06 12.91
N ASN A 134 11.84 8.34 13.98
CA ASN A 134 10.45 7.99 14.27
C ASN A 134 9.61 9.24 14.62
N PRO A 135 10.06 10.06 15.59
CA PRO A 135 9.35 11.28 15.98
C PRO A 135 9.15 12.20 14.79
N LYS A 136 8.04 12.89 14.80
CA LYS A 136 7.71 13.81 13.72
C LYS A 136 6.82 14.94 14.24
N ASN A 137 5.96 15.50 13.37
CA ASN A 137 5.14 16.66 13.69
C ASN A 137 6.06 17.84 13.97
N GLU A 138 6.94 18.08 13.02
CA GLU A 138 7.93 19.13 13.11
C GLU A 138 7.34 20.46 12.66
N ASN A 139 6.37 20.38 11.76
CA ASN A 139 5.72 21.57 11.22
C ASN A 139 4.29 21.20 10.82
N LEU A 140 3.82 20.07 11.36
CA LEU A 140 2.49 19.51 11.06
C LEU A 140 2.44 18.97 9.64
N GLY A 141 1.65 17.94 9.43
CA GLY A 141 1.54 17.35 8.13
C GLY A 141 0.12 17.32 7.65
N SER A 142 -0.42 18.50 7.42
CA SER A 142 -1.78 18.63 6.93
C SER A 142 -1.85 18.24 5.45
N PRO A 143 -2.66 17.22 5.12
CA PRO A 143 -2.82 16.76 3.76
C PRO A 143 -3.72 17.68 2.92
N GLU A 144 -4.99 17.30 2.76
CA GLU A 144 -5.97 18.10 2.00
C GLU A 144 -5.58 18.26 0.54
N HIS A 145 -6.07 17.37 -0.29
CA HIS A 145 -5.78 17.40 -1.71
C HIS A 145 -6.75 16.52 -2.47
N ASP A 146 -7.85 17.10 -2.91
CA ASP A 146 -8.88 16.34 -3.62
C ASP A 146 -8.65 16.34 -5.11
N GLN A 147 -7.87 15.38 -5.56
CA GLN A 147 -7.59 15.16 -6.98
C GLN A 147 -6.99 13.79 -7.18
N LEU A 148 -7.41 13.11 -8.22
CA LEU A 148 -6.92 11.79 -8.48
C LEU A 148 -6.02 11.75 -9.65
N LEU A 149 -5.18 10.76 -9.67
CA LEU A 149 -4.14 10.64 -10.67
C LEU A 149 -4.36 9.44 -11.60
N GLU A 150 -4.15 9.68 -12.88
CA GLU A 150 -4.23 8.67 -13.93
C GLU A 150 -2.90 8.01 -14.20
N ILE A 151 -3.02 6.78 -14.57
CA ILE A 151 -1.93 5.96 -14.94
C ILE A 151 -1.48 6.26 -16.36
N LYS A 152 -0.36 6.85 -16.43
CA LYS A 152 0.30 7.18 -17.64
C LYS A 152 0.74 5.94 -18.38
N ASN A 153 1.29 5.01 -17.64
CA ASN A 153 1.84 3.82 -18.25
C ASN A 153 1.79 2.60 -17.41
N ILE A 154 1.39 1.55 -18.04
CA ILE A 154 1.36 0.26 -17.45
C ILE A 154 2.26 -0.70 -18.18
N LYS A 155 3.11 -1.37 -17.46
CA LYS A 155 3.98 -2.33 -18.02
C LYS A 155 3.97 -3.59 -17.21
N TYR A 156 4.45 -4.63 -17.80
CA TYR A 156 4.61 -5.85 -17.15
C TYR A 156 6.04 -6.01 -16.77
N VAL A 157 6.25 -6.12 -15.53
CA VAL A 157 7.55 -6.24 -14.98
C VAL A 157 7.59 -7.44 -14.04
N ARG A 158 8.72 -7.77 -13.52
CA ARG A 158 8.80 -8.94 -12.67
C ARG A 158 9.03 -8.58 -11.24
N ALA A 159 8.83 -9.56 -10.40
CA ALA A 159 9.00 -9.41 -8.96
C ALA A 159 10.42 -9.01 -8.59
N ASN A 160 10.52 -8.08 -7.65
CA ASN A 160 11.80 -7.53 -7.23
C ASN A 160 12.25 -8.15 -5.91
N ASP A 161 11.86 -9.39 -5.69
CA ASP A 161 12.17 -10.09 -4.45
C ASP A 161 11.79 -11.56 -4.59
N ASP A 162 11.99 -12.34 -3.53
CA ASP A 162 11.63 -13.75 -3.53
C ASP A 162 10.28 -13.94 -2.93
N PHE A 163 9.79 -12.91 -2.29
CA PHE A 163 8.49 -12.92 -1.70
C PHE A 163 7.77 -11.64 -2.04
N VAL A 164 6.51 -11.64 -1.81
CA VAL A 164 5.68 -10.47 -2.00
C VAL A 164 4.85 -10.26 -0.77
N PHE A 165 4.40 -9.05 -0.56
CA PHE A 165 3.71 -8.71 0.67
C PHE A 165 2.51 -7.83 0.40
N SER A 166 1.58 -7.79 1.33
CA SER A 166 0.45 -6.88 1.21
C SER A 166 -0.01 -6.42 2.59
N LEU A 167 0.41 -7.17 3.63
CA LEU A 167 0.04 -6.87 5.02
C LEU A 167 -1.47 -6.91 5.21
N ASN A 168 -2.00 -8.05 5.64
CA ASN A 168 -3.44 -8.15 5.81
C ASN A 168 -3.88 -7.57 7.12
N ALA A 169 -4.41 -6.38 7.03
CA ALA A 169 -5.01 -5.73 8.16
C ALA A 169 -6.52 -5.93 8.13
N LYS A 170 -7.24 -4.98 8.66
CA LYS A 170 -8.68 -5.03 8.69
C LYS A 170 -9.21 -5.08 7.27
N LYS A 171 -10.17 -5.97 7.01
CA LYS A 171 -10.70 -6.20 5.67
C LYS A 171 -9.65 -6.94 4.81
N TYR A 172 -9.41 -6.48 3.58
CA TYR A 172 -8.43 -7.15 2.72
C TYR A 172 -7.60 -6.17 1.91
N HIS A 173 -6.29 -6.27 2.11
CA HIS A 173 -5.25 -5.45 1.40
C HIS A 173 -5.64 -4.00 1.11
N ASN A 174 -6.43 -3.40 1.98
CA ASN A 174 -6.81 -2.01 1.80
C ASN A 174 -5.90 -1.12 2.59
N VAL A 175 -4.94 -0.54 1.92
CA VAL A 175 -3.98 0.31 2.58
C VAL A 175 -3.48 1.39 1.64
N ILE A 176 -2.82 2.34 2.21
CA ILE A 176 -2.29 3.45 1.50
C ILE A 176 -0.83 3.20 1.19
N ILE A 177 -0.50 3.08 -0.07
CA ILE A 177 0.82 2.76 -0.48
C ILE A 177 1.42 3.87 -1.32
N ASN A 178 2.70 3.78 -1.49
CA ASN A 178 3.50 4.72 -2.25
C ASN A 178 3.14 6.16 -1.89
N GLU A 179 2.82 6.95 -2.90
CA GLU A 179 2.40 8.29 -2.69
C GLU A 179 0.88 8.34 -2.56
N ASN A 180 0.42 7.62 -1.55
CA ASN A 180 -0.97 7.53 -1.16
C ASN A 180 -1.86 6.87 -2.17
N ILE A 181 -1.42 5.80 -2.72
CA ILE A 181 -2.20 5.08 -3.69
C ILE A 181 -3.02 4.03 -2.96
N VAL A 182 -4.33 4.18 -2.96
CA VAL A 182 -5.18 3.27 -2.24
C VAL A 182 -5.65 2.11 -3.11
N THR A 183 -5.93 1.02 -2.45
CA THR A 183 -6.43 -0.18 -3.08
C THR A 183 -7.31 -0.96 -2.10
N HIS A 184 -8.19 -1.79 -2.64
CA HIS A 184 -9.12 -2.59 -1.84
C HIS A 184 -9.69 -3.70 -2.71
N GLN A 185 -10.13 -4.78 -2.06
CA GLN A 185 -10.77 -5.90 -2.76
C GLN A 185 -11.92 -5.40 -3.63
N CYS A 1 -1.13 -9.57 -4.78
CA CYS A 1 -0.18 -8.98 -3.80
C CYS A 1 0.65 -7.85 -4.44
N PHE A 2 1.65 -7.38 -3.70
CA PHE A 2 2.54 -6.31 -4.16
C PHE A 2 3.97 -6.74 -3.86
N PRO A 3 4.99 -6.17 -4.52
CA PRO A 3 6.37 -6.50 -4.22
C PRO A 3 6.71 -5.93 -2.86
N GLY A 4 7.76 -6.42 -2.24
CA GLY A 4 8.16 -5.86 -0.98
C GLY A 4 8.54 -4.39 -1.12
N ASP A 5 8.93 -3.98 -2.35
CA ASP A 5 9.30 -2.57 -2.65
C ASP A 5 8.14 -1.60 -2.38
N THR A 6 6.96 -2.13 -2.35
CA THR A 6 5.78 -1.32 -2.14
C THR A 6 5.81 -0.66 -0.78
N ARG A 7 5.64 0.65 -0.76
CA ARG A 7 5.61 1.41 0.45
C ARG A 7 4.26 1.31 1.04
N ILE A 8 4.18 1.00 2.29
CA ILE A 8 2.93 0.92 2.96
C ILE A 8 2.89 1.91 4.12
N LEU A 9 1.84 2.70 4.18
CA LEU A 9 1.71 3.64 5.23
C LEU A 9 1.04 3.00 6.44
N VAL A 10 1.72 3.09 7.55
CA VAL A 10 1.25 2.50 8.80
C VAL A 10 1.44 3.47 9.96
N GLN A 11 1.07 3.02 11.14
CA GLN A 11 1.25 3.79 12.35
C GLN A 11 1.90 2.93 13.40
N ILE A 12 3.02 3.37 13.87
CA ILE A 12 3.74 2.67 14.85
C ILE A 12 3.90 3.52 16.05
N ASP A 13 3.40 3.03 17.14
CA ASP A 13 3.44 3.72 18.42
C ASP A 13 2.88 5.11 18.29
N GLY A 14 1.82 5.20 17.53
CA GLY A 14 1.18 6.46 17.27
C GLY A 14 1.95 7.35 16.33
N VAL A 15 2.86 6.78 15.59
CA VAL A 15 3.66 7.50 14.65
C VAL A 15 3.48 6.91 13.28
N PRO A 16 3.01 7.69 12.36
CA PRO A 16 2.79 7.24 11.02
C PRO A 16 4.11 7.12 10.28
N GLN A 17 4.34 5.96 9.75
CA GLN A 17 5.55 5.70 9.05
C GLN A 17 5.25 5.14 7.71
N LYS A 18 6.04 5.53 6.76
CA LYS A 18 5.90 5.04 5.43
C LYS A 18 7.05 4.14 5.14
N ILE A 19 6.82 2.88 5.25
CA ILE A 19 7.85 1.94 4.99
C ILE A 19 7.43 1.04 3.91
N THR A 20 8.17 0.04 3.64
CA THR A 20 7.78 -0.85 2.61
C THR A 20 7.14 -2.05 3.23
N LEU A 21 6.63 -2.91 2.40
CA LEU A 21 6.04 -4.11 2.86
C LEU A 21 7.08 -5.04 3.43
N ARG A 22 8.30 -4.93 2.93
CA ARG A 22 9.37 -5.76 3.41
C ARG A 22 9.84 -5.22 4.74
N GLU A 23 9.65 -3.94 4.92
CA GLU A 23 10.05 -3.27 6.12
C GLU A 23 8.99 -3.39 7.19
N LEU A 24 7.73 -3.35 6.77
CA LEU A 24 6.62 -3.41 7.70
C LEU A 24 6.56 -4.75 8.39
N TYR A 25 6.73 -5.78 7.61
CA TYR A 25 6.62 -7.13 8.10
C TYR A 25 7.57 -7.42 9.21
N GLU A 26 8.64 -6.71 9.22
CA GLU A 26 9.68 -6.87 10.21
C GLU A 26 9.21 -6.44 11.59
N LEU A 27 8.16 -5.65 11.62
CA LEU A 27 7.61 -5.15 12.86
C LEU A 27 6.70 -6.20 13.49
N PHE A 28 6.60 -7.33 12.81
CA PHE A 28 5.77 -8.41 13.22
C PHE A 28 6.61 -9.61 13.51
N GLU A 29 6.03 -10.54 14.21
CA GLU A 29 6.67 -11.81 14.50
C GLU A 29 5.61 -12.90 14.53
N ASP A 30 5.99 -14.10 14.94
CA ASP A 30 5.10 -15.26 14.97
C ASP A 30 4.66 -15.61 13.57
N GLU A 31 5.58 -16.21 12.86
CA GLU A 31 5.36 -16.60 11.50
C GLU A 31 4.97 -18.05 11.41
N ARG A 32 3.91 -18.27 10.73
CA ARG A 32 3.38 -19.57 10.53
C ARG A 32 3.33 -19.90 9.05
N TYR A 33 3.39 -21.17 8.75
CA TYR A 33 3.33 -21.63 7.38
C TYR A 33 1.96 -22.18 7.14
N GLU A 34 1.35 -21.73 6.09
CA GLU A 34 -0.01 -22.11 5.80
C GLU A 34 -0.35 -21.71 4.40
N ASN A 35 -1.13 -22.55 3.73
CA ASN A 35 -1.58 -22.27 2.37
C ASN A 35 -0.42 -22.15 1.43
N MET A 36 0.71 -22.72 1.86
CA MET A 36 1.93 -22.73 1.08
C MET A 36 2.55 -21.35 1.03
N VAL A 37 2.14 -20.51 1.97
CA VAL A 37 2.68 -19.18 2.11
C VAL A 37 3.01 -18.96 3.57
N TYR A 38 3.42 -17.77 3.90
CA TYR A 38 3.78 -17.47 5.27
C TYR A 38 2.89 -16.43 5.81
N VAL A 39 2.56 -16.59 7.04
CA VAL A 39 1.69 -15.69 7.71
C VAL A 39 2.32 -15.27 9.01
N ARG A 40 2.47 -14.01 9.18
CA ARG A 40 3.07 -13.49 10.38
C ARG A 40 2.03 -12.71 11.12
N LYS A 41 1.83 -13.03 12.35
CA LYS A 41 0.76 -12.40 13.09
C LYS A 41 1.21 -11.91 14.42
N LYS A 42 0.62 -10.79 14.83
CA LYS A 42 0.91 -10.13 16.09
C LYS A 42 2.19 -9.31 15.98
N PRO A 43 2.06 -8.01 16.10
CA PRO A 43 3.21 -7.13 16.05
C PRO A 43 3.97 -7.13 17.36
N LYS A 44 5.22 -6.74 17.29
CA LYS A 44 6.08 -6.72 18.47
C LYS A 44 6.01 -5.38 19.16
N ARG A 45 5.26 -4.49 18.57
CA ARG A 45 5.09 -3.15 19.05
C ARG A 45 3.71 -2.71 18.69
N GLU A 46 3.49 -1.45 18.78
CA GLU A 46 2.24 -0.88 18.38
C GLU A 46 2.27 -0.63 16.89
N ILE A 47 1.74 -1.55 16.14
CA ILE A 47 1.70 -1.43 14.75
C ILE A 47 0.27 -1.37 14.30
N LYS A 48 -0.09 -0.27 13.75
CA LYS A 48 -1.39 -0.13 13.17
C LYS A 48 -1.24 0.17 11.71
N VAL A 49 -2.30 0.05 10.99
CA VAL A 49 -2.25 0.22 9.55
C VAL A 49 -3.21 1.30 9.09
N TYR A 50 -2.73 2.17 8.22
CA TYR A 50 -3.56 3.20 7.64
C TYR A 50 -4.25 2.69 6.40
N SER A 51 -5.55 2.77 6.40
CA SER A 51 -6.34 2.31 5.29
C SER A 51 -7.44 3.31 4.99
N ILE A 52 -7.80 3.43 3.72
CA ILE A 52 -8.86 4.34 3.34
C ILE A 52 -10.18 3.60 3.30
N ASP A 53 -11.21 4.29 3.69
CA ASP A 53 -12.55 3.74 3.66
C ASP A 53 -13.11 4.02 2.30
N LEU A 54 -13.53 2.99 1.64
CA LEU A 54 -13.95 3.06 0.25
C LEU A 54 -15.24 3.78 0.11
N GLU A 55 -16.00 3.68 1.13
CA GLU A 55 -17.35 4.17 1.14
C GLU A 55 -17.40 5.62 1.45
N THR A 56 -16.46 6.06 2.21
CA THR A 56 -16.45 7.42 2.65
C THR A 56 -15.26 8.18 2.09
N GLY A 57 -14.25 7.44 1.73
CA GLY A 57 -13.07 8.00 1.14
C GLY A 57 -12.15 8.63 2.18
N LYS A 58 -12.32 8.22 3.43
CA LYS A 58 -11.54 8.76 4.52
C LYS A 58 -10.40 7.86 4.91
N VAL A 59 -9.37 8.47 5.47
CA VAL A 59 -8.23 7.75 5.93
C VAL A 59 -8.40 7.37 7.39
N VAL A 60 -8.63 6.11 7.60
CA VAL A 60 -8.80 5.58 8.92
C VAL A 60 -7.62 4.68 9.30
N LEU A 61 -7.53 4.35 10.58
CA LEU A 61 -6.50 3.51 11.06
C LEU A 61 -7.12 2.27 11.68
N THR A 62 -6.50 1.15 11.48
CA THR A 62 -7.01 -0.09 11.99
C THR A 62 -5.87 -1.04 12.38
N ASP A 63 -6.24 -2.13 13.02
CA ASP A 63 -5.30 -3.16 13.43
C ASP A 63 -5.01 -4.08 12.28
N ILE A 64 -3.91 -4.77 12.41
CA ILE A 64 -3.47 -5.70 11.42
C ILE A 64 -3.87 -7.11 11.84
N GLU A 65 -4.28 -7.91 10.88
CA GLU A 65 -4.69 -9.26 11.14
C GLU A 65 -3.49 -10.17 11.07
N ASP A 66 -2.58 -9.83 10.16
CA ASP A 66 -1.39 -10.62 9.91
C ASP A 66 -0.63 -10.07 8.71
N VAL A 67 0.53 -10.63 8.46
CA VAL A 67 1.34 -10.23 7.35
C VAL A 67 1.27 -11.27 6.26
N ILE A 68 1.06 -10.80 5.06
CA ILE A 68 0.94 -11.66 3.90
C ILE A 68 2.30 -11.85 3.24
N LYS A 69 2.81 -13.06 3.28
CA LYS A 69 4.09 -13.39 2.65
C LYS A 69 3.90 -14.59 1.74
N ALA A 70 3.96 -14.36 0.44
CA ALA A 70 3.76 -15.43 -0.51
C ALA A 70 4.85 -15.43 -1.55
N PRO A 71 5.29 -16.62 -1.96
CA PRO A 71 6.32 -16.78 -2.99
C PRO A 71 5.98 -16.02 -4.27
N ALA A 72 6.94 -15.25 -4.76
CA ALA A 72 6.75 -14.47 -5.96
C ALA A 72 7.11 -15.28 -7.20
N THR A 73 6.24 -16.22 -7.53
CA THR A 73 6.45 -17.09 -8.67
C THR A 73 6.26 -16.33 -9.97
N ASP A 74 5.29 -15.45 -9.96
CA ASP A 74 4.92 -14.69 -11.13
C ASP A 74 5.61 -13.33 -11.16
N HIS A 75 5.23 -12.49 -12.10
CA HIS A 75 5.78 -11.16 -12.24
C HIS A 75 4.71 -10.16 -11.90
N LEU A 76 5.07 -8.91 -11.83
CA LEU A 76 4.14 -7.87 -11.41
C LEU A 76 3.99 -6.76 -12.46
N ILE A 77 2.81 -6.22 -12.54
CA ILE A 77 2.52 -5.07 -13.40
C ILE A 77 2.83 -3.81 -12.61
N ARG A 78 3.32 -2.79 -13.27
CA ARG A 78 3.62 -1.58 -12.62
C ARG A 78 2.85 -0.46 -13.24
N PHE A 79 2.40 0.41 -12.40
CA PHE A 79 1.62 1.54 -12.79
C PHE A 79 2.37 2.80 -12.52
N GLU A 80 2.53 3.62 -13.53
CA GLU A 80 3.23 4.86 -13.35
C GLU A 80 2.26 5.97 -13.44
N LEU A 81 2.23 6.75 -12.43
CA LEU A 81 1.36 7.84 -12.36
C LEU A 81 2.01 9.07 -12.96
N GLU A 82 1.17 10.03 -13.34
CA GLU A 82 1.64 11.30 -13.96
C GLU A 82 2.50 12.09 -12.98
N ASP A 83 2.44 11.72 -11.72
CA ASP A 83 3.17 12.38 -10.66
C ASP A 83 4.49 11.66 -10.44
N GLY A 84 4.61 10.51 -11.08
CA GLY A 84 5.81 9.72 -10.97
C GLY A 84 5.71 8.66 -9.90
N ARG A 85 4.50 8.43 -9.43
CA ARG A 85 4.25 7.42 -8.45
C ARG A 85 4.09 6.11 -9.15
N SER A 86 4.62 5.08 -8.63
CA SER A 86 4.41 3.81 -9.24
C SER A 86 4.27 2.69 -8.22
N PHE A 87 3.32 1.83 -8.49
CA PHE A 87 3.05 0.71 -7.63
C PHE A 87 2.90 -0.56 -8.45
N GLU A 88 3.23 -1.69 -7.84
CA GLU A 88 3.19 -2.96 -8.53
C GLU A 88 2.31 -3.96 -7.82
N THR A 89 1.77 -4.86 -8.59
CA THR A 89 0.92 -5.92 -8.08
C THR A 89 1.18 -7.21 -8.83
N THR A 90 0.90 -8.35 -8.18
CA THR A 90 1.11 -9.66 -8.77
C THR A 90 0.11 -9.96 -9.88
N VAL A 91 -0.51 -8.90 -10.35
CA VAL A 91 -1.46 -8.90 -11.46
C VAL A 91 -2.80 -9.55 -11.11
N ASP A 92 -2.77 -10.51 -10.20
CA ASP A 92 -3.99 -11.17 -9.72
C ASP A 92 -4.65 -10.35 -8.63
N HIS A 93 -3.99 -9.27 -8.23
CA HIS A 93 -4.51 -8.43 -7.17
C HIS A 93 -5.30 -7.26 -7.74
N PRO A 94 -6.56 -7.10 -7.32
CA PRO A 94 -7.41 -5.98 -7.75
C PRO A 94 -6.86 -4.62 -7.32
N VAL A 95 -7.03 -3.66 -8.21
CA VAL A 95 -6.63 -2.29 -7.99
C VAL A 95 -7.89 -1.43 -7.90
N LEU A 96 -7.87 -0.39 -7.09
CA LEU A 96 -9.04 0.44 -6.90
C LEU A 96 -8.94 1.72 -7.70
N VAL A 97 -9.76 1.85 -8.72
CA VAL A 97 -9.76 3.03 -9.56
C VAL A 97 -11.04 3.82 -9.41
N TYR A 98 -10.92 5.11 -9.62
CA TYR A 98 -12.04 6.01 -9.55
C TYR A 98 -12.52 6.38 -10.95
N GLU A 99 -13.52 5.68 -11.43
CA GLU A 99 -14.09 5.94 -12.72
C GLU A 99 -15.57 5.66 -12.65
N ASN A 100 -16.35 6.30 -13.52
CA ASN A 100 -17.81 6.10 -13.53
C ASN A 100 -18.41 6.58 -12.22
N GLY A 101 -17.70 7.49 -11.56
CA GLY A 101 -18.13 8.00 -10.28
C GLY A 101 -18.12 6.96 -9.20
N ARG A 102 -17.49 5.82 -9.45
CA ARG A 102 -17.44 4.80 -8.50
C ARG A 102 -16.03 4.31 -8.34
N PHE A 103 -15.84 3.50 -7.37
CA PHE A 103 -14.57 2.90 -7.13
C PHE A 103 -14.66 1.46 -7.53
N ILE A 104 -13.83 1.06 -8.44
CA ILE A 104 -13.88 -0.29 -8.91
C ILE A 104 -12.58 -1.00 -8.70
N GLU A 105 -12.68 -2.29 -8.45
CA GLU A 105 -11.51 -3.11 -8.23
C GLU A 105 -11.24 -3.98 -9.44
N LYS A 106 -10.20 -3.63 -10.15
CA LYS A 106 -9.77 -4.36 -11.33
C LYS A 106 -8.37 -4.91 -11.11
N ARG A 107 -8.14 -6.16 -11.48
CA ARG A 107 -6.83 -6.79 -11.25
C ARG A 107 -5.76 -6.05 -12.01
N ALA A 108 -4.48 -6.21 -11.64
CA ALA A 108 -3.44 -5.44 -12.31
C ALA A 108 -3.44 -5.75 -13.79
N PHE A 109 -3.59 -7.03 -14.11
CA PHE A 109 -3.63 -7.47 -15.50
C PHE A 109 -4.98 -7.14 -16.15
N GLU A 110 -5.81 -6.40 -15.42
CA GLU A 110 -7.12 -6.00 -15.90
C GLU A 110 -7.21 -4.46 -15.98
N VAL A 111 -6.29 -3.81 -15.31
CA VAL A 111 -6.20 -2.37 -15.30
C VAL A 111 -5.66 -1.89 -16.62
N LYS A 112 -6.06 -0.72 -17.04
CA LYS A 112 -5.60 -0.19 -18.30
C LYS A 112 -4.78 1.03 -18.09
N GLU A 113 -4.12 1.46 -19.11
CA GLU A 113 -3.31 2.65 -19.01
C GLU A 113 -4.21 3.87 -19.05
N GLY A 114 -3.87 4.84 -18.26
CA GLY A 114 -4.72 6.01 -18.13
C GLY A 114 -5.74 5.82 -17.02
N ASP A 115 -5.62 4.70 -16.32
CA ASP A 115 -6.51 4.36 -15.21
C ASP A 115 -6.13 5.22 -14.02
N LYS A 116 -6.89 5.18 -12.94
CA LYS A 116 -6.58 6.01 -11.78
C LYS A 116 -6.57 5.20 -10.53
N VAL A 117 -6.05 5.80 -9.51
CA VAL A 117 -6.14 5.27 -8.19
C VAL A 117 -6.51 6.37 -7.24
N LEU A 118 -7.01 6.01 -6.10
CA LEU A 118 -7.35 6.97 -5.13
C LEU A 118 -6.21 7.08 -4.16
N VAL A 119 -5.85 8.28 -3.83
CA VAL A 119 -4.88 8.48 -2.83
C VAL A 119 -5.58 8.98 -1.59
N SER A 120 -4.93 8.86 -0.46
CA SER A 120 -5.54 9.27 0.79
C SER A 120 -5.57 10.78 0.90
N GLU A 121 -5.03 11.42 -0.10
CA GLU A 121 -4.88 12.88 -0.20
C GLU A 121 -3.97 13.46 0.88
N LEU A 122 -3.71 12.69 1.91
CA LEU A 122 -2.97 13.20 3.04
C LEU A 122 -1.91 12.25 3.51
N GLU A 123 -0.70 12.76 3.61
CA GLU A 123 0.39 11.99 4.14
C GLU A 123 0.68 12.41 5.58
N LEU A 124 1.92 12.27 6.01
CA LEU A 124 2.28 12.53 7.41
C LEU A 124 3.24 13.69 7.48
N VAL A 125 3.49 14.25 6.33
CA VAL A 125 4.45 15.30 6.19
C VAL A 125 4.46 15.80 4.74
N GLU A 126 4.99 17.00 4.52
CA GLU A 126 5.11 17.56 3.19
C GLU A 126 6.06 16.71 2.33
N GLN A 127 5.95 16.85 1.02
CA GLN A 127 6.76 16.07 0.09
C GLN A 127 8.24 16.31 0.29
N SER A 128 9.04 15.27 0.04
CA SER A 128 10.49 15.32 0.20
C SER A 128 10.85 15.55 1.67
N SER A 129 12.03 16.14 1.91
CA SER A 129 12.51 16.47 3.26
C SER A 129 12.96 15.24 4.05
N SER A 130 12.14 14.21 4.08
CA SER A 130 12.47 13.01 4.82
C SER A 130 12.14 11.76 4.02
N SER A 131 13.04 10.81 4.03
CA SER A 131 12.84 9.54 3.35
C SER A 131 12.52 8.44 4.37
N GLN A 132 12.82 8.73 5.62
CA GLN A 132 12.56 7.82 6.74
C GLN A 132 12.80 8.55 8.04
N ASP A 133 11.80 8.58 8.90
CA ASP A 133 11.90 9.29 10.16
C ASP A 133 10.93 8.70 11.18
N ASN A 134 10.80 9.35 12.31
CA ASN A 134 9.91 8.90 13.38
C ASN A 134 9.58 10.05 14.36
N PRO A 135 10.60 10.79 14.87
CA PRO A 135 10.38 11.97 15.69
C PRO A 135 9.98 13.18 14.82
N LYS A 136 10.54 14.35 15.13
CA LYS A 136 10.26 15.58 14.39
C LYS A 136 8.89 16.09 14.75
N ASN A 137 8.89 17.18 15.46
CA ASN A 137 7.66 17.74 15.98
C ASN A 137 7.85 19.23 16.17
N GLU A 138 8.58 19.85 15.24
CA GLU A 138 8.88 21.27 15.31
C GLU A 138 8.48 21.99 14.03
N ASN A 139 7.51 21.42 13.32
CA ASN A 139 7.03 22.00 12.07
C ASN A 139 5.69 21.38 11.74
N LEU A 140 4.92 22.04 10.90
CA LEU A 140 3.62 21.56 10.52
C LEU A 140 3.71 20.46 9.48
N GLY A 141 4.29 20.80 8.35
CA GLY A 141 4.43 19.86 7.26
C GLY A 141 3.11 19.21 6.88
N SER A 142 2.08 20.03 6.73
CA SER A 142 0.76 19.51 6.44
C SER A 142 0.42 19.65 4.95
N PRO A 143 0.21 18.52 4.27
CA PRO A 143 -0.23 18.51 2.88
C PRO A 143 -1.75 18.67 2.80
N GLU A 144 -2.27 18.84 1.60
CA GLU A 144 -3.70 18.95 1.39
C GLU A 144 -4.16 17.97 0.32
N HIS A 145 -3.69 18.18 -0.92
CA HIS A 145 -3.96 17.30 -2.09
C HIS A 145 -5.44 17.06 -2.35
N ASP A 146 -5.92 17.52 -3.49
CA ASP A 146 -7.29 17.24 -3.90
C ASP A 146 -7.34 16.86 -5.36
N GLN A 147 -6.79 15.71 -5.66
CA GLN A 147 -6.71 15.23 -7.03
C GLN A 147 -6.36 13.76 -7.07
N LEU A 148 -6.95 13.03 -8.00
CA LEU A 148 -6.62 11.66 -8.18
C LEU A 148 -5.68 11.52 -9.32
N LEU A 149 -4.88 10.53 -9.25
CA LEU A 149 -3.81 10.37 -10.18
C LEU A 149 -4.04 9.23 -11.19
N GLU A 150 -3.78 9.56 -12.45
CA GLU A 150 -3.83 8.63 -13.57
C GLU A 150 -2.54 7.92 -13.79
N ILE A 151 -2.69 6.71 -14.22
CA ILE A 151 -1.62 5.89 -14.61
C ILE A 151 -1.20 6.26 -16.00
N LYS A 152 -0.12 6.92 -16.07
CA LYS A 152 0.45 7.33 -17.29
C LYS A 152 0.98 6.15 -18.06
N ASN A 153 1.55 5.22 -17.34
CA ASN A 153 2.14 4.05 -17.98
C ASN A 153 2.11 2.83 -17.17
N ILE A 154 1.70 1.79 -17.80
CA ILE A 154 1.69 0.49 -17.24
C ILE A 154 2.71 -0.39 -17.94
N LYS A 155 3.38 -1.19 -17.17
CA LYS A 155 4.40 -2.04 -17.68
C LYS A 155 4.35 -3.38 -17.02
N TYR A 156 4.80 -4.37 -17.71
CA TYR A 156 4.92 -5.67 -17.16
C TYR A 156 6.32 -5.87 -16.72
N VAL A 157 6.50 -5.80 -15.47
CA VAL A 157 7.77 -5.94 -14.87
C VAL A 157 7.84 -7.26 -14.17
N ARG A 158 8.95 -7.58 -13.66
CA ARG A 158 9.14 -8.84 -13.00
C ARG A 158 8.58 -8.81 -11.57
N ALA A 159 9.25 -9.52 -10.72
CA ALA A 159 8.95 -9.60 -9.32
C ALA A 159 10.24 -9.39 -8.59
N ASN A 160 10.44 -8.18 -8.11
CA ASN A 160 11.66 -7.78 -7.43
C ASN A 160 12.11 -8.81 -6.39
N ASP A 161 11.19 -9.21 -5.55
CA ASP A 161 11.50 -10.11 -4.47
C ASP A 161 11.04 -11.52 -4.77
N ASP A 162 11.47 -12.44 -3.92
CA ASP A 162 11.07 -13.84 -4.04
C ASP A 162 9.78 -14.08 -3.31
N PHE A 163 9.31 -13.06 -2.64
CA PHE A 163 8.06 -13.09 -1.94
C PHE A 163 7.37 -11.77 -2.15
N VAL A 164 6.09 -11.79 -2.03
CA VAL A 164 5.29 -10.59 -2.16
C VAL A 164 4.47 -10.41 -0.91
N PHE A 165 4.07 -9.19 -0.64
CA PHE A 165 3.35 -8.88 0.58
C PHE A 165 2.14 -8.02 0.27
N SER A 166 1.29 -7.80 1.26
CA SER A 166 0.12 -6.94 1.09
C SER A 166 -0.37 -6.48 2.44
N LEU A 167 -0.05 -7.29 3.45
CA LEU A 167 -0.44 -7.05 4.81
C LEU A 167 -1.94 -7.21 4.99
N ASN A 168 -2.31 -8.22 5.71
CA ASN A 168 -3.70 -8.48 5.95
C ASN A 168 -4.16 -7.73 7.19
N ALA A 169 -5.06 -6.81 7.00
CA ALA A 169 -5.60 -6.03 8.09
C ALA A 169 -7.10 -5.91 7.91
N LYS A 170 -7.73 -5.01 8.66
CA LYS A 170 -9.17 -4.84 8.57
C LYS A 170 -9.60 -4.37 7.20
N LYS A 171 -10.78 -4.83 6.80
CA LYS A 171 -11.36 -4.60 5.46
C LYS A 171 -10.73 -5.57 4.44
N TYR A 172 -9.52 -6.03 4.78
CA TYR A 172 -8.76 -7.03 4.02
C TYR A 172 -8.36 -6.56 2.62
N HIS A 173 -7.10 -6.76 2.28
CA HIS A 173 -6.52 -6.37 0.98
C HIS A 173 -6.79 -4.89 0.66
N ASN A 174 -6.84 -4.06 1.69
CA ASN A 174 -7.07 -2.63 1.53
C ASN A 174 -6.06 -1.87 2.37
N VAL A 175 -5.13 -1.22 1.71
CA VAL A 175 -4.11 -0.49 2.40
C VAL A 175 -3.57 0.65 1.57
N ILE A 176 -2.93 1.57 2.24
CA ILE A 176 -2.37 2.73 1.61
C ILE A 176 -0.88 2.50 1.34
N ILE A 177 -0.53 2.48 0.07
CA ILE A 177 0.80 2.19 -0.33
C ILE A 177 1.40 3.29 -1.18
N ASN A 178 2.67 3.13 -1.49
CA ASN A 178 3.43 4.08 -2.31
C ASN A 178 3.19 5.51 -1.85
N GLU A 179 2.85 6.39 -2.79
CA GLU A 179 2.53 7.76 -2.47
C GLU A 179 1.05 7.87 -2.08
N ASN A 180 0.66 6.97 -1.18
CA ASN A 180 -0.68 6.88 -0.61
C ASN A 180 -1.70 6.43 -1.60
N ILE A 181 -1.36 5.39 -2.32
CA ILE A 181 -2.22 4.82 -3.31
C ILE A 181 -3.06 3.74 -2.66
N VAL A 182 -4.34 3.94 -2.64
CA VAL A 182 -5.25 2.99 -2.05
C VAL A 182 -5.52 1.84 -3.02
N THR A 183 -5.94 0.76 -2.48
CA THR A 183 -6.22 -0.42 -3.25
C THR A 183 -7.12 -1.36 -2.44
N HIS A 184 -7.90 -2.17 -3.13
CA HIS A 184 -8.83 -3.07 -2.47
C HIS A 184 -9.07 -4.29 -3.33
N GLN A 185 -9.33 -5.42 -2.69
CA GLN A 185 -9.62 -6.65 -3.40
C GLN A 185 -10.91 -6.53 -4.22
N CYS A 1 -1.16 -8.54 -4.76
CA CYS A 1 0.02 -8.58 -3.86
C CYS A 1 1.13 -7.67 -4.41
N PHE A 2 2.01 -7.20 -3.53
CA PHE A 2 3.05 -6.26 -3.90
C PHE A 2 4.42 -6.91 -3.80
N PRO A 3 5.42 -6.42 -4.56
CA PRO A 3 6.79 -6.97 -4.55
C PRO A 3 7.47 -6.85 -3.19
N GLY A 4 7.16 -5.77 -2.51
CA GLY A 4 7.77 -5.48 -1.26
C GLY A 4 8.26 -4.07 -1.26
N ASP A 5 8.81 -3.64 -2.42
CA ASP A 5 9.28 -2.25 -2.61
C ASP A 5 8.14 -1.25 -2.52
N THR A 6 6.95 -1.78 -2.47
CA THR A 6 5.77 -1.00 -2.30
C THR A 6 5.76 -0.42 -0.89
N ARG A 7 5.57 0.87 -0.78
CA ARG A 7 5.52 1.52 0.49
C ARG A 7 4.14 1.40 1.06
N ILE A 8 4.03 1.14 2.32
CA ILE A 8 2.76 1.05 2.98
C ILE A 8 2.70 2.02 4.14
N LEU A 9 1.64 2.78 4.22
CA LEU A 9 1.49 3.70 5.28
C LEU A 9 0.77 3.04 6.45
N VAL A 10 1.41 3.08 7.59
CA VAL A 10 0.88 2.50 8.81
C VAL A 10 1.03 3.47 9.95
N GLN A 11 0.68 3.02 11.13
CA GLN A 11 0.84 3.83 12.31
C GLN A 11 1.46 3.01 13.41
N ILE A 12 2.55 3.47 13.91
CA ILE A 12 3.25 2.78 14.91
C ILE A 12 3.41 3.65 16.10
N ASP A 13 2.94 3.14 17.19
CA ASP A 13 2.97 3.84 18.47
C ASP A 13 2.29 5.18 18.35
N GLY A 14 1.25 5.20 17.55
CA GLY A 14 0.53 6.42 17.27
C GLY A 14 1.27 7.36 16.37
N VAL A 15 2.23 6.83 15.64
CA VAL A 15 3.00 7.62 14.72
C VAL A 15 2.97 6.98 13.36
N PRO A 16 2.38 7.67 12.41
CA PRO A 16 2.29 7.20 11.05
C PRO A 16 3.66 7.08 10.44
N GLN A 17 3.96 5.90 9.96
CA GLN A 17 5.23 5.63 9.35
C GLN A 17 5.01 5.04 8.02
N LYS A 18 5.75 5.49 7.05
CA LYS A 18 5.62 5.01 5.72
C LYS A 18 6.80 4.17 5.37
N ILE A 19 6.61 2.91 5.41
CA ILE A 19 7.66 2.00 5.11
C ILE A 19 7.24 1.08 4.02
N THR A 20 8.01 0.08 3.72
CA THR A 20 7.64 -0.81 2.66
C THR A 20 6.93 -2.00 3.21
N LEU A 21 6.36 -2.77 2.33
CA LEU A 21 5.67 -3.95 2.71
C LEU A 21 6.63 -4.98 3.25
N ARG A 22 7.88 -4.88 2.86
CA ARG A 22 8.87 -5.80 3.31
C ARG A 22 9.42 -5.33 4.64
N GLU A 23 9.31 -4.02 4.86
CA GLU A 23 9.78 -3.38 6.06
C GLU A 23 8.74 -3.45 7.15
N LEU A 24 7.48 -3.23 6.79
CA LEU A 24 6.38 -3.25 7.75
C LEU A 24 6.34 -4.58 8.44
N TYR A 25 6.51 -5.58 7.64
CA TYR A 25 6.49 -6.95 8.05
C TYR A 25 7.43 -7.24 9.18
N GLU A 26 8.48 -6.52 9.23
CA GLU A 26 9.52 -6.72 10.20
C GLU A 26 9.13 -6.24 11.58
N LEU A 27 8.07 -5.43 11.64
CA LEU A 27 7.57 -4.92 12.89
C LEU A 27 6.71 -5.97 13.57
N PHE A 28 6.70 -7.15 12.97
CA PHE A 28 5.92 -8.24 13.43
C PHE A 28 6.81 -9.39 13.81
N GLU A 29 6.24 -10.32 14.51
CA GLU A 29 6.91 -11.54 14.89
C GLU A 29 5.91 -12.69 14.86
N ASP A 30 6.34 -13.86 15.31
CA ASP A 30 5.49 -15.07 15.34
C ASP A 30 5.12 -15.47 13.92
N GLU A 31 5.98 -16.26 13.31
CA GLU A 31 5.81 -16.69 11.95
C GLU A 31 5.35 -18.12 11.87
N ARG A 32 4.24 -18.29 11.24
CA ARG A 32 3.64 -19.56 11.02
C ARG A 32 3.70 -19.91 9.54
N TYR A 33 3.76 -21.18 9.27
CA TYR A 33 3.81 -21.67 7.89
C TYR A 33 2.49 -22.30 7.57
N GLU A 34 1.96 -21.94 6.45
CA GLU A 34 0.66 -22.43 6.05
C GLU A 34 0.41 -22.15 4.60
N ASN A 35 -0.21 -23.10 3.92
CA ASN A 35 -0.57 -22.93 2.51
C ASN A 35 0.63 -22.70 1.66
N MET A 36 1.78 -23.12 2.18
CA MET A 36 3.05 -23.00 1.47
C MET A 36 3.53 -21.56 1.44
N VAL A 37 2.97 -20.77 2.35
CA VAL A 37 3.35 -19.39 2.50
C VAL A 37 3.62 -19.13 3.97
N TYR A 38 3.97 -17.92 4.31
CA TYR A 38 4.29 -17.58 5.68
C TYR A 38 3.33 -16.58 6.21
N VAL A 39 3.04 -16.71 7.46
CA VAL A 39 2.13 -15.85 8.11
C VAL A 39 2.78 -15.35 9.39
N ARG A 40 2.87 -14.07 9.53
CA ARG A 40 3.45 -13.51 10.73
C ARG A 40 2.40 -12.72 11.44
N LYS A 41 2.20 -13.01 12.69
CA LYS A 41 1.13 -12.37 13.42
C LYS A 41 1.59 -11.93 14.77
N LYS A 42 1.04 -10.80 15.19
CA LYS A 42 1.36 -10.16 16.47
C LYS A 42 2.56 -9.24 16.31
N PRO A 43 2.32 -7.94 16.36
CA PRO A 43 3.38 -6.96 16.24
C PRO A 43 4.17 -6.83 17.54
N LYS A 44 5.42 -6.46 17.42
CA LYS A 44 6.30 -6.34 18.57
C LYS A 44 6.12 -5.01 19.27
N ARG A 45 5.34 -4.16 18.65
CA ARG A 45 5.08 -2.85 19.14
C ARG A 45 3.67 -2.53 18.79
N GLU A 46 3.31 -1.29 18.88
CA GLU A 46 2.01 -0.90 18.47
C GLU A 46 2.02 -0.62 16.99
N ILE A 47 1.52 -1.55 16.22
CA ILE A 47 1.48 -1.43 14.82
C ILE A 47 0.04 -1.38 14.38
N LYS A 48 -0.33 -0.29 13.81
CA LYS A 48 -1.64 -0.17 13.21
C LYS A 48 -1.49 0.04 11.74
N VAL A 49 -2.57 -0.06 11.04
CA VAL A 49 -2.53 0.10 9.60
C VAL A 49 -3.52 1.16 9.14
N TYR A 50 -3.04 2.10 8.36
CA TYR A 50 -3.89 3.15 7.83
C TYR A 50 -4.59 2.70 6.57
N SER A 51 -5.88 2.94 6.51
CA SER A 51 -6.66 2.62 5.34
C SER A 51 -7.65 3.74 5.07
N ILE A 52 -8.40 3.62 4.00
CA ILE A 52 -9.38 4.63 3.66
C ILE A 52 -10.77 4.05 3.70
N ASP A 53 -11.68 4.85 4.16
CA ASP A 53 -13.06 4.49 4.26
C ASP A 53 -13.69 4.67 2.90
N LEU A 54 -14.14 3.57 2.34
CA LEU A 54 -14.61 3.54 0.98
C LEU A 54 -15.94 4.20 0.80
N GLU A 55 -16.57 4.45 1.90
CA GLU A 55 -17.90 5.00 1.86
C GLU A 55 -17.89 6.49 2.03
N THR A 56 -16.88 6.98 2.68
CA THR A 56 -16.81 8.39 2.93
C THR A 56 -15.55 9.01 2.34
N GLY A 57 -14.54 8.19 2.18
CA GLY A 57 -13.30 8.63 1.59
C GLY A 57 -12.32 9.15 2.62
N LYS A 58 -12.65 8.95 3.88
CA LYS A 58 -11.84 9.39 4.99
C LYS A 58 -10.72 8.42 5.28
N VAL A 59 -9.69 8.89 5.96
CA VAL A 59 -8.60 8.08 6.33
C VAL A 59 -8.83 7.49 7.72
N VAL A 60 -8.97 6.20 7.75
CA VAL A 60 -9.22 5.49 8.96
C VAL A 60 -8.02 4.62 9.36
N LEU A 61 -7.95 4.24 10.62
CA LEU A 61 -6.91 3.41 11.10
C LEU A 61 -7.51 2.14 11.66
N THR A 62 -6.85 1.05 11.46
CA THR A 62 -7.35 -0.23 11.89
C THR A 62 -6.18 -1.13 12.33
N ASP A 63 -6.52 -2.26 12.90
CA ASP A 63 -5.53 -3.22 13.36
C ASP A 63 -5.22 -4.23 12.29
N ILE A 64 -4.10 -4.87 12.45
CA ILE A 64 -3.62 -5.83 11.50
C ILE A 64 -4.04 -7.24 11.90
N GLU A 65 -4.37 -8.05 10.91
CA GLU A 65 -4.71 -9.42 11.16
C GLU A 65 -3.47 -10.24 11.22
N ASP A 66 -2.60 -10.01 10.25
CA ASP A 66 -1.33 -10.68 10.17
C ASP A 66 -0.53 -10.23 8.98
N VAL A 67 0.51 -10.96 8.69
CA VAL A 67 1.44 -10.60 7.64
C VAL A 67 1.40 -11.60 6.47
N ILE A 68 1.24 -11.08 5.26
CA ILE A 68 1.12 -11.91 4.04
C ILE A 68 2.47 -12.14 3.36
N LYS A 69 3.05 -13.30 3.54
CA LYS A 69 4.31 -13.61 2.87
C LYS A 69 4.16 -14.83 1.98
N ALA A 70 4.19 -14.63 0.69
CA ALA A 70 4.04 -15.69 -0.27
C ALA A 70 5.10 -15.60 -1.33
N PRO A 71 5.63 -16.74 -1.76
CA PRO A 71 6.67 -16.82 -2.81
C PRO A 71 6.30 -16.02 -4.07
N ALA A 72 7.28 -15.34 -4.65
CA ALA A 72 7.07 -14.56 -5.86
C ALA A 72 6.92 -15.49 -7.06
N THR A 73 5.68 -15.82 -7.39
CA THR A 73 5.38 -16.72 -8.48
C THR A 73 5.23 -15.98 -9.81
N ASP A 74 4.14 -15.23 -9.95
CA ASP A 74 3.84 -14.51 -11.18
C ASP A 74 4.61 -13.19 -11.25
N HIS A 75 4.32 -12.42 -12.29
CA HIS A 75 4.96 -11.13 -12.49
C HIS A 75 4.01 -10.05 -12.06
N LEU A 76 4.49 -8.84 -12.03
CA LEU A 76 3.70 -7.73 -11.53
C LEU A 76 3.59 -6.60 -12.55
N ILE A 77 2.43 -6.00 -12.59
CA ILE A 77 2.20 -4.82 -13.39
C ILE A 77 2.58 -3.61 -12.58
N ARG A 78 3.12 -2.61 -13.23
CA ARG A 78 3.52 -1.42 -12.57
C ARG A 78 2.76 -0.25 -13.13
N PHE A 79 2.34 0.59 -12.26
CA PHE A 79 1.56 1.76 -12.61
C PHE A 79 2.33 3.00 -12.28
N GLU A 80 2.50 3.87 -13.24
CA GLU A 80 3.19 5.10 -12.99
C GLU A 80 2.24 6.23 -13.05
N LEU A 81 2.19 6.99 -12.03
CA LEU A 81 1.32 8.09 -11.95
C LEU A 81 2.00 9.34 -12.49
N GLU A 82 1.19 10.32 -12.88
CA GLU A 82 1.68 11.60 -13.41
C GLU A 82 2.55 12.34 -12.38
N ASP A 83 2.42 11.94 -11.14
CA ASP A 83 3.15 12.54 -10.04
C ASP A 83 4.46 11.79 -9.83
N GLY A 84 4.54 10.64 -10.47
CA GLY A 84 5.70 9.81 -10.36
C GLY A 84 5.56 8.74 -9.31
N ARG A 85 4.33 8.49 -8.91
CA ARG A 85 4.06 7.46 -7.96
C ARG A 85 3.91 6.18 -8.71
N SER A 86 4.47 5.13 -8.23
CA SER A 86 4.28 3.87 -8.90
C SER A 86 4.09 2.73 -7.93
N PHE A 87 3.14 1.89 -8.25
CA PHE A 87 2.83 0.75 -7.43
C PHE A 87 2.71 -0.49 -8.30
N GLU A 88 3.03 -1.63 -7.72
CA GLU A 88 3.02 -2.88 -8.44
C GLU A 88 2.20 -3.92 -7.74
N THR A 89 1.62 -4.78 -8.52
CA THR A 89 0.77 -5.85 -8.01
C THR A 89 0.89 -7.11 -8.87
N THR A 90 0.49 -8.26 -8.31
CA THR A 90 0.61 -9.57 -8.98
C THR A 90 -0.35 -9.72 -10.15
N VAL A 91 -0.90 -8.60 -10.58
CA VAL A 91 -1.80 -8.50 -11.72
C VAL A 91 -3.19 -9.08 -11.43
N ASP A 92 -3.25 -10.14 -10.64
CA ASP A 92 -4.52 -10.75 -10.28
C ASP A 92 -5.14 -10.03 -9.09
N HIS A 93 -4.39 -9.09 -8.54
CA HIS A 93 -4.86 -8.32 -7.38
C HIS A 93 -5.72 -7.14 -7.83
N PRO A 94 -6.94 -7.02 -7.28
CA PRO A 94 -7.86 -5.92 -7.59
C PRO A 94 -7.34 -4.55 -7.11
N VAL A 95 -7.25 -3.64 -8.05
CA VAL A 95 -6.82 -2.28 -7.82
C VAL A 95 -8.05 -1.39 -7.69
N LEU A 96 -7.98 -0.36 -6.88
CA LEU A 96 -9.11 0.51 -6.66
C LEU A 96 -8.99 1.79 -7.45
N VAL A 97 -9.79 1.89 -8.49
CA VAL A 97 -9.78 3.07 -9.33
C VAL A 97 -11.05 3.86 -9.24
N TYR A 98 -10.91 5.14 -9.38
CA TYR A 98 -12.02 6.05 -9.32
C TYR A 98 -12.38 6.54 -10.72
N GLU A 99 -13.31 5.84 -11.34
CA GLU A 99 -13.81 6.20 -12.65
C GLU A 99 -15.30 6.03 -12.65
N ASN A 100 -15.97 6.69 -13.56
CA ASN A 100 -17.43 6.59 -13.65
C ASN A 100 -18.06 7.15 -12.38
N GLY A 101 -17.29 7.98 -11.69
CA GLY A 101 -17.74 8.55 -10.46
C GLY A 101 -17.93 7.54 -9.36
N ARG A 102 -17.37 6.34 -9.52
CA ARG A 102 -17.50 5.36 -8.53
C ARG A 102 -16.18 4.69 -8.31
N PHE A 103 -16.14 3.87 -7.32
CA PHE A 103 -14.96 3.12 -7.03
C PHE A 103 -15.12 1.73 -7.56
N ILE A 104 -14.24 1.37 -8.44
CA ILE A 104 -14.30 0.06 -9.04
C ILE A 104 -13.01 -0.69 -8.81
N GLU A 105 -13.13 -2.00 -8.70
CA GLU A 105 -11.99 -2.85 -8.47
C GLU A 105 -11.61 -3.58 -9.73
N LYS A 106 -10.50 -3.22 -10.29
CA LYS A 106 -9.99 -3.86 -11.46
C LYS A 106 -8.67 -4.50 -11.13
N ARG A 107 -8.45 -5.74 -11.55
CA ARG A 107 -7.17 -6.40 -11.30
C ARG A 107 -6.06 -5.60 -11.96
N ALA A 108 -4.80 -5.83 -11.60
CA ALA A 108 -3.74 -5.04 -12.20
C ALA A 108 -3.72 -5.28 -13.70
N PHE A 109 -3.90 -6.54 -14.09
CA PHE A 109 -3.96 -6.93 -15.48
C PHE A 109 -5.29 -6.49 -16.12
N GLU A 110 -6.15 -5.91 -15.30
CA GLU A 110 -7.46 -5.47 -15.73
C GLU A 110 -7.51 -3.94 -15.76
N VAL A 111 -6.55 -3.33 -15.12
CA VAL A 111 -6.42 -1.90 -15.07
C VAL A 111 -5.70 -1.48 -16.34
N LYS A 112 -6.00 -0.31 -16.81
CA LYS A 112 -5.43 0.15 -18.06
C LYS A 112 -4.75 1.48 -17.88
N GLU A 113 -3.96 1.86 -18.84
CA GLU A 113 -3.23 3.08 -18.77
C GLU A 113 -4.19 4.25 -18.76
N GLY A 114 -3.88 5.24 -17.97
CA GLY A 114 -4.77 6.37 -17.83
C GLY A 114 -5.80 6.15 -16.73
N ASP A 115 -5.68 5.04 -16.03
CA ASP A 115 -6.58 4.72 -14.94
C ASP A 115 -6.19 5.53 -13.71
N LYS A 116 -7.02 5.55 -12.70
CA LYS A 116 -6.72 6.33 -11.50
C LYS A 116 -6.68 5.46 -10.29
N VAL A 117 -6.20 6.03 -9.23
CA VAL A 117 -6.27 5.41 -7.93
C VAL A 117 -6.67 6.45 -6.93
N LEU A 118 -7.19 6.00 -5.81
CA LEU A 118 -7.56 6.91 -4.78
C LEU A 118 -6.39 7.10 -3.86
N VAL A 119 -6.11 8.31 -3.53
CA VAL A 119 -5.13 8.56 -2.54
C VAL A 119 -5.81 8.90 -1.26
N SER A 120 -5.12 8.71 -0.17
CA SER A 120 -5.69 9.01 1.13
C SER A 120 -5.81 10.51 1.35
N GLU A 121 -5.55 11.25 0.29
CA GLU A 121 -5.62 12.72 0.27
C GLU A 121 -4.59 13.40 1.17
N LEU A 122 -4.19 12.74 2.22
CA LEU A 122 -3.35 13.39 3.19
C LEU A 122 -2.10 12.62 3.48
N GLU A 123 -0.97 13.31 3.36
CA GLU A 123 0.30 12.75 3.69
C GLU A 123 0.66 13.11 5.12
N LEU A 124 0.77 12.09 5.97
CA LEU A 124 1.16 12.25 7.37
C LEU A 124 2.47 12.97 7.51
N VAL A 125 3.25 12.78 6.53
CA VAL A 125 4.51 13.46 6.32
C VAL A 125 4.41 14.94 6.72
N GLU A 126 5.50 15.51 7.20
CA GLU A 126 5.47 16.86 7.69
C GLU A 126 6.35 17.77 6.83
N GLN A 127 5.81 18.95 6.50
CA GLN A 127 6.51 19.93 5.67
C GLN A 127 7.87 20.29 6.26
N SER A 128 7.85 20.86 7.46
CA SER A 128 9.09 21.24 8.13
C SER A 128 9.53 20.13 9.07
N SER A 129 9.82 18.97 8.48
CA SER A 129 10.26 17.83 9.24
C SER A 129 11.77 17.87 9.50
N SER A 130 12.12 18.23 10.71
CA SER A 130 13.52 18.29 11.09
C SER A 130 13.93 16.98 11.75
N SER A 131 15.23 16.67 11.65
CA SER A 131 15.79 15.46 12.22
C SER A 131 15.17 14.21 11.57
N GLN A 132 15.72 13.83 10.43
CA GLN A 132 15.23 12.69 9.70
C GLN A 132 15.46 11.39 10.46
N ASP A 133 14.42 10.62 10.59
CA ASP A 133 14.47 9.36 11.31
C ASP A 133 13.50 8.37 10.65
N ASN A 134 13.04 7.40 11.41
CA ASN A 134 12.14 6.37 10.90
C ASN A 134 10.75 6.94 10.50
N PRO A 135 10.08 7.73 11.37
CA PRO A 135 8.74 8.23 11.12
C PRO A 135 8.69 9.47 10.24
N LYS A 136 9.83 10.07 10.03
CA LYS A 136 9.93 11.28 9.22
C LYS A 136 11.23 11.26 8.48
N ASN A 137 11.17 10.99 7.22
CA ASN A 137 12.37 10.94 6.42
C ASN A 137 12.22 11.83 5.19
N GLU A 138 11.09 11.73 4.53
CA GLU A 138 10.81 12.53 3.36
C GLU A 138 10.38 13.94 3.77
N ASN A 139 11.05 14.95 3.25
CA ASN A 139 10.68 16.33 3.52
C ASN A 139 9.55 16.76 2.59
N LEU A 140 8.99 17.95 2.83
CA LEU A 140 7.89 18.50 2.03
C LEU A 140 6.61 17.70 2.25
N GLY A 141 6.53 16.56 1.58
CA GLY A 141 5.38 15.69 1.68
C GLY A 141 4.08 16.40 1.40
N SER A 142 3.97 17.02 0.24
CA SER A 142 2.77 17.72 -0.14
C SER A 142 1.60 16.75 -0.29
N PRO A 143 0.55 16.91 0.53
CA PRO A 143 -0.65 16.05 0.50
C PRO A 143 -1.32 16.01 -0.85
N GLU A 144 -1.74 17.18 -1.30
CA GLU A 144 -2.45 17.34 -2.57
C GLU A 144 -3.76 16.56 -2.54
N HIS A 145 -4.75 17.14 -1.91
CA HIS A 145 -6.02 16.48 -1.74
C HIS A 145 -7.07 17.04 -2.68
N ASP A 146 -8.26 16.41 -2.68
CA ASP A 146 -9.37 16.78 -3.58
C ASP A 146 -9.01 16.48 -5.02
N GLN A 147 -8.11 15.56 -5.17
CA GLN A 147 -7.62 15.21 -6.47
C GLN A 147 -7.04 13.83 -6.49
N LEU A 148 -7.35 13.09 -7.53
CA LEU A 148 -6.83 11.77 -7.71
C LEU A 148 -5.89 11.76 -8.86
N LEU A 149 -5.07 10.76 -8.88
CA LEU A 149 -4.01 10.69 -9.84
C LEU A 149 -4.21 9.57 -10.87
N GLU A 150 -3.97 9.92 -12.13
CA GLU A 150 -4.00 8.99 -13.25
C GLU A 150 -2.67 8.34 -13.51
N ILE A 151 -2.76 7.14 -13.95
CA ILE A 151 -1.67 6.35 -14.33
C ILE A 151 -1.18 6.74 -15.71
N LYS A 152 -0.04 7.32 -15.72
CA LYS A 152 0.64 7.69 -16.90
C LYS A 152 1.00 6.48 -17.71
N ASN A 153 1.55 5.49 -17.02
CA ASN A 153 2.08 4.34 -17.71
C ASN A 153 2.03 3.08 -16.92
N ILE A 154 1.60 2.05 -17.60
CA ILE A 154 1.54 0.73 -17.05
C ILE A 154 2.44 -0.21 -17.83
N LYS A 155 3.25 -0.96 -17.12
CA LYS A 155 4.13 -1.91 -17.72
C LYS A 155 4.08 -3.22 -16.96
N TYR A 156 4.55 -4.24 -17.59
CA TYR A 156 4.68 -5.52 -16.99
C TYR A 156 6.10 -5.73 -16.58
N VAL A 157 6.28 -5.94 -15.33
CA VAL A 157 7.58 -6.11 -14.77
C VAL A 157 7.60 -7.34 -13.86
N ARG A 158 8.74 -7.70 -13.37
CA ARG A 158 8.82 -8.88 -12.53
C ARG A 158 8.95 -8.52 -11.08
N ALA A 159 8.70 -9.49 -10.25
CA ALA A 159 8.82 -9.34 -8.81
C ALA A 159 10.29 -9.18 -8.41
N ASN A 160 10.56 -8.12 -7.68
CA ASN A 160 11.92 -7.81 -7.22
C ASN A 160 12.38 -8.80 -6.14
N ASP A 161 11.49 -9.14 -5.23
CA ASP A 161 11.82 -10.02 -4.13
C ASP A 161 11.44 -11.45 -4.49
N ASP A 162 11.75 -12.38 -3.62
CA ASP A 162 11.41 -13.78 -3.86
C ASP A 162 10.11 -14.12 -3.18
N PHE A 163 9.57 -13.15 -2.49
CA PHE A 163 8.28 -13.24 -1.88
C PHE A 163 7.53 -11.95 -2.13
N VAL A 164 6.24 -12.02 -2.10
CA VAL A 164 5.39 -10.86 -2.29
C VAL A 164 4.56 -10.63 -1.05
N PHE A 165 4.21 -9.38 -0.81
CA PHE A 165 3.58 -9.00 0.45
C PHE A 165 2.39 -8.09 0.21
N SER A 166 1.51 -7.92 1.24
CA SER A 166 0.35 -7.03 1.10
C SER A 166 -0.15 -6.59 2.46
N LEU A 167 0.24 -7.33 3.49
CA LEU A 167 -0.17 -7.08 4.87
C LEU A 167 -1.68 -7.16 5.02
N ASN A 168 -2.13 -8.22 5.63
CA ASN A 168 -3.55 -8.41 5.83
C ASN A 168 -4.03 -7.83 7.14
N ALA A 169 -5.01 -6.98 7.03
CA ALA A 169 -5.59 -6.34 8.16
C ALA A 169 -7.10 -6.25 7.96
N LYS A 170 -7.64 -5.07 8.16
CA LYS A 170 -9.07 -4.83 7.99
C LYS A 170 -9.50 -5.11 6.55
N LYS A 171 -10.55 -5.93 6.41
CA LYS A 171 -11.13 -6.35 5.10
C LYS A 171 -10.14 -7.15 4.21
N TYR A 172 -8.85 -7.16 4.59
CA TYR A 172 -7.78 -7.83 3.83
C TYR A 172 -7.51 -7.12 2.50
N HIS A 173 -6.24 -6.90 2.19
CA HIS A 173 -5.81 -6.25 0.94
C HIS A 173 -6.23 -4.77 0.83
N ASN A 174 -6.98 -4.30 1.81
CA ASN A 174 -7.40 -2.91 1.84
C ASN A 174 -6.36 -2.10 2.60
N VAL A 175 -5.49 -1.41 1.87
CA VAL A 175 -4.41 -0.69 2.51
C VAL A 175 -3.95 0.50 1.68
N ILE A 176 -3.19 1.36 2.34
CA ILE A 176 -2.65 2.54 1.73
C ILE A 176 -1.16 2.36 1.47
N ILE A 177 -0.79 2.41 0.21
CA ILE A 177 0.57 2.17 -0.19
C ILE A 177 1.14 3.34 -0.95
N ASN A 178 2.42 3.26 -1.21
CA ASN A 178 3.17 4.28 -1.93
C ASN A 178 2.88 5.64 -1.32
N GLU A 179 2.58 6.61 -2.16
CA GLU A 179 2.20 7.90 -1.68
C GLU A 179 0.70 7.97 -1.50
N ASN A 180 0.25 7.04 -0.66
CA ASN A 180 -1.12 6.91 -0.23
C ASN A 180 -2.05 6.47 -1.33
N ILE A 181 -1.65 5.44 -2.03
CA ILE A 181 -2.43 4.86 -3.08
C ILE A 181 -3.31 3.78 -2.50
N VAL A 182 -4.58 4.02 -2.56
CA VAL A 182 -5.57 3.12 -2.03
C VAL A 182 -5.96 2.08 -3.06
N THR A 183 -5.87 0.84 -2.66
CA THR A 183 -6.26 -0.25 -3.50
C THR A 183 -7.27 -1.16 -2.76
N HIS A 184 -8.17 -1.81 -3.54
CA HIS A 184 -9.25 -2.65 -3.00
C HIS A 184 -10.23 -1.88 -2.10
N GLN A 185 -11.51 -2.19 -2.23
CA GLN A 185 -12.54 -1.56 -1.41
C GLN A 185 -12.27 -1.81 0.08
N CYS A 1 -1.05 -8.47 -4.99
CA CYS A 1 -0.03 -8.22 -3.93
C CYS A 1 1.18 -7.50 -4.51
N PHE A 2 1.78 -6.68 -3.70
CA PHE A 2 2.91 -5.87 -4.10
C PHE A 2 4.19 -6.68 -3.92
N PRO A 3 5.29 -6.29 -4.58
CA PRO A 3 6.58 -6.96 -4.43
C PRO A 3 7.03 -6.89 -2.98
N GLY A 4 7.51 -5.74 -2.61
CA GLY A 4 7.91 -5.46 -1.28
C GLY A 4 8.42 -4.07 -1.20
N ASP A 5 8.97 -3.59 -2.33
CA ASP A 5 9.49 -2.20 -2.46
C ASP A 5 8.36 -1.19 -2.40
N THR A 6 7.16 -1.68 -2.40
CA THR A 6 6.01 -0.85 -2.29
C THR A 6 5.97 -0.23 -0.92
N ARG A 7 5.80 1.07 -0.86
CA ARG A 7 5.76 1.76 0.39
C ARG A 7 4.36 1.69 0.96
N ILE A 8 4.24 1.38 2.20
CA ILE A 8 2.96 1.28 2.87
C ILE A 8 2.91 2.25 4.04
N LEU A 9 1.85 3.03 4.11
CA LEU A 9 1.70 3.94 5.19
C LEU A 9 1.02 3.24 6.36
N VAL A 10 1.68 3.28 7.48
CA VAL A 10 1.20 2.65 8.70
C VAL A 10 1.37 3.57 9.88
N GLN A 11 0.97 3.10 11.04
CA GLN A 11 1.12 3.85 12.25
C GLN A 11 1.78 3.01 13.29
N ILE A 12 2.87 3.48 13.77
CA ILE A 12 3.59 2.79 14.76
C ILE A 12 3.74 3.64 15.95
N ASP A 13 3.27 3.12 17.04
CA ASP A 13 3.35 3.79 18.34
C ASP A 13 2.72 5.16 18.25
N GLY A 14 1.66 5.22 17.50
CA GLY A 14 0.97 6.46 17.26
C GLY A 14 1.70 7.40 16.33
N VAL A 15 2.66 6.88 15.61
CA VAL A 15 3.44 7.64 14.69
C VAL A 15 3.32 7.04 13.32
N PRO A 16 2.82 7.81 12.39
CA PRO A 16 2.65 7.35 11.05
C PRO A 16 3.98 7.21 10.36
N GLN A 17 4.22 6.07 9.79
CA GLN A 17 5.45 5.82 9.12
C GLN A 17 5.18 5.28 7.77
N LYS A 18 5.97 5.69 6.83
CA LYS A 18 5.83 5.21 5.50
C LYS A 18 7.00 4.33 5.21
N ILE A 19 6.79 3.06 5.28
CA ILE A 19 7.82 2.13 5.02
C ILE A 19 7.42 1.22 3.92
N THR A 20 8.19 0.22 3.64
CA THR A 20 7.84 -0.66 2.58
C THR A 20 7.12 -1.86 3.11
N LEU A 21 6.58 -2.65 2.23
CA LEU A 21 5.89 -3.85 2.60
C LEU A 21 6.86 -4.85 3.16
N ARG A 22 8.09 -4.77 2.75
CA ARG A 22 9.09 -5.69 3.23
C ARG A 22 9.64 -5.19 4.55
N GLU A 23 9.49 -3.88 4.76
CA GLU A 23 9.94 -3.24 5.96
C GLU A 23 8.90 -3.34 7.05
N LEU A 24 7.63 -3.12 6.66
CA LEU A 24 6.52 -3.18 7.61
C LEU A 24 6.47 -4.52 8.27
N TYR A 25 6.63 -5.50 7.44
CA TYR A 25 6.59 -6.89 7.82
C TYR A 25 7.53 -7.24 8.92
N GLU A 26 8.60 -6.54 8.99
CA GLU A 26 9.65 -6.81 9.93
C GLU A 26 9.32 -6.29 11.32
N LEU A 27 8.28 -5.47 11.41
CA LEU A 27 7.81 -4.96 12.66
C LEU A 27 6.96 -6.02 13.36
N PHE A 28 6.94 -7.21 12.76
CA PHE A 28 6.14 -8.30 13.23
C PHE A 28 7.02 -9.48 13.60
N GLU A 29 6.44 -10.39 14.32
CA GLU A 29 7.08 -11.63 14.71
C GLU A 29 6.10 -12.77 14.55
N ASP A 30 6.49 -13.97 15.00
CA ASP A 30 5.66 -15.16 14.95
C ASP A 30 5.31 -15.52 13.51
N GLU A 31 6.21 -16.23 12.88
CA GLU A 31 6.04 -16.64 11.51
C GLU A 31 5.56 -18.07 11.45
N ARG A 32 4.45 -18.22 10.82
CA ARG A 32 3.83 -19.46 10.64
C ARG A 32 3.82 -19.86 9.17
N TYR A 33 3.85 -21.13 8.92
CA TYR A 33 3.83 -21.66 7.59
C TYR A 33 2.49 -22.26 7.30
N GLU A 34 1.92 -21.88 6.20
CA GLU A 34 0.59 -22.34 5.84
C GLU A 34 0.29 -22.01 4.39
N ASN A 35 -0.40 -22.92 3.72
CA ASN A 35 -0.80 -22.74 2.31
C ASN A 35 0.39 -22.51 1.43
N MET A 36 1.53 -22.98 1.89
CA MET A 36 2.79 -22.89 1.16
C MET A 36 3.29 -21.46 1.13
N VAL A 37 2.79 -20.66 2.05
CA VAL A 37 3.22 -19.29 2.19
C VAL A 37 3.56 -19.06 3.66
N TYR A 38 3.97 -17.89 4.00
CA TYR A 38 4.34 -17.59 5.35
C TYR A 38 3.46 -16.53 5.90
N VAL A 39 3.14 -16.67 7.14
CA VAL A 39 2.27 -15.77 7.79
C VAL A 39 2.92 -15.31 9.06
N ARG A 40 3.06 -14.03 9.22
CA ARG A 40 3.66 -13.48 10.40
C ARG A 40 2.62 -12.69 11.13
N LYS A 41 2.42 -12.98 12.38
CA LYS A 41 1.35 -12.32 13.10
C LYS A 41 1.81 -11.85 14.44
N LYS A 42 1.23 -10.75 14.84
CA LYS A 42 1.53 -10.05 16.09
C LYS A 42 2.73 -9.16 15.93
N PRO A 43 2.52 -7.86 16.00
CA PRO A 43 3.58 -6.92 15.93
C PRO A 43 4.31 -6.81 17.24
N LYS A 44 5.57 -6.45 17.16
CA LYS A 44 6.42 -6.35 18.33
C LYS A 44 6.20 -5.03 19.04
N ARG A 45 5.39 -4.19 18.43
CA ARG A 45 5.13 -2.87 18.92
C ARG A 45 3.72 -2.55 18.55
N GLU A 46 3.38 -1.31 18.65
CA GLU A 46 2.09 -0.87 18.22
C GLU A 46 2.14 -0.56 16.75
N ILE A 47 1.67 -1.48 15.95
CA ILE A 47 1.65 -1.33 14.56
C ILE A 47 0.24 -1.30 14.10
N LYS A 48 -0.14 -0.21 13.53
CA LYS A 48 -1.44 -0.10 12.94
C LYS A 48 -1.30 0.22 11.48
N VAL A 49 -2.37 0.09 10.76
CA VAL A 49 -2.32 0.26 9.32
C VAL A 49 -3.25 1.39 8.84
N TYR A 50 -2.69 2.32 8.08
CA TYR A 50 -3.46 3.43 7.53
C TYR A 50 -4.21 3.00 6.29
N SER A 51 -5.50 3.17 6.30
CA SER A 51 -6.33 2.79 5.19
C SER A 51 -7.31 3.90 4.86
N ILE A 52 -8.08 3.70 3.82
CA ILE A 52 -9.06 4.69 3.41
C ILE A 52 -10.43 4.05 3.38
N ASP A 53 -11.39 4.80 3.83
CA ASP A 53 -12.76 4.35 3.86
C ASP A 53 -13.32 4.46 2.47
N LEU A 54 -13.74 3.35 1.93
CA LEU A 54 -14.14 3.26 0.54
C LEU A 54 -15.46 3.94 0.30
N GLU A 55 -16.15 4.24 1.36
CA GLU A 55 -17.47 4.81 1.25
C GLU A 55 -17.44 6.29 1.44
N THR A 56 -16.49 6.75 2.20
CA THR A 56 -16.45 8.13 2.53
C THR A 56 -15.19 8.79 1.99
N GLY A 57 -14.16 8.00 1.82
CA GLY A 57 -12.92 8.49 1.29
C GLY A 57 -12.01 9.05 2.36
N LYS A 58 -12.36 8.79 3.61
CA LYS A 58 -11.60 9.28 4.74
C LYS A 58 -10.44 8.38 5.11
N VAL A 59 -9.47 8.96 5.79
CA VAL A 59 -8.32 8.24 6.24
C VAL A 59 -8.62 7.61 7.57
N VAL A 60 -8.73 6.32 7.57
CA VAL A 60 -8.98 5.59 8.78
C VAL A 60 -7.77 4.72 9.14
N LEU A 61 -7.67 4.34 10.41
CA LEU A 61 -6.62 3.51 10.87
C LEU A 61 -7.20 2.28 11.50
N THR A 62 -6.64 1.14 11.18
CA THR A 62 -7.13 -0.10 11.71
C THR A 62 -5.96 -1.00 12.12
N ASP A 63 -6.30 -2.10 12.74
CA ASP A 63 -5.31 -3.06 13.22
C ASP A 63 -5.02 -4.08 12.16
N ILE A 64 -3.90 -4.73 12.32
CA ILE A 64 -3.44 -5.71 11.38
C ILE A 64 -3.83 -7.11 11.85
N GLU A 65 -4.15 -7.97 10.90
CA GLU A 65 -4.50 -9.34 11.18
C GLU A 65 -3.27 -10.19 11.15
N ASP A 66 -2.43 -9.91 10.16
CA ASP A 66 -1.22 -10.69 9.94
C ASP A 66 -0.43 -10.17 8.76
N VAL A 67 0.67 -10.81 8.53
CA VAL A 67 1.60 -10.44 7.51
C VAL A 67 1.59 -11.48 6.38
N ILE A 68 1.45 -10.99 5.16
CA ILE A 68 1.32 -11.84 3.99
C ILE A 68 2.62 -12.06 3.26
N LYS A 69 3.23 -13.20 3.44
CA LYS A 69 4.45 -13.52 2.72
C LYS A 69 4.19 -14.73 1.84
N ALA A 70 4.12 -14.50 0.54
CA ALA A 70 3.82 -15.56 -0.39
C ALA A 70 4.82 -15.60 -1.52
N PRO A 71 5.26 -16.81 -1.90
CA PRO A 71 6.20 -17.01 -3.00
C PRO A 71 5.81 -16.25 -4.27
N ALA A 72 6.73 -15.44 -4.74
CA ALA A 72 6.54 -14.68 -5.96
C ALA A 72 6.84 -15.54 -7.17
N THR A 73 5.88 -16.36 -7.54
CA THR A 73 6.01 -17.24 -8.68
C THR A 73 5.58 -16.51 -9.96
N ASP A 74 4.75 -15.52 -9.79
CA ASP A 74 4.27 -14.72 -10.90
C ASP A 74 4.98 -13.40 -10.97
N HIS A 75 4.62 -12.60 -11.95
CA HIS A 75 5.20 -11.30 -12.14
C HIS A 75 4.18 -10.24 -11.83
N LEU A 76 4.61 -9.02 -11.81
CA LEU A 76 3.75 -7.94 -11.39
C LEU A 76 3.65 -6.86 -12.45
N ILE A 77 2.50 -6.27 -12.51
CA ILE A 77 2.27 -5.13 -13.35
C ILE A 77 2.63 -3.88 -12.57
N ARG A 78 3.20 -2.91 -13.23
CA ARG A 78 3.59 -1.72 -12.60
C ARG A 78 2.89 -0.56 -13.24
N PHE A 79 2.47 0.32 -12.42
CA PHE A 79 1.72 1.47 -12.85
C PHE A 79 2.49 2.73 -12.57
N GLU A 80 2.68 3.55 -13.58
CA GLU A 80 3.37 4.78 -13.38
C GLU A 80 2.42 5.91 -13.48
N LEU A 81 2.37 6.66 -12.46
CA LEU A 81 1.53 7.80 -12.40
C LEU A 81 2.25 9.00 -12.98
N GLU A 82 1.49 9.95 -13.47
CA GLU A 82 2.03 11.19 -14.07
C GLU A 82 2.91 11.96 -13.08
N ASP A 83 2.71 11.69 -11.81
CA ASP A 83 3.44 12.34 -10.74
C ASP A 83 4.73 11.59 -10.50
N GLY A 84 4.81 10.44 -11.11
CA GLY A 84 5.97 9.60 -10.98
C GLY A 84 5.84 8.56 -9.91
N ARG A 85 4.62 8.36 -9.46
CA ARG A 85 4.36 7.35 -8.46
C ARG A 85 4.17 6.04 -9.17
N SER A 86 4.69 5.00 -8.65
CA SER A 86 4.45 3.71 -9.24
C SER A 86 4.21 2.63 -8.20
N PHE A 87 3.33 1.73 -8.52
CA PHE A 87 3.01 0.62 -7.66
C PHE A 87 2.84 -0.66 -8.47
N GLU A 88 3.07 -1.79 -7.81
CA GLU A 88 3.00 -3.09 -8.46
C GLU A 88 2.12 -4.05 -7.73
N THR A 89 1.55 -4.96 -8.48
CA THR A 89 0.69 -6.00 -7.92
C THR A 89 0.80 -7.30 -8.72
N THR A 90 0.38 -8.44 -8.11
CA THR A 90 0.52 -9.77 -8.73
C THR A 90 -0.44 -10.00 -9.89
N VAL A 91 -1.03 -8.92 -10.36
CA VAL A 91 -1.92 -8.88 -11.53
C VAL A 91 -3.26 -9.62 -11.29
N ASP A 92 -3.24 -10.74 -10.59
CA ASP A 92 -4.45 -11.53 -10.32
C ASP A 92 -5.23 -10.93 -9.16
N HIS A 93 -4.76 -9.82 -8.64
CA HIS A 93 -5.42 -9.20 -7.51
C HIS A 93 -5.98 -7.83 -7.90
N PRO A 94 -7.17 -7.46 -7.34
CA PRO A 94 -7.88 -6.22 -7.69
C PRO A 94 -7.21 -4.92 -7.22
N VAL A 95 -7.27 -3.94 -8.11
CA VAL A 95 -6.78 -2.58 -7.88
C VAL A 95 -8.02 -1.67 -7.84
N LEU A 96 -7.97 -0.58 -7.09
CA LEU A 96 -9.14 0.28 -6.96
C LEU A 96 -8.95 1.60 -7.72
N VAL A 97 -9.70 1.77 -8.79
CA VAL A 97 -9.62 2.96 -9.61
C VAL A 97 -10.87 3.82 -9.50
N TYR A 98 -10.67 5.11 -9.65
CA TYR A 98 -11.74 6.06 -9.62
C TYR A 98 -12.10 6.52 -11.04
N GLU A 99 -13.06 5.85 -11.62
CA GLU A 99 -13.54 6.21 -12.93
C GLU A 99 -15.05 6.16 -12.91
N ASN A 100 -15.67 6.92 -13.81
CA ASN A 100 -17.13 6.95 -13.89
C ASN A 100 -17.73 7.48 -12.59
N GLY A 101 -16.92 8.23 -11.87
CA GLY A 101 -17.31 8.78 -10.58
C GLY A 101 -17.53 7.72 -9.54
N ARG A 102 -17.08 6.50 -9.79
CA ARG A 102 -17.23 5.47 -8.86
C ARG A 102 -15.91 4.79 -8.65
N PHE A 103 -15.89 3.94 -7.70
CA PHE A 103 -14.71 3.19 -7.40
C PHE A 103 -14.87 1.80 -7.90
N ILE A 104 -14.00 1.38 -8.77
CA ILE A 104 -14.09 0.04 -9.26
C ILE A 104 -12.82 -0.74 -8.99
N GLU A 105 -13.00 -2.00 -8.69
CA GLU A 105 -11.89 -2.87 -8.40
C GLU A 105 -11.65 -3.84 -9.54
N LYS A 106 -10.54 -3.65 -10.21
CA LYS A 106 -10.14 -4.46 -11.34
C LYS A 106 -8.75 -5.02 -11.08
N ARG A 107 -8.48 -6.23 -11.52
CA ARG A 107 -7.19 -6.85 -11.28
C ARG A 107 -6.11 -6.08 -12.00
N ALA A 108 -4.84 -6.24 -11.61
CA ALA A 108 -3.78 -5.45 -12.23
C ALA A 108 -3.72 -5.72 -13.71
N PHE A 109 -3.87 -7.00 -14.07
CA PHE A 109 -3.88 -7.39 -15.47
C PHE A 109 -5.21 -7.01 -16.14
N GLU A 110 -6.08 -6.36 -15.38
CA GLU A 110 -7.37 -5.91 -15.86
C GLU A 110 -7.42 -4.39 -15.90
N VAL A 111 -6.46 -3.79 -15.24
CA VAL A 111 -6.27 -2.36 -15.22
C VAL A 111 -5.64 -1.95 -16.55
N LYS A 112 -5.92 -0.77 -16.99
CA LYS A 112 -5.41 -0.31 -18.27
C LYS A 112 -4.63 0.97 -18.10
N GLU A 113 -3.89 1.35 -19.12
CA GLU A 113 -3.11 2.56 -19.05
C GLU A 113 -4.03 3.75 -19.10
N GLY A 114 -3.70 4.76 -18.34
CA GLY A 114 -4.57 5.92 -18.23
C GLY A 114 -5.60 5.74 -17.13
N ASP A 115 -5.49 4.64 -16.39
CA ASP A 115 -6.40 4.34 -15.30
C ASP A 115 -6.00 5.17 -14.08
N LYS A 116 -6.83 5.26 -13.09
CA LYS A 116 -6.52 6.07 -11.91
C LYS A 116 -6.49 5.23 -10.67
N VAL A 117 -6.00 5.83 -9.64
CA VAL A 117 -6.08 5.30 -8.33
C VAL A 117 -6.45 6.41 -7.41
N LEU A 118 -6.96 6.09 -6.27
CA LEU A 118 -7.25 7.12 -5.36
C LEU A 118 -6.05 7.33 -4.51
N VAL A 119 -5.58 8.50 -4.52
CA VAL A 119 -4.54 8.86 -3.65
C VAL A 119 -5.10 9.68 -2.56
N SER A 120 -4.81 9.29 -1.35
CA SER A 120 -5.35 9.96 -0.20
C SER A 120 -4.90 11.41 -0.17
N GLU A 121 -3.81 11.65 -0.87
CA GLU A 121 -3.12 12.93 -0.95
C GLU A 121 -2.91 13.62 0.40
N LEU A 122 -3.12 12.88 1.45
CA LEU A 122 -2.95 13.38 2.78
C LEU A 122 -1.79 12.66 3.43
N GLU A 123 -0.85 13.43 3.96
CA GLU A 123 0.36 12.86 4.52
C GLU A 123 0.45 13.09 6.03
N LEU A 124 1.62 12.80 6.56
CA LEU A 124 1.91 12.94 7.98
C LEU A 124 2.94 14.05 8.15
N VAL A 125 3.08 14.85 7.10
CA VAL A 125 4.05 15.94 7.02
C VAL A 125 5.46 15.36 6.80
N GLU A 126 5.73 15.04 5.57
CA GLU A 126 7.01 14.49 5.15
C GLU A 126 7.29 14.89 3.71
N GLN A 127 8.52 14.72 3.26
CA GLN A 127 8.89 15.04 1.89
C GLN A 127 8.63 13.84 0.98
N SER A 128 8.69 14.06 -0.32
CA SER A 128 8.44 13.02 -1.30
C SER A 128 9.50 11.92 -1.26
N SER A 129 10.76 12.33 -1.16
CA SER A 129 11.84 11.38 -1.07
C SER A 129 12.24 11.19 0.38
N SER A 130 12.04 9.99 0.89
CA SER A 130 12.33 9.68 2.27
C SER A 130 12.80 8.24 2.45
N SER A 131 13.51 7.98 3.52
CA SER A 131 13.95 6.65 3.84
C SER A 131 13.15 6.13 5.02
N GLN A 132 13.13 6.90 6.10
CA GLN A 132 12.39 6.57 7.29
C GLN A 132 12.28 7.80 8.19
N ASP A 133 11.22 7.88 8.97
CA ASP A 133 11.04 9.00 9.86
C ASP A 133 10.45 8.50 11.17
N ASN A 134 10.31 9.41 12.12
CA ASN A 134 9.82 9.08 13.46
C ASN A 134 9.77 10.32 14.38
N PRO A 135 10.87 11.13 14.43
CA PRO A 135 10.94 12.36 15.21
C PRO A 135 9.73 13.25 15.02
N LYS A 136 9.45 14.03 16.03
CA LYS A 136 8.29 14.90 16.03
C LYS A 136 8.73 16.34 16.25
N ASN A 137 7.76 17.24 16.26
CA ASN A 137 7.99 18.66 16.51
C ASN A 137 8.77 19.32 15.37
N GLU A 138 8.06 19.87 14.41
CA GLU A 138 8.67 20.55 13.30
C GLU A 138 7.91 21.86 13.03
N ASN A 139 6.78 21.74 12.36
CA ASN A 139 5.94 22.88 12.00
C ASN A 139 4.53 22.38 11.76
N LEU A 140 3.62 23.28 11.42
CA LEU A 140 2.27 22.88 11.12
C LEU A 140 2.24 22.25 9.74
N GLY A 141 1.37 21.29 9.56
CA GLY A 141 1.26 20.64 8.29
C GLY A 141 -0.15 20.27 7.99
N SER A 142 -1.03 21.25 8.05
CA SER A 142 -2.44 21.03 7.76
C SER A 142 -2.63 20.60 6.30
N PRO A 143 -3.17 19.38 6.08
CA PRO A 143 -3.38 18.88 4.75
C PRO A 143 -4.62 19.44 4.09
N GLU A 144 -4.64 19.40 2.78
CA GLU A 144 -5.76 19.93 2.00
C GLU A 144 -5.68 19.46 0.55
N HIS A 145 -4.93 18.40 0.31
CA HIS A 145 -4.74 17.90 -1.03
C HIS A 145 -5.86 16.96 -1.47
N ASP A 146 -6.48 17.29 -2.60
CA ASP A 146 -7.55 16.48 -3.17
C ASP A 146 -7.35 16.39 -4.68
N GLN A 147 -6.78 15.29 -5.11
CA GLN A 147 -6.52 15.09 -6.54
C GLN A 147 -6.20 13.64 -6.82
N LEU A 148 -6.72 13.08 -7.91
CA LEU A 148 -6.43 11.73 -8.25
C LEU A 148 -5.52 11.64 -9.42
N LEU A 149 -4.72 10.62 -9.42
CA LEU A 149 -3.68 10.47 -10.40
C LEU A 149 -3.93 9.29 -11.36
N GLU A 150 -3.68 9.56 -12.63
CA GLU A 150 -3.76 8.58 -13.71
C GLU A 150 -2.44 7.90 -13.96
N ILE A 151 -2.56 6.68 -14.35
CA ILE A 151 -1.48 5.86 -14.72
C ILE A 151 -1.02 6.20 -16.10
N LYS A 152 0.08 6.84 -16.15
CA LYS A 152 0.69 7.22 -17.36
C LYS A 152 1.21 6.02 -18.10
N ASN A 153 1.78 5.07 -17.38
CA ASN A 153 2.37 3.91 -18.03
C ASN A 153 2.34 2.68 -17.20
N ILE A 154 1.91 1.63 -17.83
CA ILE A 154 1.89 0.34 -17.26
C ILE A 154 2.88 -0.59 -17.92
N LYS A 155 3.49 -1.44 -17.14
CA LYS A 155 4.46 -2.37 -17.62
C LYS A 155 4.38 -3.66 -16.85
N TYR A 156 4.90 -4.70 -17.43
CA TYR A 156 5.02 -5.96 -16.78
C TYR A 156 6.43 -6.13 -16.28
N VAL A 157 6.56 -6.18 -15.01
CA VAL A 157 7.83 -6.32 -14.36
C VAL A 157 7.78 -7.49 -13.39
N ARG A 158 8.89 -7.81 -12.78
CA ARG A 158 8.93 -8.91 -11.87
C ARG A 158 8.83 -8.46 -10.44
N ALA A 159 8.34 -9.35 -9.59
CA ALA A 159 8.14 -9.11 -8.14
C ALA A 159 9.40 -8.70 -7.37
N ASN A 160 10.53 -8.52 -8.06
CA ASN A 160 11.81 -8.12 -7.41
C ASN A 160 12.35 -9.23 -6.50
N ASP A 161 11.53 -9.67 -5.57
CA ASP A 161 11.93 -10.67 -4.60
C ASP A 161 11.29 -12.00 -4.97
N ASP A 162 11.48 -12.99 -4.14
CA ASP A 162 10.90 -14.29 -4.38
C ASP A 162 9.65 -14.47 -3.57
N PHE A 163 9.21 -13.37 -2.97
CA PHE A 163 7.99 -13.31 -2.21
C PHE A 163 7.29 -11.99 -2.47
N VAL A 164 5.99 -11.97 -2.29
CA VAL A 164 5.20 -10.76 -2.46
C VAL A 164 4.42 -10.48 -1.19
N PHE A 165 4.09 -9.24 -0.96
CA PHE A 165 3.49 -8.83 0.29
C PHE A 165 2.24 -7.96 0.05
N SER A 166 1.39 -7.81 1.07
CA SER A 166 0.22 -6.94 0.95
C SER A 166 -0.28 -6.52 2.31
N LEU A 167 0.17 -7.25 3.33
CA LEU A 167 -0.18 -7.02 4.71
C LEU A 167 -1.68 -7.22 4.93
N ASN A 168 -2.00 -8.25 5.67
CA ASN A 168 -3.38 -8.57 5.95
C ASN A 168 -3.88 -7.82 7.16
N ALA A 169 -4.81 -6.95 6.97
CA ALA A 169 -5.39 -6.21 8.05
C ALA A 169 -6.90 -6.36 8.02
N LYS A 170 -7.60 -5.42 8.60
CA LYS A 170 -9.05 -5.49 8.67
C LYS A 170 -9.71 -5.46 7.30
N LYS A 171 -10.73 -6.30 7.14
CA LYS A 171 -11.50 -6.44 5.90
C LYS A 171 -10.68 -7.09 4.79
N TYR A 172 -9.74 -6.35 4.23
CA TYR A 172 -8.92 -6.82 3.13
C TYR A 172 -7.49 -6.34 3.34
N HIS A 173 -6.71 -6.29 2.26
CA HIS A 173 -5.36 -5.76 2.32
C HIS A 173 -5.41 -4.30 1.85
N ASN A 174 -6.56 -3.67 2.09
CA ASN A 174 -6.81 -2.28 1.73
C ASN A 174 -5.87 -1.36 2.48
N VAL A 175 -4.93 -0.77 1.79
CA VAL A 175 -3.98 0.09 2.43
C VAL A 175 -3.51 1.20 1.52
N ILE A 176 -2.87 2.17 2.12
CA ILE A 176 -2.33 3.28 1.45
C ILE A 176 -0.84 3.04 1.19
N ILE A 177 -0.47 2.93 -0.05
CA ILE A 177 0.87 2.59 -0.43
C ILE A 177 1.50 3.68 -1.25
N ASN A 178 2.77 3.49 -1.53
CA ASN A 178 3.60 4.40 -2.30
C ASN A 178 3.35 5.82 -1.84
N GLU A 179 2.96 6.67 -2.77
CA GLU A 179 2.62 8.01 -2.44
C GLU A 179 1.12 8.14 -2.34
N ASN A 180 0.59 7.43 -1.36
CA ASN A 180 -0.80 7.40 -0.98
C ASN A 180 -1.70 6.75 -1.99
N ILE A 181 -1.25 5.69 -2.58
CA ILE A 181 -2.05 5.02 -3.56
C ILE A 181 -2.91 4.00 -2.84
N VAL A 182 -4.20 4.22 -2.86
CA VAL A 182 -5.10 3.30 -2.22
C VAL A 182 -5.40 2.15 -3.16
N THR A 183 -5.82 1.07 -2.60
CA THR A 183 -6.07 -0.12 -3.36
C THR A 183 -6.94 -1.07 -2.56
N HIS A 184 -7.61 -1.97 -3.25
CA HIS A 184 -8.49 -2.93 -2.61
C HIS A 184 -7.66 -3.94 -1.81
N GLN A 185 -6.44 -4.13 -2.23
CA GLN A 185 -5.52 -5.04 -1.58
C GLN A 185 -4.09 -4.56 -1.79
N CYS A 1 -1.00 -8.35 -4.95
CA CYS A 1 0.24 -8.44 -4.14
C CYS A 1 1.31 -7.49 -4.68
N PHE A 2 2.20 -7.08 -3.82
CA PHE A 2 3.22 -6.14 -4.15
C PHE A 2 4.58 -6.82 -4.06
N PRO A 3 5.53 -6.45 -4.93
CA PRO A 3 6.87 -7.07 -4.98
C PRO A 3 7.60 -7.02 -3.65
N GLY A 4 7.27 -6.02 -2.87
CA GLY A 4 7.91 -5.82 -1.62
C GLY A 4 8.46 -4.43 -1.57
N ASP A 5 9.01 -3.98 -2.71
CA ASP A 5 9.56 -2.61 -2.84
C ASP A 5 8.46 -1.56 -2.82
N THR A 6 7.25 -2.04 -2.92
CA THR A 6 6.10 -1.19 -2.86
C THR A 6 6.08 -0.50 -1.51
N ARG A 7 5.89 0.80 -1.52
CA ARG A 7 5.88 1.56 -0.32
C ARG A 7 4.52 1.55 0.27
N ILE A 8 4.42 1.29 1.52
CA ILE A 8 3.16 1.27 2.20
C ILE A 8 3.14 2.31 3.31
N LEU A 9 2.11 3.10 3.35
CA LEU A 9 2.00 4.08 4.35
C LEU A 9 1.31 3.50 5.57
N VAL A 10 1.97 3.62 6.68
CA VAL A 10 1.47 3.11 7.95
C VAL A 10 1.66 4.13 9.04
N GLN A 11 1.20 3.79 10.23
CA GLN A 11 1.38 4.66 11.36
C GLN A 11 2.01 3.89 12.49
N ILE A 12 3.15 4.35 12.89
CA ILE A 12 3.89 3.73 13.92
C ILE A 12 4.04 4.65 15.05
N ASP A 13 3.54 4.23 16.16
CA ASP A 13 3.59 4.99 17.40
C ASP A 13 2.99 6.37 17.18
N GLY A 14 1.96 6.38 16.40
CA GLY A 14 1.30 7.62 16.05
C GLY A 14 2.09 8.46 15.06
N VAL A 15 3.03 7.83 14.38
CA VAL A 15 3.84 8.51 13.40
C VAL A 15 3.72 7.80 12.07
N PRO A 16 3.24 8.49 11.08
CA PRO A 16 3.06 7.94 9.76
C PRO A 16 4.38 7.76 9.05
N GLN A 17 4.65 6.55 8.66
CA GLN A 17 5.88 6.22 8.03
C GLN A 17 5.61 5.57 6.72
N LYS A 18 6.41 5.91 5.76
CA LYS A 18 6.29 5.34 4.46
C LYS A 18 7.42 4.39 4.24
N ILE A 19 7.14 3.14 4.38
CA ILE A 19 8.14 2.15 4.16
C ILE A 19 7.67 1.19 3.14
N THR A 20 8.42 0.17 2.87
CA THR A 20 7.97 -0.78 1.89
C THR A 20 7.16 -1.85 2.54
N LEU A 21 6.59 -2.70 1.74
CA LEU A 21 5.83 -3.79 2.24
C LEU A 21 6.72 -4.80 2.91
N ARG A 22 7.97 -4.84 2.48
CA ARG A 22 8.91 -5.75 3.06
C ARG A 22 9.51 -5.14 4.31
N GLU A 23 9.49 -3.81 4.35
CA GLU A 23 10.02 -3.09 5.47
C GLU A 23 9.00 -3.02 6.57
N LEU A 24 7.74 -2.82 6.18
CA LEU A 24 6.65 -2.81 7.13
C LEU A 24 6.63 -4.14 7.86
N TYR A 25 6.84 -5.15 7.08
CA TYR A 25 6.89 -6.52 7.50
C TYR A 25 7.87 -6.74 8.62
N GLU A 26 8.92 -5.97 8.65
CA GLU A 26 9.97 -6.11 9.63
C GLU A 26 9.56 -5.56 10.99
N LEU A 27 8.53 -4.74 11.00
CA LEU A 27 8.03 -4.15 12.21
C LEU A 27 7.16 -5.17 12.94
N PHE A 28 7.10 -6.35 12.36
CA PHE A 28 6.33 -7.42 12.86
C PHE A 28 7.23 -8.57 13.21
N GLU A 29 6.71 -9.45 14.00
CA GLU A 29 7.41 -10.65 14.38
C GLU A 29 6.42 -11.79 14.46
N ASP A 30 6.88 -12.96 14.91
CA ASP A 30 6.03 -14.15 15.02
C ASP A 30 5.57 -14.59 13.64
N GLU A 31 6.42 -15.29 12.95
CA GLU A 31 6.11 -15.73 11.61
C GLU A 31 5.82 -17.21 11.58
N ARG A 32 4.77 -17.51 10.90
CA ARG A 32 4.30 -18.84 10.73
C ARG A 32 4.22 -19.22 9.27
N TYR A 33 4.32 -20.48 9.00
CA TYR A 33 4.22 -20.99 7.66
C TYR A 33 2.89 -21.63 7.52
N GLU A 34 2.17 -21.20 6.55
CA GLU A 34 0.80 -21.64 6.39
C GLU A 34 0.33 -21.38 4.99
N ASN A 35 -0.37 -22.35 4.43
CA ASN A 35 -0.94 -22.22 3.10
C ASN A 35 0.13 -22.05 2.07
N MET A 36 1.32 -22.50 2.43
CA MET A 36 2.50 -22.45 1.55
C MET A 36 3.06 -21.06 1.46
N VAL A 37 2.62 -20.20 2.37
CA VAL A 37 3.11 -18.85 2.43
C VAL A 37 3.50 -18.56 3.87
N TYR A 38 3.96 -17.38 4.14
CA TYR A 38 4.39 -17.03 5.46
C TYR A 38 3.51 -15.96 6.00
N VAL A 39 3.22 -16.07 7.24
CA VAL A 39 2.36 -15.14 7.88
C VAL A 39 3.01 -14.66 9.14
N ARG A 40 3.19 -13.38 9.23
CA ARG A 40 3.79 -12.79 10.40
C ARG A 40 2.76 -11.98 11.12
N LYS A 41 2.59 -12.24 12.38
CA LYS A 41 1.53 -11.58 13.11
C LYS A 41 2.00 -10.99 14.41
N LYS A 42 1.40 -9.87 14.77
CA LYS A 42 1.71 -9.11 15.98
C LYS A 42 2.94 -8.25 15.79
N PRO A 43 2.76 -6.94 15.81
CA PRO A 43 3.84 -6.01 15.68
C PRO A 43 4.61 -5.87 16.97
N LYS A 44 5.86 -5.46 16.85
CA LYS A 44 6.74 -5.30 18.00
C LYS A 44 6.60 -3.93 18.64
N ARG A 45 5.78 -3.11 18.02
CA ARG A 45 5.54 -1.77 18.47
C ARG A 45 4.14 -1.42 18.14
N GLU A 46 3.86 -0.16 18.21
CA GLU A 46 2.58 0.31 17.81
C GLU A 46 2.57 0.51 16.32
N ILE A 47 2.05 -0.46 15.61
CA ILE A 47 1.97 -0.40 14.21
C ILE A 47 0.54 -0.41 13.78
N LYS A 48 0.13 0.66 13.18
CA LYS A 48 -1.18 0.73 12.62
C LYS A 48 -1.08 0.90 11.13
N VAL A 49 -2.17 0.74 10.46
CA VAL A 49 -2.16 0.84 9.02
C VAL A 49 -3.01 2.00 8.52
N TYR A 50 -2.35 2.89 7.80
CA TYR A 50 -2.97 4.05 7.17
C TYR A 50 -3.74 3.59 5.96
N SER A 51 -5.04 3.65 6.03
CA SER A 51 -5.88 3.18 4.96
C SER A 51 -6.99 4.19 4.65
N ILE A 52 -7.78 3.91 3.64
CA ILE A 52 -8.88 4.77 3.25
C ILE A 52 -10.20 4.05 3.31
N ASP A 53 -11.20 4.78 3.70
CA ASP A 53 -12.56 4.28 3.78
C ASP A 53 -13.16 4.32 2.40
N LEU A 54 -13.57 3.17 1.91
CA LEU A 54 -13.98 3.03 0.54
C LEU A 54 -15.34 3.62 0.28
N GLU A 55 -16.02 3.94 1.32
CA GLU A 55 -17.35 4.45 1.17
C GLU A 55 -17.42 5.92 1.39
N THR A 56 -16.51 6.43 2.16
CA THR A 56 -16.55 7.82 2.48
C THR A 56 -15.34 8.54 1.93
N GLY A 57 -14.27 7.80 1.74
CA GLY A 57 -13.07 8.34 1.18
C GLY A 57 -12.15 8.96 2.21
N LYS A 58 -12.45 8.71 3.46
CA LYS A 58 -11.67 9.24 4.57
C LYS A 58 -10.48 8.37 4.89
N VAL A 59 -9.54 8.95 5.63
CA VAL A 59 -8.38 8.24 6.07
C VAL A 59 -8.68 7.57 7.37
N VAL A 60 -8.73 6.28 7.35
CA VAL A 60 -8.98 5.52 8.53
C VAL A 60 -7.72 4.77 8.94
N LEU A 61 -7.55 4.61 10.22
CA LEU A 61 -6.43 3.92 10.74
C LEU A 61 -6.92 2.73 11.53
N THR A 62 -6.25 1.62 11.39
CA THR A 62 -6.67 0.42 12.05
C THR A 62 -5.47 -0.48 12.35
N ASP A 63 -5.71 -1.53 13.11
CA ASP A 63 -4.68 -2.49 13.47
C ASP A 63 -4.44 -3.47 12.36
N ILE A 64 -3.31 -4.09 12.44
CA ILE A 64 -2.90 -5.06 11.47
C ILE A 64 -3.12 -6.46 12.00
N GLU A 65 -3.68 -7.32 11.19
CA GLU A 65 -3.90 -8.69 11.57
C GLU A 65 -2.65 -9.49 11.42
N ASP A 66 -1.92 -9.22 10.35
CA ASP A 66 -0.72 -9.97 10.02
C ASP A 66 -0.08 -9.46 8.75
N VAL A 67 1.05 -10.03 8.43
CA VAL A 67 1.77 -9.69 7.26
C VAL A 67 1.63 -10.77 6.22
N ILE A 68 1.31 -10.37 5.02
CA ILE A 68 1.12 -11.29 3.94
C ILE A 68 2.42 -11.51 3.19
N LYS A 69 3.03 -12.66 3.39
CA LYS A 69 4.26 -13.00 2.70
C LYS A 69 4.05 -14.26 1.88
N ALA A 70 4.00 -14.10 0.58
CA ALA A 70 3.72 -15.22 -0.29
C ALA A 70 4.71 -15.30 -1.42
N PRO A 71 5.14 -16.51 -1.76
CA PRO A 71 6.07 -16.76 -2.87
C PRO A 71 5.62 -16.06 -4.17
N ALA A 72 6.58 -15.42 -4.81
CA ALA A 72 6.32 -14.72 -6.06
C ALA A 72 6.17 -15.71 -7.21
N THR A 73 4.93 -16.07 -7.52
CA THR A 73 4.65 -17.02 -8.59
C THR A 73 4.41 -16.30 -9.91
N ASP A 74 3.47 -15.37 -9.89
CA ASP A 74 3.08 -14.64 -11.08
C ASP A 74 3.94 -13.41 -11.26
N HIS A 75 3.66 -12.66 -12.31
CA HIS A 75 4.39 -11.46 -12.59
C HIS A 75 3.59 -10.29 -12.16
N LEU A 76 4.20 -9.15 -12.17
CA LEU A 76 3.56 -7.97 -11.68
C LEU A 76 3.32 -6.94 -12.78
N ILE A 77 2.13 -6.45 -12.84
CA ILE A 77 1.84 -5.35 -13.72
C ILE A 77 2.25 -4.07 -13.02
N ARG A 78 2.81 -3.13 -13.74
CA ARG A 78 3.24 -1.91 -13.18
C ARG A 78 2.46 -0.78 -13.77
N PHE A 79 2.07 0.10 -12.92
CA PHE A 79 1.29 1.25 -13.30
C PHE A 79 2.07 2.50 -13.04
N GLU A 80 2.19 3.35 -14.03
CA GLU A 80 2.89 4.60 -13.87
C GLU A 80 1.92 5.70 -13.96
N LEU A 81 1.94 6.54 -13.01
CA LEU A 81 1.07 7.64 -12.96
C LEU A 81 1.69 8.85 -13.63
N GLU A 82 0.84 9.77 -14.05
CA GLU A 82 1.29 11.01 -14.71
C GLU A 82 2.12 11.87 -13.77
N ASP A 83 2.05 11.55 -12.51
CA ASP A 83 2.78 12.25 -11.47
C ASP A 83 4.11 11.56 -11.24
N GLY A 84 4.25 10.39 -11.84
CA GLY A 84 5.46 9.63 -11.73
C GLY A 84 5.42 8.62 -10.61
N ARG A 85 4.24 8.36 -10.12
CA ARG A 85 4.04 7.36 -9.10
C ARG A 85 3.86 6.05 -9.78
N SER A 86 4.39 5.01 -9.23
CA SER A 86 4.14 3.71 -9.80
C SER A 86 3.97 2.64 -8.75
N PHE A 87 3.13 1.69 -9.06
CA PHE A 87 2.87 0.58 -8.19
C PHE A 87 2.71 -0.71 -8.97
N GLU A 88 3.07 -1.80 -8.35
CA GLU A 88 3.03 -3.11 -8.98
C GLU A 88 2.16 -4.06 -8.22
N THR A 89 1.51 -4.91 -8.95
CA THR A 89 0.63 -5.92 -8.38
C THR A 89 0.70 -7.22 -9.18
N THR A 90 0.34 -8.35 -8.55
CA THR A 90 0.46 -9.68 -9.17
C THR A 90 -0.59 -9.96 -10.18
N VAL A 91 -1.36 -8.95 -10.53
CA VAL A 91 -2.41 -9.13 -11.53
C VAL A 91 -3.62 -9.86 -10.96
N ASP A 92 -3.35 -10.88 -10.18
CA ASP A 92 -4.37 -11.67 -9.49
C ASP A 92 -5.13 -10.81 -8.48
N HIS A 93 -4.53 -9.72 -8.09
CA HIS A 93 -5.12 -8.86 -7.07
C HIS A 93 -5.75 -7.62 -7.68
N PRO A 94 -7.01 -7.34 -7.31
CA PRO A 94 -7.76 -6.16 -7.81
C PRO A 94 -7.19 -4.82 -7.36
N VAL A 95 -7.27 -3.88 -8.27
CA VAL A 95 -6.86 -2.51 -8.08
C VAL A 95 -8.12 -1.65 -7.92
N LEU A 96 -8.05 -0.60 -7.12
CA LEU A 96 -9.21 0.25 -6.90
C LEU A 96 -9.13 1.49 -7.77
N VAL A 97 -9.95 1.54 -8.80
CA VAL A 97 -9.95 2.64 -9.71
C VAL A 97 -11.17 3.49 -9.54
N TYR A 98 -10.99 4.77 -9.74
CA TYR A 98 -12.08 5.70 -9.65
C TYR A 98 -12.48 6.12 -11.06
N GLU A 99 -13.43 5.39 -11.61
CA GLU A 99 -13.95 5.67 -12.91
C GLU A 99 -15.45 5.50 -12.89
N ASN A 100 -16.14 6.15 -13.81
CA ASN A 100 -17.61 6.07 -13.86
C ASN A 100 -18.21 6.71 -12.62
N GLY A 101 -17.43 7.59 -12.01
CA GLY A 101 -17.84 8.27 -10.81
C GLY A 101 -17.96 7.35 -9.62
N ARG A 102 -17.41 6.15 -9.74
CA ARG A 102 -17.49 5.22 -8.69
C ARG A 102 -16.16 4.55 -8.51
N PHE A 103 -16.06 3.81 -7.46
CA PHE A 103 -14.87 3.08 -7.16
C PHE A 103 -15.06 1.64 -7.54
N ILE A 104 -14.23 1.15 -8.42
CA ILE A 104 -14.33 -0.21 -8.83
C ILE A 104 -13.02 -0.95 -8.69
N GLU A 105 -13.10 -2.20 -8.35
CA GLU A 105 -11.92 -3.02 -8.16
C GLU A 105 -11.75 -3.99 -9.31
N LYS A 106 -10.68 -3.81 -10.05
CA LYS A 106 -10.35 -4.66 -11.17
C LYS A 106 -8.92 -5.16 -11.03
N ARG A 107 -8.68 -6.40 -11.40
CA ARG A 107 -7.35 -7.02 -11.26
C ARG A 107 -6.33 -6.27 -12.10
N ALA A 108 -5.03 -6.51 -11.87
CA ALA A 108 -4.03 -5.69 -12.57
C ALA A 108 -4.14 -5.89 -14.06
N PHE A 109 -4.36 -7.14 -14.44
CA PHE A 109 -4.50 -7.48 -15.85
C PHE A 109 -5.86 -7.01 -16.39
N GLU A 110 -6.71 -6.51 -15.49
CA GLU A 110 -8.05 -6.09 -15.85
C GLU A 110 -8.07 -4.55 -15.92
N VAL A 111 -7.06 -3.95 -15.32
CA VAL A 111 -6.88 -2.55 -15.35
C VAL A 111 -6.30 -2.15 -16.72
N LYS A 112 -6.60 -0.97 -17.16
CA LYS A 112 -6.14 -0.53 -18.47
C LYS A 112 -5.36 0.76 -18.33
N GLU A 113 -4.60 1.11 -19.36
CA GLU A 113 -3.82 2.31 -19.31
C GLU A 113 -4.74 3.51 -19.30
N GLY A 114 -4.37 4.52 -18.56
CA GLY A 114 -5.23 5.68 -18.42
C GLY A 114 -6.20 5.52 -17.25
N ASP A 115 -6.04 4.41 -16.52
CA ASP A 115 -6.88 4.11 -15.36
C ASP A 115 -6.50 5.03 -14.22
N LYS A 116 -7.33 5.13 -13.21
CA LYS A 116 -7.05 6.01 -12.10
C LYS A 116 -7.03 5.25 -10.81
N VAL A 117 -6.32 5.76 -9.89
CA VAL A 117 -6.31 5.19 -8.59
C VAL A 117 -6.64 6.26 -7.62
N LEU A 118 -7.08 5.88 -6.46
CA LEU A 118 -7.35 6.84 -5.48
C LEU A 118 -6.11 7.10 -4.71
N VAL A 119 -5.78 8.33 -4.57
CA VAL A 119 -4.71 8.69 -3.75
C VAL A 119 -5.24 9.45 -2.60
N SER A 120 -4.80 9.10 -1.42
CA SER A 120 -5.27 9.76 -0.21
C SER A 120 -4.85 11.21 -0.23
N GLU A 121 -3.90 11.49 -1.09
CA GLU A 121 -3.28 12.81 -1.30
C GLU A 121 -2.86 13.54 -0.03
N LEU A 122 -2.92 12.86 1.09
CA LEU A 122 -2.58 13.46 2.34
C LEU A 122 -1.11 13.26 2.67
N GLU A 123 -0.43 14.35 2.96
CA GLU A 123 0.99 14.31 3.28
C GLU A 123 1.20 14.08 4.76
N LEU A 124 2.38 13.62 5.11
CA LEU A 124 2.74 13.32 6.48
C LEU A 124 4.18 13.66 6.74
N VAL A 125 5.02 13.02 5.98
CA VAL A 125 6.44 13.16 6.10
C VAL A 125 7.10 12.65 4.81
N GLU A 126 8.41 12.64 4.75
CA GLU A 126 9.10 12.22 3.56
C GLU A 126 9.20 10.68 3.50
N GLN A 127 10.35 10.14 3.90
CA GLN A 127 10.57 8.70 3.86
C GLN A 127 11.98 8.38 4.38
N SER A 128 12.92 9.23 4.01
CA SER A 128 14.32 9.06 4.37
C SER A 128 14.55 9.03 5.88
N SER A 129 14.61 10.22 6.50
CA SER A 129 14.89 10.36 7.92
C SER A 129 16.23 9.68 8.25
N SER A 130 17.32 10.40 8.04
CA SER A 130 18.67 9.88 8.25
C SER A 130 18.80 9.17 9.60
N SER A 131 18.28 9.78 10.63
CA SER A 131 18.28 9.20 11.95
C SER A 131 16.85 8.84 12.34
N GLN A 132 16.64 7.62 12.78
CA GLN A 132 15.33 7.18 13.19
C GLN A 132 15.05 7.61 14.62
N ASP A 133 14.46 8.78 14.76
CA ASP A 133 14.18 9.33 16.07
C ASP A 133 12.72 9.74 16.20
N ASN A 134 12.01 9.60 15.09
CA ASN A 134 10.59 9.97 14.99
C ASN A 134 10.32 11.36 15.60
N PRO A 135 10.95 12.42 15.06
CA PRO A 135 10.79 13.79 15.56
C PRO A 135 9.37 14.31 15.41
N LYS A 136 9.02 14.63 14.19
CA LYS A 136 7.72 15.20 13.83
C LYS A 136 7.54 16.56 14.50
N ASN A 137 6.99 16.55 15.71
CA ASN A 137 6.82 17.76 16.50
C ASN A 137 6.07 18.86 15.71
N GLU A 138 5.08 18.45 14.95
CA GLU A 138 4.31 19.38 14.14
C GLU A 138 2.86 18.96 14.03
N ASN A 139 1.98 19.90 14.27
CA ASN A 139 0.54 19.68 14.20
C ASN A 139 -0.10 20.80 13.42
N LEU A 140 -1.41 20.65 13.17
CA LEU A 140 -2.23 21.66 12.45
C LEU A 140 -1.94 21.71 10.97
N GLY A 141 -0.66 21.65 10.63
CA GLY A 141 -0.22 21.67 9.24
C GLY A 141 -0.65 20.45 8.47
N SER A 142 -1.86 20.04 8.71
CA SER A 142 -2.43 18.92 8.01
C SER A 142 -2.98 19.38 6.66
N PRO A 143 -2.46 18.83 5.55
CA PRO A 143 -2.94 19.17 4.22
C PRO A 143 -4.30 18.56 3.96
N GLU A 144 -4.95 19.03 2.92
CA GLU A 144 -6.26 18.52 2.56
C GLU A 144 -6.18 17.76 1.24
N HIS A 145 -5.93 18.50 0.15
CA HIS A 145 -5.79 17.92 -1.20
C HIS A 145 -7.10 17.34 -1.74
N ASP A 146 -7.12 17.05 -3.04
CA ASP A 146 -8.27 16.45 -3.71
C ASP A 146 -7.97 16.26 -5.18
N GLN A 147 -7.35 15.16 -5.50
CA GLN A 147 -7.01 14.87 -6.89
C GLN A 147 -6.63 13.42 -7.06
N LEU A 148 -7.11 12.81 -8.13
CA LEU A 148 -6.76 11.47 -8.42
C LEU A 148 -5.87 11.41 -9.61
N LEU A 149 -5.07 10.40 -9.65
CA LEU A 149 -4.06 10.28 -10.66
C LEU A 149 -4.30 9.12 -11.62
N GLU A 150 -4.09 9.41 -12.89
CA GLU A 150 -4.19 8.45 -13.97
C GLU A 150 -2.90 7.74 -14.26
N ILE A 151 -3.06 6.52 -14.66
CA ILE A 151 -2.01 5.68 -15.07
C ILE A 151 -1.61 6.00 -16.48
N LYS A 152 -0.46 6.50 -16.60
CA LYS A 152 0.11 6.85 -17.85
C LYS A 152 0.60 5.63 -18.56
N ASN A 153 1.18 4.72 -17.82
CA ASN A 153 1.75 3.55 -18.43
C ASN A 153 1.71 2.32 -17.61
N ILE A 154 1.27 1.28 -18.25
CA ILE A 154 1.25 -0.02 -17.69
C ILE A 154 2.21 -0.94 -18.45
N LYS A 155 2.76 -1.89 -17.73
CA LYS A 155 3.67 -2.86 -18.28
C LYS A 155 3.64 -4.12 -17.43
N TYR A 156 4.12 -5.20 -18.00
CA TYR A 156 4.26 -6.42 -17.27
C TYR A 156 5.70 -6.60 -16.88
N VAL A 157 5.91 -6.62 -15.61
CA VAL A 157 7.24 -6.74 -15.07
C VAL A 157 7.27 -7.83 -14.00
N ARG A 158 8.24 -8.68 -14.08
CA ARG A 158 8.33 -9.79 -13.19
C ARG A 158 8.63 -9.36 -11.75
N ALA A 159 8.35 -10.24 -10.81
CA ALA A 159 8.59 -9.98 -9.41
C ALA A 159 10.09 -9.96 -9.14
N ASN A 160 10.56 -8.83 -8.64
CA ASN A 160 11.98 -8.65 -8.36
C ASN A 160 12.47 -9.61 -7.27
N ASP A 161 11.59 -9.94 -6.33
CA ASP A 161 11.97 -10.81 -5.23
C ASP A 161 11.26 -12.15 -5.35
N ASP A 162 11.41 -12.99 -4.35
CA ASP A 162 10.82 -14.32 -4.38
C ASP A 162 9.56 -14.38 -3.57
N PHE A 163 9.21 -13.26 -2.99
CA PHE A 163 7.99 -13.15 -2.21
C PHE A 163 7.33 -11.84 -2.50
N VAL A 164 6.06 -11.79 -2.22
CA VAL A 164 5.29 -10.59 -2.39
C VAL A 164 4.48 -10.36 -1.13
N PHE A 165 4.01 -9.15 -0.93
CA PHE A 165 3.30 -8.79 0.28
C PHE A 165 2.05 -8.00 -0.04
N SER A 166 1.23 -7.74 0.96
CA SER A 166 0.02 -6.93 0.78
C SER A 166 -0.41 -6.37 2.12
N LEU A 167 0.00 -7.07 3.18
CA LEU A 167 -0.27 -6.67 4.56
C LEU A 167 -1.77 -6.81 4.89
N ASN A 168 -2.07 -7.77 5.73
CA ASN A 168 -3.45 -8.05 6.12
C ASN A 168 -3.83 -7.29 7.38
N ALA A 169 -4.79 -6.40 7.26
CA ALA A 169 -5.28 -5.66 8.40
C ALA A 169 -6.80 -5.77 8.49
N LYS A 170 -7.46 -4.72 8.96
CA LYS A 170 -8.91 -4.72 9.09
C LYS A 170 -9.57 -4.91 7.73
N LYS A 171 -10.56 -5.80 7.69
CA LYS A 171 -11.25 -6.19 6.46
C LYS A 171 -10.35 -7.05 5.60
N TYR A 172 -9.51 -6.41 4.81
CA TYR A 172 -8.62 -7.10 3.90
C TYR A 172 -7.36 -6.27 3.67
N HIS A 173 -6.60 -6.62 2.65
CA HIS A 173 -5.38 -5.91 2.28
C HIS A 173 -5.68 -4.57 1.59
N ASN A 174 -6.59 -3.81 2.16
CA ASN A 174 -6.94 -2.50 1.66
C ASN A 174 -5.95 -1.52 2.23
N VAL A 175 -5.00 -1.08 1.43
CA VAL A 175 -3.95 -0.25 1.96
C VAL A 175 -3.52 0.86 1.04
N ILE A 176 -2.76 1.76 1.61
CA ILE A 176 -2.25 2.90 0.93
C ILE A 176 -0.75 2.71 0.66
N ILE A 177 -0.39 2.68 -0.60
CA ILE A 177 0.96 2.42 -0.99
C ILE A 177 1.51 3.56 -1.83
N ASN A 178 2.80 3.51 -2.06
CA ASN A 178 3.52 4.50 -2.84
C ASN A 178 3.16 5.91 -2.40
N GLU A 179 2.87 6.77 -3.35
CA GLU A 179 2.43 8.12 -3.08
C GLU A 179 0.93 8.13 -2.80
N ASN A 180 0.54 7.29 -1.85
CA ASN A 180 -0.82 7.17 -1.36
C ASN A 180 -1.77 6.56 -2.35
N ILE A 181 -1.35 5.52 -2.98
CA ILE A 181 -2.17 4.85 -3.95
C ILE A 181 -3.02 3.83 -3.22
N VAL A 182 -4.31 4.05 -3.29
CA VAL A 182 -5.27 3.24 -2.59
C VAL A 182 -5.79 2.14 -3.50
N THR A 183 -5.77 0.93 -2.99
CA THR A 183 -6.28 -0.19 -3.73
C THR A 183 -7.16 -1.07 -2.83
N HIS A 184 -8.00 -1.89 -3.45
CA HIS A 184 -8.93 -2.75 -2.73
C HIS A 184 -9.23 -3.96 -3.59
N GLN A 185 -9.43 -5.10 -2.96
CA GLN A 185 -9.74 -6.32 -3.69
C GLN A 185 -11.09 -6.21 -4.38
#